data_7P0M
#
_entry.id   7P0M
#
_cell.length_a   1.00
_cell.length_b   1.00
_cell.length_c   1.00
_cell.angle_alpha   90.00
_cell.angle_beta   90.00
_cell.angle_gamma   90.00
#
_symmetry.space_group_name_H-M   'P 1'
#
loop_
_entity.id
_entity.type
_entity.pdbx_description
1 polymer 'Lon protease homolog, mitochondrial'
2 polymer 'Unknown peptide from human mitochondrial transcription factor A (TFAM)'
3 non-polymer "ADENOSINE-5'-TRIPHOSPHATE"
4 non-polymer 'MAGNESIUM ION'
5 non-polymer "ADENOSINE-5'-DIPHOSPHATE"
#
loop_
_entity_poly.entity_id
_entity_poly.type
_entity_poly.pdbx_seq_one_letter_code
_entity_poly.pdbx_strand_id
1 'polypeptide(L)'
;SMGFWEASSRGGGAFSGGEDASEGGAEEGAGGAGGSAGAGEGPVITALTPMTIPDVFPHLPLIAITRNPVFPRFIKIIEV
KNKKLVELLRRKVRLAQPYVGVFLKRDDSNESDVVESLDEIYHTGTFAQIHEMQDLGDKLRMIVMGHRRVHISRQLEVEP
EEPEAENKHKPRRKSKRGKKEAEDELSARHPAELAMEPTPELPAEVLMVEVENVVHEDFQVTEEVKALTAEIVKTIRDII
ALNPLYRESVLQMMQAGQRVVDNPIYLSDMGAALTGAESHELQDVLEETNIPKRLYKALSLLKKEFELSKLQQRLGREVE
EKIKQTHRKYLLQEQLKIIKKELGLEKDDKDAIEEKFRERLKELVVPKHVMDVVDEELSKLGLLDNHSSEFNVTRNYLDW
LTSIPWGKYSNENLDLARAQAVLEEDHYGMEDVKKRILEFIAVSQLRGSTQGKILCFYGPPGVGKTSIARSIARALNREY
FRFSVGGMTDVAEIKGHRRTYVGAMPGKIIQCLKKTKTENPLILIDEVDKIGRGYQGDPSSALLELLDPEQNANFLDHYL
DVPVDLSKVLFICTANVTDTIPEPLRDRMEMINVSGYVAQEKLAIAERYLVPQARALCGLDESKAKLSSDVLTLLIKQYC
RESGVRNLQKQVEKVLRKSAYKIVSGEAESVEVTPENLQDFVGKPVFTVERMYDVTPPGVVMGLAWTAMGGSTLFVETSL
RRPQDKDAKGDKDGSLEVTGQLGEVMKESARIAYTFARAFLMQHAPANDYLVTSHIHLHVPEGATPKDGPSAGCTIVTAL
LSLAMGRPVRQNLAMTGEVSLTGKILPVGGIKEATIAAKRAGVTCIVLPAENKKDFYDLAAFITEGLEVHFVEHYREIFD
IAFPDEQAEALAVER
;
A,B,C,D,E,F
2 'polypeptide(L)' (UNK)(UNK)(UNK)(UNK)(UNK)(UNK)(UNK)(UNK)(UNK)(UNK)(UNK) G,I,J,M,H,L,K
#
# COMPACT_ATOMS: atom_id res chain seq x y z
N GLU A 346 -10.21 39.04 -59.34
CA GLU A 346 -8.77 38.84 -59.28
C GLU A 346 -8.33 37.72 -60.20
N LYS A 347 -7.03 37.44 -60.21
CA LYS A 347 -6.46 36.39 -61.05
C LYS A 347 -6.78 35.03 -60.42
N ASP A 348 -6.20 33.97 -60.99
CA ASP A 348 -6.45 32.63 -60.50
C ASP A 348 -5.91 32.47 -59.09
N ASP A 349 -6.75 31.92 -58.21
CA ASP A 349 -6.33 31.72 -56.82
C ASP A 349 -5.19 30.71 -56.72
N LYS A 350 -5.27 29.62 -57.48
CA LYS A 350 -4.23 28.59 -57.43
C LYS A 350 -2.89 29.14 -57.90
N ASP A 351 -2.90 29.93 -58.98
CA ASP A 351 -1.65 30.48 -59.49
C ASP A 351 -1.02 31.43 -58.47
N ALA A 352 -1.82 32.30 -57.86
CA ALA A 352 -1.30 33.21 -56.85
C ALA A 352 -0.81 32.46 -55.62
N ILE A 353 -1.56 31.44 -55.19
CA ILE A 353 -1.15 30.66 -54.03
C ILE A 353 0.13 29.90 -54.33
N GLU A 354 0.21 29.28 -55.52
CA GLU A 354 1.39 28.51 -55.87
C GLU A 354 2.62 29.40 -55.98
N GLU A 355 2.48 30.58 -56.59
CA GLU A 355 3.62 31.48 -56.75
C GLU A 355 4.13 31.97 -55.41
N LYS A 356 3.23 32.34 -54.49
CA LYS A 356 3.65 32.84 -53.19
C LYS A 356 4.32 31.73 -52.37
N PHE A 357 3.77 30.52 -52.41
CA PHE A 357 4.35 29.42 -51.65
C PHE A 357 5.72 29.03 -52.19
N ARG A 358 5.92 29.14 -53.51
CA ARG A 358 7.22 28.81 -54.09
C ARG A 358 8.29 29.76 -53.60
N GLU A 359 7.96 31.05 -53.48
CA GLU A 359 8.94 32.03 -53.00
C GLU A 359 9.36 31.75 -51.56
N ARG A 360 8.41 31.33 -50.72
CA ARG A 360 8.75 31.00 -49.34
C ARG A 360 9.69 29.80 -49.28
N LEU A 361 9.47 28.80 -50.14
CA LEU A 361 10.33 27.63 -50.16
C LEU A 361 11.66 27.89 -50.86
N LYS A 362 11.79 29.01 -51.58
CA LYS A 362 13.03 29.28 -52.29
C LYS A 362 14.19 29.50 -51.32
N GLU A 363 13.95 30.22 -50.23
CA GLU A 363 15.02 30.48 -49.26
C GLU A 363 15.40 29.22 -48.50
N LEU A 364 14.41 28.42 -48.09
CA LEU A 364 14.68 27.22 -47.32
C LEU A 364 15.26 26.12 -48.20
N VAL A 365 16.16 25.32 -47.62
CA VAL A 365 16.75 24.18 -48.32
C VAL A 365 15.79 23.02 -48.09
N VAL A 366 14.79 22.90 -48.95
CA VAL A 366 13.74 21.89 -48.79
C VAL A 366 14.33 20.51 -49.07
N PRO A 367 14.10 19.52 -48.21
CA PRO A 367 14.58 18.17 -48.50
C PRO A 367 13.84 17.56 -49.68
N LYS A 368 14.45 16.51 -50.25
CA LYS A 368 13.89 15.89 -51.44
C LYS A 368 12.51 15.30 -51.18
N HIS A 369 12.35 14.60 -50.05
CA HIS A 369 11.05 14.00 -49.74
C HIS A 369 10.01 15.05 -49.39
N VAL A 370 10.42 16.14 -48.72
CA VAL A 370 9.47 17.21 -48.41
C VAL A 370 9.01 17.91 -49.69
N MET A 371 9.93 18.09 -50.64
CA MET A 371 9.57 18.75 -51.90
C MET A 371 8.54 17.94 -52.66
N ASP A 372 8.66 16.62 -52.66
CA ASP A 372 7.69 15.77 -53.34
C ASP A 372 6.30 15.91 -52.71
N VAL A 373 6.24 15.96 -51.38
CA VAL A 373 4.95 16.13 -50.70
C VAL A 373 4.32 17.46 -51.06
N VAL A 374 5.13 18.53 -51.09
CA VAL A 374 4.60 19.84 -51.48
C VAL A 374 4.16 19.83 -52.94
N ASP A 375 4.96 19.20 -53.81
CA ASP A 375 4.64 19.20 -55.24
C ASP A 375 3.35 18.45 -55.52
N GLU A 376 3.15 17.30 -54.88
CA GLU A 376 1.96 16.50 -55.17
C GLU A 376 0.69 17.17 -54.69
N GLU A 377 0.75 17.84 -53.53
CA GLU A 377 -0.43 18.54 -53.04
C GLU A 377 -0.68 19.84 -53.81
N LEU A 378 0.38 20.46 -54.34
CA LEU A 378 0.19 21.64 -55.17
C LEU A 378 -0.52 21.29 -56.47
N SER A 379 -0.19 20.14 -57.06
CA SER A 379 -0.89 19.70 -58.27
C SER A 379 -2.36 19.43 -57.99
N LYS A 380 -2.66 18.79 -56.86
CA LYS A 380 -4.06 18.52 -56.52
C LYS A 380 -4.78 19.79 -56.07
N LEU A 381 -4.04 20.82 -55.67
CA LEU A 381 -4.66 22.08 -55.28
C LEU A 381 -5.35 22.75 -56.46
N GLY A 382 -4.73 22.69 -57.65
CA GLY A 382 -5.31 23.33 -58.80
C GLY A 382 -6.62 22.69 -59.24
N LEU A 383 -6.68 21.35 -59.25
CA LEU A 383 -7.89 20.66 -59.66
C LEU A 383 -9.00 20.73 -58.61
N LEU A 384 -8.65 21.01 -57.36
CA LEU A 384 -9.66 21.10 -56.31
C LEU A 384 -10.52 22.34 -56.50
N ASP A 385 -11.80 22.21 -56.17
CA ASP A 385 -12.72 23.34 -56.27
C ASP A 385 -12.35 24.42 -55.25
N ASN A 386 -12.54 25.68 -55.65
CA ASN A 386 -12.15 26.79 -54.79
C ASN A 386 -12.95 26.80 -53.49
N HIS A 387 -14.25 26.53 -53.57
CA HIS A 387 -15.11 26.51 -52.40
C HIS A 387 -15.15 25.16 -51.71
N SER A 388 -14.40 24.18 -52.20
CA SER A 388 -14.39 22.86 -51.58
C SER A 388 -13.73 22.92 -50.21
N SER A 389 -14.28 22.12 -49.28
CA SER A 389 -13.69 22.05 -47.94
C SER A 389 -12.29 21.43 -47.98
N GLU A 390 -12.09 20.44 -48.85
CA GLU A 390 -10.76 19.83 -48.98
C GLU A 390 -9.73 20.84 -49.47
N PHE A 391 -10.16 21.85 -50.24
CA PHE A 391 -9.24 22.87 -50.71
C PHE A 391 -8.62 23.63 -49.54
N ASN A 392 -9.43 23.96 -48.53
CA ASN A 392 -8.91 24.65 -47.35
C ASN A 392 -8.01 23.73 -46.53
N VAL A 393 -8.35 22.44 -46.49
CA VAL A 393 -7.57 21.49 -45.70
C VAL A 393 -6.14 21.40 -46.23
N THR A 394 -5.99 21.27 -47.55
CA THR A 394 -4.65 21.20 -48.12
C THR A 394 -3.97 22.57 -48.15
N ARG A 395 -4.75 23.65 -48.22
CA ARG A 395 -4.15 24.98 -48.20
C ARG A 395 -3.47 25.27 -46.87
N ASN A 396 -4.13 24.91 -45.76
CA ASN A 396 -3.50 25.05 -44.45
C ASN A 396 -2.31 24.11 -44.32
N TYR A 397 -2.43 22.89 -44.85
CA TYR A 397 -1.31 21.96 -44.84
C TYR A 397 -0.16 22.50 -45.69
N LEU A 398 -0.47 23.10 -46.83
CA LEU A 398 0.57 23.70 -47.66
C LEU A 398 1.26 24.85 -46.93
N ASP A 399 0.48 25.69 -46.25
CA ASP A 399 1.06 26.82 -45.52
C ASP A 399 1.96 26.34 -44.38
N TRP A 400 1.52 25.32 -43.64
CA TRP A 400 2.32 24.81 -42.54
C TRP A 400 3.62 24.18 -43.04
N LEU A 401 3.56 23.46 -44.16
CA LEU A 401 4.75 22.83 -44.70
C LEU A 401 5.77 23.87 -45.18
N THR A 402 5.29 24.96 -45.76
CA THR A 402 6.19 26.02 -46.19
C THR A 402 6.70 26.85 -45.03
N SER A 403 5.93 26.93 -43.94
CA SER A 403 6.29 27.80 -42.83
C SER A 403 7.46 27.25 -42.02
N ILE A 404 7.54 25.94 -41.85
CA ILE A 404 8.59 25.35 -41.03
C ILE A 404 9.94 25.53 -41.74
N PRO A 405 10.96 26.06 -41.07
CA PRO A 405 12.26 26.23 -41.72
C PRO A 405 12.87 24.89 -42.12
N TRP A 406 13.56 24.90 -43.25
CA TRP A 406 14.22 23.69 -43.78
C TRP A 406 15.69 24.01 -44.00
N GLY A 407 16.54 23.57 -43.06
CA GLY A 407 17.96 23.80 -43.17
C GLY A 407 18.41 25.21 -42.85
N LYS A 408 17.52 26.06 -42.34
CA LYS A 408 17.86 27.45 -42.03
C LYS A 408 18.29 27.55 -40.58
N TYR A 409 19.52 27.08 -40.34
CA TYR A 409 20.10 27.13 -39.01
C TYR A 409 20.36 28.57 -38.59
N SER A 410 20.03 28.89 -37.34
CA SER A 410 20.30 30.22 -36.81
C SER A 410 21.80 30.41 -36.58
N ASN A 411 22.25 31.66 -36.71
CA ASN A 411 23.65 31.97 -36.45
C ASN A 411 23.97 31.73 -34.98
N GLU A 412 25.11 31.10 -34.73
CA GLU A 412 25.53 30.74 -33.38
C GLU A 412 26.88 31.38 -33.07
N ASN A 413 27.00 31.90 -31.85
CA ASN A 413 28.23 32.54 -31.40
C ASN A 413 29.10 31.50 -30.69
N LEU A 414 30.33 31.34 -31.17
CA LEU A 414 31.26 30.36 -30.61
C LEU A 414 32.42 31.01 -29.87
N ASP A 415 32.31 32.30 -29.55
CA ASP A 415 33.36 33.00 -28.82
C ASP A 415 33.27 32.62 -27.34
N LEU A 416 34.34 32.01 -26.83
CA LEU A 416 34.35 31.59 -25.43
C LEU A 416 34.32 32.79 -24.48
N ALA A 417 35.10 33.83 -24.79
CA ALA A 417 35.14 35.00 -23.92
C ALA A 417 33.80 35.72 -23.90
N ARG A 418 33.17 35.86 -25.06
CA ARG A 418 31.88 36.54 -25.13
C ARG A 418 30.81 35.75 -24.38
N ALA A 419 30.79 34.42 -24.55
CA ALA A 419 29.82 33.60 -23.85
C ALA A 419 30.06 33.61 -22.35
N GLN A 420 31.32 33.58 -21.92
CA GLN A 420 31.63 33.63 -20.50
C GLN A 420 31.17 34.94 -19.87
N ALA A 421 31.37 36.05 -20.57
CA ALA A 421 30.93 37.35 -20.05
C ALA A 421 29.43 37.39 -19.89
N VAL A 422 28.69 36.84 -20.86
CA VAL A 422 27.23 36.83 -20.78
C VAL A 422 26.76 36.01 -19.59
N LEU A 423 27.36 34.83 -19.39
CA LEU A 423 26.94 33.96 -18.30
C LEU A 423 27.22 34.58 -16.94
N GLU A 424 28.39 35.23 -16.78
CA GLU A 424 28.72 35.84 -15.50
C GLU A 424 27.80 37.01 -15.16
N GLU A 425 27.43 37.81 -16.17
CA GLU A 425 26.56 38.96 -15.91
C GLU A 425 25.16 38.53 -15.48
N ASP A 426 24.63 37.47 -16.09
CA ASP A 426 23.25 37.08 -15.82
C ASP A 426 23.10 36.40 -14.46
N HIS A 427 24.04 35.53 -14.09
CA HIS A 427 23.92 34.74 -12.87
C HIS A 427 25.23 34.75 -12.11
N TYR A 428 25.13 34.55 -10.81
CA TYR A 428 26.29 34.45 -9.92
C TYR A 428 26.51 33.00 -9.55
N GLY A 429 27.78 32.62 -9.38
CA GLY A 429 28.10 31.24 -9.05
C GLY A 429 27.76 30.32 -10.20
N MET A 430 27.25 29.14 -9.87
CA MET A 430 26.89 28.11 -10.86
C MET A 430 28.08 27.79 -11.77
N GLU A 431 29.25 27.64 -11.14
CA GLU A 431 30.46 27.36 -11.91
C GLU A 431 30.37 26.01 -12.61
N ASP A 432 29.76 25.02 -11.96
CA ASP A 432 29.60 23.71 -12.59
C ASP A 432 28.75 23.81 -13.84
N VAL A 433 27.65 24.56 -13.78
CA VAL A 433 26.79 24.73 -14.94
C VAL A 433 27.51 25.54 -16.02
N LYS A 434 28.19 26.62 -15.62
CA LYS A 434 28.87 27.47 -16.59
C LYS A 434 30.02 26.72 -17.28
N LYS A 435 30.76 25.92 -16.53
CA LYS A 435 31.87 25.17 -17.13
C LYS A 435 31.39 24.17 -18.16
N ARG A 436 30.26 23.51 -17.87
CA ARG A 436 29.72 22.55 -18.84
C ARG A 436 29.29 23.25 -20.14
N ILE A 437 28.68 24.43 -20.02
CA ILE A 437 28.29 25.18 -21.21
C ILE A 437 29.52 25.65 -21.99
N LEU A 438 30.56 26.10 -21.27
CA LEU A 438 31.78 26.52 -21.95
C LEU A 438 32.44 25.36 -22.68
N GLU A 439 32.45 24.18 -22.05
CA GLU A 439 33.00 23.00 -22.72
C GLU A 439 32.13 22.57 -23.91
N PHE A 440 30.82 22.81 -23.83
CA PHE A 440 29.94 22.49 -24.96
C PHE A 440 30.31 23.33 -26.18
N ILE A 441 30.63 24.61 -25.97
CA ILE A 441 31.05 25.47 -27.08
C ILE A 441 32.40 25.01 -27.62
N ALA A 442 33.34 24.68 -26.72
CA ALA A 442 34.66 24.26 -27.15
C ALA A 442 34.61 22.97 -27.96
N VAL A 443 33.78 22.02 -27.52
CA VAL A 443 33.61 20.78 -28.27
C VAL A 443 33.03 21.06 -29.65
N SER A 444 32.03 21.95 -29.72
CA SER A 444 31.43 22.29 -31.00
C SER A 444 32.44 22.97 -31.91
N GLN A 445 33.29 23.83 -31.35
CA GLN A 445 34.32 24.49 -32.17
C GLN A 445 35.28 23.47 -32.75
N LEU A 446 35.71 22.49 -31.95
CA LEU A 446 36.61 21.47 -32.45
C LEU A 446 35.95 20.63 -33.53
N ARG A 447 34.68 20.27 -33.35
CA ARG A 447 33.98 19.48 -34.35
C ARG A 447 33.75 20.27 -35.63
N GLY A 448 33.69 21.60 -35.53
CA GLY A 448 33.52 22.44 -36.70
C GLY A 448 32.10 22.60 -37.19
N SER A 449 31.12 22.01 -36.49
CA SER A 449 29.73 22.14 -36.88
C SER A 449 28.87 22.19 -35.62
N THR A 450 27.69 22.79 -35.76
CA THR A 450 26.78 22.88 -34.63
C THR A 450 26.30 21.49 -34.20
N GLN A 451 26.12 21.33 -32.89
CA GLN A 451 25.73 20.05 -32.32
C GLN A 451 24.59 20.25 -31.34
N GLY A 452 23.72 19.26 -31.25
CA GLY A 452 22.60 19.27 -30.32
C GLY A 452 22.81 18.25 -29.22
N LYS A 453 22.48 18.63 -28.00
CA LYS A 453 22.68 17.79 -26.84
C LYS A 453 21.46 17.88 -25.92
N ILE A 454 21.29 16.85 -25.10
CA ILE A 454 20.20 16.80 -24.12
C ILE A 454 20.83 16.96 -22.74
N LEU A 455 20.49 18.05 -22.07
CA LEU A 455 21.02 18.35 -20.75
C LEU A 455 19.89 18.45 -19.74
N CYS A 456 20.06 17.81 -18.60
CA CYS A 456 19.08 17.82 -17.52
C CYS A 456 19.70 18.43 -16.28
N PHE A 457 19.04 19.44 -15.71
CA PHE A 457 19.48 20.10 -14.50
C PHE A 457 18.55 19.71 -13.35
N TYR A 458 19.15 19.23 -12.26
CA TYR A 458 18.39 18.82 -11.09
C TYR A 458 19.02 19.43 -9.85
N GLY A 459 18.17 19.79 -8.89
CA GLY A 459 18.61 20.39 -7.64
C GLY A 459 17.47 20.95 -6.83
N PRO A 460 17.80 21.64 -5.74
CA PRO A 460 16.76 22.23 -4.92
C PRO A 460 16.02 23.32 -5.68
N PRO A 461 14.75 23.55 -5.40
CA PRO A 461 14.00 24.60 -6.09
C PRO A 461 14.56 25.98 -5.78
N GLY A 462 14.47 26.86 -6.76
CA GLY A 462 14.92 28.23 -6.58
C GLY A 462 16.41 28.47 -6.70
N VAL A 463 17.15 27.54 -7.31
CA VAL A 463 18.59 27.71 -7.51
C VAL A 463 18.92 28.26 -8.89
N GLY A 464 17.92 28.66 -9.67
CA GLY A 464 18.16 29.25 -10.97
C GLY A 464 18.21 28.28 -12.13
N LYS A 465 17.63 27.08 -11.98
CA LYS A 465 17.63 26.12 -13.09
C LYS A 465 16.85 26.64 -14.28
N THR A 466 15.67 27.21 -14.04
CA THR A 466 14.84 27.70 -15.13
C THR A 466 15.41 28.97 -15.73
N SER A 467 15.93 29.87 -14.90
CA SER A 467 16.42 31.15 -15.39
C SER A 467 17.71 31.02 -16.18
N ILE A 468 18.57 30.05 -15.83
CA ILE A 468 19.84 29.90 -16.53
C ILE A 468 19.63 29.43 -17.95
N ALA A 469 18.47 28.81 -18.24
CA ALA A 469 18.20 28.36 -19.60
C ALA A 469 18.12 29.54 -20.56
N ARG A 470 17.46 30.62 -20.17
CA ARG A 470 17.39 31.81 -21.00
C ARG A 470 18.76 32.45 -21.18
N SER A 471 19.56 32.48 -20.11
CA SER A 471 20.90 33.05 -20.20
C SER A 471 21.79 32.23 -21.13
N ILE A 472 21.67 30.90 -21.09
CA ILE A 472 22.47 30.05 -21.96
C ILE A 472 22.14 30.30 -23.42
N ALA A 473 20.85 30.43 -23.73
CA ALA A 473 20.44 30.72 -25.11
C ALA A 473 20.98 32.06 -25.58
N ARG A 474 20.96 33.07 -24.71
CA ARG A 474 21.52 34.37 -25.06
C ARG A 474 23.02 34.27 -25.30
N ALA A 475 23.73 33.52 -24.45
CA ALA A 475 25.17 33.34 -24.64
C ALA A 475 25.47 32.60 -25.93
N LEU A 476 24.69 31.58 -26.25
CA LEU A 476 24.90 30.79 -27.45
C LEU A 476 24.27 31.41 -28.70
N ASN A 477 23.56 32.53 -28.56
CA ASN A 477 22.88 33.19 -29.67
C ASN A 477 21.89 32.25 -30.35
N ARG A 478 21.21 31.44 -29.55
CA ARG A 478 20.21 30.50 -30.03
C ARG A 478 18.82 30.99 -29.61
N GLU A 479 17.83 30.72 -30.46
CA GLU A 479 16.46 31.06 -30.13
C GLU A 479 15.99 30.24 -28.94
N TYR A 480 15.29 30.90 -28.02
CA TYR A 480 14.87 30.30 -26.76
C TYR A 480 13.39 29.98 -26.80
N PHE A 481 13.04 28.73 -26.49
CA PHE A 481 11.66 28.30 -26.41
C PHE A 481 11.46 27.51 -25.12
N ARG A 482 10.36 27.78 -24.43
CA ARG A 482 10.03 27.11 -23.18
C ARG A 482 8.75 26.30 -23.38
N PHE A 483 8.81 25.01 -23.01
CA PHE A 483 7.67 24.11 -23.16
C PHE A 483 7.59 23.25 -21.90
N SER A 484 6.73 23.65 -20.97
CA SER A 484 6.58 22.95 -19.71
C SER A 484 5.64 21.76 -19.90
N VAL A 485 6.03 20.61 -19.37
CA VAL A 485 5.27 19.38 -19.48
C VAL A 485 4.70 18.94 -18.13
N GLY A 486 4.85 19.77 -17.09
CA GLY A 486 4.34 19.40 -15.79
C GLY A 486 2.82 19.31 -15.80
N GLY A 487 2.29 18.17 -15.37
CA GLY A 487 0.85 17.97 -15.34
C GLY A 487 0.21 17.98 -16.70
N MET A 488 0.90 17.47 -17.71
CA MET A 488 0.38 17.41 -19.08
C MET A 488 0.10 15.95 -19.43
N THR A 489 -1.13 15.68 -19.87
CA THR A 489 -1.56 14.32 -20.17
C THR A 489 -2.04 14.15 -21.61
N ASP A 490 -1.81 15.14 -22.47
CA ASP A 490 -2.27 15.09 -23.85
C ASP A 490 -1.07 14.82 -24.76
N VAL A 491 -1.07 13.65 -25.39
CA VAL A 491 -0.01 13.32 -26.34
C VAL A 491 -0.11 14.22 -27.58
N ALA A 492 -1.33 14.59 -27.97
CA ALA A 492 -1.52 15.44 -29.13
C ALA A 492 -0.94 16.84 -28.94
N GLU A 493 -0.60 17.22 -27.71
CA GLU A 493 0.05 18.51 -27.47
C GLU A 493 1.40 18.57 -28.15
N ILE A 494 2.15 17.46 -28.12
CA ILE A 494 3.48 17.42 -28.72
C ILE A 494 3.43 16.97 -30.17
N LYS A 495 2.68 15.90 -30.45
CA LYS A 495 2.67 15.29 -31.78
C LYS A 495 1.60 15.87 -32.70
N GLY A 496 0.73 16.74 -32.20
CA GLY A 496 -0.30 17.31 -33.03
C GLY A 496 -1.46 16.36 -33.26
N HIS A 497 -2.31 16.75 -34.22
CA HIS A 497 -3.49 15.99 -34.58
C HIS A 497 -3.45 15.62 -36.05
N ARG A 498 -4.10 14.52 -36.39
CA ARG A 498 -4.14 14.07 -37.78
C ARG A 498 -4.89 15.08 -38.65
N ARG A 499 -4.43 15.21 -39.89
CA ARG A 499 -5.00 16.22 -40.79
C ARG A 499 -6.46 15.93 -41.14
N THR A 500 -6.92 14.69 -40.98
CA THR A 500 -8.31 14.37 -41.29
C THR A 500 -9.27 15.11 -40.37
N TYR A 501 -8.92 15.24 -39.09
CA TYR A 501 -9.81 15.87 -38.13
C TYR A 501 -10.03 17.34 -38.46
N VAL A 502 -11.24 17.82 -38.19
CA VAL A 502 -11.58 19.21 -38.44
C VAL A 502 -10.89 20.09 -37.41
N GLY A 503 -10.26 21.17 -37.87
CA GLY A 503 -9.57 22.08 -36.98
C GLY A 503 -8.35 21.50 -36.31
N ALA A 504 -7.60 20.65 -37.02
CA ALA A 504 -6.40 20.06 -36.45
C ALA A 504 -5.21 21.02 -36.60
N MET A 505 -4.37 21.06 -35.58
CA MET A 505 -3.18 21.89 -35.57
C MET A 505 -1.97 21.05 -35.16
N PRO A 506 -0.77 21.44 -35.60
CA PRO A 506 0.42 20.67 -35.24
C PRO A 506 0.72 20.78 -33.75
N GLY A 507 1.74 20.04 -33.33
CA GLY A 507 2.14 20.00 -31.95
C GLY A 507 2.91 21.23 -31.52
N LYS A 508 3.27 21.25 -30.23
CA LYS A 508 4.00 22.39 -29.67
C LYS A 508 5.39 22.52 -30.30
N ILE A 509 6.07 21.40 -30.52
CA ILE A 509 7.40 21.45 -31.11
C ILE A 509 7.36 22.00 -32.52
N ILE A 510 6.39 21.55 -33.32
CA ILE A 510 6.25 22.07 -34.68
C ILE A 510 5.89 23.55 -34.66
N GLN A 511 4.98 23.95 -33.76
CA GLN A 511 4.66 25.36 -33.63
C GLN A 511 5.85 26.17 -33.15
N CYS A 512 6.69 25.57 -32.29
CA CYS A 512 7.91 26.24 -31.86
C CYS A 512 8.85 26.49 -33.03
N LEU A 513 9.01 25.49 -33.91
CA LEU A 513 9.89 25.65 -35.05
C LEU A 513 9.40 26.75 -35.99
N LYS A 514 8.09 26.79 -36.25
CA LYS A 514 7.54 27.83 -37.12
C LYS A 514 7.72 29.21 -36.51
N LYS A 515 7.46 29.34 -35.21
CA LYS A 515 7.66 30.62 -34.54
C LYS A 515 9.13 31.01 -34.51
N THR A 516 10.01 30.04 -34.23
CA THR A 516 11.44 30.32 -34.20
C THR A 516 11.97 30.67 -35.59
N LYS A 517 11.45 30.01 -36.63
CA LYS A 517 11.87 30.17 -38.01
C LYS A 517 13.31 29.71 -38.25
N THR A 518 13.90 29.04 -37.26
CA THR A 518 15.23 28.45 -37.40
C THR A 518 15.18 27.01 -36.93
N GLU A 519 16.04 26.18 -37.50
CA GLU A 519 16.10 24.77 -37.17
C GLU A 519 17.08 24.46 -36.04
N ASN A 520 17.64 25.48 -35.40
CA ASN A 520 18.56 25.31 -34.29
C ASN A 520 18.11 26.16 -33.11
N PRO A 521 17.00 25.79 -32.46
CA PRO A 521 16.56 26.54 -31.28
C PRO A 521 17.06 25.94 -29.99
N LEU A 522 16.81 26.61 -28.87
CA LEU A 522 17.11 26.11 -27.54
C LEU A 522 15.78 25.91 -26.82
N ILE A 523 15.32 24.67 -26.76
CA ILE A 523 14.03 24.33 -26.17
C ILE A 523 14.26 23.91 -24.72
N LEU A 524 13.59 24.59 -23.80
CA LEU A 524 13.65 24.27 -22.39
C LEU A 524 12.38 23.52 -22.00
N ILE A 525 12.55 22.35 -21.41
CA ILE A 525 11.42 21.52 -20.98
C ILE A 525 11.39 21.55 -19.46
N ASP A 526 10.32 22.08 -18.89
CA ASP A 526 10.21 22.27 -17.46
C ASP A 526 9.40 21.14 -16.83
N GLU A 527 9.84 20.71 -15.64
CA GLU A 527 9.14 19.68 -14.86
C GLU A 527 9.02 18.37 -15.64
N VAL A 528 10.16 17.83 -16.04
CA VAL A 528 10.16 16.51 -16.65
C VAL A 528 9.75 15.44 -15.64
N ASP A 529 10.10 15.63 -14.37
CA ASP A 529 9.79 14.64 -13.35
C ASP A 529 8.30 14.60 -13.01
N LYS A 530 7.53 15.60 -13.43
CA LYS A 530 6.11 15.69 -13.14
C LYS A 530 5.27 15.56 -14.41
N ILE A 531 5.69 14.71 -15.34
CA ILE A 531 4.97 14.50 -16.58
C ILE A 531 3.77 13.59 -16.32
N GLY A 532 2.61 13.98 -16.86
CA GLY A 532 1.41 13.20 -16.67
C GLY A 532 1.33 11.99 -17.56
N ARG A 533 0.39 11.10 -17.24
CA ARG A 533 0.16 9.87 -17.98
C ARG A 533 -1.30 9.87 -18.45
N GLY A 534 -1.52 10.32 -19.68
CA GLY A 534 -2.87 10.37 -20.21
C GLY A 534 -3.44 8.99 -20.45
N TYR A 535 -4.76 8.89 -20.35
CA TYR A 535 -5.43 7.61 -20.56
C TYR A 535 -5.35 7.17 -22.02
N GLN A 536 -5.68 8.07 -22.95
CA GLN A 536 -5.71 7.71 -24.36
C GLN A 536 -4.32 7.58 -24.96
N GLY A 537 -3.33 8.28 -24.40
CA GLY A 537 -1.97 8.21 -24.90
C GLY A 537 -0.99 8.59 -23.82
N ASP A 538 0.26 8.15 -24.01
CA ASP A 538 1.30 8.40 -23.03
C ASP A 538 2.15 9.58 -23.48
N PRO A 539 2.09 10.72 -22.79
CA PRO A 539 2.98 11.84 -23.16
C PRO A 539 4.45 11.49 -23.01
N SER A 540 4.81 10.63 -22.06
CA SER A 540 6.20 10.23 -21.89
C SER A 540 6.72 9.49 -23.12
N SER A 541 5.88 8.63 -23.71
CA SER A 541 6.28 7.92 -24.92
C SER A 541 6.55 8.89 -26.07
N ALA A 542 5.69 9.89 -26.23
CA ALA A 542 5.93 10.91 -27.25
C ALA A 542 7.16 11.75 -26.92
N LEU A 543 7.38 12.05 -25.63
CA LEU A 543 8.56 12.80 -25.24
C LEU A 543 9.83 11.99 -25.44
N LEU A 544 9.73 10.67 -25.44
CA LEU A 544 10.90 9.83 -25.68
C LEU A 544 11.45 10.05 -27.08
N GLU A 545 10.57 10.13 -28.08
CA GLU A 545 11.02 10.40 -29.45
C GLU A 545 11.62 11.79 -29.57
N LEU A 546 11.21 12.72 -28.70
CA LEU A 546 11.77 14.07 -28.73
C LEU A 546 13.25 14.06 -28.37
N LEU A 547 13.63 13.25 -27.38
CA LEU A 547 14.98 13.26 -26.84
C LEU A 547 15.85 12.13 -27.37
N ASP A 548 15.37 11.37 -28.34
CA ASP A 548 16.14 10.26 -28.89
C ASP A 548 16.93 10.74 -30.10
N PRO A 549 18.26 10.77 -30.04
CA PRO A 549 19.05 11.21 -31.21
C PRO A 549 18.83 10.33 -32.43
N GLU A 550 18.60 9.02 -32.23
CA GLU A 550 18.33 8.14 -33.36
C GLU A 550 17.05 8.53 -34.08
N GLN A 551 16.01 8.89 -33.32
CA GLN A 551 14.74 9.33 -33.87
C GLN A 551 14.63 10.84 -33.99
N ASN A 552 15.70 11.57 -33.68
CA ASN A 552 15.64 13.03 -33.75
C ASN A 552 15.49 13.50 -35.20
N ALA A 553 16.34 12.99 -36.09
CA ALA A 553 16.24 13.36 -37.50
C ALA A 553 14.93 12.85 -38.10
N ASN A 554 14.54 11.63 -37.75
CA ASN A 554 13.31 11.02 -38.25
C ASN A 554 12.21 11.20 -37.21
N PHE A 555 11.85 12.46 -36.96
CA PHE A 555 10.77 12.80 -36.05
C PHE A 555 9.52 13.08 -36.87
N LEU A 556 8.48 12.29 -36.64
CA LEU A 556 7.23 12.37 -37.41
C LEU A 556 6.12 12.89 -36.51
N ASP A 557 5.43 13.93 -36.98
CA ASP A 557 4.28 14.49 -36.28
C ASP A 557 3.01 14.09 -37.02
N HIS A 558 1.91 14.00 -36.28
CA HIS A 558 0.66 13.51 -36.84
C HIS A 558 0.02 14.50 -37.81
N TYR A 559 0.43 15.78 -37.78
CA TYR A 559 -0.16 16.77 -38.67
C TYR A 559 0.61 16.85 -40.00
N LEU A 560 1.90 17.17 -39.93
CA LEU A 560 2.68 17.32 -41.16
C LEU A 560 2.87 15.98 -41.87
N ASP A 561 2.90 14.88 -41.11
CA ASP A 561 3.07 13.53 -41.65
C ASP A 561 4.39 13.36 -42.40
N VAL A 562 5.37 14.23 -42.14
CA VAL A 562 6.66 14.16 -42.78
C VAL A 562 7.74 14.26 -41.71
N PRO A 563 8.89 13.60 -41.89
CA PRO A 563 9.95 13.69 -40.86
C PRO A 563 10.46 15.12 -40.71
N VAL A 564 10.79 15.46 -39.47
CA VAL A 564 11.37 16.77 -39.13
C VAL A 564 12.69 16.52 -38.43
N ASP A 565 13.74 17.16 -38.92
CA ASP A 565 15.08 16.98 -38.37
C ASP A 565 15.18 17.72 -37.05
N LEU A 566 14.98 17.01 -35.95
CA LEU A 566 15.06 17.58 -34.61
C LEU A 566 16.45 17.49 -34.01
N SER A 567 17.43 16.97 -34.76
CA SER A 567 18.80 16.95 -34.28
C SER A 567 19.40 18.36 -34.32
N LYS A 568 20.62 18.48 -33.81
CA LYS A 568 21.31 19.77 -33.70
C LYS A 568 20.52 20.77 -32.88
N VAL A 569 19.76 20.29 -31.91
CA VAL A 569 18.94 21.11 -31.03
C VAL A 569 19.35 20.84 -29.59
N LEU A 570 19.67 21.91 -28.86
CA LEU A 570 20.09 21.78 -27.46
C LEU A 570 18.84 21.73 -26.58
N PHE A 571 18.55 20.54 -26.05
CA PHE A 571 17.40 20.36 -25.17
C PHE A 571 17.84 20.47 -23.72
N ILE A 572 17.15 21.33 -22.96
CA ILE A 572 17.44 21.55 -21.55
C ILE A 572 16.20 21.16 -20.74
N CYS A 573 16.39 20.29 -19.76
CA CYS A 573 15.31 19.80 -18.92
C CYS A 573 15.61 20.13 -17.46
N THR A 574 14.58 20.57 -16.73
CA THR A 574 14.70 20.93 -15.34
C THR A 574 13.77 20.05 -14.51
N ALA A 575 14.30 19.47 -13.43
CA ALA A 575 13.53 18.63 -12.54
C ALA A 575 14.02 18.83 -11.11
N ASN A 576 13.08 18.79 -10.16
CA ASN A 576 13.46 18.91 -8.76
C ASN A 576 14.16 17.65 -8.27
N VAL A 577 13.67 16.48 -8.68
CA VAL A 577 14.26 15.20 -8.30
C VAL A 577 14.28 14.29 -9.51
N THR A 578 15.36 13.51 -9.65
CA THR A 578 15.52 12.61 -10.77
C THR A 578 14.90 11.24 -10.54
N ASP A 579 14.41 10.96 -9.32
CA ASP A 579 13.82 9.65 -9.05
C ASP A 579 12.55 9.44 -9.86
N THR A 580 11.70 10.48 -9.97
CA THR A 580 10.45 10.36 -10.69
C THR A 580 10.61 10.50 -12.20
N ILE A 581 11.79 10.85 -12.68
CA ILE A 581 12.02 10.88 -14.13
C ILE A 581 12.01 9.45 -14.67
N PRO A 582 11.28 9.18 -15.76
CA PRO A 582 11.25 7.82 -16.30
C PRO A 582 12.64 7.33 -16.69
N GLU A 583 12.88 6.04 -16.45
CA GLU A 583 14.19 5.46 -16.74
C GLU A 583 14.60 5.57 -18.21
N PRO A 584 13.74 5.27 -19.19
CA PRO A 584 14.16 5.45 -20.58
C PRO A 584 14.57 6.87 -20.92
N LEU A 585 13.90 7.87 -20.33
CA LEU A 585 14.33 9.25 -20.51
C LEU A 585 15.55 9.59 -19.66
N ARG A 586 15.68 8.96 -18.48
CA ARG A 586 16.78 9.30 -17.58
C ARG A 586 18.12 8.89 -18.16
N ASP A 587 18.21 7.69 -18.75
CA ASP A 587 19.49 7.22 -19.29
C ASP A 587 19.95 8.09 -20.46
N ARG A 588 19.03 8.48 -21.33
CA ARG A 588 19.37 9.28 -22.51
C ARG A 588 19.73 10.72 -22.15
N MET A 589 19.20 11.25 -21.06
CA MET A 589 19.49 12.60 -20.63
C MET A 589 20.76 12.62 -19.78
N GLU A 590 21.44 13.77 -19.80
CA GLU A 590 22.67 13.96 -19.03
C GLU A 590 22.35 14.70 -17.74
N MET A 591 22.64 14.07 -16.60
CA MET A 591 22.40 14.68 -15.31
C MET A 591 23.46 15.72 -15.01
N ILE A 592 23.03 16.93 -14.65
CA ILE A 592 23.91 17.98 -14.13
C ILE A 592 23.29 18.49 -12.84
N ASN A 593 24.08 18.51 -11.77
CA ASN A 593 23.59 18.89 -10.45
C ASN A 593 23.82 20.37 -10.22
N VAL A 594 22.75 21.07 -9.85
CA VAL A 594 22.81 22.49 -9.50
C VAL A 594 22.57 22.57 -7.99
N SER A 595 23.65 22.70 -7.23
CA SER A 595 23.55 22.71 -5.77
C SER A 595 23.05 24.07 -5.28
N GLY A 596 22.87 24.16 -3.97
CA GLY A 596 22.46 25.39 -3.35
C GLY A 596 23.62 26.37 -3.20
N TYR A 597 23.33 27.49 -2.54
CA TYR A 597 24.30 28.55 -2.34
C TYR A 597 24.56 28.73 -0.84
N VAL A 598 25.82 28.96 -0.50
CA VAL A 598 26.21 29.23 0.88
C VAL A 598 25.82 30.67 1.22
N ALA A 599 25.89 31.03 2.51
CA ALA A 599 25.51 32.37 2.93
C ALA A 599 26.38 33.42 2.26
N GLN A 600 27.67 33.14 2.07
CA GLN A 600 28.53 34.08 1.36
C GLN A 600 28.10 34.24 -0.09
N GLU A 601 27.74 33.13 -0.76
CA GLU A 601 27.25 33.22 -2.13
C GLU A 601 25.90 33.92 -2.18
N LYS A 602 25.02 33.64 -1.21
CA LYS A 602 23.70 34.26 -1.20
C LYS A 602 23.80 35.77 -1.00
N LEU A 603 24.79 36.22 -0.22
CA LEU A 603 24.99 37.65 -0.02
C LEU A 603 25.33 38.34 -1.33
N ALA A 604 26.20 37.73 -2.13
CA ALA A 604 26.56 38.31 -3.43
C ALA A 604 25.35 38.32 -4.37
N ILE A 605 24.57 37.24 -4.37
CA ILE A 605 23.38 37.18 -5.22
C ILE A 605 22.38 38.24 -4.81
N ALA A 606 22.13 38.37 -3.50
CA ALA A 606 21.16 39.34 -3.02
C ALA A 606 21.61 40.77 -3.31
N GLU A 607 22.89 41.06 -3.08
CA GLU A 607 23.39 42.43 -3.26
C GLU A 607 23.34 42.85 -4.72
N ARG A 608 23.68 41.94 -5.63
CA ARG A 608 23.82 42.26 -7.04
C ARG A 608 22.54 42.09 -7.84
N TYR A 609 21.71 41.09 -7.51
CA TYR A 609 20.54 40.78 -8.32
C TYR A 609 19.23 40.90 -7.57
N LEU A 610 19.11 40.31 -6.38
CA LEU A 610 17.83 40.27 -5.70
C LEU A 610 17.40 41.66 -5.23
N VAL A 611 18.30 42.38 -4.56
CA VAL A 611 17.95 43.70 -4.05
C VAL A 611 17.65 44.69 -5.19
N PRO A 612 18.49 44.82 -6.23
CA PRO A 612 18.13 45.74 -7.32
C PRO A 612 16.83 45.39 -8.02
N GLN A 613 16.52 44.10 -8.16
CA GLN A 613 15.28 43.71 -8.81
C GLN A 613 14.07 43.98 -7.91
N ALA A 614 14.20 43.72 -6.61
CA ALA A 614 13.11 43.99 -5.69
C ALA A 614 12.81 45.47 -5.60
N ARG A 615 13.86 46.30 -5.64
CA ARG A 615 13.67 47.75 -5.58
C ARG A 615 12.86 48.26 -6.77
N ALA A 616 13.14 47.74 -7.96
CA ALA A 616 12.37 48.13 -9.14
C ALA A 616 10.92 47.68 -9.03
N LEU A 617 10.70 46.45 -8.53
CA LEU A 617 9.35 45.95 -8.37
C LEU A 617 8.57 46.76 -7.35
N CYS A 618 9.19 47.09 -6.22
CA CYS A 618 8.53 47.87 -5.19
C CYS A 618 8.53 49.36 -5.48
N GLY A 619 9.36 49.82 -6.41
CA GLY A 619 9.42 51.23 -6.73
C GLY A 619 10.16 52.08 -5.73
N LEU A 620 10.86 51.47 -4.77
CA LEU A 620 11.58 52.22 -3.75
C LEU A 620 12.98 52.56 -4.23
N ASP A 621 13.34 53.83 -4.15
CA ASP A 621 14.66 54.27 -4.55
C ASP A 621 15.69 53.88 -3.50
N GLU A 622 16.96 53.90 -3.90
CA GLU A 622 18.04 53.55 -2.97
C GLU A 622 18.12 54.55 -1.83
N SER A 623 17.94 55.85 -2.12
CA SER A 623 18.03 56.86 -1.08
C SER A 623 16.89 56.72 -0.07
N LYS A 624 15.68 56.44 -0.54
CA LYS A 624 14.53 56.36 0.35
C LYS A 624 14.66 55.20 1.33
N ALA A 625 15.08 54.03 0.85
CA ALA A 625 15.27 52.87 1.70
C ALA A 625 16.64 52.28 1.40
N LYS A 626 17.46 52.17 2.44
CA LYS A 626 18.84 51.68 2.30
C LYS A 626 18.97 50.32 2.99
N LEU A 627 19.48 49.35 2.25
CA LEU A 627 19.73 48.00 2.75
C LEU A 627 21.24 47.80 2.83
N SER A 628 21.80 48.02 4.02
CA SER A 628 23.23 47.90 4.19
C SER A 628 23.67 46.44 4.13
N SER A 629 24.97 46.26 3.86
CA SER A 629 25.50 44.91 3.71
C SER A 629 25.42 44.12 5.01
N ASP A 630 25.72 44.75 6.14
CA ASP A 630 25.65 44.06 7.42
C ASP A 630 24.21 43.65 7.75
N VAL A 631 23.24 44.50 7.40
CA VAL A 631 21.83 44.14 7.60
C VAL A 631 21.47 42.94 6.75
N LEU A 632 21.94 42.91 5.50
CA LEU A 632 21.67 41.77 4.62
C LEU A 632 22.32 40.50 5.16
N THR A 633 23.52 40.62 5.71
CA THR A 633 24.21 39.44 6.26
C THR A 633 23.43 38.86 7.44
N LEU A 634 22.92 39.72 8.31
CA LEU A 634 22.13 39.23 9.44
C LEU A 634 20.83 38.57 8.99
N LEU A 635 20.18 39.13 7.96
CA LEU A 635 18.94 38.56 7.48
C LEU A 635 19.15 37.16 6.91
N ILE A 636 20.23 36.96 6.16
CA ILE A 636 20.51 35.64 5.59
C ILE A 636 20.85 34.65 6.70
N LYS A 637 21.65 35.08 7.68
CA LYS A 637 22.12 34.18 8.72
C LYS A 637 20.97 33.65 9.58
N GLN A 638 20.02 34.50 9.93
CA GLN A 638 18.99 34.16 10.90
C GLN A 638 17.66 33.78 10.27
N TYR A 639 17.45 34.04 8.98
CA TYR A 639 16.16 33.82 8.36
C TYR A 639 16.20 32.94 7.11
N CYS A 640 17.24 33.06 6.28
CA CYS A 640 17.31 32.35 5.01
C CYS A 640 18.52 31.44 5.02
N ARG A 641 18.33 30.22 5.54
CA ARG A 641 19.37 29.19 5.54
C ARG A 641 19.10 28.09 4.53
N GLU A 642 18.12 28.28 3.64
CA GLU A 642 17.79 27.28 2.65
C GLU A 642 18.83 27.27 1.53
N SER A 643 18.80 26.20 0.74
CA SER A 643 19.74 26.07 -0.37
C SER A 643 19.44 27.09 -1.48
N GLY A 644 18.15 27.31 -1.76
CA GLY A 644 17.76 28.24 -2.80
C GLY A 644 17.79 29.68 -2.34
N VAL A 645 17.35 30.57 -3.23
CA VAL A 645 17.31 32.00 -2.98
C VAL A 645 15.89 32.56 -3.07
N ARG A 646 14.90 31.70 -3.30
CA ARG A 646 13.52 32.18 -3.39
C ARG A 646 13.05 32.73 -2.04
N ASN A 647 13.39 32.05 -0.95
CA ASN A 647 13.03 32.54 0.38
C ASN A 647 13.71 33.87 0.68
N LEU A 648 14.98 34.01 0.29
CA LEU A 648 15.69 35.26 0.53
C LEU A 648 15.04 36.41 -0.22
N GLN A 649 14.56 36.16 -1.44
CA GLN A 649 13.88 37.20 -2.21
C GLN A 649 12.62 37.67 -1.50
N LYS A 650 11.85 36.74 -0.92
CA LYS A 650 10.63 37.12 -0.21
C LYS A 650 10.94 37.95 1.02
N GLN A 651 11.99 37.59 1.76
CA GLN A 651 12.37 38.38 2.93
C GLN A 651 12.84 39.78 2.54
N VAL A 652 13.61 39.88 1.45
CA VAL A 652 14.06 41.19 0.98
C VAL A 652 12.87 42.02 0.52
N GLU A 653 11.95 41.40 -0.22
CA GLU A 653 10.76 42.12 -0.65
C GLU A 653 9.88 42.51 0.53
N LYS A 654 9.87 41.68 1.58
CA LYS A 654 9.08 42.01 2.76
C LYS A 654 9.57 43.29 3.43
N VAL A 655 10.89 43.45 3.55
CA VAL A 655 11.45 44.66 4.15
C VAL A 655 11.11 45.88 3.30
N LEU A 656 11.28 45.76 1.98
CA LEU A 656 10.99 46.89 1.10
C LEU A 656 9.51 47.26 1.13
N ARG A 657 8.63 46.25 1.17
CA ARG A 657 7.20 46.54 1.19
C ARG A 657 6.79 47.19 2.51
N LYS A 658 7.49 46.87 3.61
CA LYS A 658 7.20 47.53 4.88
C LYS A 658 7.74 48.96 4.89
N SER A 659 8.93 49.16 4.34
CA SER A 659 9.48 50.51 4.25
C SER A 659 8.64 51.39 3.33
N ALA A 660 8.10 50.80 2.25
CA ALA A 660 7.24 51.56 1.36
C ALA A 660 5.98 52.05 2.09
N TYR A 661 5.41 51.20 2.95
CA TYR A 661 4.22 51.59 3.68
C TYR A 661 4.50 52.76 4.61
N LYS A 662 5.66 52.75 5.28
CA LYS A 662 6.01 53.86 6.16
C LYS A 662 6.15 55.16 5.39
N ILE A 663 6.79 55.12 4.23
CA ILE A 663 6.94 56.32 3.42
C ILE A 663 5.58 56.78 2.90
N VAL A 664 4.75 55.84 2.45
CA VAL A 664 3.42 56.18 1.96
C VAL A 664 2.56 56.78 3.06
N SER A 665 2.56 56.15 4.25
CA SER A 665 1.71 56.62 5.34
C SER A 665 2.19 57.94 5.93
N GLY A 666 3.37 58.40 5.56
CA GLY A 666 3.91 59.62 6.13
C GLY A 666 4.62 59.45 7.45
N GLU A 667 4.82 58.21 7.89
CA GLU A 667 5.55 57.97 9.14
C GLU A 667 6.98 58.46 9.05
N ALA A 668 7.64 58.22 7.91
CA ALA A 668 9.00 58.67 7.70
C ALA A 668 9.25 58.84 6.21
N GLU A 669 9.83 59.98 5.83
CA GLU A 669 10.16 60.22 4.43
C GLU A 669 11.26 59.27 3.95
N SER A 670 12.21 58.93 4.81
CA SER A 670 13.27 57.99 4.50
C SER A 670 13.34 56.94 5.59
N VAL A 671 13.57 55.70 5.19
CA VAL A 671 13.61 54.56 6.11
C VAL A 671 14.99 53.95 6.05
N GLU A 672 15.63 53.79 7.21
CA GLU A 672 16.91 53.13 7.34
C GLU A 672 16.75 51.89 8.20
N VAL A 673 17.22 50.75 7.69
CA VAL A 673 17.10 49.47 8.37
C VAL A 673 18.41 49.17 9.10
N THR A 674 18.31 48.83 10.37
CA THR A 674 19.46 48.52 11.21
C THR A 674 19.24 47.18 11.91
N PRO A 675 20.32 46.51 12.31
CA PRO A 675 20.15 45.21 12.98
C PRO A 675 19.32 45.27 14.25
N GLU A 676 19.34 46.40 14.96
CA GLU A 676 18.56 46.51 16.18
C GLU A 676 17.06 46.42 15.90
N ASN A 677 16.59 47.07 14.84
CA ASN A 677 15.18 47.07 14.49
C ASN A 677 14.86 46.17 13.29
N LEU A 678 15.75 45.23 12.96
CA LEU A 678 15.47 44.32 11.84
C LEU A 678 14.29 43.43 12.14
N GLN A 679 14.11 43.02 13.40
CA GLN A 679 13.01 42.12 13.74
C GLN A 679 11.65 42.77 13.52
N ASP A 680 11.60 44.11 13.52
CA ASP A 680 10.33 44.79 13.28
C ASP A 680 9.84 44.55 11.85
N PHE A 681 10.75 44.60 10.87
CA PHE A 681 10.36 44.50 9.47
C PHE A 681 10.03 43.07 9.07
N VAL A 682 10.77 42.09 9.58
CA VAL A 682 10.64 40.72 9.12
C VAL A 682 10.02 39.79 10.18
N GLY A 683 10.25 40.05 11.46
CA GLY A 683 9.67 39.21 12.50
C GLY A 683 10.69 38.52 13.39
N LYS A 684 10.25 37.48 14.08
CA LYS A 684 11.15 36.76 14.98
C LYS A 684 12.17 35.94 14.17
N PRO A 685 13.44 35.96 14.55
CA PRO A 685 14.44 35.17 13.84
C PRO A 685 14.14 33.67 13.94
N VAL A 686 14.37 32.97 12.84
CA VAL A 686 14.23 31.52 12.84
C VAL A 686 15.36 30.87 13.65
N PHE A 687 16.58 31.35 13.48
CA PHE A 687 17.75 30.88 14.22
C PHE A 687 18.36 32.06 14.95
N THR A 688 18.54 31.92 16.27
CA THR A 688 19.06 33.00 17.09
C THR A 688 20.41 32.68 17.70
N VAL A 689 20.56 31.51 18.33
CA VAL A 689 21.81 31.11 18.96
C VAL A 689 22.47 30.04 18.11
N GLU A 690 23.79 29.97 18.20
CA GLU A 690 24.58 29.01 17.44
C GLU A 690 25.13 27.87 18.29
N ARG A 691 25.70 28.18 19.44
CA ARG A 691 26.23 27.18 20.35
C ARG A 691 25.50 27.29 21.68
N MET A 692 24.99 26.16 22.18
CA MET A 692 24.26 26.16 23.44
C MET A 692 25.18 26.42 24.62
N TYR A 693 26.39 25.89 24.58
CA TYR A 693 27.38 26.08 25.63
C TYR A 693 28.42 27.10 25.17
N ASP A 694 28.61 28.16 25.95
CA ASP A 694 29.68 29.11 25.67
C ASP A 694 31.01 28.60 26.19
N VAL A 695 31.03 28.10 27.42
CA VAL A 695 32.21 27.45 28.00
C VAL A 695 31.79 26.06 28.43
N THR A 696 32.42 25.05 27.84
CA THR A 696 32.02 23.67 28.07
C THR A 696 32.54 23.17 29.42
N PRO A 697 31.67 22.70 30.30
CA PRO A 697 32.14 22.07 31.54
C PRO A 697 32.71 20.69 31.24
N PRO A 698 33.39 20.06 32.20
CA PRO A 698 33.91 18.71 31.96
C PRO A 698 32.79 17.75 31.60
N GLY A 699 33.08 16.86 30.65
CA GLY A 699 32.09 15.93 30.14
C GLY A 699 31.24 16.44 28.99
N VAL A 700 31.48 17.67 28.54
CA VAL A 700 30.72 18.26 27.44
C VAL A 700 31.68 18.56 26.30
N VAL A 701 31.37 18.04 25.12
CA VAL A 701 32.20 18.24 23.93
C VAL A 701 31.30 18.68 22.79
N MET A 702 31.74 19.69 22.05
CA MET A 702 31.01 20.16 20.88
C MET A 702 31.32 19.30 19.68
N GLY A 703 30.27 18.91 18.95
CA GLY A 703 30.40 18.10 17.76
C GLY A 703 29.81 18.79 16.54
N LEU A 704 29.95 18.12 15.41
CA LEU A 704 29.46 18.62 14.12
C LEU A 704 28.44 17.63 13.56
N ALA A 705 27.37 18.17 12.99
CA ALA A 705 26.29 17.37 12.44
C ALA A 705 25.87 17.93 11.08
N TRP A 706 25.27 17.06 10.27
CA TRP A 706 24.76 17.45 8.97
C TRP A 706 23.29 17.78 9.07
N THR A 707 22.90 18.94 8.55
CA THR A 707 21.51 19.37 8.54
C THR A 707 21.20 20.02 7.21
N ALA A 708 19.95 19.84 6.76
CA ALA A 708 19.53 20.44 5.48
C ALA A 708 19.59 21.95 5.53
N MET A 709 19.41 22.54 6.71
CA MET A 709 19.44 24.00 6.86
C MET A 709 20.86 24.51 7.12
N GLY A 710 21.78 24.15 6.24
CA GLY A 710 23.15 24.64 6.34
C GLY A 710 24.00 23.97 7.38
N GLY A 711 23.56 22.85 7.94
CA GLY A 711 24.30 22.14 8.95
C GLY A 711 24.13 22.75 10.33
N SER A 712 24.61 22.02 11.33
CA SER A 712 24.50 22.48 12.71
C SER A 712 25.58 21.80 13.55
N THR A 713 25.85 22.39 14.71
CA THR A 713 26.82 21.85 15.66
C THR A 713 26.07 21.31 16.87
N LEU A 714 26.39 20.08 17.26
CA LEU A 714 25.76 19.42 18.38
C LEU A 714 26.72 19.32 19.55
N PHE A 715 26.17 19.05 20.73
CA PHE A 715 26.92 18.85 21.95
C PHE A 715 26.64 17.47 22.50
N VAL A 716 27.60 16.92 23.25
CA VAL A 716 27.45 15.64 23.91
C VAL A 716 27.69 15.86 25.40
N GLU A 717 26.67 15.57 26.21
CA GLU A 717 26.72 15.78 27.65
C GLU A 717 26.79 14.44 28.36
N THR A 718 27.72 14.31 29.29
CA THR A 718 27.88 13.12 30.11
C THR A 718 27.81 13.50 31.58
N SER A 719 27.18 12.64 32.38
CA SER A 719 27.04 12.90 33.81
C SER A 719 26.99 11.58 34.55
N LEU A 720 27.27 11.65 35.85
CA LEU A 720 27.27 10.46 36.70
C LEU A 720 25.83 10.13 37.08
N ARG A 721 25.35 8.98 36.62
CA ARG A 721 23.98 8.58 36.93
C ARG A 721 23.84 8.19 38.39
N ARG A 722 24.83 7.50 38.94
CA ARG A 722 24.80 7.05 40.32
C ARG A 722 26.10 7.40 41.01
N PRO A 723 26.06 7.65 42.33
CA PRO A 723 27.28 7.98 43.08
C PRO A 723 28.19 6.78 43.26
N GLY A 730 31.90 -5.57 44.55
CA GLY A 730 33.27 -5.41 44.13
C GLY A 730 33.50 -5.78 42.67
N ASP A 731 32.77 -6.79 42.21
CA ASP A 731 32.87 -7.25 40.83
C ASP A 731 31.83 -6.58 39.92
N LYS A 732 30.99 -5.70 40.45
CA LYS A 732 30.01 -5.01 39.64
C LYS A 732 30.69 -4.04 38.69
N ASP A 733 30.15 -3.92 37.48
CA ASP A 733 30.68 -3.05 36.45
C ASP A 733 29.70 -1.92 36.17
N GLY A 734 30.22 -0.81 35.64
CA GLY A 734 29.39 0.32 35.31
C GLY A 734 28.59 0.08 34.04
N SER A 735 27.69 1.04 33.77
CA SER A 735 26.84 0.98 32.60
C SER A 735 26.71 2.37 31.99
N LEU A 736 26.39 2.41 30.71
CA LEU A 736 26.21 3.65 29.98
C LEU A 736 24.80 3.71 29.42
N GLU A 737 24.11 4.82 29.68
CA GLU A 737 22.77 5.06 29.17
C GLU A 737 22.82 6.22 28.19
N VAL A 738 22.26 6.01 27.01
CA VAL A 738 22.24 7.03 25.95
C VAL A 738 20.81 7.52 25.78
N THR A 739 20.63 8.83 25.82
CA THR A 739 19.32 9.45 25.69
C THR A 739 19.30 10.36 24.47
N GLY A 740 18.08 10.73 24.07
CA GLY A 740 17.88 11.48 22.85
C GLY A 740 17.40 10.59 21.72
N GLN A 741 16.81 11.24 20.71
CA GLN A 741 16.28 10.51 19.57
C GLN A 741 17.41 10.03 18.67
N LEU A 742 18.19 9.06 19.15
CA LEU A 742 19.32 8.53 18.40
C LEU A 742 18.88 7.34 17.56
N GLY A 743 19.39 7.26 16.33
CA GLY A 743 19.12 6.14 15.47
C GLY A 743 19.88 4.90 15.88
N GLU A 744 19.61 3.82 15.16
CA GLU A 744 20.28 2.56 15.47
C GLU A 744 21.77 2.64 15.21
N VAL A 745 22.17 3.29 14.12
CA VAL A 745 23.59 3.46 13.82
C VAL A 745 24.25 4.33 14.88
N MET A 746 23.60 5.44 15.26
CA MET A 746 24.16 6.32 16.27
C MET A 746 24.23 5.62 17.63
N LYS A 747 23.22 4.83 17.97
CA LYS A 747 23.24 4.10 19.24
C LYS A 747 24.38 3.09 19.27
N GLU A 748 24.61 2.39 18.15
CA GLU A 748 25.70 1.43 18.11
C GLU A 748 27.05 2.13 18.23
N SER A 749 27.21 3.29 17.61
CA SER A 749 28.46 4.04 17.72
C SER A 749 28.77 4.42 19.15
N ALA A 750 27.75 4.67 19.96
CA ALA A 750 27.97 4.96 21.38
C ALA A 750 28.54 3.74 22.10
N ARG A 751 28.04 2.54 21.77
CA ARG A 751 28.59 1.33 22.36
C ARG A 751 30.03 1.10 21.93
N ILE A 752 30.35 1.35 20.66
CA ILE A 752 31.72 1.21 20.18
C ILE A 752 32.63 2.22 20.87
N ALA A 753 32.16 3.47 20.99
CA ALA A 753 32.96 4.50 21.64
C ALA A 753 33.15 4.19 23.12
N TYR A 754 32.12 3.66 23.79
CA TYR A 754 32.24 3.32 25.20
C TYR A 754 33.27 2.22 25.42
N THR A 755 33.30 1.22 24.54
CA THR A 755 34.28 0.15 24.69
C THR A 755 35.70 0.66 24.48
N PHE A 756 35.91 1.49 23.45
CA PHE A 756 37.24 2.04 23.21
C PHE A 756 37.66 2.99 24.31
N ALA A 757 36.71 3.78 24.84
CA ALA A 757 37.05 4.71 25.92
C ALA A 757 37.53 3.97 27.16
N ARG A 758 36.92 2.83 27.47
CA ARG A 758 37.40 2.02 28.58
C ARG A 758 38.81 1.50 28.30
N ALA A 759 39.06 1.01 27.09
CA ALA A 759 40.36 0.45 26.75
C ALA A 759 41.43 1.53 26.70
N PHE A 760 41.09 2.71 26.16
CA PHE A 760 42.06 3.80 26.08
C PHE A 760 42.44 4.29 27.47
N LEU A 761 41.55 4.13 28.44
CA LEU A 761 41.83 4.61 29.80
C LEU A 761 42.84 3.71 30.51
N MET A 762 42.80 2.39 30.24
CA MET A 762 43.75 1.49 30.89
C MET A 762 45.18 1.82 30.51
N GLN A 763 45.42 2.10 29.22
CA GLN A 763 46.78 2.38 28.77
C GLN A 763 47.25 3.75 29.27
N HIS A 764 46.38 4.76 29.18
CA HIS A 764 46.78 6.11 29.58
C HIS A 764 46.85 6.26 31.09
N ALA A 765 45.91 5.69 31.83
CA ALA A 765 45.85 5.81 33.28
C ALA A 765 45.29 4.54 33.88
N PRO A 766 46.15 3.56 34.16
CA PRO A 766 45.66 2.30 34.75
C PRO A 766 44.96 2.49 36.09
N ALA A 767 45.39 3.47 36.89
CA ALA A 767 44.79 3.67 38.20
C ALA A 767 43.37 4.21 38.12
N ASN A 768 43.02 4.86 37.02
CA ASN A 768 41.68 5.44 36.86
C ASN A 768 40.69 4.35 36.49
N ASP A 769 39.67 4.16 37.33
CA ASP A 769 38.62 3.18 37.08
C ASP A 769 37.25 3.85 36.99
N TYR A 770 37.23 5.12 36.57
CA TYR A 770 35.97 5.84 36.46
C TYR A 770 35.05 5.22 35.43
N LEU A 771 35.60 4.83 34.28
CA LEU A 771 34.79 4.30 33.19
C LEU A 771 34.44 2.83 33.38
N VAL A 772 35.02 2.17 34.38
CA VAL A 772 34.77 0.75 34.57
C VAL A 772 33.66 0.50 35.59
N THR A 773 33.67 1.19 36.72
CA THR A 773 32.72 0.95 37.80
C THR A 773 31.56 1.91 37.83
N SER A 774 31.78 3.18 37.49
CA SER A 774 30.73 4.20 37.61
C SER A 774 29.69 4.03 36.49
N HIS A 775 28.49 4.50 36.78
CA HIS A 775 27.39 4.50 35.83
C HIS A 775 27.28 5.89 35.21
N ILE A 776 27.37 5.96 33.88
CA ILE A 776 27.45 7.21 33.16
C ILE A 776 26.20 7.37 32.30
N HIS A 777 25.61 8.56 32.34
CA HIS A 777 24.49 8.91 31.48
C HIS A 777 24.98 9.84 30.37
N LEU A 778 24.72 9.45 29.13
CA LEU A 778 25.12 10.24 27.97
C LEU A 778 23.86 10.78 27.29
N HIS A 779 23.82 12.09 27.06
CA HIS A 779 22.67 12.72 26.45
C HIS A 779 23.12 13.73 25.40
N VAL A 780 22.45 13.73 24.26
CA VAL A 780 22.64 14.73 23.22
C VAL A 780 21.46 15.70 23.29
N PRO A 781 21.68 16.96 23.62
CA PRO A 781 20.56 17.89 23.82
C PRO A 781 19.74 18.07 22.55
N GLU A 782 18.60 18.74 22.71
CA GLU A 782 17.58 18.84 21.67
C GLU A 782 17.10 17.44 21.26
N GLY A 783 16.53 16.73 22.26
CA GLY A 783 16.13 15.35 22.06
C GLY A 783 14.94 15.17 21.15
N ALA A 784 14.16 16.24 20.92
CA ALA A 784 13.01 16.13 20.03
C ALA A 784 13.44 15.82 18.60
N THR A 785 14.50 16.46 18.13
CA THR A 785 14.96 16.24 16.77
C THR A 785 15.68 14.90 16.66
N PRO A 786 15.29 14.04 15.72
CA PRO A 786 16.00 12.76 15.56
C PRO A 786 17.44 12.96 15.11
N LYS A 787 18.29 12.05 15.57
CA LYS A 787 19.71 12.06 15.24
C LYS A 787 20.14 10.67 14.81
N ASP A 788 21.03 10.61 13.81
CA ASP A 788 21.54 9.34 13.34
C ASP A 788 22.87 9.56 12.65
N GLY A 789 23.62 8.48 12.47
CA GLY A 789 24.90 8.54 11.81
C GLY A 789 26.06 8.29 12.75
N PRO A 790 27.15 7.75 12.23
CA PRO A 790 28.34 7.51 13.06
C PRO A 790 29.26 8.72 13.13
N SER A 791 28.73 9.89 12.74
CA SER A 791 29.56 11.08 12.63
C SER A 791 30.14 11.48 13.97
N ALA A 792 29.35 11.38 15.05
CA ALA A 792 29.76 11.83 16.37
C ALA A 792 30.45 10.74 17.18
N GLY A 793 31.07 9.77 16.52
CA GLY A 793 31.75 8.71 17.26
C GLY A 793 32.92 9.23 18.07
N CYS A 794 33.76 10.07 17.46
CA CYS A 794 34.91 10.60 18.18
C CYS A 794 34.51 11.62 19.22
N THR A 795 33.37 12.28 19.04
CA THR A 795 32.89 13.23 20.04
C THR A 795 32.48 12.50 21.32
N ILE A 796 31.90 11.31 21.19
CA ILE A 796 31.48 10.56 22.36
C ILE A 796 32.68 10.11 23.19
N VAL A 797 33.77 9.72 22.52
CA VAL A 797 34.95 9.27 23.24
C VAL A 797 35.53 10.40 24.07
N THR A 798 35.58 11.61 23.51
CA THR A 798 36.11 12.75 24.25
C THR A 798 35.25 13.09 25.45
N ALA A 799 33.92 13.03 25.30
CA ALA A 799 33.04 13.32 26.42
C ALA A 799 33.21 12.32 27.55
N LEU A 800 33.32 11.03 27.22
CA LEU A 800 33.58 10.03 28.25
C LEU A 800 34.93 10.21 28.89
N LEU A 801 35.96 10.51 28.08
CA LEU A 801 37.30 10.72 28.62
C LEU A 801 37.36 11.97 29.49
N SER A 802 36.70 13.05 29.05
CA SER A 802 36.70 14.29 29.83
C SER A 802 36.01 14.08 31.18
N LEU A 803 34.88 13.37 31.17
CA LEU A 803 34.19 13.09 32.43
C LEU A 803 35.03 12.20 33.33
N ALA A 804 35.67 11.17 32.76
CA ALA A 804 36.48 10.27 33.56
C ALA A 804 37.69 10.98 34.16
N MET A 805 38.35 11.82 33.36
CA MET A 805 39.53 12.54 33.84
C MET A 805 39.18 13.83 34.57
N GLY A 806 37.93 14.27 34.53
CA GLY A 806 37.55 15.50 35.19
C GLY A 806 38.22 16.73 34.64
N ARG A 807 38.50 16.78 33.34
CA ARG A 807 39.16 17.90 32.72
C ARG A 807 38.31 18.41 31.56
N PRO A 808 37.97 19.70 31.53
CA PRO A 808 37.22 20.23 30.38
C PRO A 808 38.06 20.18 29.12
N VAL A 809 37.38 19.96 27.99
CA VAL A 809 38.06 19.92 26.70
C VAL A 809 38.42 21.34 26.27
N ARG A 810 39.37 21.43 25.33
CA ARG A 810 39.82 22.71 24.82
C ARG A 810 38.65 23.53 24.28
N GLN A 811 38.61 24.81 24.65
CA GLN A 811 37.52 25.67 24.25
C GLN A 811 37.58 25.96 22.75
N ASN A 812 36.40 26.22 22.18
CA ASN A 812 36.26 26.51 20.75
C ASN A 812 36.85 25.40 19.88
N LEU A 813 36.61 24.15 20.27
CA LEU A 813 37.10 22.99 19.55
C LEU A 813 35.91 22.11 19.18
N ALA A 814 35.83 21.74 17.91
CA ALA A 814 34.78 20.86 17.41
C ALA A 814 35.42 19.70 16.65
N MET A 815 34.85 18.51 16.79
CA MET A 815 35.39 17.32 16.16
C MET A 815 34.26 16.49 15.57
N THR A 816 34.60 15.70 14.55
CA THR A 816 33.66 14.79 13.92
C THR A 816 34.43 13.67 13.27
N GLY A 817 33.74 12.56 13.02
CA GLY A 817 34.36 11.42 12.37
C GLY A 817 34.08 10.10 13.06
N GLU A 818 33.75 9.09 12.27
CA GLU A 818 33.49 7.76 12.81
C GLU A 818 34.77 7.14 13.37
N VAL A 819 34.64 6.49 14.52
CA VAL A 819 35.77 5.86 15.19
C VAL A 819 35.45 4.39 15.44
N SER A 820 36.41 3.53 15.18
CA SER A 820 36.30 2.11 15.52
C SER A 820 36.76 1.89 16.96
N LEU A 821 36.44 0.72 17.50
CA LEU A 821 36.77 0.44 18.90
C LEU A 821 38.27 0.26 19.12
N THR A 822 39.05 0.13 18.04
CA THR A 822 40.50 0.09 18.17
C THR A 822 41.13 1.48 18.20
N GLY A 823 40.37 2.53 17.88
CA GLY A 823 40.87 3.89 17.91
C GLY A 823 41.04 4.55 16.56
N LYS A 824 40.89 3.81 15.46
CA LYS A 824 41.04 4.39 14.13
C LYS A 824 39.88 5.31 13.81
N ILE A 825 40.17 6.43 13.15
CA ILE A 825 39.18 7.41 12.76
C ILE A 825 38.82 7.19 11.30
N LEU A 826 37.53 7.05 11.03
CA LEU A 826 37.05 6.80 9.67
C LEU A 826 36.43 8.06 9.08
N PRO A 827 36.51 8.24 7.76
CA PRO A 827 35.95 9.44 7.14
C PRO A 827 34.43 9.48 7.24
N VAL A 828 33.91 10.70 7.24
CA VAL A 828 32.47 10.94 7.32
C VAL A 828 32.07 11.89 6.21
N GLY A 829 30.79 11.83 5.85
CA GLY A 829 30.25 12.72 4.84
C GLY A 829 29.82 14.06 5.39
N GLY A 830 29.36 14.92 4.48
CA GLY A 830 28.92 16.24 4.88
C GLY A 830 30.02 17.13 5.42
N ILE A 831 31.19 17.11 4.78
CA ILE A 831 32.28 17.97 5.23
C ILE A 831 31.94 19.43 5.01
N LYS A 832 31.32 19.76 3.88
CA LYS A 832 30.98 21.15 3.59
C LYS A 832 29.98 21.69 4.61
N GLU A 833 28.96 20.89 4.94
CA GLU A 833 27.98 21.32 5.93
C GLU A 833 28.60 21.47 7.31
N ALA A 834 29.48 20.54 7.68
CA ALA A 834 30.13 20.62 9.00
C ALA A 834 31.04 21.84 9.09
N THR A 835 31.79 22.12 8.02
CA THR A 835 32.69 23.27 8.04
C THR A 835 31.91 24.58 8.13
N ILE A 836 30.80 24.69 7.39
CA ILE A 836 30.00 25.90 7.42
C ILE A 836 29.40 26.11 8.81
N ALA A 837 28.87 25.04 9.40
CA ALA A 837 28.31 25.14 10.75
C ALA A 837 29.38 25.49 11.76
N ALA A 838 30.60 24.99 11.57
CA ALA A 838 31.70 25.31 12.47
C ALA A 838 32.01 26.80 12.46
N LYS A 839 32.04 27.41 11.27
CA LYS A 839 32.29 28.85 11.18
C LYS A 839 31.15 29.65 11.80
N ARG A 840 29.90 29.21 11.59
CA ARG A 840 28.76 29.90 12.19
C ARG A 840 28.81 29.83 13.71
N ALA A 841 29.22 28.68 14.25
CA ALA A 841 29.37 28.53 15.69
C ALA A 841 30.57 29.28 16.25
N GLY A 842 31.41 29.83 15.40
CA GLY A 842 32.57 30.58 15.85
C GLY A 842 33.64 29.74 16.53
N VAL A 843 33.91 28.56 16.00
CA VAL A 843 34.95 27.70 16.55
C VAL A 843 36.28 28.06 15.89
N THR A 844 37.38 27.77 16.59
CA THR A 844 38.71 28.06 16.11
C THR A 844 39.45 26.83 15.60
N CYS A 845 39.33 25.71 16.30
CA CYS A 845 39.99 24.46 15.93
C CYS A 845 38.94 23.42 15.58
N ILE A 846 39.13 22.76 14.43
CA ILE A 846 38.22 21.70 13.98
C ILE A 846 39.04 20.47 13.68
N VAL A 847 38.60 19.32 14.18
CA VAL A 847 39.28 18.05 13.99
C VAL A 847 38.50 17.24 12.96
N LEU A 848 39.20 16.78 11.93
CA LEU A 848 38.60 16.02 10.84
C LEU A 848 39.41 14.77 10.57
N PRO A 849 38.77 13.71 10.04
CA PRO A 849 39.52 12.52 9.66
C PRO A 849 40.52 12.82 8.55
N ALA A 850 41.65 12.10 8.57
CA ALA A 850 42.67 12.31 7.55
C ALA A 850 42.18 11.89 6.18
N GLU A 851 41.26 10.93 6.10
CA GLU A 851 40.73 10.48 4.82
C GLU A 851 39.80 11.52 4.19
N ASN A 852 39.40 12.55 4.93
CA ASN A 852 38.55 13.61 4.41
C ASN A 852 39.34 14.85 4.01
N LYS A 853 40.66 14.71 3.87
CA LYS A 853 41.49 15.86 3.51
C LYS A 853 41.13 16.38 2.12
N LYS A 854 40.84 15.47 1.18
CA LYS A 854 40.46 15.90 -0.16
C LYS A 854 39.13 16.65 -0.15
N ASP A 855 38.18 16.19 0.65
CA ASP A 855 36.88 16.85 0.72
C ASP A 855 37.01 18.25 1.30
N PHE A 856 37.81 18.40 2.36
CA PHE A 856 37.96 19.72 2.99
C PHE A 856 38.62 20.71 2.05
N TYR A 857 39.65 20.28 1.32
CA TYR A 857 40.37 21.18 0.43
C TYR A 857 39.64 21.41 -0.90
N ASP A 858 38.59 20.64 -1.18
CA ASP A 858 37.77 20.88 -2.36
C ASP A 858 36.74 21.98 -2.15
N LEU A 859 36.60 22.48 -0.93
CA LEU A 859 35.65 23.53 -0.63
C LEU A 859 36.13 24.87 -1.18
N ALA A 860 35.23 25.85 -1.16
CA ALA A 860 35.57 27.18 -1.63
C ALA A 860 36.61 27.83 -0.71
N ALA A 861 37.38 28.77 -1.27
CA ALA A 861 38.43 29.41 -0.49
C ALA A 861 37.85 30.25 0.65
N PHE A 862 36.74 30.94 0.41
CA PHE A 862 36.19 31.87 1.39
C PHE A 862 35.52 31.18 2.57
N ILE A 863 35.27 29.87 2.49
CA ILE A 863 34.67 29.14 3.60
C ILE A 863 35.70 28.26 4.32
N THR A 864 36.99 28.50 4.09
CA THR A 864 38.05 27.70 4.68
C THR A 864 39.02 28.53 5.51
N GLU A 865 39.40 29.71 5.04
CA GLU A 865 40.41 30.51 5.74
C GLU A 865 39.89 30.96 7.10
N GLY A 866 40.82 31.15 8.03
CA GLY A 866 40.47 31.50 9.39
C GLY A 866 40.15 30.33 10.29
N LEU A 867 40.21 29.10 9.77
CA LEU A 867 39.91 27.90 10.53
C LEU A 867 41.17 27.06 10.67
N GLU A 868 41.48 26.66 11.90
CA GLU A 868 42.61 25.77 12.17
C GLU A 868 42.09 24.34 12.13
N VAL A 869 42.41 23.61 11.07
CA VAL A 869 41.90 22.27 10.86
C VAL A 869 43.00 21.27 11.16
N HIS A 870 42.64 20.22 11.89
CA HIS A 870 43.55 19.13 12.23
C HIS A 870 43.05 17.84 11.60
N PHE A 871 43.92 17.16 10.87
CA PHE A 871 43.60 15.89 10.25
C PHE A 871 44.30 14.77 11.01
N VAL A 872 43.53 13.77 11.42
CA VAL A 872 44.03 12.72 12.30
C VAL A 872 43.68 11.36 11.70
N GLU A 873 44.48 10.35 12.06
CA GLU A 873 44.25 8.97 11.68
C GLU A 873 43.83 8.08 12.83
N HIS A 874 44.37 8.34 14.03
CA HIS A 874 44.04 7.57 15.22
C HIS A 874 43.62 8.54 16.33
N TYR A 875 42.85 8.02 17.28
CA TYR A 875 42.34 8.86 18.35
C TYR A 875 43.44 9.37 19.27
N ARG A 876 44.62 8.75 19.26
CA ARG A 876 45.72 9.22 20.10
C ARG A 876 46.10 10.66 19.74
N GLU A 877 45.99 11.02 18.47
CA GLU A 877 46.25 12.41 18.07
C GLU A 877 45.13 13.34 18.54
N ILE A 878 43.89 12.85 18.58
CA ILE A 878 42.79 13.66 19.07
C ILE A 878 42.95 13.94 20.56
N PHE A 879 43.44 12.95 21.31
CA PHE A 879 43.60 13.12 22.76
C PHE A 879 44.58 14.24 23.08
N ASP A 880 45.69 14.32 22.33
CA ASP A 880 46.66 15.39 22.57
C ASP A 880 46.07 16.76 22.23
N ILE A 881 45.31 16.85 21.15
CA ILE A 881 44.70 18.12 20.77
C ILE A 881 43.62 18.51 21.77
N ALA A 882 42.75 17.56 22.12
CA ALA A 882 41.65 17.86 23.03
C ALA A 882 42.14 18.19 24.43
N PHE A 883 43.18 17.49 24.90
CA PHE A 883 43.74 17.67 26.24
C PHE A 883 45.22 17.96 26.09
N PRO A 884 45.59 19.22 25.84
CA PRO A 884 47.02 19.53 25.63
C PRO A 884 47.87 19.29 26.87
N ASP A 885 47.50 19.88 28.00
CA ASP A 885 48.25 19.76 29.25
C ASP A 885 49.72 20.16 29.07
N GLU B 346 -22.25 35.22 -47.92
CA GLU B 346 -21.04 35.02 -47.13
C GLU B 346 -20.25 36.31 -47.00
N LYS B 347 -20.04 36.99 -48.13
CA LYS B 347 -19.23 38.20 -48.14
C LYS B 347 -19.86 39.28 -47.27
N ASP B 348 -21.18 39.46 -47.36
CA ASP B 348 -21.86 40.42 -46.50
C ASP B 348 -21.76 40.01 -45.03
N ASP B 349 -21.93 38.71 -44.75
CA ASP B 349 -21.83 38.23 -43.39
C ASP B 349 -20.39 38.34 -42.87
N LYS B 350 -19.41 38.02 -43.71
CA LYS B 350 -18.01 38.11 -43.28
C LYS B 350 -17.63 39.55 -42.93
N ASP B 351 -18.09 40.51 -43.72
CA ASP B 351 -17.79 41.91 -43.42
C ASP B 351 -18.38 42.32 -42.08
N ALA B 352 -19.62 41.92 -41.80
CA ALA B 352 -20.22 42.24 -40.51
C ALA B 352 -19.52 41.50 -39.37
N ILE B 353 -19.17 40.23 -39.59
CA ILE B 353 -18.53 39.45 -38.53
C ILE B 353 -17.16 40.03 -38.20
N GLU B 354 -16.36 40.35 -39.22
CA GLU B 354 -15.03 40.89 -38.97
C GLU B 354 -15.11 42.30 -38.38
N GLU B 355 -16.13 43.06 -38.75
CA GLU B 355 -16.30 44.40 -38.19
C GLU B 355 -16.63 44.33 -36.70
N LYS B 356 -17.49 43.39 -36.31
CA LYS B 356 -17.86 43.27 -34.89
C LYS B 356 -16.67 42.88 -34.04
N PHE B 357 -15.84 41.95 -34.53
CA PHE B 357 -14.64 41.58 -33.79
C PHE B 357 -13.65 42.74 -33.69
N ARG B 358 -13.48 43.48 -34.78
CA ARG B 358 -12.52 44.59 -34.79
C ARG B 358 -12.96 45.72 -33.87
N GLU B 359 -14.25 46.05 -33.88
CA GLU B 359 -14.72 47.15 -33.03
C GLU B 359 -14.65 46.77 -31.55
N ARG B 360 -14.88 45.49 -31.23
CA ARG B 360 -14.71 45.03 -29.86
C ARG B 360 -13.23 45.08 -29.46
N LEU B 361 -12.33 44.78 -30.39
CA LEU B 361 -10.90 44.79 -30.13
C LEU B 361 -10.30 46.19 -30.14
N LYS B 362 -11.07 47.20 -30.56
CA LYS B 362 -10.51 48.54 -30.68
C LYS B 362 -10.34 49.21 -29.32
N GLU B 363 -11.05 48.76 -28.30
CA GLU B 363 -10.96 49.32 -26.97
C GLU B 363 -9.99 48.58 -26.06
N LEU B 364 -9.26 47.61 -26.60
CA LEU B 364 -8.34 46.79 -25.82
C LEU B 364 -6.91 46.99 -26.31
N VAL B 365 -5.97 46.94 -25.37
CA VAL B 365 -4.54 47.04 -25.70
C VAL B 365 -4.08 45.63 -26.06
N VAL B 366 -4.26 45.28 -27.32
CA VAL B 366 -3.96 43.91 -27.78
C VAL B 366 -2.44 43.75 -27.86
N PRO B 367 -1.88 42.69 -27.29
CA PRO B 367 -0.45 42.42 -27.46
C PRO B 367 -0.12 42.12 -28.91
N LYS B 368 1.14 42.41 -29.29
CA LYS B 368 1.56 42.24 -30.67
C LYS B 368 1.44 40.80 -31.12
N HIS B 369 1.85 39.85 -30.28
CA HIS B 369 1.73 38.44 -30.64
C HIS B 369 0.28 38.01 -30.73
N VAL B 370 -0.59 38.54 -29.89
CA VAL B 370 -2.02 38.24 -29.99
C VAL B 370 -2.61 38.86 -31.24
N MET B 371 -2.15 40.06 -31.61
CA MET B 371 -2.76 40.79 -32.72
C MET B 371 -2.59 40.04 -34.04
N ASP B 372 -1.40 39.49 -34.29
CA ASP B 372 -1.18 38.78 -35.54
C ASP B 372 -2.01 37.51 -35.60
N VAL B 373 -2.20 36.83 -34.47
CA VAL B 373 -3.06 35.65 -34.44
C VAL B 373 -4.49 36.02 -34.81
N VAL B 374 -5.00 37.12 -34.26
CA VAL B 374 -6.34 37.56 -34.58
C VAL B 374 -6.45 37.92 -36.06
N ASP B 375 -5.46 38.66 -36.59
CA ASP B 375 -5.48 39.02 -38.00
C ASP B 375 -5.41 37.78 -38.89
N GLU B 376 -4.54 36.83 -38.54
CA GLU B 376 -4.44 35.60 -39.32
C GLU B 376 -5.74 34.79 -39.24
N GLU B 377 -6.32 34.70 -38.05
CA GLU B 377 -7.60 34.00 -37.91
C GLU B 377 -8.71 34.72 -38.66
N LEU B 378 -8.75 36.05 -38.58
CA LEU B 378 -9.77 36.81 -39.30
C LEU B 378 -9.64 36.64 -40.81
N SER B 379 -8.40 36.68 -41.32
CA SER B 379 -8.20 36.48 -42.74
C SER B 379 -8.61 35.08 -43.17
N LYS B 380 -8.26 34.08 -42.36
CA LYS B 380 -8.68 32.71 -42.64
C LYS B 380 -10.20 32.57 -42.55
N LEU B 381 -10.80 33.19 -41.54
CA LEU B 381 -12.24 33.01 -41.31
C LEU B 381 -13.06 33.52 -42.48
N GLY B 382 -12.66 34.65 -43.07
CA GLY B 382 -13.37 35.16 -44.22
C GLY B 382 -13.30 34.24 -45.42
N LEU B 383 -12.20 33.52 -45.59
CA LEU B 383 -12.04 32.63 -46.73
C LEU B 383 -12.91 31.38 -46.62
N LEU B 384 -13.33 31.01 -45.40
CA LEU B 384 -14.29 29.93 -45.24
C LEU B 384 -15.68 30.39 -45.65
N ASP B 385 -16.65 29.49 -45.52
CA ASP B 385 -18.05 29.76 -45.80
C ASP B 385 -18.89 29.51 -44.55
N ASN B 386 -20.07 30.12 -44.52
CA ASN B 386 -20.91 30.04 -43.33
C ASN B 386 -21.33 28.61 -43.02
N HIS B 387 -21.68 27.83 -44.05
CA HIS B 387 -22.14 26.47 -43.80
C HIS B 387 -20.99 25.54 -43.42
N SER B 388 -19.75 25.97 -43.60
CA SER B 388 -18.60 25.13 -43.25
C SER B 388 -18.51 24.94 -41.75
N SER B 389 -18.21 23.71 -41.33
CA SER B 389 -18.07 23.42 -39.91
C SER B 389 -16.82 24.10 -39.33
N GLU B 390 -15.75 24.17 -40.12
CA GLU B 390 -14.52 24.79 -39.64
C GLU B 390 -14.70 26.27 -39.36
N PHE B 391 -15.63 26.92 -40.07
CA PHE B 391 -15.90 28.33 -39.83
C PHE B 391 -16.45 28.57 -38.43
N ASN B 392 -17.31 27.67 -37.96
CA ASN B 392 -17.85 27.80 -36.60
C ASN B 392 -16.75 27.67 -35.56
N VAL B 393 -15.81 26.74 -35.77
CA VAL B 393 -14.69 26.59 -34.84
C VAL B 393 -13.85 27.86 -34.83
N THR B 394 -13.55 28.42 -36.01
CA THR B 394 -12.78 29.65 -36.08
C THR B 394 -13.54 30.81 -35.44
N ARG B 395 -14.86 30.88 -35.66
CA ARG B 395 -15.64 31.95 -35.07
C ARG B 395 -15.62 31.89 -33.56
N ASN B 396 -15.74 30.68 -32.99
CA ASN B 396 -15.67 30.53 -31.54
C ASN B 396 -14.29 30.92 -31.01
N TYR B 397 -13.22 30.52 -31.71
CA TYR B 397 -11.88 30.87 -31.28
C TYR B 397 -11.67 32.38 -31.34
N LEU B 398 -12.14 33.03 -32.40
CA LEU B 398 -12.00 34.48 -32.50
C LEU B 398 -12.83 35.19 -31.45
N ASP B 399 -14.05 34.71 -31.19
CA ASP B 399 -14.88 35.32 -30.17
C ASP B 399 -14.26 35.19 -28.78
N TRP B 400 -13.69 34.02 -28.48
CA TRP B 400 -13.00 33.85 -27.20
C TRP B 400 -11.77 34.75 -27.11
N LEU B 401 -11.02 34.86 -28.21
CA LEU B 401 -9.82 35.69 -28.20
C LEU B 401 -10.16 37.17 -27.97
N THR B 402 -11.21 37.66 -28.63
CA THR B 402 -11.60 39.05 -28.46
C THR B 402 -12.34 39.31 -27.15
N SER B 403 -12.85 38.26 -26.50
CA SER B 403 -13.54 38.44 -25.23
C SER B 403 -12.59 38.66 -24.07
N ILE B 404 -11.33 38.26 -24.20
CA ILE B 404 -10.35 38.45 -23.12
C ILE B 404 -10.07 39.94 -22.96
N PRO B 405 -10.11 40.47 -21.74
CA PRO B 405 -9.82 41.90 -21.55
C PRO B 405 -8.34 42.21 -21.70
N TRP B 406 -7.88 42.30 -22.94
CA TRP B 406 -6.47 42.59 -23.22
C TRP B 406 -6.16 44.02 -22.82
N GLY B 407 -5.38 44.19 -21.76
CA GLY B 407 -4.97 45.51 -21.32
C GLY B 407 -6.03 46.31 -20.59
N LYS B 408 -7.17 45.70 -20.28
CA LYS B 408 -8.24 46.38 -19.57
C LYS B 408 -8.07 46.13 -18.07
N TYR B 409 -7.86 47.21 -17.32
CA TYR B 409 -7.64 47.12 -15.89
C TYR B 409 -8.73 47.89 -15.15
N SER B 410 -9.25 47.30 -14.08
CA SER B 410 -10.29 47.94 -13.29
C SER B 410 -9.73 49.13 -12.53
N ASN B 411 -10.61 50.07 -12.22
CA ASN B 411 -10.22 51.25 -11.45
C ASN B 411 -9.98 50.87 -10.00
N GLU B 412 -8.73 50.53 -9.66
CA GLU B 412 -8.41 50.09 -8.31
C GLU B 412 -8.49 51.26 -7.33
N ASN B 413 -8.96 50.98 -6.12
CA ASN B 413 -9.00 51.98 -5.06
C ASN B 413 -7.69 51.92 -4.29
N LEU B 414 -6.92 52.99 -4.37
CA LEU B 414 -5.59 53.05 -3.77
C LEU B 414 -5.53 54.15 -2.71
N ASP B 415 -6.52 54.20 -1.83
CA ASP B 415 -6.49 55.10 -0.68
C ASP B 415 -6.27 54.28 0.58
N LEU B 416 -5.23 54.64 1.34
CA LEU B 416 -4.92 53.90 2.56
C LEU B 416 -5.99 54.09 3.62
N ALA B 417 -6.56 55.30 3.70
CA ALA B 417 -7.53 55.59 4.74
C ALA B 417 -8.79 54.75 4.59
N ARG B 418 -9.37 54.72 3.38
CA ARG B 418 -10.61 53.97 3.17
C ARG B 418 -10.36 52.46 3.11
N ALA B 419 -9.15 52.05 2.76
CA ALA B 419 -8.84 50.62 2.72
C ALA B 419 -8.92 50.00 4.12
N GLN B 420 -8.42 50.71 5.13
CA GLN B 420 -8.52 50.21 6.50
C GLN B 420 -9.96 50.11 6.96
N ALA B 421 -10.78 51.10 6.59
CA ALA B 421 -12.18 51.09 7.02
C ALA B 421 -12.93 49.90 6.41
N VAL B 422 -12.71 49.63 5.13
CA VAL B 422 -13.40 48.51 4.48
C VAL B 422 -12.93 47.18 5.07
N LEU B 423 -11.63 47.03 5.27
CA LEU B 423 -11.09 45.78 5.80
C LEU B 423 -11.61 45.50 7.20
N GLU B 424 -11.64 46.51 8.06
CA GLU B 424 -12.12 46.35 9.42
C GLU B 424 -13.64 46.34 9.52
N GLU B 425 -14.34 46.71 8.45
CA GLU B 425 -15.80 46.76 8.49
C GLU B 425 -16.40 45.38 8.68
N ASP B 426 -15.88 44.38 7.95
CA ASP B 426 -16.48 43.05 7.92
C ASP B 426 -15.75 42.03 8.76
N HIS B 427 -14.57 42.35 9.28
CA HIS B 427 -13.78 41.38 10.03
C HIS B 427 -13.12 42.05 11.23
N TYR B 428 -12.82 41.24 12.23
CA TYR B 428 -12.14 41.70 13.44
C TYR B 428 -10.78 41.02 13.54
N GLY B 429 -9.80 41.74 14.05
CA GLY B 429 -8.45 41.19 14.14
C GLY B 429 -7.85 41.00 12.78
N MET B 430 -7.12 39.89 12.61
CA MET B 430 -6.45 39.56 11.36
C MET B 430 -5.52 40.70 10.91
N GLU B 431 -4.77 41.24 11.87
CA GLU B 431 -3.90 42.37 11.58
C GLU B 431 -2.83 42.01 10.56
N ASP B 432 -2.24 40.82 10.68
CA ASP B 432 -1.19 40.42 9.74
C ASP B 432 -1.74 40.31 8.32
N VAL B 433 -2.94 39.76 8.15
CA VAL B 433 -3.56 39.73 6.84
C VAL B 433 -3.89 41.15 6.37
N LYS B 434 -4.43 41.98 7.26
CA LYS B 434 -4.74 43.36 6.90
C LYS B 434 -3.46 44.15 6.60
N LYS B 435 -2.40 43.91 7.38
CA LYS B 435 -1.15 44.63 7.14
C LYS B 435 -0.57 44.29 5.76
N ARG B 436 -0.67 43.03 5.35
CA ARG B 436 -0.17 42.65 4.04
C ARG B 436 -0.93 43.37 2.93
N ILE B 437 -2.25 43.49 3.06
CA ILE B 437 -3.04 44.19 2.06
C ILE B 437 -2.71 45.67 2.06
N LEU B 438 -2.54 46.26 3.24
CA LEU B 438 -2.19 47.69 3.31
C LEU B 438 -0.83 47.94 2.69
N GLU B 439 0.14 47.05 2.94
CA GLU B 439 1.44 47.17 2.29
C GLU B 439 1.33 46.92 0.79
N PHE B 440 0.39 46.06 0.37
CA PHE B 440 0.18 45.82 -1.05
C PHE B 440 -0.27 47.09 -1.75
N ILE B 441 -1.18 47.84 -1.13
CA ILE B 441 -1.65 49.09 -1.74
C ILE B 441 -0.53 50.12 -1.78
N ALA B 442 0.26 50.22 -0.71
CA ALA B 442 1.35 51.19 -0.67
C ALA B 442 2.38 50.91 -1.76
N VAL B 443 2.70 49.64 -1.99
CA VAL B 443 3.60 49.28 -3.07
C VAL B 443 2.98 49.64 -4.42
N SER B 444 1.69 49.37 -4.57
CA SER B 444 1.02 49.67 -5.84
C SER B 444 1.00 51.18 -6.12
N GLN B 445 0.86 52.00 -5.06
CA GLN B 445 0.90 53.44 -5.25
C GLN B 445 2.28 53.90 -5.73
N LEU B 446 3.35 53.38 -5.13
CA LEU B 446 4.69 53.84 -5.47
C LEU B 446 5.03 53.51 -6.92
N ARG B 447 4.67 52.31 -7.38
CA ARG B 447 4.88 51.96 -8.77
C ARG B 447 3.93 52.73 -9.69
N GLY B 448 2.73 53.05 -9.21
CA GLY B 448 1.76 53.74 -10.04
C GLY B 448 1.09 52.85 -11.06
N SER B 449 1.10 51.54 -10.86
CA SER B 449 0.52 50.60 -11.80
C SER B 449 -0.04 49.40 -11.03
N THR B 450 -0.88 48.63 -11.72
CA THR B 450 -1.48 47.45 -11.12
C THR B 450 -0.41 46.43 -10.77
N GLN B 451 -0.63 45.74 -9.65
CA GLN B 451 0.34 44.79 -9.12
C GLN B 451 -0.36 43.47 -8.80
N GLY B 452 0.36 42.37 -8.99
CA GLY B 452 -0.15 41.06 -8.68
C GLY B 452 0.81 40.29 -7.81
N LYS B 453 0.24 39.52 -6.88
CA LYS B 453 1.02 38.75 -5.93
C LYS B 453 0.32 37.43 -5.66
N ILE B 454 1.10 36.47 -5.17
CA ILE B 454 0.59 35.16 -4.77
C ILE B 454 0.71 35.07 -3.25
N LEU B 455 -0.42 34.96 -2.57
CA LEU B 455 -0.48 34.90 -1.12
C LEU B 455 -1.18 33.62 -0.69
N CYS B 456 -0.68 33.01 0.38
CA CYS B 456 -1.26 31.80 0.94
C CYS B 456 -1.58 32.04 2.40
N PHE B 457 -2.85 31.91 2.76
CA PHE B 457 -3.30 32.03 4.14
C PHE B 457 -3.55 30.64 4.70
N TYR B 458 -2.83 30.29 5.75
CA TYR B 458 -2.94 28.97 6.36
C TYR B 458 -3.16 29.10 7.85
N GLY B 459 -4.01 28.23 8.39
CA GLY B 459 -4.33 28.24 9.79
C GLY B 459 -5.47 27.29 10.12
N PRO B 460 -5.94 27.32 11.37
CA PRO B 460 -7.05 26.45 11.75
C PRO B 460 -8.31 26.82 10.99
N PRO B 461 -9.20 25.86 10.75
CA PRO B 461 -10.43 26.16 10.00
C PRO B 461 -11.34 27.10 10.79
N GLY B 462 -12.10 27.90 10.04
CA GLY B 462 -13.06 28.79 10.65
C GLY B 462 -12.51 30.11 11.17
N VAL B 463 -11.31 30.51 10.75
CA VAL B 463 -10.71 31.76 11.20
C VAL B 463 -10.94 32.90 10.22
N GLY B 464 -11.74 32.68 9.17
CA GLY B 464 -12.05 33.72 8.22
C GLY B 464 -11.14 33.82 7.01
N LYS B 465 -10.45 32.74 6.65
CA LYS B 465 -9.56 32.79 5.49
C LYS B 465 -10.34 33.02 4.20
N THR B 466 -11.46 32.31 4.04
CA THR B 466 -12.24 32.44 2.81
C THR B 466 -13.01 33.75 2.79
N SER B 467 -13.61 34.14 3.92
CA SER B 467 -14.42 35.34 3.97
C SER B 467 -13.62 36.61 3.75
N ILE B 468 -12.37 36.65 4.25
CA ILE B 468 -11.55 37.85 4.12
C ILE B 468 -11.19 38.12 2.67
N ALA B 469 -11.18 37.08 1.82
CA ALA B 469 -10.85 37.28 0.41
C ALA B 469 -11.87 38.18 -0.28
N ARG B 470 -13.16 37.97 0.02
CA ARG B 470 -14.19 38.83 -0.55
C ARG B 470 -14.04 40.26 -0.06
N SER B 471 -13.73 40.45 1.23
CA SER B 471 -13.53 41.78 1.77
C SER B 471 -12.32 42.47 1.13
N ILE B 472 -11.25 41.71 0.89
CA ILE B 472 -10.06 42.28 0.27
C ILE B 472 -10.37 42.76 -1.14
N ALA B 473 -11.13 41.96 -1.91
CA ALA B 473 -11.49 42.36 -3.25
C ALA B 473 -12.35 43.62 -3.25
N ARG B 474 -13.28 43.72 -2.31
CA ARG B 474 -14.08 44.93 -2.19
C ARG B 474 -13.22 46.14 -1.82
N ALA B 475 -12.27 45.95 -0.91
CA ALA B 475 -11.38 47.04 -0.53
C ALA B 475 -10.51 47.49 -1.69
N LEU B 476 -10.03 46.54 -2.49
CA LEU B 476 -9.16 46.84 -3.62
C LEU B 476 -9.93 47.21 -4.88
N ASN B 477 -11.27 47.17 -4.84
CA ASN B 477 -12.11 47.46 -6.00
C ASN B 477 -11.75 46.55 -7.18
N ARG B 478 -11.46 45.29 -6.88
CA ARG B 478 -11.12 44.30 -7.89
C ARG B 478 -12.23 43.28 -8.02
N GLU B 479 -12.37 42.73 -9.22
CA GLU B 479 -13.36 41.68 -9.45
C GLU B 479 -12.97 40.43 -8.68
N TYR B 480 -13.95 39.80 -8.05
CA TYR B 480 -13.72 38.65 -7.19
C TYR B 480 -14.17 37.38 -7.90
N PHE B 481 -13.29 36.38 -7.93
CA PHE B 481 -13.59 35.08 -8.51
C PHE B 481 -13.02 34.00 -7.61
N ARG B 482 -13.83 32.99 -7.32
CA ARG B 482 -13.44 31.90 -6.44
C ARG B 482 -13.30 30.62 -7.25
N PHE B 483 -12.16 29.95 -7.10
CA PHE B 483 -11.85 28.72 -7.83
C PHE B 483 -11.46 27.65 -6.81
N SER B 484 -12.46 26.94 -6.30
CA SER B 484 -12.21 25.87 -5.33
C SER B 484 -11.64 24.66 -6.04
N VAL B 485 -10.55 24.12 -5.48
CA VAL B 485 -9.87 22.97 -6.07
C VAL B 485 -9.88 21.76 -5.14
N GLY B 486 -10.79 21.76 -4.17
CA GLY B 486 -10.90 20.64 -3.24
C GLY B 486 -11.29 19.35 -3.94
N GLY B 487 -10.44 18.33 -3.81
CA GLY B 487 -10.71 17.05 -4.45
C GLY B 487 -10.75 17.12 -5.96
N MET B 488 -10.15 18.13 -6.56
CA MET B 488 -10.15 18.29 -8.00
C MET B 488 -8.92 17.62 -8.60
N THR B 489 -9.14 16.74 -9.57
CA THR B 489 -8.06 16.01 -10.21
C THR B 489 -8.01 16.22 -11.72
N ASP B 490 -8.91 17.02 -12.28
CA ASP B 490 -8.96 17.25 -13.72
C ASP B 490 -8.07 18.45 -14.05
N VAL B 491 -6.99 18.19 -14.81
CA VAL B 491 -6.10 19.28 -15.22
C VAL B 491 -6.79 20.19 -16.22
N ALA B 492 -7.73 19.65 -17.00
CA ALA B 492 -8.41 20.45 -18.02
C ALA B 492 -9.21 21.61 -17.43
N GLU B 493 -9.53 21.55 -16.13
CA GLU B 493 -10.23 22.66 -15.50
C GLU B 493 -9.37 23.91 -15.47
N ILE B 494 -8.07 23.75 -15.21
CA ILE B 494 -7.16 24.88 -15.11
C ILE B 494 -6.66 25.32 -16.48
N LYS B 495 -6.18 24.38 -17.28
CA LYS B 495 -5.59 24.71 -18.58
C LYS B 495 -6.65 24.83 -19.67
N GLY B 496 -7.42 23.76 -19.88
CA GLY B 496 -8.43 23.72 -20.91
C GLY B 496 -8.23 22.54 -21.82
N HIS B 497 -8.82 22.61 -23.01
CA HIS B 497 -8.72 21.56 -24.00
C HIS B 497 -8.37 22.16 -25.35
N ARG B 498 -7.74 21.33 -26.19
CA ARG B 498 -7.35 21.78 -27.52
C ARG B 498 -8.58 22.14 -28.35
N ARG B 499 -8.42 23.14 -29.22
CA ARG B 499 -9.51 23.61 -30.06
C ARG B 499 -9.99 22.53 -31.04
N THR B 500 -9.16 21.53 -31.31
CA THR B 500 -9.55 20.48 -32.25
C THR B 500 -10.76 19.69 -31.74
N TYR B 501 -10.79 19.42 -30.43
CA TYR B 501 -11.89 18.66 -29.85
C TYR B 501 -13.20 19.43 -29.97
N VAL B 502 -14.28 18.72 -30.27
CA VAL B 502 -15.58 19.35 -30.40
C VAL B 502 -16.09 19.78 -29.03
N GLY B 503 -16.75 20.93 -28.98
CA GLY B 503 -17.25 21.45 -27.72
C GLY B 503 -16.16 21.78 -26.72
N ALA B 504 -15.04 22.32 -27.19
CA ALA B 504 -13.91 22.63 -26.32
C ALA B 504 -14.05 24.04 -25.76
N MET B 505 -13.66 24.22 -24.50
CA MET B 505 -13.70 25.49 -23.83
C MET B 505 -12.39 25.74 -23.11
N PRO B 506 -12.03 27.01 -22.88
CA PRO B 506 -10.80 27.30 -22.13
C PRO B 506 -10.91 26.89 -20.68
N GLY B 507 -9.82 27.04 -19.92
CA GLY B 507 -9.81 26.70 -18.52
C GLY B 507 -10.61 27.68 -17.69
N LYS B 508 -10.69 27.37 -16.39
CA LYS B 508 -11.43 28.23 -15.47
C LYS B 508 -10.77 29.60 -15.33
N ILE B 509 -9.44 29.64 -15.39
CA ILE B 509 -8.73 30.91 -15.28
C ILE B 509 -9.09 31.83 -16.45
N ILE B 510 -9.10 31.28 -17.67
CA ILE B 510 -9.44 32.08 -18.84
C ILE B 510 -10.91 32.47 -18.81
N GLN B 511 -11.78 31.55 -18.38
CA GLN B 511 -13.21 31.86 -18.29
C GLN B 511 -13.48 32.95 -17.26
N CYS B 512 -12.66 33.01 -16.20
CA CYS B 512 -12.84 34.06 -15.20
C CYS B 512 -12.60 35.45 -15.79
N LEU B 513 -11.59 35.57 -16.67
CA LEU B 513 -11.28 36.87 -17.25
C LEU B 513 -12.44 37.38 -18.10
N LYS B 514 -13.10 36.49 -18.85
CA LYS B 514 -14.19 36.92 -19.72
C LYS B 514 -15.38 37.44 -18.91
N LYS B 515 -15.77 36.72 -17.84
CA LYS B 515 -16.91 37.14 -17.05
C LYS B 515 -16.59 38.38 -16.23
N THR B 516 -15.39 38.46 -15.67
CA THR B 516 -15.01 39.63 -14.89
C THR B 516 -14.72 40.83 -15.77
N LYS B 517 -14.31 40.60 -17.02
CA LYS B 517 -13.97 41.68 -17.96
C LYS B 517 -12.87 42.57 -17.37
N THR B 518 -11.92 41.95 -16.68
CA THR B 518 -10.85 42.67 -16.01
C THR B 518 -9.60 41.83 -16.03
N GLU B 519 -8.47 42.44 -16.36
CA GLU B 519 -7.20 41.75 -16.45
C GLU B 519 -6.47 41.68 -15.11
N ASN B 520 -6.99 42.30 -14.06
CA ASN B 520 -6.42 42.23 -12.72
C ASN B 520 -7.52 41.88 -11.73
N PRO B 521 -8.03 40.66 -11.77
CA PRO B 521 -9.07 40.26 -10.80
C PRO B 521 -8.46 39.67 -9.55
N LEU B 522 -9.31 39.24 -8.62
CA LEU B 522 -8.87 38.54 -7.41
C LEU B 522 -9.30 37.09 -7.53
N ILE B 523 -8.34 36.18 -7.50
CA ILE B 523 -8.59 34.75 -7.64
C ILE B 523 -8.32 34.10 -6.29
N LEU B 524 -9.36 33.47 -5.73
CA LEU B 524 -9.25 32.74 -4.47
C LEU B 524 -9.29 31.25 -4.78
N ILE B 525 -8.26 30.53 -4.38
CA ILE B 525 -8.16 29.10 -4.59
C ILE B 525 -8.33 28.43 -3.23
N ASP B 526 -9.51 27.85 -3.00
CA ASP B 526 -9.84 27.25 -1.72
C ASP B 526 -9.21 25.87 -1.60
N GLU B 527 -8.84 25.51 -0.37
CA GLU B 527 -8.26 24.21 0.00
C GLU B 527 -7.27 23.72 -1.07
N VAL B 528 -6.21 24.50 -1.27
CA VAL B 528 -5.15 24.10 -2.17
C VAL B 528 -4.44 22.86 -1.65
N ASP B 529 -4.32 22.72 -0.33
CA ASP B 529 -3.69 21.55 0.26
C ASP B 529 -4.55 20.30 0.14
N LYS B 530 -5.84 20.45 -0.17
CA LYS B 530 -6.76 19.33 -0.33
C LYS B 530 -7.02 19.01 -1.79
N ILE B 531 -6.11 19.42 -2.69
CA ILE B 531 -6.26 19.06 -4.10
C ILE B 531 -6.03 17.56 -4.27
N GLY B 532 -6.54 17.04 -5.40
CA GLY B 532 -6.44 15.62 -5.65
C GLY B 532 -5.14 15.22 -6.32
N ARG B 533 -4.19 14.75 -5.53
CA ARG B 533 -2.90 14.32 -6.04
C ARG B 533 -2.89 12.82 -6.29
N GLY B 534 -3.85 12.38 -7.10
CA GLY B 534 -3.97 10.97 -7.40
C GLY B 534 -2.97 10.50 -8.43
N TYR B 535 -2.90 9.18 -8.58
CA TYR B 535 -2.00 8.58 -9.57
C TYR B 535 -2.39 9.00 -10.98
N GLN B 536 -3.70 9.00 -11.29
CA GLN B 536 -4.15 9.32 -12.63
C GLN B 536 -4.33 10.81 -12.88
N GLY B 537 -4.22 11.64 -11.83
CA GLY B 537 -4.34 13.07 -12.00
C GLY B 537 -3.60 13.85 -10.94
N ASP B 538 -2.72 14.76 -11.36
CA ASP B 538 -1.95 15.59 -10.43
C ASP B 538 -1.97 17.03 -10.93
N PRO B 539 -3.05 17.77 -10.66
CA PRO B 539 -3.11 19.17 -11.10
C PRO B 539 -2.15 20.08 -10.35
N SER B 540 -1.56 19.63 -9.23
CA SER B 540 -0.62 20.46 -8.50
C SER B 540 0.59 20.83 -9.35
N SER B 541 1.01 19.94 -10.25
CA SER B 541 2.08 20.27 -11.17
C SER B 541 1.67 21.42 -12.09
N ALA B 542 0.42 21.40 -12.57
CA ALA B 542 -0.07 22.50 -13.39
C ALA B 542 -0.20 23.79 -12.59
N LEU B 543 -0.30 23.68 -11.26
CA LEU B 543 -0.35 24.89 -10.43
C LEU B 543 1.01 25.56 -10.34
N LEU B 544 2.09 24.81 -10.57
CA LEU B 544 3.43 25.39 -10.48
C LEU B 544 3.64 26.48 -11.52
N GLU B 545 3.22 26.22 -12.77
CA GLU B 545 3.36 27.24 -13.80
C GLU B 545 2.34 28.37 -13.62
N LEU B 546 1.16 28.05 -13.08
CA LEU B 546 0.16 29.08 -12.83
C LEU B 546 0.63 30.05 -11.74
N LEU B 547 1.27 29.53 -10.70
CA LEU B 547 1.68 30.33 -9.55
C LEU B 547 3.16 30.68 -9.59
N ASP B 548 3.83 30.48 -10.72
CA ASP B 548 5.22 30.87 -10.85
C ASP B 548 5.33 32.38 -10.99
N PRO B 549 6.02 33.07 -10.09
CA PRO B 549 6.14 34.53 -10.20
C PRO B 549 6.79 35.00 -11.49
N GLU B 550 7.78 34.25 -12.00
CA GLU B 550 8.48 34.67 -13.21
C GLU B 550 7.75 34.25 -14.47
N GLN B 551 7.14 33.07 -14.46
CA GLN B 551 6.45 32.53 -15.63
C GLN B 551 4.98 32.90 -15.68
N ASN B 552 4.50 33.73 -14.75
CA ASN B 552 3.09 34.12 -14.74
C ASN B 552 2.72 34.90 -15.99
N ALA B 553 3.63 35.73 -16.49
CA ALA B 553 3.34 36.55 -17.67
C ALA B 553 3.09 35.67 -18.90
N ASN B 554 3.90 34.64 -19.10
CA ASN B 554 3.78 33.75 -20.25
C ASN B 554 3.03 32.49 -19.81
N PHE B 555 1.71 32.62 -19.68
CA PHE B 555 0.84 31.51 -19.34
C PHE B 555 0.20 30.97 -20.61
N LEU B 556 0.42 29.69 -20.88
CA LEU B 556 -0.10 29.04 -22.07
C LEU B 556 -1.26 28.13 -21.69
N ASP B 557 -2.41 28.33 -22.33
CA ASP B 557 -3.57 27.48 -22.17
C ASP B 557 -3.77 26.65 -23.43
N HIS B 558 -4.38 25.48 -23.26
CA HIS B 558 -4.50 24.53 -24.36
C HIS B 558 -5.54 24.96 -25.38
N TYR B 559 -6.42 25.90 -25.05
CA TYR B 559 -7.44 26.34 -25.99
C TYR B 559 -6.98 27.52 -26.83
N LEU B 560 -6.66 28.64 -26.18
CA LEU B 560 -6.24 29.83 -26.92
C LEU B 560 -4.88 29.64 -27.59
N ASP B 561 -3.99 28.87 -26.94
CA ASP B 561 -2.66 28.58 -27.47
C ASP B 561 -1.84 29.85 -27.71
N VAL B 562 -2.15 30.90 -26.96
CA VAL B 562 -1.38 32.14 -27.01
C VAL B 562 -1.05 32.56 -25.57
N PRO B 563 0.11 33.14 -25.32
CA PRO B 563 0.43 33.56 -23.95
C PRO B 563 -0.45 34.72 -23.52
N VAL B 564 -0.94 34.63 -22.28
CA VAL B 564 -1.78 35.66 -21.69
C VAL B 564 -1.10 36.16 -20.43
N ASP B 565 -1.00 37.49 -20.29
CA ASP B 565 -0.29 38.09 -19.17
C ASP B 565 -1.14 37.89 -17.91
N LEU B 566 -0.87 36.81 -17.19
CA LEU B 566 -1.55 36.51 -15.95
C LEU B 566 -0.92 37.19 -14.75
N SER B 567 0.17 37.93 -14.96
CA SER B 567 0.72 38.75 -13.90
C SER B 567 -0.23 39.90 -13.59
N LYS B 568 0.13 40.70 -12.59
CA LYS B 568 -0.72 41.79 -12.09
C LYS B 568 -2.08 41.28 -11.63
N VAL B 569 -2.13 40.02 -11.20
CA VAL B 569 -3.35 39.39 -10.71
C VAL B 569 -3.09 38.88 -9.30
N LEU B 570 -3.96 39.24 -8.37
CA LEU B 570 -3.81 38.83 -6.98
C LEU B 570 -4.33 37.41 -6.80
N PHE B 571 -3.44 36.49 -6.43
CA PHE B 571 -3.80 35.11 -6.18
C PHE B 571 -3.79 34.88 -4.66
N ILE B 572 -4.91 34.42 -4.13
CA ILE B 572 -5.04 34.11 -2.70
C ILE B 572 -5.39 32.63 -2.57
N CYS B 573 -4.62 31.93 -1.75
CA CYS B 573 -4.82 30.50 -1.52
C CYS B 573 -5.03 30.24 -0.05
N THR B 574 -6.00 29.38 0.26
CA THR B 574 -6.34 29.02 1.63
C THR B 574 -6.07 27.55 1.84
N ALA B 575 -5.35 27.21 2.90
CA ALA B 575 -5.01 25.83 3.21
C ALA B 575 -5.04 25.62 4.71
N ASN B 576 -5.62 24.50 5.15
CA ASN B 576 -5.63 24.19 6.58
C ASN B 576 -4.24 23.83 7.07
N VAL B 577 -3.49 23.07 6.28
CA VAL B 577 -2.12 22.68 6.62
C VAL B 577 -1.24 22.92 5.40
N THR B 578 0.06 23.12 5.65
CA THR B 578 1.02 23.36 4.59
C THR B 578 1.87 22.15 4.25
N ASP B 579 1.84 21.10 5.09
CA ASP B 579 2.67 19.93 4.83
C ASP B 579 2.24 19.22 3.55
N THR B 580 0.94 19.10 3.32
CA THR B 580 0.45 18.40 2.14
C THR B 580 0.67 19.19 0.86
N ILE B 581 0.97 20.49 0.96
CA ILE B 581 1.28 21.29 -0.23
C ILE B 581 2.65 20.87 -0.76
N PRO B 582 2.81 20.66 -2.06
CA PRO B 582 4.12 20.26 -2.60
C PRO B 582 5.19 21.32 -2.31
N GLU B 583 6.41 20.85 -2.08
CA GLU B 583 7.51 21.76 -1.78
C GLU B 583 7.77 22.77 -2.90
N PRO B 584 7.85 22.39 -4.17
CA PRO B 584 8.01 23.43 -5.21
C PRO B 584 6.88 24.44 -5.25
N LEU B 585 5.65 24.02 -4.95
CA LEU B 585 4.55 24.97 -4.90
C LEU B 585 4.66 25.88 -3.69
N ARG B 586 5.18 25.37 -2.56
CA ARG B 586 5.32 26.19 -1.37
C ARG B 586 6.40 27.26 -1.56
N ASP B 587 7.42 26.98 -2.37
CA ASP B 587 8.48 27.95 -2.60
C ASP B 587 7.93 29.21 -3.26
N ARG B 588 7.09 29.04 -4.29
CA ARG B 588 6.51 30.20 -4.96
C ARG B 588 5.46 30.90 -4.08
N MET B 589 4.76 30.13 -3.25
CA MET B 589 3.74 30.68 -2.38
C MET B 589 4.36 31.50 -1.25
N GLU B 590 3.68 32.56 -0.86
CA GLU B 590 4.04 33.35 0.30
C GLU B 590 3.15 32.92 1.47
N MET B 591 3.78 32.41 2.53
CA MET B 591 3.05 31.82 3.65
C MET B 591 2.70 32.90 4.66
N ILE B 592 1.39 33.13 4.84
CA ILE B 592 0.88 34.01 5.88
C ILE B 592 0.02 33.18 6.82
N ASN B 593 0.35 33.20 8.10
CA ASN B 593 -0.32 32.38 9.10
C ASN B 593 -1.46 33.17 9.73
N VAL B 594 -2.66 32.61 9.64
CA VAL B 594 -3.86 33.19 10.25
C VAL B 594 -4.16 32.36 11.49
N SER B 595 -3.72 32.84 12.64
CA SER B 595 -3.89 32.11 13.89
C SER B 595 -5.33 32.25 14.40
N GLY B 596 -5.63 31.48 15.44
CA GLY B 596 -6.94 31.51 16.03
C GLY B 596 -7.17 32.74 16.89
N TYR B 597 -8.32 32.77 17.54
CA TYR B 597 -8.74 33.90 18.35
C TYR B 597 -8.84 33.49 19.81
N VAL B 598 -8.34 34.35 20.70
CA VAL B 598 -8.43 34.13 22.13
C VAL B 598 -9.86 34.45 22.59
N ALA B 599 -10.17 34.09 23.84
CA ALA B 599 -11.52 34.32 24.35
C ALA B 599 -11.89 35.79 24.31
N GLN B 600 -10.94 36.68 24.60
CA GLN B 600 -11.20 38.11 24.51
C GLN B 600 -11.50 38.52 23.07
N GLU B 601 -10.75 37.97 22.12
CA GLU B 601 -11.01 38.28 20.71
C GLU B 601 -12.33 37.68 20.24
N LYS B 602 -12.68 36.49 20.77
CA LYS B 602 -13.94 35.86 20.40
C LYS B 602 -15.13 36.70 20.87
N LEU B 603 -15.02 37.30 22.05
CA LEU B 603 -16.11 38.13 22.56
C LEU B 603 -16.36 39.33 21.66
N ALA B 604 -15.29 39.97 21.18
CA ALA B 604 -15.45 41.10 20.26
C ALA B 604 -16.08 40.66 18.95
N ILE B 605 -15.67 39.50 18.43
CA ILE B 605 -16.25 39.00 17.18
C ILE B 605 -17.71 38.64 17.38
N ALA B 606 -18.02 37.95 18.47
CA ALA B 606 -19.41 37.53 18.72
C ALA B 606 -20.31 38.73 18.95
N GLU B 607 -19.85 39.72 19.71
CA GLU B 607 -20.69 40.86 20.05
C GLU B 607 -21.03 41.70 18.81
N ARG B 608 -20.07 41.89 17.91
CA ARG B 608 -20.24 42.82 16.81
C ARG B 608 -20.58 42.14 15.49
N TYR B 609 -20.18 40.89 15.28
CA TYR B 609 -20.38 40.22 14.00
C TYR B 609 -21.29 39.00 14.09
N LEU B 610 -20.99 38.07 15.00
CA LEU B 610 -21.72 36.81 15.02
C LEU B 610 -23.16 37.01 15.48
N VAL B 611 -23.35 37.73 16.59
CA VAL B 611 -24.71 37.93 17.11
C VAL B 611 -25.58 38.74 16.17
N PRO B 612 -25.15 39.90 15.64
CA PRO B 612 -26.01 40.62 14.70
C PRO B 612 -26.35 39.82 13.45
N GLN B 613 -25.42 39.01 12.96
CA GLN B 613 -25.71 38.17 11.79
C GLN B 613 -26.70 37.06 12.15
N ALA B 614 -26.51 36.45 13.32
CA ALA B 614 -27.43 35.39 13.75
C ALA B 614 -28.83 35.95 13.99
N ARG B 615 -28.92 37.15 14.56
CA ARG B 615 -30.23 37.76 14.81
C ARG B 615 -30.97 38.03 13.50
N ALA B 616 -30.26 38.50 12.48
CA ALA B 616 -30.89 38.75 11.19
C ALA B 616 -31.40 37.45 10.56
N LEU B 617 -30.60 36.38 10.63
CA LEU B 617 -31.02 35.11 10.09
C LEU B 617 -32.22 34.55 10.85
N CYS B 618 -32.22 34.66 12.18
CA CYS B 618 -33.31 34.14 12.98
C CYS B 618 -34.51 35.06 13.02
N GLY B 619 -34.36 36.31 12.57
CA GLY B 619 -35.48 37.24 12.59
C GLY B 619 -35.85 37.74 13.96
N LEU B 620 -34.99 37.55 14.96
CA LEU B 620 -35.26 37.95 16.32
C LEU B 620 -34.65 39.32 16.59
N ASP B 621 -35.46 40.24 17.09
CA ASP B 621 -34.98 41.56 17.46
C ASP B 621 -34.28 41.51 18.81
N GLU B 622 -33.54 42.58 19.10
CA GLU B 622 -32.83 42.67 20.39
C GLU B 622 -33.82 42.72 21.54
N SER B 623 -34.96 43.39 21.35
CA SER B 623 -35.97 43.46 22.41
C SER B 623 -36.56 42.09 22.71
N LYS B 624 -36.79 41.29 21.66
CA LYS B 624 -37.39 39.97 21.87
C LYS B 624 -36.46 39.06 22.67
N ALA B 625 -35.19 39.00 22.28
CA ALA B 625 -34.20 38.18 22.96
C ALA B 625 -32.91 38.98 23.07
N LYS B 626 -32.36 39.09 24.29
CA LYS B 626 -31.16 39.85 24.56
C LYS B 626 -30.05 38.91 25.03
N LEU B 627 -28.89 39.02 24.41
CA LEU B 627 -27.71 38.23 24.77
C LEU B 627 -26.69 39.16 25.40
N SER B 628 -26.55 39.10 26.72
CA SER B 628 -25.65 39.99 27.42
C SER B 628 -24.20 39.57 27.19
N SER B 629 -23.29 40.49 27.49
CA SER B 629 -21.86 40.19 27.39
C SER B 629 -21.45 39.12 28.39
N ASP B 630 -22.02 39.17 29.60
CA ASP B 630 -21.72 38.16 30.60
C ASP B 630 -22.18 36.78 30.13
N VAL B 631 -23.34 36.69 29.50
CA VAL B 631 -23.80 35.43 28.93
C VAL B 631 -22.86 34.96 27.84
N LEU B 632 -22.44 35.89 26.97
CA LEU B 632 -21.52 35.53 25.90
C LEU B 632 -20.17 35.11 26.44
N THR B 633 -19.68 35.78 27.49
CA THR B 633 -18.40 35.42 28.08
C THR B 633 -18.43 34.01 28.66
N LEU B 634 -19.52 33.66 29.36
CA LEU B 634 -19.64 32.31 29.90
C LEU B 634 -19.73 31.26 28.79
N LEU B 635 -20.46 31.57 27.71
CA LEU B 635 -20.60 30.62 26.62
C LEU B 635 -19.26 30.34 25.95
N ILE B 636 -18.44 31.38 25.73
CA ILE B 636 -17.14 31.18 25.11
C ILE B 636 -16.21 30.43 26.06
N LYS B 637 -16.28 30.75 27.36
CA LYS B 637 -15.35 30.16 28.32
C LYS B 637 -15.53 28.66 28.46
N GLN B 638 -16.78 28.18 28.48
CA GLN B 638 -17.06 26.80 28.81
C GLN B 638 -17.51 25.94 27.63
N TYR B 639 -17.70 26.52 26.46
CA TYR B 639 -18.21 25.74 25.32
C TYR B 639 -17.35 25.86 24.08
N CYS B 640 -16.79 27.03 23.79
CA CYS B 640 -16.05 27.28 22.56
C CYS B 640 -14.61 27.63 22.90
N ARG B 641 -13.74 26.63 22.88
CA ARG B 641 -12.32 26.81 23.17
C ARG B 641 -11.44 26.53 21.96
N GLU B 642 -12.04 26.29 20.80
CA GLU B 642 -11.27 26.04 19.59
C GLU B 642 -10.69 27.34 19.03
N SER B 643 -9.79 27.21 18.07
CA SER B 643 -9.16 28.38 17.48
C SER B 643 -10.13 29.19 16.65
N GLY B 644 -10.98 28.50 15.87
CA GLY B 644 -11.91 29.18 15.00
C GLY B 644 -13.14 29.67 15.71
N VAL B 645 -14.04 30.28 14.95
CA VAL B 645 -15.29 30.83 15.46
C VAL B 645 -16.51 30.13 14.89
N ARG B 646 -16.31 29.05 14.13
CA ARG B 646 -17.45 28.32 13.58
C ARG B 646 -18.29 27.69 14.69
N ASN B 647 -17.64 27.11 15.70
CA ASN B 647 -18.37 26.51 16.81
C ASN B 647 -19.14 27.56 17.59
N LEU B 648 -18.53 28.73 17.81
CA LEU B 648 -19.22 29.81 18.52
C LEU B 648 -20.45 30.27 17.77
N GLN B 649 -20.38 30.28 16.43
CA GLN B 649 -21.53 30.67 15.63
C GLN B 649 -22.70 29.72 15.84
N LYS B 650 -22.42 28.42 15.91
CA LYS B 650 -23.49 27.44 16.11
C LYS B 650 -24.12 27.58 17.50
N GLN B 651 -23.31 27.81 18.53
CA GLN B 651 -23.85 27.97 19.88
C GLN B 651 -24.70 29.22 19.98
N VAL B 652 -24.28 30.32 19.36
CA VAL B 652 -25.07 31.54 19.36
C VAL B 652 -26.40 31.32 18.65
N GLU B 653 -26.36 30.65 17.49
CA GLU B 653 -27.59 30.37 16.76
C GLU B 653 -28.50 29.43 17.53
N LYS B 654 -27.91 28.51 18.31
CA LYS B 654 -28.72 27.58 19.10
C LYS B 654 -29.54 28.31 20.14
N VAL B 655 -28.95 29.30 20.82
CA VAL B 655 -29.69 30.07 21.82
C VAL B 655 -30.81 30.86 21.17
N LEU B 656 -30.53 31.48 20.01
CA LEU B 656 -31.57 32.24 19.32
C LEU B 656 -32.67 31.32 18.81
N ARG B 657 -32.32 30.11 18.38
CA ARG B 657 -33.33 29.17 17.93
C ARG B 657 -34.30 28.81 19.04
N LYS B 658 -33.78 28.52 20.24
CA LYS B 658 -34.66 28.17 21.35
C LYS B 658 -35.51 29.35 21.78
N SER B 659 -34.93 30.56 21.79
CA SER B 659 -35.71 31.74 22.11
C SER B 659 -36.79 32.00 21.07
N ALA B 660 -36.46 31.77 19.79
CA ALA B 660 -37.46 31.96 18.73
C ALA B 660 -38.60 30.97 18.87
N TYR B 661 -38.30 29.72 19.23
CA TYR B 661 -39.34 28.72 19.41
C TYR B 661 -40.27 29.09 20.56
N LYS B 662 -39.72 29.59 21.67
CA LYS B 662 -40.54 29.98 22.81
C LYS B 662 -41.48 31.12 22.45
N ILE B 663 -40.98 32.11 21.71
CA ILE B 663 -41.83 33.22 21.28
C ILE B 663 -42.90 32.74 20.32
N VAL B 664 -42.51 31.90 19.36
CA VAL B 664 -43.48 31.39 18.38
C VAL B 664 -44.54 30.53 19.06
N SER B 665 -44.11 29.63 19.96
CA SER B 665 -45.05 28.76 20.65
C SER B 665 -45.92 29.52 21.64
N GLY B 666 -45.60 30.77 21.94
CA GLY B 666 -46.37 31.55 22.89
C GLY B 666 -46.03 31.31 24.34
N GLU B 667 -44.98 30.55 24.63
CA GLU B 667 -44.59 30.32 26.02
C GLU B 667 -44.18 31.61 26.70
N ALA B 668 -43.44 32.47 26.00
CA ALA B 668 -43.02 33.75 26.53
C ALA B 668 -42.85 34.72 25.38
N GLU B 669 -43.48 35.90 25.49
CA GLU B 669 -43.36 36.90 24.44
C GLU B 669 -41.95 37.49 24.39
N SER B 670 -41.29 37.60 25.53
CA SER B 670 -39.92 38.08 25.61
C SER B 670 -39.06 37.05 26.33
N VAL B 671 -37.86 36.82 25.81
CA VAL B 671 -36.94 35.84 26.34
C VAL B 671 -35.70 36.55 26.86
N GLU B 672 -35.35 36.30 28.11
CA GLU B 672 -34.15 36.86 28.73
C GLU B 672 -33.19 35.74 29.06
N VAL B 673 -31.95 35.86 28.58
CA VAL B 673 -30.93 34.85 28.78
C VAL B 673 -30.05 35.27 29.95
N THR B 674 -29.80 34.33 30.86
CA THR B 674 -29.05 34.56 32.07
C THR B 674 -27.99 33.47 32.22
N PRO B 675 -26.83 33.78 32.79
CA PRO B 675 -25.84 32.72 33.03
C PRO B 675 -26.36 31.59 33.90
N GLU B 676 -27.31 31.87 34.78
CA GLU B 676 -27.89 30.80 35.60
C GLU B 676 -28.65 29.79 34.75
N ASN B 677 -29.44 30.27 33.79
CA ASN B 677 -30.26 29.41 32.96
C ASN B 677 -29.68 29.19 31.56
N LEU B 678 -28.41 29.57 31.36
CA LEU B 678 -27.78 29.35 30.06
C LEU B 678 -27.68 27.87 29.72
N GLN B 679 -27.58 27.01 30.74
CA GLN B 679 -27.46 25.58 30.50
C GLN B 679 -28.69 25.02 29.80
N ASP B 680 -29.87 25.59 30.07
CA ASP B 680 -31.09 25.11 29.43
C ASP B 680 -31.05 25.34 27.93
N PHE B 681 -30.57 26.50 27.49
CA PHE B 681 -30.60 26.84 26.07
C PHE B 681 -29.54 26.08 25.28
N VAL B 682 -28.33 25.95 25.84
CA VAL B 682 -27.20 25.45 25.07
C VAL B 682 -26.74 24.06 25.51
N GLY B 683 -27.05 23.64 26.73
CA GLY B 683 -26.66 22.34 27.21
C GLY B 683 -25.65 22.41 28.33
N LYS B 684 -25.19 21.24 28.74
CA LYS B 684 -24.23 21.15 29.84
C LYS B 684 -22.87 21.70 29.39
N PRO B 685 -22.10 22.30 30.29
CA PRO B 685 -20.79 22.85 29.91
C PRO B 685 -19.83 21.75 29.49
N VAL B 686 -18.91 22.12 28.59
CA VAL B 686 -17.90 21.17 28.12
C VAL B 686 -16.69 21.19 29.04
N PHE B 687 -16.20 22.38 29.39
CA PHE B 687 -15.06 22.55 30.28
C PHE B 687 -15.56 23.22 31.56
N THR B 688 -15.32 22.57 32.71
CA THR B 688 -15.78 23.07 34.00
C THR B 688 -14.64 23.34 34.97
N VAL B 689 -13.70 22.42 35.09
CA VAL B 689 -12.61 22.52 36.05
C VAL B 689 -11.33 22.83 35.29
N GLU B 690 -10.59 23.84 35.75
CA GLU B 690 -9.36 24.24 35.11
C GLU B 690 -8.14 23.49 35.66
N ARG B 691 -8.10 23.27 36.97
CA ARG B 691 -7.00 22.56 37.60
C ARG B 691 -7.54 21.54 38.58
N MET B 692 -6.87 20.39 38.66
CA MET B 692 -7.31 19.33 39.57
C MET B 692 -6.96 19.65 41.01
N TYR B 693 -5.80 20.26 41.24
CA TYR B 693 -5.30 20.53 42.58
C TYR B 693 -5.44 22.02 42.88
N ASP B 694 -6.08 22.34 44.01
CA ASP B 694 -6.10 23.72 44.49
C ASP B 694 -4.83 24.02 45.29
N VAL B 695 -4.43 23.09 46.15
CA VAL B 695 -3.19 23.17 46.90
C VAL B 695 -2.38 21.92 46.57
N THR B 696 -1.21 22.11 45.98
CA THR B 696 -0.40 20.98 45.54
C THR B 696 0.32 20.35 46.72
N PRO B 697 0.14 19.06 46.98
CA PRO B 697 0.93 18.39 48.02
C PRO B 697 2.36 18.19 47.56
N PRO B 698 3.27 17.82 48.46
CA PRO B 698 4.66 17.56 48.03
C PRO B 698 4.71 16.49 46.95
N GLY B 699 5.57 16.72 45.96
CA GLY B 699 5.69 15.83 44.83
C GLY B 699 4.75 16.13 43.67
N VAL B 700 3.91 17.15 43.78
CA VAL B 700 2.97 17.52 42.73
C VAL B 700 3.33 18.92 42.24
N VAL B 701 3.57 19.05 40.94
CA VAL B 701 3.95 20.32 40.32
C VAL B 701 3.06 20.57 39.11
N MET B 702 2.59 21.80 38.98
CA MET B 702 1.78 22.19 37.84
C MET B 702 2.65 22.57 36.65
N GLY B 703 2.28 22.08 35.47
CA GLY B 703 2.97 22.37 34.24
C GLY B 703 2.03 22.93 33.19
N LEU B 704 2.61 23.25 32.04
CA LEU B 704 1.86 23.79 30.90
C LEU B 704 2.08 22.91 29.69
N ALA B 705 1.00 22.67 28.95
CA ALA B 705 1.03 21.83 27.75
C ALA B 705 0.26 22.50 26.63
N TRP B 706 0.59 22.13 25.40
CA TRP B 706 -0.09 22.63 24.22
C TRP B 706 -1.27 21.74 23.88
N THR B 707 -2.43 22.35 23.68
CA THR B 707 -3.64 21.62 23.31
C THR B 707 -4.38 22.40 22.24
N ALA B 708 -5.10 21.68 21.37
CA ALA B 708 -5.85 22.32 20.32
C ALA B 708 -6.98 23.18 20.87
N MET B 709 -7.50 22.83 22.04
CA MET B 709 -8.59 23.59 22.66
C MET B 709 -8.05 24.70 23.56
N GLY B 710 -7.22 25.56 22.99
CA GLY B 710 -6.71 26.70 23.73
C GLY B 710 -5.64 26.39 24.75
N GLY B 711 -5.02 25.22 24.67
CA GLY B 711 -4.00 24.83 25.63
C GLY B 711 -4.59 24.29 26.91
N SER B 712 -3.72 23.70 27.73
CA SER B 712 -4.14 23.12 28.99
C SER B 712 -2.97 23.09 29.96
N THR B 713 -3.28 22.94 31.24
CA THR B 713 -2.29 22.85 32.29
C THR B 713 -2.22 21.41 32.79
N LEU B 714 -1.02 20.87 32.91
CA LEU B 714 -0.80 19.50 33.35
C LEU B 714 -0.17 19.48 34.73
N PHE B 715 -0.32 18.35 35.41
CA PHE B 715 0.27 18.13 36.71
C PHE B 715 1.22 16.93 36.62
N VAL B 716 2.22 16.91 37.49
CA VAL B 716 3.16 15.81 37.60
C VAL B 716 3.11 15.30 39.04
N GLU B 717 2.73 14.04 39.21
CA GLU B 717 2.59 13.43 40.53
C GLU B 717 3.67 12.38 40.72
N THR B 718 4.33 12.43 41.87
CA THR B 718 5.33 11.45 42.25
C THR B 718 4.98 10.85 43.60
N SER B 719 5.33 9.58 43.79
CA SER B 719 5.04 8.89 45.03
C SER B 719 6.05 7.77 45.22
N LEU B 720 6.14 7.27 46.45
CA LEU B 720 7.03 6.18 46.78
C LEU B 720 6.42 4.86 46.34
N ARG B 721 7.08 4.19 45.38
CA ARG B 721 6.59 2.89 44.93
C ARG B 721 6.86 1.80 45.97
N ARG B 722 7.93 1.94 46.74
CA ARG B 722 8.33 0.97 47.74
C ARG B 722 8.65 1.66 49.06
N PRO B 723 8.50 0.96 50.18
CA PRO B 723 8.90 1.56 51.46
C PRO B 723 10.40 1.78 51.52
N GLN B 724 10.79 2.82 52.26
CA GLN B 724 12.19 3.21 52.36
C GLN B 724 12.92 2.27 53.31
N ASP B 725 13.93 1.58 52.78
CA ASP B 725 14.71 0.65 53.58
C ASP B 725 15.59 1.39 54.58
N LYS B 726 15.97 0.67 55.64
CA LYS B 726 16.79 1.22 56.72
C LYS B 726 16.16 2.47 57.33
N ASP B 731 23.18 -3.85 46.13
CA ASP B 731 23.15 -2.50 46.67
C ASP B 731 21.82 -1.81 46.33
N LYS B 732 21.40 -0.90 47.21
CA LYS B 732 20.15 -0.17 47.01
C LYS B 732 20.32 0.81 45.87
N ASP B 733 19.70 0.52 44.74
CA ASP B 733 19.67 1.41 43.59
C ASP B 733 18.24 1.85 43.33
N GLY B 734 18.02 3.16 43.30
CA GLY B 734 16.69 3.67 43.05
C GLY B 734 16.25 3.46 41.61
N SER B 735 14.93 3.46 41.42
CA SER B 735 14.33 3.28 40.11
C SER B 735 13.17 4.25 39.96
N LEU B 736 12.87 4.59 38.71
CA LEU B 736 11.77 5.50 38.39
C LEU B 736 10.87 4.84 37.35
N GLU B 737 9.57 4.79 37.64
CA GLU B 737 8.58 4.25 36.73
C GLU B 737 7.68 5.39 36.25
N VAL B 738 7.52 5.50 34.94
CA VAL B 738 6.72 6.54 34.32
C VAL B 738 5.44 5.91 33.79
N THR B 739 4.30 6.50 34.14
CA THR B 739 2.99 6.00 33.72
C THR B 739 2.29 7.05 32.88
N GLY B 740 1.16 6.65 32.30
CA GLY B 740 0.45 7.48 31.35
C GLY B 740 0.92 7.25 29.93
N GLN B 741 0.08 7.66 28.98
CA GLN B 741 0.38 7.48 27.57
C GLN B 741 1.43 8.48 27.11
N LEU B 742 2.63 8.31 27.64
CA LEU B 742 3.75 9.19 27.33
C LEU B 742 4.45 8.73 26.05
N GLY B 743 4.86 9.70 25.23
CA GLY B 743 5.59 9.41 24.02
C GLY B 743 7.04 9.08 24.30
N GLU B 744 7.74 8.70 23.23
CA GLU B 744 9.15 8.35 23.36
C GLU B 744 9.98 9.56 23.78
N VAL B 745 9.68 10.74 23.23
CA VAL B 745 10.40 11.94 23.62
C VAL B 745 10.12 12.29 25.07
N MET B 746 8.84 12.22 25.47
CA MET B 746 8.49 12.54 26.85
C MET B 746 9.07 11.52 27.83
N LYS B 747 9.07 10.24 27.46
CA LYS B 747 9.67 9.23 28.32
C LYS B 747 11.17 9.45 28.45
N GLU B 748 11.84 9.79 27.36
CA GLU B 748 13.28 10.07 27.42
C GLU B 748 13.56 11.30 28.26
N SER B 749 12.72 12.33 28.14
CA SER B 749 12.92 13.54 28.93
C SER B 749 12.79 13.26 30.43
N ALA B 750 11.98 12.28 30.80
CA ALA B 750 11.89 11.89 32.20
C ALA B 750 13.21 11.30 32.69
N ARG B 751 13.88 10.51 31.84
CA ARG B 751 15.16 9.94 32.21
C ARG B 751 16.21 11.03 32.41
N ILE B 752 16.23 12.02 31.52
CA ILE B 752 17.15 13.15 31.68
C ILE B 752 16.83 13.91 32.96
N ALA B 753 15.55 14.15 33.21
CA ALA B 753 15.14 14.84 34.43
C ALA B 753 15.51 14.03 35.67
N TYR B 754 15.32 12.71 35.62
CA TYR B 754 15.67 11.87 36.76
C TYR B 754 17.17 11.89 37.02
N THR B 755 17.98 11.82 35.97
CA THR B 755 19.43 11.83 36.14
C THR B 755 19.90 13.17 36.70
N PHE B 756 19.38 14.28 36.18
CA PHE B 756 19.79 15.59 36.65
C PHE B 756 19.33 15.83 38.08
N ALA B 757 18.15 15.32 38.44
CA ALA B 757 17.65 15.49 39.81
C ALA B 757 18.58 14.83 40.82
N ARG B 758 19.09 13.64 40.50
CA ARG B 758 20.05 12.99 41.39
C ARG B 758 21.33 13.82 41.53
N ALA B 759 21.84 14.35 40.42
CA ALA B 759 23.06 15.14 40.47
C ALA B 759 22.83 16.46 41.20
N PHE B 760 21.69 17.11 40.97
CA PHE B 760 21.40 18.37 41.64
C PHE B 760 21.29 18.20 43.15
N LEU B 761 20.65 17.11 43.59
CA LEU B 761 20.50 16.87 45.03
C LEU B 761 21.84 16.57 45.68
N MET B 762 22.76 15.94 44.96
CA MET B 762 24.08 15.65 45.53
C MET B 762 24.83 16.93 45.87
N GLN B 763 24.79 17.92 44.99
CA GLN B 763 25.51 19.17 45.21
C GLN B 763 24.75 20.12 46.13
N HIS B 764 23.47 19.88 46.37
CA HIS B 764 22.66 20.74 47.24
C HIS B 764 22.46 20.15 48.63
N ALA B 765 22.05 18.90 48.71
CA ALA B 765 21.87 18.19 49.99
C ALA B 765 22.60 16.86 49.90
N PRO B 766 23.92 16.85 50.13
CA PRO B 766 24.67 15.60 50.02
C PRO B 766 24.20 14.50 50.96
N ALA B 767 23.71 14.86 52.14
CA ALA B 767 23.23 13.86 53.08
C ALA B 767 21.91 13.24 52.65
N ASN B 768 21.20 13.88 51.72
CA ASN B 768 19.91 13.38 51.25
C ASN B 768 20.15 12.34 50.16
N ASP B 769 19.80 11.08 50.46
CA ASP B 769 19.93 9.98 49.53
C ASP B 769 18.57 9.46 49.08
N TYR B 770 17.57 10.34 49.06
CA TYR B 770 16.21 9.93 48.70
C TYR B 770 16.15 9.49 47.24
N LEU B 771 16.81 10.24 46.35
CA LEU B 771 16.64 10.01 44.92
C LEU B 771 17.46 8.86 44.39
N VAL B 772 18.41 8.33 45.17
CA VAL B 772 19.32 7.31 44.68
C VAL B 772 18.96 5.95 45.26
N THR B 773 18.27 5.94 46.40
CA THR B 773 18.00 4.70 47.12
C THR B 773 16.52 4.33 47.16
N SER B 774 15.62 5.22 46.75
CA SER B 774 14.20 4.97 46.82
C SER B 774 13.62 4.72 45.43
N HIS B 775 12.53 3.95 45.39
CA HIS B 775 11.81 3.67 44.16
C HIS B 775 10.64 4.65 44.04
N ILE B 776 10.63 5.42 42.96
CA ILE B 776 9.69 6.52 42.78
C ILE B 776 8.83 6.23 41.57
N HIS B 777 7.51 6.38 41.73
CA HIS B 777 6.56 6.21 40.64
C HIS B 777 6.11 7.59 40.17
N LEU B 778 6.27 7.86 38.88
CA LEU B 778 5.90 9.13 38.30
C LEU B 778 4.73 8.93 37.34
N HIS B 779 3.67 9.70 37.54
CA HIS B 779 2.48 9.60 36.71
C HIS B 779 1.91 10.99 36.47
N VAL B 780 1.52 11.26 35.23
CA VAL B 780 0.82 12.48 34.87
C VAL B 780 -0.66 12.16 34.72
N PRO B 781 -1.56 12.88 35.38
CA PRO B 781 -2.97 12.50 35.40
C PRO B 781 -3.59 12.54 34.01
N GLU B 782 -4.82 12.02 33.93
CA GLU B 782 -5.52 11.82 32.67
C GLU B 782 -4.70 10.94 31.73
N GLY B 783 -4.49 9.70 32.16
CA GLY B 783 -3.67 8.77 31.42
C GLY B 783 -4.25 8.34 30.09
N ALA B 784 -5.55 8.55 29.88
CA ALA B 784 -6.17 8.18 28.61
C ALA B 784 -5.60 9.01 27.46
N THR B 785 -5.40 10.31 27.68
CA THR B 785 -4.94 11.18 26.60
C THR B 785 -3.44 10.98 26.36
N PRO B 786 -3.03 10.70 25.13
CA PRO B 786 -1.59 10.57 24.85
C PRO B 786 -0.87 11.89 25.05
N LYS B 787 0.39 11.79 25.50
CA LYS B 787 1.22 12.96 25.75
C LYS B 787 2.61 12.72 25.18
N ASP B 788 3.22 13.79 24.66
CA ASP B 788 4.56 13.70 24.09
C ASP B 788 5.19 15.08 24.11
N GLY B 789 6.51 15.10 23.96
CA GLY B 789 7.26 16.33 23.91
C GLY B 789 8.15 16.52 25.13
N PRO B 790 9.26 17.25 24.94
CA PRO B 790 10.16 17.51 26.07
C PRO B 790 9.76 18.75 26.85
N SER B 791 8.51 19.20 26.65
CA SER B 791 8.06 20.45 27.25
C SER B 791 8.10 20.39 28.77
N ALA B 792 7.70 19.26 29.35
CA ALA B 792 7.60 19.11 30.80
C ALA B 792 8.87 18.59 31.44
N GLY B 793 10.03 18.83 30.82
CA GLY B 793 11.28 18.34 31.39
C GLY B 793 11.60 19.00 32.73
N CYS B 794 11.44 20.33 32.80
CA CYS B 794 11.75 21.03 34.04
C CYS B 794 10.69 20.78 35.11
N THR B 795 9.46 20.46 34.70
CA THR B 795 8.42 20.15 35.68
C THR B 795 8.72 18.85 36.42
N ILE B 796 9.28 17.86 35.74
CA ILE B 796 9.60 16.58 36.37
C ILE B 796 10.71 16.76 37.40
N VAL B 797 11.71 17.60 37.10
CA VAL B 797 12.79 17.83 38.04
C VAL B 797 12.26 18.44 39.34
N THR B 798 11.33 19.39 39.21
CA THR B 798 10.74 20.00 40.41
C THR B 798 9.95 18.98 41.22
N ALA B 799 9.20 18.10 40.54
CA ALA B 799 8.42 17.11 41.25
C ALA B 799 9.31 16.13 42.00
N LEU B 800 10.38 15.66 41.37
CA LEU B 800 11.30 14.75 42.04
C LEU B 800 12.00 15.43 43.20
N LEU B 801 12.42 16.69 43.02
CA LEU B 801 13.08 17.40 44.10
C LEU B 801 12.11 17.71 45.24
N SER B 802 10.87 18.08 44.91
CA SER B 802 9.88 18.35 45.94
C SER B 802 9.57 17.11 46.77
N LEU B 803 9.43 15.96 46.09
CA LEU B 803 9.22 14.71 46.81
C LEU B 803 10.43 14.32 47.64
N ALA B 804 11.63 14.51 47.10
CA ALA B 804 12.85 14.15 47.82
C ALA B 804 13.02 15.00 49.07
N MET B 805 12.79 16.30 48.96
CA MET B 805 12.94 17.19 50.10
C MET B 805 11.70 17.25 50.99
N GLY B 806 10.58 16.68 50.54
CA GLY B 806 9.36 16.73 51.32
C GLY B 806 8.81 18.12 51.52
N ARG B 807 8.97 19.00 50.53
CA ARG B 807 8.51 20.37 50.61
C ARG B 807 7.59 20.68 49.45
N PRO B 808 6.36 21.14 49.70
CA PRO B 808 5.48 21.49 48.59
C PRO B 808 6.02 22.68 47.80
N VAL B 809 5.74 22.66 46.50
CA VAL B 809 6.14 23.75 45.64
C VAL B 809 5.26 24.96 45.90
N ARG B 810 5.79 26.15 45.65
CA ARG B 810 5.05 27.38 45.86
C ARG B 810 3.75 27.36 45.06
N GLN B 811 2.66 27.76 45.72
CA GLN B 811 1.34 27.67 45.12
C GLN B 811 1.18 28.66 43.97
N ASN B 812 0.27 28.33 43.05
CA ASN B 812 -0.03 29.16 41.89
C ASN B 812 1.23 29.43 41.04
N LEU B 813 2.05 28.39 40.88
CA LEU B 813 3.28 28.48 40.09
C LEU B 813 3.26 27.39 39.04
N ALA B 814 3.53 27.78 37.79
CA ALA B 814 3.59 26.86 36.66
C ALA B 814 4.89 27.09 35.90
N MET B 815 5.52 26.00 35.46
CA MET B 815 6.78 26.08 34.73
C MET B 815 6.74 25.17 33.53
N THR B 816 7.52 25.53 32.50
CA THR B 816 7.65 24.72 31.31
C THR B 816 8.98 25.02 30.66
N GLY B 817 9.44 24.09 29.82
CA GLY B 817 10.71 24.24 29.14
C GLY B 817 11.57 23.00 29.20
N GLU B 818 12.20 22.65 28.08
CA GLU B 818 13.04 21.46 28.03
C GLU B 818 14.30 21.66 28.88
N VAL B 819 14.69 20.62 29.59
CA VAL B 819 15.87 20.64 30.46
C VAL B 819 16.92 19.72 29.86
N SER B 820 18.18 20.11 30.01
CA SER B 820 19.31 19.34 29.54
C SER B 820 19.91 18.55 30.71
N LEU B 821 20.89 17.70 30.38
CA LEU B 821 21.51 16.86 31.40
C LEU B 821 22.25 17.69 32.44
N THR B 822 22.92 18.76 32.02
CA THR B 822 23.67 19.59 32.95
C THR B 822 22.78 20.57 33.71
N GLY B 823 21.54 20.77 33.26
CA GLY B 823 20.62 21.68 33.91
C GLY B 823 20.21 22.89 33.10
N LYS B 824 20.67 23.00 31.86
CA LYS B 824 20.28 24.13 31.02
C LYS B 824 18.82 24.01 30.61
N ILE B 825 18.13 25.15 30.55
CA ILE B 825 16.74 25.22 30.14
C ILE B 825 16.68 25.55 28.65
N LEU B 826 15.99 24.72 27.89
CA LEU B 826 15.92 24.93 26.46
C LEU B 826 14.57 25.49 26.06
N PRO B 827 14.51 26.29 25.00
CA PRO B 827 13.24 26.89 24.58
C PRO B 827 12.25 25.84 24.10
N VAL B 828 10.96 26.14 24.29
CA VAL B 828 9.87 25.27 23.88
C VAL B 828 8.86 26.08 23.09
N GLY B 829 8.08 25.39 22.27
CA GLY B 829 7.05 26.02 21.49
C GLY B 829 5.74 26.16 22.25
N GLY B 830 4.76 26.75 21.57
CA GLY B 830 3.45 26.94 22.18
C GLY B 830 3.44 27.87 23.36
N ILE B 831 4.17 28.99 23.28
CA ILE B 831 4.19 29.94 24.37
C ILE B 831 2.83 30.61 24.53
N LYS B 832 2.17 30.93 23.42
CA LYS B 832 0.86 31.58 23.49
C LYS B 832 -0.17 30.66 24.14
N GLU B 833 -0.17 29.38 23.76
CA GLU B 833 -1.11 28.44 24.35
C GLU B 833 -0.82 28.21 25.83
N ALA B 834 0.47 28.12 26.18
CA ALA B 834 0.83 27.95 27.58
C ALA B 834 0.42 29.16 28.42
N THR B 835 0.62 30.36 27.88
CA THR B 835 0.24 31.57 28.60
C THR B 835 -1.28 31.65 28.77
N ILE B 836 -2.03 31.29 27.74
CA ILE B 836 -3.49 31.33 27.82
C ILE B 836 -4.00 30.34 28.85
N ALA B 837 -3.45 29.12 28.84
CA ALA B 837 -3.87 28.11 29.81
C ALA B 837 -3.47 28.51 31.22
N ALA B 838 -2.33 29.21 31.36
CA ALA B 838 -1.89 29.64 32.67
C ALA B 838 -2.89 30.61 33.29
N LYS B 839 -3.40 31.55 32.51
CA LYS B 839 -4.39 32.50 33.03
C LYS B 839 -5.70 31.80 33.38
N ARG B 840 -6.11 30.82 32.57
CA ARG B 840 -7.35 30.11 32.83
C ARG B 840 -7.27 29.34 34.15
N ALA B 841 -6.13 28.74 34.43
CA ALA B 841 -5.93 28.03 35.69
C ALA B 841 -5.78 28.97 36.87
N GLY B 842 -5.70 30.27 36.65
CA GLY B 842 -5.55 31.23 37.73
C GLY B 842 -4.21 31.18 38.43
N VAL B 843 -3.13 31.00 37.67
CA VAL B 843 -1.78 31.00 38.24
C VAL B 843 -1.26 32.43 38.23
N THR B 844 -0.32 32.70 39.12
CA THR B 844 0.27 34.04 39.25
C THR B 844 1.71 34.10 38.75
N CYS B 845 2.52 33.08 39.07
CA CYS B 845 3.92 33.04 38.67
C CYS B 845 4.11 31.96 37.61
N ILE B 846 4.72 32.34 36.49
CA ILE B 846 5.01 31.42 35.39
C ILE B 846 6.49 31.51 35.06
N VAL B 847 7.15 30.36 34.95
CA VAL B 847 8.57 30.28 34.65
C VAL B 847 8.72 29.80 33.21
N LEU B 848 9.49 30.55 32.43
CA LEU B 848 9.69 30.25 31.02
C LEU B 848 11.18 30.23 30.69
N PRO B 849 11.58 29.50 29.65
CA PRO B 849 12.98 29.55 29.21
C PRO B 849 13.36 30.95 28.74
N ALA B 850 14.64 31.28 28.92
CA ALA B 850 15.12 32.61 28.54
C ALA B 850 15.03 32.83 27.03
N GLU B 851 15.24 31.77 26.24
CA GLU B 851 15.20 31.91 24.79
C GLU B 851 13.80 32.12 24.25
N ASN B 852 12.77 31.97 25.09
CA ASN B 852 11.39 32.20 24.68
C ASN B 852 10.91 33.60 25.05
N LYS B 853 11.81 34.48 25.45
CA LYS B 853 11.42 35.83 25.86
C LYS B 853 10.80 36.60 24.70
N LYS B 854 11.35 36.44 23.49
CA LYS B 854 10.79 37.13 22.33
C LYS B 854 9.37 36.65 22.03
N ASP B 855 9.12 35.35 22.16
CA ASP B 855 7.78 34.84 21.91
C ASP B 855 6.78 35.36 22.92
N PHE B 856 7.17 35.41 24.20
CA PHE B 856 6.25 35.87 25.24
C PHE B 856 5.89 37.34 25.05
N TYR B 857 6.89 38.18 24.74
CA TYR B 857 6.64 39.61 24.62
C TYR B 857 5.99 39.99 23.29
N ASP B 858 5.87 39.05 22.36
CA ASP B 858 5.16 39.31 21.11
C ASP B 858 3.66 39.11 21.25
N LEU B 859 3.19 38.62 22.39
CA LEU B 859 1.78 38.38 22.60
C LEU B 859 1.04 39.71 22.84
N ALA B 860 -0.28 39.63 22.79
CA ALA B 860 -1.10 40.81 23.04
C ALA B 860 -0.97 41.26 24.49
N ALA B 861 -1.24 42.55 24.72
CA ALA B 861 -1.07 43.12 26.05
C ALA B 861 -2.01 42.47 27.05
N PHE B 862 -3.26 42.23 26.65
CA PHE B 862 -4.23 41.64 27.58
C PHE B 862 -3.93 40.17 27.86
N ILE B 863 -3.20 39.49 26.98
CA ILE B 863 -2.87 38.10 27.21
C ILE B 863 -1.86 37.96 28.36
N THR B 864 -0.84 38.80 28.38
CA THR B 864 0.21 38.73 29.39
C THR B 864 -0.02 39.68 30.56
N GLU B 865 -1.12 40.42 30.57
CA GLU B 865 -1.38 41.36 31.65
C GLU B 865 -1.68 40.62 32.95
N GLY B 866 -1.07 41.06 34.04
CA GLY B 866 -1.33 40.49 35.35
C GLY B 866 -0.59 39.21 35.66
N LEU B 867 0.34 38.79 34.80
CA LEU B 867 1.11 37.58 34.98
C LEU B 867 2.54 37.91 35.36
N GLU B 868 3.01 37.32 36.45
CA GLU B 868 4.41 37.47 36.89
C GLU B 868 5.22 36.38 36.21
N VAL B 869 6.00 36.76 35.20
CA VAL B 869 6.74 35.81 34.38
C VAL B 869 8.21 35.85 34.74
N HIS B 870 8.80 34.68 34.89
CA HIS B 870 10.23 34.54 35.18
C HIS B 870 10.92 33.84 34.03
N PHE B 871 12.01 34.41 33.56
CA PHE B 871 12.81 33.84 32.48
C PHE B 871 14.13 33.33 33.06
N VAL B 872 14.44 32.06 32.78
CA VAL B 872 15.58 31.40 33.38
C VAL B 872 16.42 30.76 32.29
N GLU B 873 17.71 30.57 32.60
CA GLU B 873 18.65 29.89 31.73
C GLU B 873 19.12 28.56 32.28
N HIS B 874 19.24 28.43 33.61
CA HIS B 874 19.66 27.21 34.27
C HIS B 874 18.63 26.85 35.33
N TYR B 875 18.59 25.57 35.68
CA TYR B 875 17.61 25.10 36.66
C TYR B 875 17.87 25.66 38.05
N ARG B 876 19.10 26.05 38.37
CA ARG B 876 19.39 26.58 39.70
C ARG B 876 18.58 27.84 39.98
N GLU B 877 18.16 28.56 38.93
CA GLU B 877 17.27 29.69 39.13
C GLU B 877 15.84 29.23 39.39
N ILE B 878 15.44 28.09 38.78
CA ILE B 878 14.10 27.56 39.03
C ILE B 878 13.96 27.07 40.47
N PHE B 879 15.03 26.50 41.02
CA PHE B 879 14.98 25.98 42.38
C PHE B 879 14.68 27.08 43.38
N ASP B 880 15.29 28.25 43.20
CA ASP B 880 15.02 29.37 44.10
C ASP B 880 13.57 29.83 44.01
N ILE B 881 13.03 29.89 42.79
CA ILE B 881 11.64 30.31 42.61
C ILE B 881 10.69 29.27 43.18
N ALA B 882 10.91 27.99 42.85
CA ALA B 882 10.01 26.93 43.29
C ALA B 882 10.04 26.75 44.80
N PHE B 883 11.23 26.84 45.40
CA PHE B 883 11.42 26.63 46.84
C PHE B 883 12.09 27.87 47.41
N PRO B 884 11.33 28.90 47.75
CA PRO B 884 11.95 30.14 48.24
C PRO B 884 12.70 29.97 49.55
N ASP B 885 12.04 29.44 50.58
CA ASP B 885 12.66 29.30 51.88
C ASP B 885 11.90 28.32 52.77
N GLU C 346 -39.84 17.05 -37.15
CA GLU C 346 -38.70 17.18 -38.05
C GLU C 346 -37.45 17.59 -37.27
N LYS C 347 -36.29 17.11 -37.70
CA LYS C 347 -35.06 17.33 -36.94
C LYS C 347 -34.68 18.81 -36.89
N ASP C 348 -34.81 19.52 -38.02
CA ASP C 348 -34.42 20.92 -38.10
C ASP C 348 -35.55 21.78 -37.55
N ASP C 349 -35.58 21.91 -36.23
CA ASP C 349 -36.60 22.67 -35.52
C ASP C 349 -35.96 23.67 -34.58
N LYS C 350 -34.99 24.42 -35.09
CA LYS C 350 -34.28 25.40 -34.27
C LYS C 350 -35.23 26.48 -33.75
N ASP C 351 -36.18 26.92 -34.59
CA ASP C 351 -37.17 27.88 -34.13
C ASP C 351 -38.04 27.31 -33.02
N ALA C 352 -38.48 26.06 -33.18
CA ALA C 352 -39.25 25.40 -32.13
C ALA C 352 -38.41 25.17 -30.89
N ILE C 353 -37.15 24.77 -31.07
CA ILE C 353 -36.27 24.52 -29.93
C ILE C 353 -36.04 25.80 -29.13
N GLU C 354 -35.79 26.91 -29.84
CA GLU C 354 -35.54 28.18 -29.16
C GLU C 354 -36.78 28.66 -28.41
N GLU C 355 -37.96 28.52 -29.03
CA GLU C 355 -39.18 28.99 -28.38
C GLU C 355 -39.60 28.06 -27.24
N LYS C 356 -39.26 26.78 -27.34
CA LYS C 356 -39.56 25.84 -26.27
C LYS C 356 -38.80 26.19 -25.00
N PHE C 357 -37.53 26.56 -25.14
CA PHE C 357 -36.73 26.94 -23.98
C PHE C 357 -37.28 28.21 -23.32
N ARG C 358 -37.73 29.17 -24.14
CA ARG C 358 -38.26 30.42 -23.58
C ARG C 358 -39.48 30.17 -22.71
N GLU C 359 -40.24 29.12 -23.01
CA GLU C 359 -41.40 28.79 -22.18
C GLU C 359 -40.98 28.40 -20.77
N ARG C 360 -39.87 27.67 -20.65
CA ARG C 360 -39.42 27.22 -19.34
C ARG C 360 -39.04 28.39 -18.43
N LEU C 361 -38.37 29.40 -18.98
CA LEU C 361 -37.91 30.54 -18.17
C LEU C 361 -39.05 31.45 -17.76
N LYS C 362 -40.25 31.27 -18.30
CA LYS C 362 -41.37 32.15 -17.98
C LYS C 362 -41.76 32.05 -16.50
N GLU C 363 -41.77 30.84 -15.95
CA GLU C 363 -42.23 30.60 -14.59
C GLU C 363 -41.09 30.50 -13.58
N LEU C 364 -39.87 30.84 -13.98
CA LEU C 364 -38.70 30.73 -13.11
C LEU C 364 -38.07 32.11 -12.92
N VAL C 365 -37.58 32.36 -11.71
CA VAL C 365 -36.85 33.59 -11.40
C VAL C 365 -35.39 33.35 -11.75
N VAL C 366 -34.95 33.88 -12.88
CA VAL C 366 -33.63 33.61 -13.42
C VAL C 366 -32.64 34.64 -12.86
N PRO C 367 -31.52 34.23 -12.28
CA PRO C 367 -30.51 35.20 -11.85
C PRO C 367 -29.89 35.91 -13.04
N LYS C 368 -29.27 37.06 -12.75
CA LYS C 368 -28.70 37.89 -13.81
C LYS C 368 -27.59 37.15 -14.56
N HIS C 369 -26.71 36.46 -13.83
CA HIS C 369 -25.62 35.76 -14.48
C HIS C 369 -26.12 34.55 -15.27
N VAL C 370 -27.15 33.87 -14.77
CA VAL C 370 -27.74 32.75 -15.52
C VAL C 370 -28.42 33.27 -16.78
N MET C 371 -29.06 34.43 -16.70
CA MET C 371 -29.78 34.98 -17.85
C MET C 371 -28.82 35.28 -19.00
N ASP C 372 -27.63 35.82 -18.68
CA ASP C 372 -26.66 36.14 -19.71
C ASP C 372 -26.18 34.89 -20.43
N VAL C 373 -25.97 33.80 -19.69
CA VAL C 373 -25.52 32.56 -20.31
C VAL C 373 -26.56 32.03 -21.28
N VAL C 374 -27.84 32.12 -20.91
CA VAL C 374 -28.91 31.64 -21.79
C VAL C 374 -28.90 32.42 -23.10
N ASP C 375 -28.77 33.74 -23.03
CA ASP C 375 -28.73 34.54 -24.25
C ASP C 375 -27.53 34.19 -25.12
N GLU C 376 -26.36 34.02 -24.50
CA GLU C 376 -25.18 33.64 -25.26
C GLU C 376 -25.34 32.24 -25.86
N GLU C 377 -25.90 31.30 -25.08
CA GLU C 377 -26.11 29.96 -25.60
C GLU C 377 -27.14 29.94 -26.73
N LEU C 378 -28.22 30.72 -26.56
CA LEU C 378 -29.23 30.78 -27.61
C LEU C 378 -28.67 31.41 -28.88
N SER C 379 -27.88 32.47 -28.74
CA SER C 379 -27.23 33.07 -29.90
C SER C 379 -26.27 32.10 -30.57
N LYS C 380 -25.50 31.35 -29.76
CA LYS C 380 -24.62 30.34 -30.32
C LYS C 380 -25.42 29.22 -30.97
N LEU C 381 -26.58 28.88 -30.40
CA LEU C 381 -27.39 27.81 -30.96
C LEU C 381 -27.93 28.17 -32.34
N GLY C 382 -28.27 29.44 -32.55
CA GLY C 382 -28.82 29.88 -33.81
C GLY C 382 -27.82 30.16 -34.89
N LEU C 383 -26.53 30.01 -34.63
CA LEU C 383 -25.48 30.32 -35.59
C LEU C 383 -24.76 29.07 -36.11
N LEU C 384 -25.26 27.88 -35.78
CA LEU C 384 -24.62 26.65 -36.24
C LEU C 384 -25.69 25.66 -36.69
N ASP C 385 -25.30 24.77 -37.60
CA ASP C 385 -26.22 23.81 -38.18
C ASP C 385 -26.54 22.69 -37.19
N ASN C 386 -27.70 22.06 -37.39
CA ASN C 386 -28.12 20.97 -36.51
C ASN C 386 -27.21 19.75 -36.66
N HIS C 387 -26.73 19.48 -37.88
CA HIS C 387 -25.90 18.30 -38.11
C HIS C 387 -24.56 18.37 -37.39
N SER C 388 -24.11 19.56 -37.02
CA SER C 388 -22.84 19.70 -36.32
C SER C 388 -22.91 19.07 -34.93
N SER C 389 -21.80 18.44 -34.51
CA SER C 389 -21.76 17.83 -33.19
C SER C 389 -21.82 18.87 -32.08
N GLU C 390 -21.34 20.08 -32.35
CA GLU C 390 -21.44 21.15 -31.35
C GLU C 390 -22.89 21.53 -31.09
N PHE C 391 -23.77 21.32 -32.06
CA PHE C 391 -25.19 21.59 -31.84
C PHE C 391 -25.77 20.70 -30.75
N ASN C 392 -25.39 19.43 -30.73
CA ASN C 392 -25.87 18.53 -29.69
C ASN C 392 -25.41 18.96 -28.31
N VAL C 393 -24.14 19.36 -28.19
CA VAL C 393 -23.62 19.81 -26.90
C VAL C 393 -24.33 21.08 -26.45
N THR C 394 -24.50 22.05 -27.36
CA THR C 394 -25.19 23.28 -27.01
C THR C 394 -26.65 23.03 -26.63
N ARG C 395 -27.34 22.18 -27.40
CA ARG C 395 -28.72 21.84 -27.09
C ARG C 395 -28.83 21.13 -25.76
N ASN C 396 -27.91 20.19 -25.49
CA ASN C 396 -27.91 19.50 -24.20
C ASN C 396 -27.63 20.46 -23.06
N TYR C 397 -26.68 21.38 -23.26
CA TYR C 397 -26.39 22.37 -22.22
C TYR C 397 -27.58 23.27 -21.97
N LEU C 398 -28.25 23.73 -23.03
CA LEU C 398 -29.41 24.60 -22.86
C LEU C 398 -30.55 23.87 -22.16
N ASP C 399 -30.78 22.60 -22.51
CA ASP C 399 -31.84 21.84 -21.85
C ASP C 399 -31.56 21.66 -20.37
N TRP C 400 -30.31 21.34 -20.02
CA TRP C 400 -29.95 21.19 -18.61
C TRP C 400 -30.06 22.52 -17.87
N LEU C 401 -29.59 23.61 -18.49
CA LEU C 401 -29.63 24.92 -17.85
C LEU C 401 -31.07 25.38 -17.62
N THR C 402 -31.94 25.16 -18.59
CA THR C 402 -33.34 25.58 -18.46
C THR C 402 -34.14 24.69 -17.52
N SER C 403 -33.75 23.42 -17.37
CA SER C 403 -34.50 22.51 -16.50
C SER C 403 -34.27 22.80 -15.02
N ILE C 404 -33.26 23.58 -14.69
CA ILE C 404 -33.00 23.90 -13.27
C ILE C 404 -34.13 24.77 -12.74
N PRO C 405 -34.75 24.41 -11.62
CA PRO C 405 -35.85 25.24 -11.08
C PRO C 405 -35.34 26.52 -10.44
N TRP C 406 -35.01 27.52 -11.25
CA TRP C 406 -34.49 28.79 -10.75
C TRP C 406 -35.60 29.53 -10.00
N GLY C 407 -35.43 29.68 -8.69
CA GLY C 407 -36.40 30.42 -7.91
C GLY C 407 -37.71 29.71 -7.67
N LYS C 408 -37.75 28.40 -7.80
CA LYS C 408 -38.96 27.62 -7.58
C LYS C 408 -38.89 26.98 -6.20
N TYR C 409 -39.84 27.33 -5.33
CA TYR C 409 -39.88 26.85 -3.96
C TYR C 409 -41.19 26.14 -3.69
N SER C 410 -41.11 25.01 -3.00
CA SER C 410 -42.31 24.27 -2.62
C SER C 410 -43.04 24.98 -1.49
N ASN C 411 -44.36 24.80 -1.46
CA ASN C 411 -45.20 25.39 -0.41
C ASN C 411 -44.96 24.63 0.89
N GLU C 412 -44.04 25.12 1.71
CA GLU C 412 -43.67 24.45 2.94
C GLU C 412 -44.79 24.52 3.97
N ASN C 413 -44.82 23.53 4.85
CA ASN C 413 -45.77 23.50 5.95
C ASN C 413 -45.16 24.21 7.15
N LEU C 414 -45.87 25.23 7.65
CA LEU C 414 -45.36 26.07 8.73
C LEU C 414 -46.27 26.03 9.95
N ASP C 415 -46.93 24.90 10.19
CA ASP C 415 -47.79 24.71 11.35
C ASP C 415 -47.06 23.84 12.37
N LEU C 416 -46.82 24.39 13.55
CA LEU C 416 -46.09 23.66 14.58
C LEU C 416 -46.88 22.45 15.08
N ALA C 417 -48.19 22.62 15.30
CA ALA C 417 -49.01 21.52 15.80
C ALA C 417 -49.09 20.39 14.77
N ARG C 418 -49.28 20.75 13.49
CA ARG C 418 -49.33 19.73 12.45
C ARG C 418 -48.00 19.01 12.32
N ALA C 419 -46.89 19.75 12.39
CA ALA C 419 -45.58 19.14 12.30
C ALA C 419 -45.29 18.26 13.51
N GLN C 420 -45.75 18.68 14.69
CA GLN C 420 -45.57 17.86 15.88
C GLN C 420 -46.29 16.52 15.76
N ALA C 421 -47.52 16.55 15.25
CA ALA C 421 -48.29 15.32 15.12
C ALA C 421 -47.65 14.38 14.10
N VAL C 422 -47.20 14.92 12.97
CA VAL C 422 -46.66 14.09 11.90
C VAL C 422 -45.39 13.38 12.34
N LEU C 423 -44.52 14.09 13.08
CA LEU C 423 -43.26 13.49 13.51
C LEU C 423 -43.50 12.32 14.45
N GLU C 424 -44.51 12.42 15.31
CA GLU C 424 -44.79 11.38 16.30
C GLU C 424 -45.49 10.17 15.73
N GLU C 425 -45.99 10.24 14.48
CA GLU C 425 -46.70 9.10 13.92
C GLU C 425 -45.78 7.92 13.65
N ASP C 426 -44.54 8.19 13.22
CA ASP C 426 -43.65 7.13 12.77
C ASP C 426 -42.52 6.81 13.74
N HIS C 427 -42.19 7.71 14.66
CA HIS C 427 -41.05 7.50 15.52
C HIS C 427 -41.42 7.82 16.97
N TYR C 428 -40.69 7.18 17.89
CA TYR C 428 -40.85 7.38 19.32
C TYR C 428 -39.60 8.04 19.89
N GLY C 429 -39.81 8.93 20.86
CA GLY C 429 -38.68 9.61 21.47
C GLY C 429 -38.00 10.52 20.47
N MET C 430 -36.67 10.45 20.42
CA MET C 430 -35.85 11.30 19.57
C MET C 430 -36.18 12.77 19.78
N GLU C 431 -36.21 13.17 21.05
CA GLU C 431 -36.59 14.54 21.39
C GLU C 431 -35.60 15.55 20.82
N ASP C 432 -34.30 15.22 20.86
CA ASP C 432 -33.30 16.15 20.33
C ASP C 432 -33.49 16.40 18.85
N VAL C 433 -33.78 15.34 18.09
CA VAL C 433 -34.05 15.51 16.66
C VAL C 433 -35.34 16.29 16.45
N LYS C 434 -36.39 15.94 17.21
CA LYS C 434 -37.68 16.62 17.04
C LYS C 434 -37.61 18.08 17.48
N LYS C 435 -36.86 18.36 18.55
CA LYS C 435 -36.73 19.75 19.01
C LYS C 435 -36.03 20.60 17.95
N ARG C 436 -35.01 20.06 17.30
CA ARG C 436 -34.31 20.81 16.26
C ARG C 436 -35.23 21.11 15.09
N ILE C 437 -36.07 20.15 14.70
CA ILE C 437 -37.02 20.37 13.61
C ILE C 437 -38.05 21.41 14.01
N LEU C 438 -38.55 21.34 15.25
CA LEU C 438 -39.51 22.34 15.72
C LEU C 438 -38.90 23.73 15.72
N GLU C 439 -37.64 23.84 16.15
CA GLU C 439 -36.96 25.13 16.09
C GLU C 439 -36.75 25.59 14.66
N PHE C 440 -36.51 24.65 13.74
CA PHE C 440 -36.36 25.01 12.33
C PHE C 440 -37.64 25.62 11.77
N ILE C 441 -38.79 25.06 12.12
CA ILE C 441 -40.06 25.59 11.66
C ILE C 441 -40.35 26.94 12.31
N ALA C 442 -40.04 27.07 13.60
CA ALA C 442 -40.30 28.32 14.30
C ALA C 442 -39.48 29.47 13.72
N VAL C 443 -38.22 29.21 13.39
CA VAL C 443 -37.37 30.25 12.80
C VAL C 443 -37.90 30.63 11.42
N SER C 444 -38.34 29.65 10.64
CA SER C 444 -38.87 29.93 9.31
C SER C 444 -40.12 30.79 9.38
N GLN C 445 -40.98 30.54 10.38
CA GLN C 445 -42.18 31.37 10.55
C GLN C 445 -41.80 32.81 10.86
N LEU C 446 -40.80 33.01 11.71
CA LEU C 446 -40.34 34.37 12.01
C LEU C 446 -39.76 35.04 10.79
N ARG C 447 -38.98 34.30 9.99
CA ARG C 447 -38.39 34.87 8.78
C ARG C 447 -39.44 35.27 7.76
N GLY C 448 -40.49 34.46 7.61
CA GLY C 448 -41.45 34.68 6.55
C GLY C 448 -41.04 34.10 5.21
N SER C 449 -39.92 33.38 5.16
CA SER C 449 -39.45 32.77 3.93
C SER C 449 -38.72 31.48 4.27
N THR C 450 -38.57 30.63 3.26
CA THR C 450 -37.91 29.34 3.45
C THR C 450 -36.44 29.54 3.80
N GLN C 451 -35.86 28.53 4.44
CA GLN C 451 -34.47 28.58 4.84
C GLN C 451 -33.87 27.18 4.75
N GLY C 452 -32.54 27.13 4.70
CA GLY C 452 -31.82 25.88 4.63
C GLY C 452 -30.80 25.76 5.75
N LYS C 453 -30.57 24.53 6.18
CA LYS C 453 -29.64 24.26 7.26
C LYS C 453 -28.90 22.95 6.97
N ILE C 454 -27.73 22.81 7.58
CA ILE C 454 -26.91 21.60 7.47
C ILE C 454 -26.91 20.92 8.82
N LEU C 455 -27.53 19.74 8.89
CA LEU C 455 -27.64 18.98 10.13
C LEU C 455 -27.04 17.60 9.93
N CYS C 456 -26.37 17.10 10.97
CA CYS C 456 -25.80 15.75 10.94
C CYS C 456 -26.28 14.99 12.17
N PHE C 457 -26.90 13.84 11.95
CA PHE C 457 -27.38 12.98 13.02
C PHE C 457 -26.39 11.84 13.20
N TYR C 458 -25.88 11.68 14.42
CA TYR C 458 -24.94 10.61 14.73
C TYR C 458 -25.41 9.85 15.97
N GLY C 459 -25.12 8.55 15.98
CA GLY C 459 -25.51 7.69 17.06
C GLY C 459 -25.30 6.23 16.73
N PRO C 460 -25.76 5.33 17.61
CA PRO C 460 -25.62 3.90 17.33
C PRO C 460 -26.43 3.51 16.11
N PRO C 461 -25.98 2.50 15.36
CA PRO C 461 -26.72 2.08 14.16
C PRO C 461 -28.07 1.49 14.52
N GLY C 462 -29.01 1.64 13.60
CA GLY C 462 -30.35 1.11 13.79
C GLY C 462 -31.20 1.87 14.77
N VAL C 463 -30.80 3.10 15.13
CA VAL C 463 -31.55 3.90 16.09
C VAL C 463 -32.65 4.73 15.44
N GLY C 464 -32.68 4.80 14.12
CA GLY C 464 -33.68 5.56 13.40
C GLY C 464 -33.20 6.82 12.70
N LYS C 465 -31.90 6.97 12.49
CA LYS C 465 -31.39 8.19 11.86
C LYS C 465 -31.88 8.32 10.42
N THR C 466 -31.85 7.23 9.66
CA THR C 466 -32.26 7.29 8.26
C THR C 466 -33.77 7.41 8.12
N SER C 467 -34.52 6.67 8.95
CA SER C 467 -35.98 6.66 8.82
C SER C 467 -36.60 8.00 9.21
N ILE C 468 -36.05 8.68 10.22
CA ILE C 468 -36.63 9.94 10.67
C ILE C 468 -36.49 11.01 9.60
N ALA C 469 -35.50 10.88 8.71
CA ALA C 469 -35.31 11.88 7.65
C ALA C 469 -36.50 11.93 6.71
N ARG C 470 -37.05 10.77 6.35
CA ARG C 470 -38.22 10.74 5.48
C ARG C 470 -39.43 11.36 6.18
N SER C 471 -39.59 11.11 7.47
CA SER C 471 -40.71 11.71 8.21
C SER C 471 -40.57 13.21 8.29
N ILE C 472 -39.34 13.71 8.43
CA ILE C 472 -39.13 15.16 8.52
C ILE C 472 -39.56 15.85 7.24
N ALA C 473 -39.20 15.27 6.09
CA ALA C 473 -39.60 15.85 4.81
C ALA C 473 -41.12 15.87 4.66
N ARG C 474 -41.78 14.80 5.08
CA ARG C 474 -43.24 14.77 5.03
C ARG C 474 -43.85 15.82 5.95
N ALA C 475 -43.28 15.99 7.14
CA ALA C 475 -43.78 17.02 8.05
C ALA C 475 -43.55 18.41 7.50
N LEU C 476 -42.39 18.64 6.87
CA LEU C 476 -42.05 19.95 6.32
C LEU C 476 -42.61 20.17 4.92
N ASN C 477 -43.27 19.18 4.34
CA ASN C 477 -43.80 19.26 2.99
C ASN C 477 -42.71 19.60 1.97
N ARG C 478 -41.54 19.01 2.17
CA ARG C 478 -40.39 19.19 1.28
C ARG C 478 -40.18 17.93 0.46
N GLU C 479 -39.67 18.12 -0.76
CA GLU C 479 -39.32 16.98 -1.60
C GLU C 479 -38.15 16.22 -0.98
N TYR C 480 -38.24 14.89 -1.04
CA TYR C 480 -37.27 14.03 -0.39
C TYR C 480 -36.33 13.43 -1.42
N PHE C 481 -35.03 13.59 -1.19
CA PHE C 481 -34.01 13.00 -2.03
C PHE C 481 -32.95 12.39 -1.13
N ARG C 482 -32.52 11.17 -1.46
CA ARG C 482 -31.55 10.44 -0.67
C ARG C 482 -30.28 10.24 -1.48
N PHE C 483 -29.13 10.52 -0.86
CA PHE C 483 -27.83 10.38 -1.47
C PHE C 483 -26.98 9.45 -0.62
N SER C 484 -26.34 8.47 -1.25
CA SER C 484 -25.49 7.50 -0.56
C SER C 484 -24.04 7.76 -0.93
N VAL C 485 -23.20 7.95 0.07
CA VAL C 485 -21.78 8.22 -0.12
C VAL C 485 -20.89 7.20 0.58
N GLY C 486 -21.49 6.15 1.14
CA GLY C 486 -20.70 5.10 1.77
C GLY C 486 -19.84 4.36 0.78
N GLY C 487 -18.53 4.34 1.02
CA GLY C 487 -17.62 3.70 0.09
C GLY C 487 -17.63 4.32 -1.29
N MET C 488 -17.73 5.64 -1.36
CA MET C 488 -17.83 6.37 -2.62
C MET C 488 -16.55 7.14 -2.86
N THR C 489 -15.99 7.02 -4.07
CA THR C 489 -14.75 7.70 -4.42
C THR C 489 -14.85 8.53 -5.69
N ASP C 490 -16.02 8.60 -6.31
CA ASP C 490 -16.19 9.35 -7.56
C ASP C 490 -16.49 10.80 -7.21
N VAL C 491 -15.50 11.67 -7.41
CA VAL C 491 -15.69 13.10 -7.13
C VAL C 491 -16.67 13.71 -8.13
N ALA C 492 -16.60 13.28 -9.39
CA ALA C 492 -17.45 13.87 -10.42
C ALA C 492 -18.94 13.62 -10.19
N GLU C 493 -19.29 12.63 -9.37
CA GLU C 493 -20.70 12.38 -9.09
C GLU C 493 -21.31 13.54 -8.30
N ILE C 494 -20.48 14.26 -7.54
CA ILE C 494 -20.95 15.41 -6.77
C ILE C 494 -20.83 16.70 -7.58
N LYS C 495 -19.66 16.93 -8.17
CA LYS C 495 -19.43 18.17 -8.91
C LYS C 495 -19.96 18.08 -10.34
N GLY C 496 -19.46 17.13 -11.11
CA GLY C 496 -19.83 16.95 -12.50
C GLY C 496 -18.62 16.75 -13.36
N HIS C 497 -18.82 16.83 -14.67
CA HIS C 497 -17.75 16.68 -15.64
C HIS C 497 -17.80 17.83 -16.63
N ARG C 498 -16.64 18.16 -17.19
CA ARG C 498 -16.57 19.23 -18.19
C ARG C 498 -17.39 18.85 -19.42
N ARG C 499 -18.06 19.87 -19.99
CA ARG C 499 -18.92 19.64 -21.13
C ARG C 499 -18.15 19.22 -22.38
N THR C 500 -16.83 19.39 -22.39
CA THR C 500 -16.04 18.94 -23.52
C THR C 500 -16.11 17.43 -23.70
N TYR C 501 -16.13 16.69 -22.59
CA TYR C 501 -16.21 15.24 -22.66
C TYR C 501 -17.54 14.81 -23.26
N VAL C 502 -17.50 13.72 -24.04
CA VAL C 502 -18.69 13.23 -24.71
C VAL C 502 -19.66 12.65 -23.68
N GLY C 503 -20.92 13.07 -23.76
CA GLY C 503 -21.93 12.58 -22.84
C GLY C 503 -21.70 13.01 -21.41
N ALA C 504 -21.25 14.25 -21.20
CA ALA C 504 -21.01 14.74 -19.85
C ALA C 504 -22.34 15.02 -19.15
N MET C 505 -22.35 14.76 -17.84
CA MET C 505 -23.54 14.96 -17.03
C MET C 505 -23.20 15.75 -15.78
N PRO C 506 -24.17 16.50 -15.23
CA PRO C 506 -23.91 17.25 -14.00
C PRO C 506 -23.77 16.34 -12.80
N GLY C 507 -23.52 16.93 -11.63
CA GLY C 507 -23.41 16.16 -10.41
C GLY C 507 -24.76 15.65 -9.94
N LYS C 508 -24.71 14.78 -8.93
CA LYS C 508 -25.95 14.21 -8.39
C LYS C 508 -26.82 15.27 -7.73
N ILE C 509 -26.21 16.29 -7.12
CA ILE C 509 -26.99 17.37 -6.52
C ILE C 509 -27.75 18.14 -7.59
N ILE C 510 -27.10 18.44 -8.71
CA ILE C 510 -27.77 19.14 -9.80
C ILE C 510 -28.83 18.25 -10.44
N GLN C 511 -28.52 16.96 -10.58
CA GLN C 511 -29.50 16.02 -11.14
C GLN C 511 -30.73 15.91 -10.26
N CYS C 512 -30.53 15.94 -8.93
CA CYS C 512 -31.66 15.85 -8.01
C CYS C 512 -32.59 17.05 -8.14
N LEU C 513 -32.02 18.25 -8.33
CA LEU C 513 -32.85 19.44 -8.46
C LEU C 513 -33.74 19.37 -9.69
N LYS C 514 -33.25 18.79 -10.78
CA LYS C 514 -34.03 18.72 -12.01
C LYS C 514 -35.26 17.83 -11.82
N LYS C 515 -35.07 16.63 -11.27
CA LYS C 515 -36.20 15.73 -11.06
C LYS C 515 -37.14 16.24 -9.97
N THR C 516 -36.58 16.88 -8.94
CA THR C 516 -37.41 17.44 -7.88
C THR C 516 -38.28 18.60 -8.40
N LYS C 517 -37.77 19.36 -9.37
CA LYS C 517 -38.45 20.53 -9.92
C LYS C 517 -38.74 21.58 -8.86
N THR C 518 -37.85 21.68 -7.87
CA THR C 518 -38.00 22.64 -6.80
C THR C 518 -36.64 22.90 -6.18
N GLU C 519 -36.30 24.17 -5.99
CA GLU C 519 -35.03 24.57 -5.38
C GLU C 519 -35.06 24.48 -3.86
N ASN C 520 -36.04 23.78 -3.30
CA ASN C 520 -36.18 23.62 -1.85
C ASN C 520 -36.37 22.14 -1.51
N PRO C 521 -35.34 21.32 -1.74
CA PRO C 521 -35.48 19.89 -1.42
C PRO C 521 -34.97 19.56 -0.02
N LEU C 522 -35.08 18.30 0.37
CA LEU C 522 -34.51 17.79 1.61
C LEU C 522 -33.52 16.69 1.24
N ILE C 523 -32.25 17.05 1.15
CA ILE C 523 -31.21 16.11 0.74
C ILE C 523 -30.71 15.36 1.97
N LEU C 524 -30.75 14.04 1.90
CA LEU C 524 -30.25 13.17 2.96
C LEU C 524 -29.01 12.45 2.46
N ILE C 525 -27.91 12.58 3.19
CA ILE C 525 -26.65 11.93 2.85
C ILE C 525 -26.36 10.89 3.91
N ASP C 526 -26.27 9.62 3.50
CA ASP C 526 -26.10 8.51 4.42
C ASP C 526 -24.64 8.09 4.51
N GLU C 527 -24.19 7.83 5.74
CA GLU C 527 -22.87 7.28 6.00
C GLU C 527 -21.76 8.17 5.43
N VAL C 528 -21.79 9.44 5.84
CA VAL C 528 -20.72 10.37 5.47
C VAL C 528 -19.44 10.02 6.19
N ASP C 529 -19.53 9.29 7.31
CA ASP C 529 -18.34 8.95 8.08
C ASP C 529 -17.45 7.95 7.34
N LYS C 530 -18.05 7.01 6.60
CA LYS C 530 -17.30 5.98 5.90
C LYS C 530 -17.23 6.26 4.41
N ILE C 531 -17.09 7.54 4.03
CA ILE C 531 -16.89 7.90 2.65
C ILE C 531 -15.52 7.39 2.19
N GLY C 532 -15.40 7.18 0.87
CA GLY C 532 -14.17 6.63 0.34
C GLY C 532 -13.05 7.65 0.21
N ARG C 533 -12.07 7.56 1.10
CA ARG C 533 -10.88 8.41 1.05
C ARG C 533 -9.74 7.72 0.30
N GLY C 534 -10.01 7.27 -0.92
CA GLY C 534 -9.04 6.52 -1.68
C GLY C 534 -8.06 7.42 -2.41
N TYR C 535 -7.04 6.77 -3.00
CA TYR C 535 -6.06 7.52 -3.78
C TYR C 535 -6.61 7.92 -5.14
N GLN C 536 -7.65 7.24 -5.62
CA GLN C 536 -8.28 7.61 -6.89
C GLN C 536 -8.92 8.99 -6.79
N GLY C 537 -9.56 9.29 -5.67
CA GLY C 537 -10.18 10.58 -5.48
C GLY C 537 -10.59 10.77 -4.03
N ASP C 538 -10.87 12.02 -3.69
CA ASP C 538 -11.27 12.41 -2.34
C ASP C 538 -12.56 13.22 -2.41
N PRO C 539 -13.70 12.55 -2.54
CA PRO C 539 -14.98 13.28 -2.58
C PRO C 539 -15.30 14.00 -1.28
N SER C 540 -14.67 13.61 -0.16
CA SER C 540 -14.90 14.33 1.10
C SER C 540 -14.41 15.76 1.01
N SER C 541 -13.29 15.98 0.31
CA SER C 541 -12.81 17.35 0.11
C SER C 541 -13.80 18.17 -0.71
N ALA C 542 -14.41 17.56 -1.72
CA ALA C 542 -15.42 18.26 -2.50
C ALA C 542 -16.69 18.51 -1.69
N LEU C 543 -16.90 17.73 -0.62
CA LEU C 543 -18.07 17.93 0.22
C LEU C 543 -18.03 19.25 0.98
N LEU C 544 -16.83 19.81 1.18
CA LEU C 544 -16.72 21.08 1.90
C LEU C 544 -17.47 22.19 1.18
N GLU C 545 -17.33 22.27 -0.13
CA GLU C 545 -18.09 23.25 -0.90
C GLU C 545 -19.57 22.95 -0.88
N LEU C 546 -19.95 21.67 -0.88
CA LEU C 546 -21.35 21.30 -0.86
C LEU C 546 -21.99 21.63 0.49
N LEU C 547 -21.23 21.51 1.58
CA LEU C 547 -21.75 21.69 2.93
C LEU C 547 -21.22 22.94 3.61
N ASP C 548 -20.85 23.97 2.84
CA ASP C 548 -20.38 25.22 3.42
C ASP C 548 -21.57 26.16 3.59
N PRO C 549 -21.91 26.56 4.82
CA PRO C 549 -23.08 27.44 5.01
C PRO C 549 -22.98 28.76 4.27
N GLU C 550 -21.78 29.34 4.18
CA GLU C 550 -21.64 30.65 3.54
C GLU C 550 -21.48 30.53 2.04
N GLN C 551 -20.73 29.52 1.57
CA GLN C 551 -20.43 29.37 0.16
C GLN C 551 -21.50 28.59 -0.60
N ASN C 552 -22.55 28.12 0.07
CA ASN C 552 -23.59 27.39 -0.62
C ASN C 552 -24.40 28.28 -1.53
N ALA C 553 -24.39 29.60 -1.29
CA ALA C 553 -25.13 30.51 -2.14
C ALA C 553 -24.59 30.51 -3.56
N ASN C 554 -23.30 30.20 -3.74
CA ASN C 554 -22.66 30.14 -5.05
C ASN C 554 -21.97 28.80 -5.17
N PHE C 555 -22.71 27.79 -5.61
CA PHE C 555 -22.17 26.45 -5.81
C PHE C 555 -21.87 26.26 -7.29
N LEU C 556 -20.64 25.91 -7.62
CA LEU C 556 -20.19 25.77 -9.00
C LEU C 556 -20.06 24.29 -9.34
N ASP C 557 -20.71 23.89 -10.43
CA ASP C 557 -20.60 22.53 -10.95
C ASP C 557 -19.92 22.56 -12.31
N HIS C 558 -19.19 21.48 -12.61
CA HIS C 558 -18.35 21.46 -13.81
C HIS C 558 -19.19 21.54 -15.08
N TYR C 559 -20.30 20.80 -15.13
CA TYR C 559 -21.09 20.75 -16.36
C TYR C 559 -21.73 22.09 -16.67
N LEU C 560 -22.41 22.69 -15.69
CA LEU C 560 -23.14 23.93 -15.95
C LEU C 560 -22.19 25.13 -16.01
N ASP C 561 -21.12 25.11 -15.23
CA ASP C 561 -20.17 26.22 -15.15
C ASP C 561 -20.87 27.51 -14.74
N VAL C 562 -21.95 27.40 -13.97
CA VAL C 562 -22.73 28.55 -13.52
C VAL C 562 -23.03 28.36 -12.04
N PRO C 563 -22.91 29.40 -11.21
CA PRO C 563 -23.23 29.25 -9.79
C PRO C 563 -24.73 29.08 -9.58
N VAL C 564 -25.07 28.14 -8.71
CA VAL C 564 -26.46 27.84 -8.38
C VAL C 564 -26.67 28.04 -6.89
N ASP C 565 -27.77 28.71 -6.53
CA ASP C 565 -28.05 29.01 -5.14
C ASP C 565 -28.47 27.73 -4.41
N LEU C 566 -27.52 27.08 -3.74
CA LEU C 566 -27.79 25.85 -3.01
C LEU C 566 -28.26 26.11 -1.59
N SER C 567 -28.46 27.37 -1.21
CA SER C 567 -29.09 27.67 0.06
C SER C 567 -30.57 27.29 0.00
N LYS C 568 -31.27 27.53 1.12
CA LYS C 568 -32.67 27.13 1.27
C LYS C 568 -32.86 25.63 1.08
N VAL C 569 -31.82 24.86 1.39
CA VAL C 569 -31.84 23.41 1.27
C VAL C 569 -31.47 22.81 2.62
N LEU C 570 -32.32 21.91 3.12
CA LEU C 570 -32.08 21.25 4.40
C LEU C 570 -31.22 20.02 4.16
N PHE C 571 -29.95 20.11 4.50
CA PHE C 571 -29.00 19.01 4.33
C PHE C 571 -28.95 18.19 5.60
N ILE C 572 -29.28 16.90 5.50
CA ILE C 572 -29.26 15.99 6.63
C ILE C 572 -28.21 14.92 6.35
N CYS C 573 -27.27 14.76 7.27
CA CYS C 573 -26.20 13.79 7.13
C CYS C 573 -26.31 12.75 8.24
N THR C 574 -26.08 11.49 7.87
CA THR C 574 -26.16 10.37 8.80
C THR C 574 -24.78 9.74 8.94
N ALA C 575 -24.35 9.51 10.17
CA ALA C 575 -23.07 8.88 10.43
C ALA C 575 -23.15 8.09 11.73
N ASN C 576 -22.59 6.88 11.71
CA ASN C 576 -22.56 6.08 12.93
C ASN C 576 -21.55 6.62 13.93
N VAL C 577 -20.40 7.09 13.44
CA VAL C 577 -19.35 7.64 14.28
C VAL C 577 -18.88 8.96 13.67
N THR C 578 -18.25 9.79 14.50
CA THR C 578 -17.84 11.12 14.09
C THR C 578 -16.34 11.30 13.95
N ASP C 579 -15.53 10.41 14.51
CA ASP C 579 -14.09 10.59 14.47
C ASP C 579 -13.55 10.46 13.04
N THR C 580 -14.12 9.56 12.25
CA THR C 580 -13.64 9.37 10.88
C THR C 580 -14.03 10.54 9.97
N ILE C 581 -15.00 11.35 10.37
CA ILE C 581 -15.38 12.52 9.57
C ILE C 581 -14.22 13.52 9.58
N PRO C 582 -13.84 14.09 8.43
CA PRO C 582 -12.76 15.08 8.42
C PRO C 582 -13.10 16.28 9.29
N GLU C 583 -12.07 16.83 9.94
CA GLU C 583 -12.26 17.98 10.83
C GLU C 583 -12.84 19.19 10.10
N PRO C 584 -12.34 19.60 8.91
CA PRO C 584 -13.01 20.71 8.22
C PRO C 584 -14.45 20.42 7.86
N LEU C 585 -14.79 19.17 7.57
CA LEU C 585 -16.18 18.81 7.29
C LEU C 585 -17.01 18.73 8.56
N ARG C 586 -16.41 18.28 9.67
CA ARG C 586 -17.13 18.22 10.94
C ARG C 586 -17.50 19.60 11.43
N ASP C 587 -16.62 20.58 11.24
CA ASP C 587 -16.88 21.94 11.71
C ASP C 587 -18.06 22.56 10.98
N ARG C 588 -18.18 22.29 9.67
CA ARG C 588 -19.23 22.93 8.89
C ARG C 588 -20.62 22.39 9.23
N MET C 589 -20.72 21.15 9.65
CA MET C 589 -22.00 20.53 9.95
C MET C 589 -22.30 20.61 11.43
N GLU C 590 -23.59 20.63 11.76
CA GLU C 590 -24.06 20.69 13.14
C GLU C 590 -24.26 19.29 13.68
N MET C 591 -23.63 19.01 14.82
CA MET C 591 -23.69 17.69 15.43
C MET C 591 -24.95 17.55 16.27
N ILE C 592 -25.78 16.56 15.95
CA ILE C 592 -26.95 16.21 16.74
C ILE C 592 -26.83 14.74 17.11
N ASN C 593 -26.92 14.44 18.40
CA ASN C 593 -26.73 13.09 18.91
C ASN C 593 -28.07 12.39 19.08
N VAL C 594 -28.19 11.19 18.52
CA VAL C 594 -29.36 10.34 18.67
C VAL C 594 -28.93 9.14 19.50
N SER C 595 -29.21 9.19 20.80
CA SER C 595 -28.77 8.13 21.70
C SER C 595 -29.64 6.89 21.55
N GLY C 596 -29.16 5.79 22.13
CA GLY C 596 -29.89 4.54 22.08
C GLY C 596 -31.08 4.54 23.02
N TYR C 597 -31.82 3.44 22.97
CA TYR C 597 -33.05 3.29 23.74
C TYR C 597 -32.82 2.32 24.89
N VAL C 598 -33.30 2.70 26.07
CA VAL C 598 -33.26 1.84 27.25
C VAL C 598 -34.32 0.76 27.10
N ALA C 599 -34.29 -0.25 27.98
CA ALA C 599 -35.26 -1.33 27.90
C ALA C 599 -36.68 -0.82 28.04
N GLN C 600 -36.90 0.18 28.91
CA GLN C 600 -38.23 0.77 29.05
C GLN C 600 -38.67 1.45 27.77
N GLU C 601 -37.75 2.17 27.11
CA GLU C 601 -38.10 2.85 25.87
C GLU C 601 -38.36 1.85 24.74
N LYS C 602 -37.63 0.73 24.74
CA LYS C 602 -37.81 -0.26 23.68
C LYS C 602 -39.20 -0.89 23.75
N LEU C 603 -39.74 -1.06 24.96
CA LEU C 603 -41.08 -1.62 25.10
C LEU C 603 -42.12 -0.70 24.47
N ALA C 604 -41.97 0.61 24.67
CA ALA C 604 -42.88 1.55 24.03
C ALA C 604 -42.75 1.52 22.51
N ILE C 605 -41.52 1.42 22.00
CA ILE C 605 -41.31 1.34 20.56
C ILE C 605 -41.92 0.06 20.00
N ALA C 606 -41.68 -1.07 20.67
CA ALA C 606 -42.19 -2.34 20.18
C ALA C 606 -43.71 -2.39 20.22
N GLU C 607 -44.31 -1.89 21.29
CA GLU C 607 -45.76 -1.98 21.45
C GLU C 607 -46.50 -1.15 20.41
N ARG C 608 -46.01 0.06 20.14
CA ARG C 608 -46.76 1.02 19.33
C ARG C 608 -46.26 1.14 17.89
N TYR C 609 -45.03 0.74 17.61
CA TYR C 609 -44.49 0.92 16.26
C TYR C 609 -43.96 -0.35 15.63
N LEU C 610 -43.32 -1.23 16.40
CA LEU C 610 -42.71 -2.42 15.80
C LEU C 610 -43.75 -3.52 15.58
N VAL C 611 -44.49 -3.88 16.63
CA VAL C 611 -45.47 -4.95 16.51
C VAL C 611 -46.57 -4.62 15.49
N PRO C 612 -47.20 -3.44 15.53
CA PRO C 612 -48.22 -3.14 14.51
C PRO C 612 -47.68 -3.16 13.09
N GLN C 613 -46.43 -2.71 12.89
CA GLN C 613 -45.85 -2.74 11.54
C GLN C 613 -45.53 -4.17 11.12
N ALA C 614 -45.04 -5.00 12.05
CA ALA C 614 -44.76 -6.39 11.73
C ALA C 614 -46.05 -7.14 11.41
N ARG C 615 -47.13 -6.85 12.13
CA ARG C 615 -48.41 -7.51 11.86
C ARG C 615 -48.91 -7.18 10.46
N ALA C 616 -48.81 -5.91 10.05
CA ALA C 616 -49.21 -5.53 8.70
C ALA C 616 -48.28 -6.17 7.67
N LEU C 617 -46.98 -6.24 7.97
CA LEU C 617 -46.04 -6.86 7.05
C LEU C 617 -46.33 -8.35 6.90
N CYS C 618 -46.62 -9.04 7.99
CA CYS C 618 -46.92 -10.46 7.94
C CYS C 618 -48.38 -10.74 7.58
N GLY C 619 -49.25 -9.73 7.61
CA GLY C 619 -50.64 -9.95 7.32
C GLY C 619 -51.41 -10.68 8.41
N LEU C 620 -50.90 -10.67 9.64
CA LEU C 620 -51.53 -11.37 10.76
C LEU C 620 -52.26 -10.36 11.64
N ASP C 621 -53.51 -10.67 11.97
CA ASP C 621 -54.31 -9.80 12.79
C ASP C 621 -53.94 -9.96 14.28
N GLU C 622 -54.31 -8.95 15.07
CA GLU C 622 -54.03 -9.00 16.50
C GLU C 622 -54.82 -10.11 17.19
N SER C 623 -56.04 -10.37 16.71
CA SER C 623 -56.85 -11.43 17.30
C SER C 623 -56.22 -12.80 17.06
N LYS C 624 -55.66 -13.03 15.87
CA LYS C 624 -55.08 -14.32 15.56
C LYS C 624 -53.84 -14.60 16.40
N ALA C 625 -52.94 -13.62 16.48
CA ALA C 625 -51.73 -13.73 17.28
C ALA C 625 -51.62 -12.51 18.17
N LYS C 626 -51.51 -12.72 19.47
CA LYS C 626 -51.48 -11.64 20.46
C LYS C 626 -50.13 -11.64 21.17
N LEU C 627 -49.49 -10.49 21.21
CA LEU C 627 -48.22 -10.30 21.90
C LEU C 627 -48.45 -9.31 23.04
N SER C 628 -48.30 -9.78 24.28
CA SER C 628 -48.57 -8.95 25.45
C SER C 628 -47.32 -8.22 25.91
N SER C 629 -47.51 -7.30 26.85
CA SER C 629 -46.39 -6.50 27.35
C SER C 629 -45.36 -7.36 28.07
N ASP C 630 -45.80 -8.31 28.89
CA ASP C 630 -44.88 -9.14 29.64
C ASP C 630 -44.02 -10.00 28.72
N VAL C 631 -44.62 -10.57 27.67
CA VAL C 631 -43.85 -11.33 26.70
C VAL C 631 -42.86 -10.43 25.97
N LEU C 632 -43.30 -9.23 25.58
CA LEU C 632 -42.39 -8.29 24.94
C LEU C 632 -41.28 -7.86 25.88
N THR C 633 -41.60 -7.66 27.15
CA THR C 633 -40.57 -7.30 28.13
C THR C 633 -39.54 -8.40 28.28
N LEU C 634 -39.99 -9.65 28.30
CA LEU C 634 -39.05 -10.77 28.41
C LEU C 634 -38.16 -10.87 27.18
N LEU C 635 -38.72 -10.62 25.99
CA LEU C 635 -37.93 -10.68 24.77
C LEU C 635 -36.84 -9.62 24.77
N ILE C 636 -37.17 -8.39 25.19
CA ILE C 636 -36.18 -7.33 25.24
C ILE C 636 -35.13 -7.61 26.30
N LYS C 637 -35.55 -8.17 27.44
CA LYS C 637 -34.63 -8.37 28.56
C LYS C 637 -33.54 -9.39 28.22
N GLN C 638 -33.90 -10.49 27.55
CA GLN C 638 -32.99 -11.62 27.39
C GLN C 638 -32.52 -11.85 25.96
N TYR C 639 -33.03 -11.10 24.99
CA TYR C 639 -32.65 -11.31 23.60
C TYR C 639 -32.15 -10.07 22.89
N CYS C 640 -32.66 -8.88 23.23
CA CYS C 640 -32.33 -7.64 22.53
C CYS C 640 -31.75 -6.65 23.54
N ARG C 641 -30.43 -6.67 23.69
CA ARG C 641 -29.73 -5.79 24.60
C ARG C 641 -28.93 -4.70 23.90
N GLU C 642 -28.93 -4.67 22.57
CA GLU C 642 -28.18 -3.67 21.84
C GLU C 642 -28.88 -2.31 21.93
N SER C 643 -28.14 -1.27 21.57
CA SER C 643 -28.69 0.09 21.63
C SER C 643 -29.82 0.29 20.63
N GLY C 644 -29.68 -0.26 19.42
CA GLY C 644 -30.69 -0.12 18.40
C GLY C 644 -31.86 -1.05 18.59
N VAL C 645 -32.84 -0.92 17.69
CA VAL C 645 -34.04 -1.72 17.70
C VAL C 645 -34.10 -2.67 16.51
N ARG C 646 -33.03 -2.77 15.73
CA ARG C 646 -33.01 -3.69 14.60
C ARG C 646 -33.09 -5.13 15.06
N ASN C 647 -32.36 -5.47 16.13
CA ASN C 647 -32.44 -6.82 16.68
C ASN C 647 -33.82 -7.13 17.22
N LEU C 648 -34.44 -6.16 17.91
CA LEU C 648 -35.78 -6.36 18.44
C LEU C 648 -36.79 -6.56 17.32
N GLN C 649 -36.60 -5.85 16.20
CA GLN C 649 -37.50 -6.00 15.07
C GLN C 649 -37.47 -7.42 14.52
N LYS C 650 -36.28 -8.01 14.44
CA LYS C 650 -36.16 -9.39 13.95
C LYS C 650 -36.81 -10.38 14.90
N GLN C 651 -36.60 -10.20 16.21
CA GLN C 651 -37.18 -11.12 17.18
C GLN C 651 -38.70 -11.04 17.17
N VAL C 652 -39.26 -9.83 17.08
CA VAL C 652 -40.71 -9.68 17.00
C VAL C 652 -41.24 -10.31 15.72
N GLU C 653 -40.54 -10.08 14.61
CA GLU C 653 -40.95 -10.67 13.34
C GLU C 653 -40.90 -12.20 13.40
N LYS C 654 -39.88 -12.75 14.05
CA LYS C 654 -39.73 -14.20 14.13
C LYS C 654 -40.91 -14.83 14.86
N VAL C 655 -41.35 -14.24 15.96
CA VAL C 655 -42.47 -14.79 16.71
C VAL C 655 -43.74 -14.77 15.88
N LEU C 656 -44.02 -13.66 15.19
CA LEU C 656 -45.19 -13.58 14.34
C LEU C 656 -45.06 -14.52 13.14
N ARG C 657 -43.84 -14.69 12.63
CA ARG C 657 -43.61 -15.60 11.51
C ARG C 657 -43.95 -17.04 11.90
N LYS C 658 -43.50 -17.47 13.08
CA LYS C 658 -43.81 -18.82 13.54
C LYS C 658 -45.30 -19.01 13.75
N SER C 659 -45.97 -18.02 14.32
CA SER C 659 -47.41 -18.13 14.53
C SER C 659 -48.18 -18.15 13.22
N ALA C 660 -47.68 -17.42 12.21
CA ALA C 660 -48.34 -17.40 10.92
C ALA C 660 -48.34 -18.79 10.28
N TYR C 661 -47.22 -19.51 10.40
CA TYR C 661 -47.15 -20.86 9.84
C TYR C 661 -48.15 -21.79 10.51
N LYS C 662 -48.30 -21.69 11.83
CA LYS C 662 -49.22 -22.55 12.55
C LYS C 662 -50.65 -22.33 12.10
N ILE C 663 -51.05 -21.07 11.91
CA ILE C 663 -52.40 -20.76 11.44
C ILE C 663 -52.59 -21.24 10.00
N VAL C 664 -51.59 -20.99 9.14
CA VAL C 664 -51.69 -21.40 7.75
C VAL C 664 -51.75 -22.92 7.64
N SER C 665 -50.89 -23.63 8.38
CA SER C 665 -50.87 -25.08 8.32
C SER C 665 -52.08 -25.71 8.99
N GLY C 666 -52.89 -24.93 9.70
CA GLY C 666 -54.05 -25.48 10.39
C GLY C 666 -53.74 -26.06 11.76
N GLU C 667 -52.54 -25.83 12.28
CA GLU C 667 -52.21 -26.35 13.60
C GLU C 667 -53.09 -25.74 14.68
N ALA C 668 -53.35 -24.43 14.59
CA ALA C 668 -54.18 -23.75 15.57
C ALA C 668 -54.92 -22.61 14.89
N GLU C 669 -56.20 -22.46 15.22
CA GLU C 669 -56.98 -21.36 14.69
C GLU C 669 -56.45 -20.02 15.18
N SER C 670 -56.07 -19.95 16.46
CA SER C 670 -55.48 -18.75 17.03
C SER C 670 -54.26 -19.15 17.85
N VAL C 671 -53.26 -18.27 17.89
CA VAL C 671 -52.00 -18.53 18.58
C VAL C 671 -51.85 -17.53 19.70
N GLU C 672 -51.61 -18.03 20.91
CA GLU C 672 -51.39 -17.20 22.08
C GLU C 672 -49.97 -17.41 22.58
N VAL C 673 -49.23 -16.32 22.75
CA VAL C 673 -47.83 -16.36 23.14
C VAL C 673 -47.73 -16.03 24.63
N THR C 674 -47.01 -16.86 25.37
CA THR C 674 -46.80 -16.72 26.80
C THR C 674 -45.31 -16.82 27.09
N PRO C 675 -44.85 -16.31 28.23
CA PRO C 675 -43.43 -16.44 28.56
C PRO C 675 -42.95 -17.88 28.62
N GLU C 676 -43.83 -18.83 28.98
CA GLU C 676 -43.45 -20.23 28.95
C GLU C 676 -43.16 -20.71 27.52
N ASN C 677 -43.98 -20.28 26.56
CA ASN C 677 -43.83 -20.70 25.17
C ASN C 677 -42.93 -19.78 24.36
N LEU C 678 -42.36 -18.73 24.97
CA LEU C 678 -41.53 -17.80 24.22
C LEU C 678 -40.29 -18.48 23.67
N GLN C 679 -39.66 -19.36 24.45
CA GLN C 679 -38.44 -20.01 23.99
C GLN C 679 -38.68 -20.87 22.76
N ASP C 680 -39.86 -21.48 22.65
CA ASP C 680 -40.17 -22.29 21.47
C ASP C 680 -40.24 -21.44 20.22
N PHE C 681 -40.87 -20.26 20.31
CA PHE C 681 -41.05 -19.41 19.14
C PHE C 681 -39.77 -18.73 18.71
N VAL C 682 -38.98 -18.23 19.65
CA VAL C 682 -37.84 -17.38 19.33
C VAL C 682 -36.50 -18.08 19.50
N GLY C 683 -36.41 -19.13 20.31
CA GLY C 683 -35.20 -19.89 20.45
C GLY C 683 -34.62 -19.83 21.84
N LYS C 684 -33.33 -20.19 21.92
CA LYS C 684 -32.65 -20.23 23.21
C LYS C 684 -32.32 -18.82 23.68
N PRO C 685 -32.53 -18.53 24.97
CA PRO C 685 -32.19 -17.20 25.48
C PRO C 685 -30.70 -16.90 25.36
N VAL C 686 -30.39 -15.64 25.10
CA VAL C 686 -29.01 -15.21 24.92
C VAL C 686 -28.38 -14.77 26.23
N PHE C 687 -29.04 -13.85 26.94
CA PHE C 687 -28.54 -13.34 28.22
C PHE C 687 -29.42 -13.89 29.34
N THR C 688 -28.81 -14.61 30.26
CA THR C 688 -29.51 -15.19 31.40
C THR C 688 -28.88 -14.85 32.74
N VAL C 689 -27.57 -14.69 32.78
CA VAL C 689 -26.84 -14.41 34.02
C VAL C 689 -26.43 -12.94 34.00
N GLU C 690 -26.89 -12.19 35.01
CA GLU C 690 -26.58 -10.77 35.06
C GLU C 690 -25.28 -10.50 35.81
N ARG C 691 -24.92 -11.37 36.76
CA ARG C 691 -23.68 -11.24 37.51
C ARG C 691 -23.15 -12.63 37.83
N MET C 692 -21.84 -12.80 37.76
CA MET C 692 -21.22 -14.09 38.01
C MET C 692 -20.80 -14.27 39.47
N TYR C 693 -21.06 -13.29 40.32
CA TYR C 693 -20.76 -13.38 41.75
C TYR C 693 -21.99 -12.95 42.54
N ASP C 694 -22.65 -13.90 43.19
CA ASP C 694 -23.76 -13.55 44.07
C ASP C 694 -23.25 -12.89 45.35
N VAL C 695 -22.21 -13.47 45.96
CA VAL C 695 -21.54 -12.90 47.12
C VAL C 695 -20.06 -12.83 46.80
N THR C 696 -19.50 -11.62 46.85
CA THR C 696 -18.10 -11.43 46.48
C THR C 696 -17.19 -11.86 47.62
N PRO C 697 -16.27 -12.80 47.40
CA PRO C 697 -15.28 -13.12 48.42
C PRO C 697 -14.25 -12.01 48.54
N PRO C 698 -13.42 -12.03 49.57
CA PRO C 698 -12.37 -11.00 49.69
C PRO C 698 -11.47 -10.98 48.47
N GLY C 699 -11.12 -9.78 48.02
CA GLY C 699 -10.35 -9.60 46.82
C GLY C 699 -11.17 -9.44 45.55
N VAL C 700 -12.50 -9.50 45.63
CA VAL C 700 -13.37 -9.38 44.48
C VAL C 700 -14.22 -8.14 44.64
N VAL C 701 -14.17 -7.24 43.66
CA VAL C 701 -14.95 -6.01 43.65
C VAL C 701 -15.67 -5.89 42.31
N MET C 702 -16.96 -5.57 42.37
CA MET C 702 -17.74 -5.39 41.15
C MET C 702 -17.60 -3.95 40.65
N GLY C 703 -17.33 -3.82 39.35
CA GLY C 703 -17.23 -2.52 38.72
C GLY C 703 -18.18 -2.40 37.54
N LEU C 704 -18.12 -1.24 36.90
CA LEU C 704 -18.98 -0.93 35.77
C LEU C 704 -18.13 -0.64 34.54
N ALA C 705 -18.51 -1.21 33.40
CA ALA C 705 -17.79 -1.05 32.16
C ALA C 705 -18.77 -0.77 31.03
N TRP C 706 -18.26 -0.10 29.99
CA TRP C 706 -19.06 0.22 28.82
C TRP C 706 -19.04 -0.94 27.84
N THR C 707 -20.21 -1.34 27.36
CA THR C 707 -20.35 -2.42 26.40
C THR C 707 -21.35 -2.01 25.34
N ALA C 708 -21.18 -2.55 24.13
CA ALA C 708 -22.11 -2.25 23.05
C ALA C 708 -23.53 -2.70 23.38
N MET C 709 -23.66 -3.75 24.19
CA MET C 709 -24.98 -4.25 24.60
C MET C 709 -25.48 -3.53 25.84
N GLY C 710 -25.52 -2.20 25.78
CA GLY C 710 -26.04 -1.40 26.87
C GLY C 710 -25.21 -1.42 28.13
N GLY C 711 -23.92 -1.70 28.02
CA GLY C 711 -23.04 -1.77 29.17
C GLY C 711 -23.17 -3.09 29.92
N SER C 712 -22.17 -3.36 30.75
CA SER C 712 -22.16 -4.59 31.53
C SER C 712 -21.29 -4.39 32.76
N THR C 713 -21.56 -5.17 33.79
CA THR C 713 -20.76 -5.13 35.00
C THR C 713 -19.42 -5.82 34.78
N LEU C 714 -18.41 -5.37 35.53
CA LEU C 714 -17.06 -5.89 35.42
C LEU C 714 -16.57 -6.26 36.81
N PHE C 715 -16.00 -7.45 36.94
CA PHE C 715 -15.46 -7.91 38.22
C PHE C 715 -13.94 -7.93 38.18
N VAL C 716 -13.33 -7.63 39.33
CA VAL C 716 -11.88 -7.66 39.50
C VAL C 716 -11.58 -8.55 40.69
N GLU C 717 -10.88 -9.65 40.44
CA GLU C 717 -10.55 -10.62 41.48
C GLU C 717 -9.05 -10.77 41.58
N THR C 718 -8.55 -10.87 42.81
CA THR C 718 -7.13 -10.98 43.09
C THR C 718 -6.86 -12.19 43.97
N SER C 719 -5.65 -12.75 43.84
CA SER C 719 -5.25 -13.89 44.63
C SER C 719 -3.74 -13.90 44.77
N LEU C 720 -3.25 -14.71 45.71
CA LEU C 720 -1.83 -14.82 45.96
C LEU C 720 -1.17 -15.68 44.89
N ARG C 721 -0.15 -15.13 44.23
CA ARG C 721 0.63 -15.93 43.28
C ARG C 721 1.49 -16.95 44.01
N ARG C 722 2.08 -16.57 45.13
CA ARG C 722 2.97 -17.40 45.91
C ARG C 722 2.58 -17.35 47.38
N PRO C 723 2.86 -18.43 48.14
CA PRO C 723 2.53 -18.44 49.57
C PRO C 723 3.38 -17.47 50.38
N LYS C 732 11.98 -10.01 49.77
CA LYS C 732 12.42 -8.86 49.00
C LYS C 732 11.25 -7.94 48.65
N ASP C 733 10.87 -7.93 47.38
CA ASP C 733 9.82 -7.06 46.87
C ASP C 733 8.70 -7.88 46.25
N GLY C 734 7.47 -7.51 46.57
CA GLY C 734 6.33 -8.15 45.95
C GLY C 734 6.10 -7.66 44.53
N SER C 735 5.21 -8.35 43.83
CA SER C 735 4.91 -8.05 42.44
C SER C 735 3.43 -8.26 42.18
N LEU C 736 2.93 -7.59 41.14
CA LEU C 736 1.55 -7.72 40.70
C LEU C 736 1.52 -8.13 39.24
N GLU C 737 0.81 -9.21 38.94
CA GLU C 737 0.62 -9.69 37.58
C GLU C 737 -0.81 -9.40 37.14
N VAL C 738 -0.95 -8.80 35.96
CA VAL C 738 -2.24 -8.40 35.43
C VAL C 738 -2.57 -9.30 34.24
N THR C 739 -3.72 -9.96 34.30
CA THR C 739 -4.13 -10.89 33.27
C THR C 739 -5.43 -10.43 32.61
N GLY C 740 -5.72 -10.98 31.45
CA GLY C 740 -6.86 -10.57 30.66
C GLY C 740 -6.45 -9.69 29.50
N GLN C 741 -7.29 -9.65 28.48
CA GLN C 741 -6.98 -8.87 27.28
C GLN C 741 -7.17 -7.39 27.57
N LEU C 742 -6.24 -6.81 28.32
CA LEU C 742 -6.34 -5.43 28.76
C LEU C 742 -5.46 -4.53 27.90
N GLY C 743 -6.00 -3.36 27.55
CA GLY C 743 -5.27 -2.40 26.75
C GLY C 743 -4.18 -1.70 27.54
N GLU C 744 -3.40 -0.88 26.80
CA GLU C 744 -2.30 -0.17 27.43
C GLU C 744 -2.78 0.81 28.49
N VAL C 745 -3.88 1.51 28.21
CA VAL C 745 -4.43 2.44 29.20
C VAL C 745 -4.91 1.69 30.44
N MET C 746 -5.61 0.56 30.24
CA MET C 746 -6.07 -0.23 31.37
C MET C 746 -4.90 -0.84 32.12
N LYS C 747 -3.89 -1.34 31.40
CA LYS C 747 -2.73 -1.94 32.05
C LYS C 747 -1.97 -0.92 32.88
N GLU C 748 -1.82 0.29 32.35
CA GLU C 748 -1.15 1.34 33.12
C GLU C 748 -1.98 1.76 34.33
N SER C 749 -3.31 1.73 34.20
CA SER C 749 -4.17 2.06 35.32
C SER C 749 -3.98 1.11 36.49
N ALA C 750 -3.70 -0.16 36.20
CA ALA C 750 -3.42 -1.11 37.27
C ALA C 750 -2.12 -0.75 37.99
N ARG C 751 -1.11 -0.29 37.25
CA ARG C 751 0.14 0.13 37.88
C ARG C 751 -0.08 1.32 38.80
N ILE C 752 -0.88 2.30 38.36
CA ILE C 752 -1.17 3.45 39.21
C ILE C 752 -1.94 3.02 40.44
N ALA C 753 -2.94 2.14 40.26
CA ALA C 753 -3.72 1.66 41.38
C ALA C 753 -2.86 0.86 42.36
N TYR C 754 -1.95 0.04 41.85
CA TYR C 754 -1.09 -0.74 42.71
C TYR C 754 -0.18 0.14 43.56
N THR C 755 0.39 1.19 42.94
CA THR C 755 1.26 2.10 43.68
C THR C 755 0.49 2.85 44.75
N PHE C 756 -0.71 3.33 44.43
CA PHE C 756 -1.51 4.05 45.42
C PHE C 756 -1.99 3.13 46.52
N ALA C 757 -2.28 1.87 46.20
CA ALA C 757 -2.74 0.93 47.20
C ALA C 757 -1.67 0.70 48.27
N ARG C 758 -0.40 0.60 47.86
CA ARG C 758 0.68 0.46 48.82
C ARG C 758 0.76 1.69 49.73
N ALA C 759 0.66 2.88 49.14
CA ALA C 759 0.75 4.10 49.93
C ALA C 759 -0.44 4.27 50.85
N PHE C 760 -1.65 3.93 50.37
CA PHE C 760 -2.84 4.05 51.21
C PHE C 760 -2.78 3.11 52.40
N LEU C 761 -2.32 1.88 52.18
CA LEU C 761 -2.22 0.93 53.28
C LEU C 761 -1.15 1.32 54.28
N MET C 762 -0.11 2.03 53.83
CA MET C 762 0.96 2.46 54.73
C MET C 762 0.44 3.41 55.79
N GLN C 763 -0.40 4.38 55.39
CA GLN C 763 -0.91 5.35 56.34
C GLN C 763 -2.16 4.86 57.06
N HIS C 764 -2.77 3.77 56.60
CA HIS C 764 -3.97 3.22 57.23
C HIS C 764 -3.65 2.04 58.14
N ALA C 765 -2.86 1.09 57.66
CA ALA C 765 -2.43 -0.07 58.44
C ALA C 765 -0.92 -0.18 58.31
N PRO C 766 -0.17 0.61 59.09
CA PRO C 766 1.30 0.58 58.96
C PRO C 766 1.91 -0.77 59.20
N ALA C 767 1.35 -1.58 60.11
CA ALA C 767 1.91 -2.89 60.40
C ALA C 767 1.61 -3.90 59.29
N ASN C 768 0.71 -3.59 58.37
CA ASN C 768 0.34 -4.51 57.31
C ASN C 768 1.31 -4.37 56.14
N ASP C 769 2.08 -5.43 55.87
CA ASP C 769 3.03 -5.47 54.77
C ASP C 769 2.58 -6.43 53.67
N TYR C 770 1.28 -6.66 53.56
CA TYR C 770 0.77 -7.61 52.58
C TYR C 770 1.04 -7.14 51.15
N LEU C 771 0.83 -5.85 50.89
CA LEU C 771 0.91 -5.34 49.53
C LEU C 771 2.33 -5.11 49.05
N VAL C 772 3.32 -5.07 49.94
CA VAL C 772 4.68 -4.71 49.55
C VAL C 772 5.54 -5.97 49.41
N THR C 773 5.17 -7.04 50.10
CA THR C 773 5.96 -8.26 50.11
C THR C 773 5.35 -9.40 49.30
N SER C 774 4.04 -9.60 49.40
CA SER C 774 3.40 -10.72 48.74
C SER C 774 3.29 -10.49 47.24
N HIS C 775 3.20 -11.60 46.49
CA HIS C 775 3.00 -11.57 45.05
C HIS C 775 1.53 -11.80 44.77
N ILE C 776 0.90 -10.86 44.05
CA ILE C 776 -0.54 -10.86 43.86
C ILE C 776 -0.84 -10.99 42.36
N HIS C 777 -1.80 -11.85 42.03
CA HIS C 777 -2.27 -12.01 40.67
C HIS C 777 -3.61 -11.31 40.52
N LEU C 778 -3.71 -10.41 39.54
CA LEU C 778 -4.93 -9.69 39.23
C LEU C 778 -5.42 -10.10 37.86
N HIS C 779 -6.69 -10.48 37.76
CA HIS C 779 -7.27 -10.93 36.52
C HIS C 779 -8.72 -10.48 36.42
N VAL C 780 -9.13 -10.03 35.25
CA VAL C 780 -10.50 -9.64 34.97
C VAL C 780 -11.15 -10.75 34.16
N PRO C 781 -12.27 -11.32 34.60
CA PRO C 781 -12.86 -12.47 33.91
C PRO C 781 -13.31 -12.16 32.49
N GLU C 782 -13.88 -13.15 31.82
CA GLU C 782 -14.13 -13.14 30.37
C GLU C 782 -12.95 -12.53 29.62
N GLY C 783 -11.80 -13.17 29.78
CA GLY C 783 -10.57 -12.68 29.20
C GLY C 783 -10.54 -12.69 27.70
N ALA C 784 -11.48 -13.41 27.06
CA ALA C 784 -11.55 -13.40 25.60
C ALA C 784 -11.90 -12.01 25.08
N THR C 785 -12.82 -11.32 25.75
CA THR C 785 -13.23 -9.99 25.32
C THR C 785 -12.17 -8.98 25.70
N PRO C 786 -11.65 -8.20 24.75
CA PRO C 786 -10.66 -7.16 25.09
C PRO C 786 -11.28 -6.06 25.94
N LYS C 787 -10.45 -5.48 26.79
CA LYS C 787 -10.87 -4.40 27.68
C LYS C 787 -9.85 -3.27 27.64
N ASP C 788 -10.34 -2.04 27.78
CA ASP C 788 -9.47 -0.88 27.78
C ASP C 788 -10.17 0.26 28.50
N GLY C 789 -9.38 1.26 28.90
CA GLY C 789 -9.91 2.43 29.57
C GLY C 789 -9.49 2.52 31.03
N PRO C 790 -9.42 3.74 31.54
CA PRO C 790 -9.05 3.93 32.95
C PRO C 790 -10.26 3.86 33.88
N SER C 791 -11.37 3.31 33.37
CA SER C 791 -12.62 3.32 34.12
C SER C 791 -12.50 2.57 35.44
N ALA C 792 -11.81 1.42 35.44
CA ALA C 792 -11.72 0.55 36.59
C ALA C 792 -10.53 0.88 37.49
N GLY C 793 -10.07 2.13 37.49
CA GLY C 793 -8.94 2.48 38.33
C GLY C 793 -9.25 2.36 39.81
N CYS C 794 -10.42 2.85 40.23
CA CYS C 794 -10.79 2.78 41.64
C CYS C 794 -11.20 1.37 42.04
N THR C 795 -11.67 0.58 41.07
CA THR C 795 -12.05 -0.81 41.37
C THR C 795 -10.84 -1.65 41.74
N ILE C 796 -9.71 -1.42 41.07
CA ILE C 796 -8.50 -2.19 41.36
C ILE C 796 -7.98 -1.89 42.76
N VAL C 797 -8.05 -0.63 43.18
CA VAL C 797 -7.58 -0.26 44.52
C VAL C 797 -8.40 -0.99 45.58
N THR C 798 -9.72 -1.05 45.39
CA THR C 798 -10.58 -1.75 46.34
C THR C 798 -10.27 -3.24 46.38
N ALA C 799 -10.02 -3.84 45.20
CA ALA C 799 -9.70 -5.27 45.15
C ALA C 799 -8.39 -5.56 45.88
N LEU C 800 -7.36 -4.74 45.65
CA LEU C 800 -6.09 -4.94 46.33
C LEU C 800 -6.22 -4.69 47.83
N LEU C 801 -6.96 -3.66 48.22
CA LEU C 801 -7.15 -3.36 49.63
C LEU C 801 -7.96 -4.45 50.32
N SER C 802 -9.00 -4.95 49.66
CA SER C 802 -9.81 -6.01 50.25
C SER C 802 -8.99 -7.28 50.46
N LEU C 803 -8.16 -7.64 49.48
CA LEU C 803 -7.31 -8.82 49.63
C LEU C 803 -6.29 -8.63 50.74
N ALA C 804 -5.67 -7.45 50.83
CA ALA C 804 -4.66 -7.21 51.84
C ALA C 804 -5.24 -7.26 53.25
N MET C 805 -6.41 -6.63 53.44
CA MET C 805 -7.05 -6.63 54.74
C MET C 805 -7.83 -7.91 55.03
N GLY C 806 -8.06 -8.74 54.02
CA GLY C 806 -8.85 -9.94 54.20
C GLY C 806 -10.30 -9.67 54.56
N ARG C 807 -10.88 -8.62 54.01
CA ARG C 807 -12.24 -8.23 54.30
C ARG C 807 -13.05 -8.14 53.01
N PRO C 808 -14.16 -8.84 52.89
CA PRO C 808 -15.01 -8.68 51.71
C PRO C 808 -15.63 -7.29 51.66
N VAL C 809 -15.86 -6.82 50.43
CA VAL C 809 -16.47 -5.51 50.24
C VAL C 809 -17.98 -5.61 50.51
N ARG C 810 -18.61 -4.45 50.64
CA ARG C 810 -20.05 -4.40 50.86
C ARG C 810 -20.78 -5.09 49.72
N GLN C 811 -21.74 -5.94 50.08
CA GLN C 811 -22.49 -6.68 49.08
C GLN C 811 -23.39 -5.73 48.28
N ASN C 812 -23.55 -6.04 46.99
CA ASN C 812 -24.31 -5.21 46.07
C ASN C 812 -23.77 -3.78 46.04
N LEU C 813 -22.47 -3.65 45.75
CA LEU C 813 -21.81 -2.36 45.63
C LEU C 813 -20.95 -2.36 44.38
N ALA C 814 -21.09 -1.31 43.57
CA ALA C 814 -20.33 -1.16 42.34
C ALA C 814 -19.70 0.22 42.29
N MET C 815 -18.52 0.31 41.69
CA MET C 815 -17.79 1.56 41.62
C MET C 815 -17.07 1.66 40.28
N THR C 816 -16.81 2.90 39.87
CA THR C 816 -16.06 3.16 38.64
C THR C 816 -15.44 4.55 38.76
N GLY C 817 -14.41 4.77 37.94
CA GLY C 817 -13.74 6.07 37.93
C GLY C 817 -12.23 5.99 37.92
N GLU C 818 -11.61 6.84 37.11
CA GLU C 818 -10.16 6.87 37.03
C GLU C 818 -9.56 7.42 38.33
N VAL C 819 -8.45 6.83 38.75
CA VAL C 819 -7.77 7.24 39.98
C VAL C 819 -6.31 7.53 39.66
N SER C 820 -5.71 8.41 40.45
CA SER C 820 -4.30 8.74 40.38
C SER C 820 -3.59 8.23 41.64
N LEU C 821 -2.26 8.28 41.61
CA LEU C 821 -1.49 7.78 42.75
C LEU C 821 -1.67 8.65 44.00
N THR C 822 -2.13 9.88 43.84
CA THR C 822 -2.43 10.70 45.00
C THR C 822 -3.73 10.28 45.68
N GLY C 823 -4.66 9.70 44.92
CA GLY C 823 -5.94 9.26 45.45
C GLY C 823 -7.14 10.01 44.88
N LYS C 824 -6.95 10.99 44.01
CA LYS C 824 -8.08 11.72 43.44
C LYS C 824 -8.84 10.82 42.47
N ILE C 825 -10.16 10.97 42.46
CA ILE C 825 -11.04 10.23 41.55
C ILE C 825 -11.34 11.13 40.36
N LEU C 826 -11.07 10.64 39.16
CA LEU C 826 -11.28 11.45 37.97
C LEU C 826 -12.54 11.01 37.23
N PRO C 827 -13.21 11.93 36.56
CA PRO C 827 -14.45 11.57 35.86
C PRO C 827 -14.20 10.60 34.72
N VAL C 828 -15.21 9.77 34.45
CA VAL C 828 -15.15 8.77 33.39
C VAL C 828 -16.40 8.90 32.53
N GLY C 829 -16.29 8.40 31.30
CA GLY C 829 -17.39 8.44 30.38
C GLY C 829 -18.33 7.25 30.55
N GLY C 830 -19.40 7.26 29.77
CA GLY C 830 -20.37 6.18 29.80
C GLY C 830 -21.12 6.06 31.11
N ILE C 831 -21.52 7.20 31.69
CA ILE C 831 -22.27 7.16 32.94
C ILE C 831 -23.63 6.49 32.73
N LYS C 832 -24.31 6.81 31.63
CA LYS C 832 -25.62 6.23 31.36
C LYS C 832 -25.53 4.72 31.20
N GLU C 833 -24.55 4.24 30.44
CA GLU C 833 -24.39 2.81 30.25
C GLU C 833 -24.04 2.11 31.56
N ALA C 834 -23.18 2.73 32.37
CA ALA C 834 -22.85 2.14 33.67
C ALA C 834 -24.07 2.11 34.59
N THR C 835 -24.87 3.18 34.58
CA THR C 835 -26.07 3.21 35.41
C THR C 835 -27.08 2.17 34.96
N ILE C 836 -27.28 2.02 33.64
CA ILE C 836 -28.20 1.02 33.13
C ILE C 836 -27.72 -0.38 33.47
N ALA C 837 -26.43 -0.64 33.28
CA ALA C 837 -25.88 -1.95 33.61
C ALA C 837 -25.98 -2.23 35.10
N ALA C 838 -25.83 -1.20 35.93
CA ALA C 838 -25.94 -1.39 37.37
C ALA C 838 -27.35 -1.81 37.76
N LYS C 839 -28.37 -1.11 37.26
CA LYS C 839 -29.74 -1.45 37.60
C LYS C 839 -30.11 -2.84 37.08
N ARG C 840 -29.54 -3.24 35.94
CA ARG C 840 -29.80 -4.56 35.41
C ARG C 840 -29.24 -5.65 36.33
N ALA C 841 -28.06 -5.41 36.91
CA ALA C 841 -27.42 -6.38 37.78
C ALA C 841 -27.97 -6.37 39.20
N GLY C 842 -28.87 -5.43 39.51
CA GLY C 842 -29.46 -5.38 40.84
C GLY C 842 -28.51 -4.97 41.94
N VAL C 843 -27.62 -4.02 41.67
CA VAL C 843 -26.74 -3.47 42.70
C VAL C 843 -27.37 -2.20 43.26
N THR C 844 -27.49 -2.15 44.58
CA THR C 844 -28.19 -1.06 45.26
C THR C 844 -27.33 0.20 45.42
N CYS C 845 -26.04 0.05 45.67
CA CYS C 845 -25.15 1.18 45.93
C CYS C 845 -24.14 1.30 44.80
N ILE C 846 -24.05 2.49 44.22
CA ILE C 846 -23.14 2.77 43.12
C ILE C 846 -22.29 3.98 43.49
N VAL C 847 -20.97 3.87 43.27
CA VAL C 847 -20.03 4.94 43.55
C VAL C 847 -19.58 5.56 42.24
N LEU C 848 -19.70 6.87 42.13
CA LEU C 848 -19.35 7.60 40.92
C LEU C 848 -18.45 8.77 41.26
N PRO C 849 -17.61 9.21 40.33
CA PRO C 849 -16.82 10.43 40.56
C PRO C 849 -17.70 11.64 40.74
N ALA C 850 -17.24 12.57 41.58
CA ALA C 850 -18.01 13.79 41.84
C ALA C 850 -18.11 14.66 40.59
N GLU C 851 -17.11 14.61 39.72
CA GLU C 851 -17.15 15.39 38.48
C GLU C 851 -18.17 14.88 37.48
N ASN C 852 -18.74 13.70 37.71
CA ASN C 852 -19.77 13.13 36.85
C ASN C 852 -21.16 13.34 37.41
N LYS C 853 -21.32 14.24 38.38
CA LYS C 853 -22.63 14.47 38.98
C LYS C 853 -23.62 15.02 37.96
N LYS C 854 -23.16 15.93 37.09
CA LYS C 854 -24.05 16.47 36.07
C LYS C 854 -24.52 15.39 35.10
N ASP C 855 -23.62 14.48 34.73
CA ASP C 855 -23.99 13.41 33.80
C ASP C 855 -25.05 12.49 34.41
N PHE C 856 -24.88 12.14 35.68
CA PHE C 856 -25.84 11.24 36.33
C PHE C 856 -27.21 11.89 36.43
N TYR C 857 -27.27 13.16 36.79
CA TYR C 857 -28.55 13.86 36.92
C TYR C 857 -29.12 14.29 35.59
N ASP C 858 -28.36 14.16 34.50
CA ASP C 858 -28.87 14.40 33.16
C ASP C 858 -29.70 13.24 32.63
N LEU C 859 -29.70 12.10 33.31
CA LEU C 859 -30.41 10.92 32.86
C LEU C 859 -31.90 11.04 33.17
N ALA C 860 -32.67 10.12 32.60
CA ALA C 860 -34.11 10.10 32.84
C ALA C 860 -34.40 9.70 34.28
N ALA C 861 -35.57 10.13 34.77
CA ALA C 861 -35.95 9.87 36.15
C ALA C 861 -36.08 8.38 36.43
N PHE C 862 -36.67 7.63 35.50
CA PHE C 862 -36.86 6.20 35.72
C PHE C 862 -35.55 5.41 35.64
N ILE C 863 -34.53 5.95 34.97
CA ILE C 863 -33.25 5.25 34.88
C ILE C 863 -32.56 5.23 36.24
N THR C 864 -32.54 6.37 36.92
CA THR C 864 -31.82 6.52 38.18
C THR C 864 -32.69 6.29 39.40
N GLU C 865 -33.97 5.97 39.22
CA GLU C 865 -34.86 5.75 40.36
C GLU C 865 -34.47 4.49 41.12
N GLY C 866 -34.48 4.59 42.44
CA GLY C 866 -34.18 3.46 43.28
C GLY C 866 -32.70 3.15 43.46
N LEU C 867 -31.82 4.01 42.96
CA LEU C 867 -30.38 3.79 43.04
C LEU C 867 -29.78 4.75 44.07
N GLU C 868 -28.99 4.20 44.99
CA GLU C 868 -28.26 5.00 45.97
C GLU C 868 -26.89 5.31 45.41
N VAL C 869 -26.71 6.51 44.89
CA VAL C 869 -25.48 6.92 44.23
C VAL C 869 -24.64 7.74 45.21
N HIS C 870 -23.34 7.46 45.24
CA HIS C 870 -22.40 8.19 46.08
C HIS C 870 -21.36 8.86 45.19
N PHE C 871 -21.16 10.17 45.39
CA PHE C 871 -20.20 10.96 44.63
C PHE C 871 -19.01 11.26 45.52
N VAL C 872 -17.80 10.98 45.01
CA VAL C 872 -16.58 11.11 45.79
C VAL C 872 -15.57 11.92 45.00
N GLU C 873 -14.66 12.57 45.73
CA GLU C 873 -13.54 13.30 45.14
C GLU C 873 -12.20 12.65 45.41
N HIS C 874 -12.05 11.98 46.55
CA HIS C 874 -10.84 11.26 46.90
C HIS C 874 -11.20 9.82 47.27
N TYR C 875 -10.22 8.93 47.11
CA TYR C 875 -10.47 7.51 47.39
C TYR C 875 -10.74 7.25 48.86
N ARG C 876 -10.27 8.12 49.76
CA ARG C 876 -10.50 7.89 51.19
C ARG C 876 -11.98 7.88 51.52
N GLU C 877 -12.81 8.53 50.69
CA GLU C 877 -14.25 8.43 50.86
C GLU C 877 -14.79 7.10 50.36
N ILE C 878 -14.18 6.54 49.32
CA ILE C 878 -14.58 5.22 48.83
C ILE C 878 -14.27 4.15 49.87
N PHE C 879 -13.16 4.30 50.58
CA PHE C 879 -12.77 3.30 51.58
C PHE C 879 -13.82 3.18 52.68
N ASP C 880 -14.38 4.31 53.12
CA ASP C 880 -15.41 4.27 54.15
C ASP C 880 -16.66 3.57 53.65
N ILE C 881 -17.06 3.84 52.40
CA ILE C 881 -18.25 3.20 51.84
C ILE C 881 -17.99 1.71 51.62
N ALA C 882 -16.84 1.38 51.03
CA ALA C 882 -16.54 -0.01 50.72
C ALA C 882 -16.36 -0.84 51.98
N PHE C 883 -15.72 -0.28 53.01
CA PHE C 883 -15.43 -0.97 54.27
C PHE C 883 -16.00 -0.13 55.41
N PRO C 884 -17.29 -0.27 55.70
CA PRO C 884 -17.88 0.51 56.81
C PRO C 884 -17.22 0.25 58.16
N ASP C 885 -16.77 -0.97 58.39
CA ASP C 885 -16.10 -1.31 59.64
C ASP C 885 -14.72 -0.66 59.68
N GLU D 346 -36.67 -0.60 -44.82
CA GLU D 346 -35.51 0.10 -45.35
C GLU D 346 -35.62 1.60 -45.07
N LYS D 347 -34.48 2.24 -44.85
CA LYS D 347 -34.41 3.67 -44.51
C LYS D 347 -35.25 3.98 -43.28
N ASP D 348 -35.23 3.06 -42.31
CA ASP D 348 -35.99 3.21 -41.07
C ASP D 348 -35.14 2.79 -39.88
N ASP D 349 -33.83 3.05 -39.96
CA ASP D 349 -32.94 2.65 -38.87
C ASP D 349 -33.30 3.37 -37.57
N LYS D 350 -33.58 4.67 -37.64
CA LYS D 350 -34.06 5.38 -36.46
C LYS D 350 -35.42 4.83 -36.03
N ASP D 351 -36.32 4.61 -36.98
CA ASP D 351 -37.64 4.09 -36.63
C ASP D 351 -37.55 2.67 -36.06
N ALA D 352 -36.73 1.81 -36.66
CA ALA D 352 -36.65 0.43 -36.21
C ALA D 352 -36.11 0.34 -34.79
N ILE D 353 -35.06 1.11 -34.49
CA ILE D 353 -34.51 1.10 -33.14
C ILE D 353 -35.52 1.65 -32.14
N GLU D 354 -36.16 2.76 -32.49
CA GLU D 354 -37.15 3.37 -31.60
C GLU D 354 -38.36 2.46 -31.41
N GLU D 355 -38.86 1.86 -32.50
CA GLU D 355 -40.02 0.99 -32.39
C GLU D 355 -39.69 -0.28 -31.61
N LYS D 356 -38.50 -0.84 -31.83
CA LYS D 356 -38.10 -2.04 -31.08
C LYS D 356 -38.02 -1.74 -29.59
N PHE D 357 -37.44 -0.60 -29.22
CA PHE D 357 -37.36 -0.23 -27.81
C PHE D 357 -38.76 -0.01 -27.23
N ARG D 358 -39.65 0.63 -27.98
CA ARG D 358 -40.99 0.90 -27.48
C ARG D 358 -41.77 -0.39 -27.25
N GLU D 359 -41.57 -1.39 -28.12
CA GLU D 359 -42.29 -2.65 -27.97
C GLU D 359 -41.88 -3.38 -26.69
N ARG D 360 -40.66 -3.13 -26.21
CA ARG D 360 -40.19 -3.81 -25.01
C ARG D 360 -40.98 -3.39 -23.77
N LEU D 361 -41.37 -2.11 -23.71
CA LEU D 361 -42.11 -1.62 -22.56
C LEU D 361 -43.61 -1.93 -22.63
N LYS D 362 -44.08 -2.51 -23.73
CA LYS D 362 -45.51 -2.80 -23.85
C LYS D 362 -45.98 -3.83 -22.82
N GLU D 363 -45.14 -4.82 -22.53
CA GLU D 363 -45.49 -5.90 -21.62
C GLU D 363 -44.94 -5.72 -20.23
N LEU D 364 -44.42 -4.53 -19.89
CA LEU D 364 -43.86 -4.26 -18.58
C LEU D 364 -44.65 -3.14 -17.91
N VAL D 365 -44.79 -3.23 -16.59
CA VAL D 365 -45.45 -2.20 -15.80
C VAL D 365 -44.37 -1.18 -15.45
N VAL D 366 -44.19 -0.21 -16.34
CA VAL D 366 -43.11 0.77 -16.21
C VAL D 366 -43.51 1.79 -15.14
N PRO D 367 -42.65 2.04 -14.15
CA PRO D 367 -42.96 3.08 -13.15
C PRO D 367 -42.95 4.47 -13.78
N LYS D 368 -43.63 5.39 -13.10
CA LYS D 368 -43.76 6.75 -13.62
C LYS D 368 -42.40 7.43 -13.76
N HIS D 369 -41.52 7.26 -12.78
CA HIS D 369 -40.20 7.90 -12.84
C HIS D 369 -39.30 7.26 -13.88
N VAL D 370 -39.67 6.10 -14.41
CA VAL D 370 -38.80 5.39 -15.36
C VAL D 370 -39.08 5.83 -16.79
N MET D 371 -40.32 5.64 -17.26
CA MET D 371 -40.61 5.97 -18.64
C MET D 371 -40.61 7.47 -18.91
N ASP D 372 -40.68 8.30 -17.86
CA ASP D 372 -40.43 9.72 -18.03
C ASP D 372 -38.99 9.98 -18.46
N VAL D 373 -38.05 9.22 -17.90
CA VAL D 373 -36.65 9.38 -18.26
C VAL D 373 -36.40 8.91 -19.69
N VAL D 374 -36.96 7.76 -20.07
CA VAL D 374 -36.72 7.23 -21.40
C VAL D 374 -37.33 8.11 -22.48
N ASP D 375 -38.37 8.88 -22.15
CA ASP D 375 -38.95 9.80 -23.13
C ASP D 375 -37.95 10.88 -23.53
N GLU D 376 -37.24 11.45 -22.55
CA GLU D 376 -36.24 12.46 -22.87
C GLU D 376 -35.01 11.83 -23.52
N GLU D 377 -34.74 10.55 -23.23
CA GLU D 377 -33.66 9.86 -23.89
C GLU D 377 -34.03 9.52 -25.33
N LEU D 378 -35.25 9.02 -25.54
CA LEU D 378 -35.69 8.67 -26.89
C LEU D 378 -35.78 9.90 -27.78
N SER D 379 -36.27 11.01 -27.22
CA SER D 379 -36.31 12.26 -27.99
C SER D 379 -34.90 12.72 -28.33
N LYS D 380 -33.95 12.48 -27.44
CA LYS D 380 -32.56 12.84 -27.72
C LYS D 380 -32.00 12.02 -28.89
N LEU D 381 -32.43 10.76 -29.01
CA LEU D 381 -32.02 9.95 -30.15
C LEU D 381 -32.52 10.54 -31.45
N GLY D 382 -33.75 11.07 -31.46
CA GLY D 382 -34.29 11.64 -32.68
C GLY D 382 -33.50 12.83 -33.19
N LEU D 383 -32.99 13.65 -32.27
CA LEU D 383 -32.19 14.82 -32.63
C LEU D 383 -30.69 14.51 -32.72
N LEU D 384 -30.30 13.27 -32.46
CA LEU D 384 -28.89 12.88 -32.49
C LEU D 384 -28.56 12.23 -33.82
N ASP D 385 -27.29 12.33 -34.21
CA ASP D 385 -26.79 11.71 -35.43
C ASP D 385 -26.31 10.30 -35.12
N ASN D 386 -26.62 9.37 -36.03
CA ASN D 386 -26.28 7.96 -35.81
C ASN D 386 -24.77 7.76 -35.71
N HIS D 387 -24.00 8.44 -36.57
CA HIS D 387 -22.56 8.26 -36.59
C HIS D 387 -21.86 8.89 -35.39
N SER D 388 -22.55 9.70 -34.60
CA SER D 388 -21.92 10.36 -33.46
C SER D 388 -21.49 9.34 -32.42
N SER D 389 -20.37 9.63 -31.76
CA SER D 389 -19.91 8.76 -30.68
C SER D 389 -20.88 8.78 -29.50
N GLU D 390 -21.47 9.94 -29.23
CA GLU D 390 -22.47 10.04 -28.17
C GLU D 390 -23.69 9.19 -28.47
N PHE D 391 -23.98 8.98 -29.76
CA PHE D 391 -25.13 8.16 -30.15
C PHE D 391 -24.98 6.73 -29.65
N ASN D 392 -23.76 6.19 -29.69
CA ASN D 392 -23.54 4.83 -29.19
C ASN D 392 -23.79 4.75 -27.69
N VAL D 393 -23.38 5.77 -26.94
CA VAL D 393 -23.49 5.71 -25.49
C VAL D 393 -24.95 5.74 -25.05
N THR D 394 -25.74 6.65 -25.62
CA THR D 394 -27.13 6.77 -25.19
C THR D 394 -27.98 5.61 -25.69
N ARG D 395 -27.65 5.05 -26.85
CA ARG D 395 -28.37 3.88 -27.33
C ARG D 395 -28.19 2.69 -26.39
N ASN D 396 -26.96 2.49 -25.90
CA ASN D 396 -26.74 1.44 -24.91
C ASN D 396 -27.49 1.74 -23.61
N TYR D 397 -27.54 3.01 -23.21
CA TYR D 397 -28.29 3.37 -22.02
C TYR D 397 -29.78 3.11 -22.21
N LEU D 398 -30.32 3.44 -23.38
CA LEU D 398 -31.73 3.14 -23.65
C LEU D 398 -31.97 1.64 -23.71
N ASP D 399 -31.03 0.89 -24.30
CA ASP D 399 -31.17 -0.56 -24.33
C ASP D 399 -31.14 -1.14 -22.92
N TRP D 400 -30.26 -0.63 -22.06
CA TRP D 400 -30.21 -1.09 -20.68
C TRP D 400 -31.49 -0.73 -19.94
N LEU D 401 -32.04 0.46 -20.20
CA LEU D 401 -33.29 0.86 -19.56
C LEU D 401 -34.43 -0.05 -19.95
N THR D 402 -34.51 -0.43 -21.23
CA THR D 402 -35.57 -1.31 -21.70
C THR D 402 -35.34 -2.77 -21.30
N SER D 403 -34.11 -3.14 -20.97
CA SER D 403 -33.82 -4.52 -20.60
C SER D 403 -34.33 -4.84 -19.19
N ILE D 404 -34.55 -3.83 -18.37
CA ILE D 404 -34.99 -4.06 -16.99
C ILE D 404 -36.44 -4.53 -17.00
N PRO D 405 -36.76 -5.65 -16.38
CA PRO D 405 -38.15 -6.12 -16.35
C PRO D 405 -39.00 -5.37 -15.32
N TRP D 406 -39.49 -4.19 -15.68
CA TRP D 406 -40.28 -3.38 -14.76
C TRP D 406 -41.63 -4.05 -14.51
N GLY D 407 -41.90 -4.38 -13.25
CA GLY D 407 -43.18 -4.96 -12.90
C GLY D 407 -43.39 -6.39 -13.38
N LYS D 408 -42.31 -7.13 -13.60
CA LYS D 408 -42.41 -8.52 -14.04
C LYS D 408 -42.15 -9.43 -12.85
N TYR D 409 -43.14 -10.25 -12.51
CA TYR D 409 -43.05 -11.16 -11.38
C TYR D 409 -43.30 -12.58 -11.86
N SER D 410 -42.39 -13.49 -11.50
CA SER D 410 -42.57 -14.89 -11.84
C SER D 410 -43.66 -15.50 -10.97
N ASN D 411 -44.39 -16.46 -11.54
CA ASN D 411 -45.48 -17.12 -10.83
C ASN D 411 -44.89 -18.04 -9.78
N GLU D 412 -44.87 -17.57 -8.53
CA GLU D 412 -44.29 -18.33 -7.44
C GLU D 412 -45.22 -19.45 -6.99
N ASN D 413 -44.64 -20.47 -6.37
CA ASN D 413 -45.40 -21.58 -5.83
C ASN D 413 -45.71 -21.31 -4.36
N LEU D 414 -46.99 -21.32 -4.01
CA LEU D 414 -47.43 -21.05 -2.64
C LEU D 414 -48.04 -22.28 -1.98
N ASP D 415 -47.80 -23.46 -2.53
CA ASP D 415 -48.34 -24.70 -1.97
C ASP D 415 -47.36 -25.23 -0.92
N LEU D 416 -47.82 -25.28 0.33
CA LEU D 416 -46.95 -25.74 1.41
C LEU D 416 -46.56 -27.21 1.23
N ALA D 417 -47.52 -28.05 0.86
CA ALA D 417 -47.24 -29.47 0.69
C ALA D 417 -46.25 -29.72 -0.45
N ARG D 418 -46.44 -29.02 -1.57
CA ARG D 418 -45.56 -29.21 -2.72
C ARG D 418 -44.13 -28.76 -2.39
N ALA D 419 -43.99 -27.62 -1.72
CA ALA D 419 -42.65 -27.12 -1.39
C ALA D 419 -41.97 -28.01 -0.36
N GLN D 420 -42.73 -28.52 0.62
CA GLN D 420 -42.13 -29.38 1.64
C GLN D 420 -41.61 -30.67 1.03
N ALA D 421 -42.35 -31.26 0.10
CA ALA D 421 -41.90 -32.50 -0.53
C ALA D 421 -40.62 -32.28 -1.31
N VAL D 422 -40.51 -31.16 -2.03
CA VAL D 422 -39.31 -30.87 -2.80
C VAL D 422 -38.12 -30.69 -1.88
N LEU D 423 -38.30 -29.97 -0.77
CA LEU D 423 -37.19 -29.73 0.15
C LEU D 423 -36.72 -31.03 0.81
N GLU D 424 -37.67 -31.89 1.20
CA GLU D 424 -37.29 -33.14 1.88
C GLU D 424 -36.53 -34.08 0.95
N GLU D 425 -36.96 -34.18 -0.31
CA GLU D 425 -36.34 -35.11 -1.24
C GLU D 425 -35.00 -34.61 -1.78
N ASP D 426 -34.68 -33.34 -1.60
CA ASP D 426 -33.44 -32.79 -2.14
C ASP D 426 -32.29 -32.83 -1.16
N HIS D 427 -32.56 -32.72 0.14
CA HIS D 427 -31.51 -32.67 1.15
C HIS D 427 -31.96 -33.43 2.39
N TYR D 428 -30.99 -33.83 3.20
CA TYR D 428 -31.23 -34.55 4.43
C TYR D 428 -30.92 -33.64 5.62
N GLY D 429 -31.77 -33.69 6.64
CA GLY D 429 -31.56 -32.88 7.82
C GLY D 429 -31.73 -31.41 7.51
N MET D 430 -30.98 -30.58 8.25
CA MET D 430 -31.02 -29.12 8.08
C MET D 430 -32.45 -28.60 8.23
N GLU D 431 -33.08 -28.97 9.34
CA GLU D 431 -34.47 -28.58 9.59
C GLU D 431 -34.60 -27.08 9.76
N ASP D 432 -33.56 -26.42 10.28
CA ASP D 432 -33.63 -24.98 10.51
C ASP D 432 -33.83 -24.21 9.21
N VAL D 433 -33.11 -24.60 8.16
CA VAL D 433 -33.29 -23.94 6.87
C VAL D 433 -34.67 -24.24 6.28
N LYS D 434 -35.11 -25.49 6.40
CA LYS D 434 -36.42 -25.87 5.88
C LYS D 434 -37.54 -25.16 6.62
N LYS D 435 -37.40 -25.03 7.95
CA LYS D 435 -38.44 -24.37 8.74
C LYS D 435 -38.60 -22.91 8.33
N ARG D 436 -37.48 -22.22 8.08
CA ARG D 436 -37.55 -20.82 7.67
C ARG D 436 -38.23 -20.69 6.31
N ILE D 437 -37.93 -21.60 5.38
CA ILE D 437 -38.55 -21.55 4.06
C ILE D 437 -40.05 -21.83 4.15
N LEU D 438 -40.44 -22.80 4.98
CA LEU D 438 -41.85 -23.10 5.14
C LEU D 438 -42.61 -21.92 5.73
N GLU D 439 -42.03 -21.24 6.72
CA GLU D 439 -42.64 -20.04 7.26
C GLU D 439 -42.69 -18.92 6.22
N PHE D 440 -41.71 -18.87 5.32
CA PHE D 440 -41.72 -17.86 4.27
C PHE D 440 -42.92 -18.04 3.35
N ILE D 441 -43.23 -19.28 2.98
CA ILE D 441 -44.38 -19.54 2.13
C ILE D 441 -45.68 -19.22 2.87
N ALA D 442 -45.75 -19.60 4.15
CA ALA D 442 -46.96 -19.33 4.93
C ALA D 442 -47.21 -17.83 5.05
N VAL D 443 -46.16 -17.05 5.28
CA VAL D 443 -46.31 -15.59 5.35
C VAL D 443 -46.79 -15.05 4.00
N SER D 444 -46.23 -15.58 2.90
CA SER D 444 -46.64 -15.13 1.58
C SER D 444 -48.11 -15.44 1.32
N GLN D 445 -48.58 -16.61 1.78
CA GLN D 445 -49.99 -16.94 1.62
C GLN D 445 -50.88 -15.97 2.39
N LEU D 446 -50.49 -15.63 3.62
CA LEU D 446 -51.25 -14.65 4.39
C LEU D 446 -51.13 -13.26 3.77
N ARG D 447 -49.95 -12.92 3.27
CA ARG D 447 -49.76 -11.62 2.63
C ARG D 447 -50.60 -11.50 1.36
N GLY D 448 -50.69 -12.57 0.58
CA GLY D 448 -51.38 -12.52 -0.69
C GLY D 448 -50.58 -11.96 -1.83
N SER D 449 -49.29 -11.69 -1.63
CA SER D 449 -48.44 -11.14 -2.67
C SER D 449 -47.01 -11.58 -2.43
N THR D 450 -46.20 -11.50 -3.48
CA THR D 450 -44.81 -11.90 -3.38
C THR D 450 -44.05 -10.99 -2.41
N GLN D 451 -43.07 -11.55 -1.72
CA GLN D 451 -42.28 -10.81 -0.76
C GLN D 451 -40.84 -11.29 -0.83
N GLY D 452 -39.94 -10.45 -0.31
CA GLY D 452 -38.52 -10.75 -0.31
C GLY D 452 -37.94 -10.67 1.09
N LYS D 453 -36.89 -11.44 1.32
CA LYS D 453 -36.22 -11.48 2.62
C LYS D 453 -34.73 -11.60 2.41
N ILE D 454 -33.97 -11.22 3.43
CA ILE D 454 -32.52 -11.34 3.43
C ILE D 454 -32.14 -12.39 4.47
N LEU D 455 -31.51 -13.47 4.01
CA LEU D 455 -31.12 -14.58 4.86
C LEU D 455 -29.63 -14.86 4.71
N CYS D 456 -29.02 -15.33 5.79
CA CYS D 456 -27.61 -15.69 5.78
C CYS D 456 -27.44 -17.07 6.39
N PHE D 457 -26.76 -17.95 5.67
CA PHE D 457 -26.44 -19.30 6.14
C PHE D 457 -24.95 -19.36 6.46
N TYR D 458 -24.63 -19.73 7.70
CA TYR D 458 -23.25 -19.84 8.13
C TYR D 458 -23.01 -21.20 8.76
N GLY D 459 -21.84 -21.76 8.49
CA GLY D 459 -21.47 -23.06 9.00
C GLY D 459 -20.18 -23.57 8.39
N PRO D 460 -19.85 -24.83 8.66
CA PRO D 460 -18.62 -25.40 8.10
C PRO D 460 -18.71 -25.51 6.58
N PRO D 461 -17.57 -25.64 5.90
CA PRO D 461 -17.61 -25.88 4.46
C PRO D 461 -18.20 -27.25 4.13
N GLY D 462 -18.83 -27.34 2.97
CA GLY D 462 -19.38 -28.60 2.52
C GLY D 462 -20.54 -29.15 3.33
N VAL D 463 -21.47 -28.29 3.74
CA VAL D 463 -22.64 -28.73 4.48
C VAL D 463 -23.89 -28.39 3.67
N GLY D 464 -23.73 -28.33 2.35
CA GLY D 464 -24.87 -28.11 1.47
C GLY D 464 -25.49 -26.74 1.55
N LYS D 465 -24.75 -25.74 2.01
CA LYS D 465 -25.30 -24.39 2.09
C LYS D 465 -25.62 -23.83 0.71
N THR D 466 -24.71 -24.01 -0.24
CA THR D 466 -24.96 -23.52 -1.60
C THR D 466 -25.91 -24.42 -2.36
N SER D 467 -25.88 -25.73 -2.09
CA SER D 467 -26.70 -26.67 -2.84
C SER D 467 -28.19 -26.42 -2.60
N ILE D 468 -28.58 -26.14 -1.35
CA ILE D 468 -29.99 -25.96 -1.05
C ILE D 468 -30.53 -24.65 -1.63
N ALA D 469 -29.66 -23.71 -2.00
CA ALA D 469 -30.12 -22.48 -2.62
C ALA D 469 -30.81 -22.76 -3.95
N ARG D 470 -30.24 -23.65 -4.76
CA ARG D 470 -30.89 -24.06 -5.99
C ARG D 470 -32.19 -24.81 -5.70
N SER D 471 -32.18 -25.66 -4.67
CA SER D 471 -33.38 -26.40 -4.31
C SER D 471 -34.50 -25.47 -3.86
N ILE D 472 -34.16 -24.45 -3.07
CA ILE D 472 -35.18 -23.52 -2.58
C ILE D 472 -35.78 -22.74 -3.75
N ALA D 473 -34.94 -22.28 -4.67
CA ALA D 473 -35.43 -21.52 -5.82
C ALA D 473 -36.35 -22.37 -6.68
N ARG D 474 -36.01 -23.64 -6.88
CA ARG D 474 -36.88 -24.54 -7.64
C ARG D 474 -38.19 -24.77 -6.89
N ALA D 475 -38.13 -24.93 -5.56
CA ALA D 475 -39.34 -25.13 -4.78
C ALA D 475 -40.23 -23.89 -4.82
N LEU D 476 -39.64 -22.70 -4.77
CA LEU D 476 -40.38 -21.45 -4.79
C LEU D 476 -40.66 -20.96 -6.20
N ASN D 477 -40.21 -21.68 -7.23
CA ASN D 477 -40.40 -21.29 -8.62
C ASN D 477 -39.82 -19.90 -8.90
N ARG D 478 -38.61 -19.66 -8.43
CA ARG D 478 -37.94 -18.38 -8.59
C ARG D 478 -36.67 -18.56 -9.41
N GLU D 479 -36.32 -17.53 -10.17
CA GLU D 479 -35.08 -17.54 -10.93
C GLU D 479 -33.89 -17.52 -9.99
N TYR D 480 -32.80 -18.17 -10.40
CA TYR D 480 -31.61 -18.33 -9.57
C TYR D 480 -30.44 -17.57 -10.18
N PHE D 481 -29.79 -16.75 -9.35
CA PHE D 481 -28.57 -16.06 -9.72
C PHE D 481 -27.55 -16.25 -8.61
N ARG D 482 -26.30 -16.53 -8.98
CA ARG D 482 -25.24 -16.77 -8.00
C ARG D 482 -24.01 -15.95 -8.37
N PHE D 483 -23.48 -15.24 -7.38
CA PHE D 483 -22.18 -14.59 -7.51
C PHE D 483 -21.60 -14.39 -6.12
N SER D 484 -20.28 -14.28 -6.06
CA SER D 484 -19.55 -14.23 -4.81
C SER D 484 -18.87 -12.89 -4.62
N VAL D 485 -18.67 -12.51 -3.36
CA VAL D 485 -17.98 -11.29 -2.98
C VAL D 485 -16.67 -11.58 -2.26
N GLY D 486 -16.19 -12.82 -2.31
CA GLY D 486 -14.90 -13.15 -1.72
C GLY D 486 -13.75 -12.42 -2.39
N GLY D 487 -12.91 -11.77 -1.60
CA GLY D 487 -11.81 -11.02 -2.14
C GLY D 487 -12.21 -9.81 -2.96
N MET D 488 -13.44 -9.31 -2.75
CA MET D 488 -13.95 -8.17 -3.49
C MET D 488 -13.53 -6.88 -2.80
N THR D 489 -12.89 -5.98 -3.55
CA THR D 489 -12.41 -4.72 -2.99
C THR D 489 -12.76 -3.53 -3.88
N ASP D 490 -13.83 -3.64 -4.68
CA ASP D 490 -14.25 -2.57 -5.57
C ASP D 490 -15.75 -2.34 -5.40
N VAL D 491 -16.17 -1.09 -5.62
CA VAL D 491 -17.55 -0.68 -5.41
C VAL D 491 -18.23 -0.54 -6.76
N ALA D 492 -17.44 -0.44 -7.83
CA ALA D 492 -17.99 -0.16 -9.15
C ALA D 492 -18.93 -1.26 -9.62
N GLU D 493 -18.56 -2.53 -9.42
CA GLU D 493 -19.41 -3.63 -9.88
C GLU D 493 -20.71 -3.68 -9.09
N ILE D 494 -20.70 -3.24 -7.83
CA ILE D 494 -21.92 -3.25 -7.04
C ILE D 494 -22.90 -2.20 -7.54
N LYS D 495 -22.41 -0.99 -7.81
CA LYS D 495 -23.28 0.12 -8.19
C LYS D 495 -23.27 0.37 -9.71
N GLY D 496 -22.11 0.62 -10.29
CA GLY D 496 -21.97 0.93 -11.69
C GLY D 496 -21.08 2.12 -11.91
N HIS D 497 -21.11 2.63 -13.13
CA HIS D 497 -20.31 3.80 -13.52
C HIS D 497 -21.17 4.77 -14.29
N ARG D 498 -20.76 6.04 -14.27
CA ARG D 498 -21.48 7.07 -15.00
C ARG D 498 -21.39 6.82 -16.50
N ARG D 499 -22.40 7.31 -17.22
CA ARG D 499 -22.42 7.14 -18.67
C ARG D 499 -21.26 7.86 -19.34
N THR D 500 -20.69 8.87 -18.67
CA THR D 500 -19.56 9.60 -19.25
C THR D 500 -18.35 8.68 -19.43
N TYR D 501 -18.07 7.82 -18.46
CA TYR D 501 -16.91 6.94 -18.54
C TYR D 501 -17.10 5.90 -19.63
N VAL D 502 -16.02 5.61 -20.36
CA VAL D 502 -16.06 4.57 -21.38
C VAL D 502 -16.00 3.20 -20.72
N GLY D 503 -16.74 2.25 -21.26
CA GLY D 503 -16.82 0.94 -20.65
C GLY D 503 -17.47 0.95 -19.28
N ALA D 504 -18.55 1.72 -19.14
CA ALA D 504 -19.23 1.86 -17.85
C ALA D 504 -20.04 0.59 -17.56
N MET D 505 -19.45 -0.30 -16.79
CA MET D 505 -20.15 -1.53 -16.42
C MET D 505 -21.23 -1.22 -15.41
N PRO D 506 -22.50 -1.58 -15.67
CA PRO D 506 -23.55 -1.35 -14.68
C PRO D 506 -23.38 -2.23 -13.45
N GLY D 507 -24.25 -2.05 -12.46
CA GLY D 507 -24.16 -2.85 -11.26
C GLY D 507 -24.43 -4.32 -11.53
N LYS D 508 -23.87 -5.16 -10.67
CA LYS D 508 -24.05 -6.61 -10.82
C LYS D 508 -25.51 -6.99 -10.68
N ILE D 509 -26.23 -6.36 -9.75
CA ILE D 509 -27.65 -6.67 -9.57
C ILE D 509 -28.44 -6.33 -10.83
N ILE D 510 -28.05 -5.27 -11.53
CA ILE D 510 -28.72 -4.91 -12.78
C ILE D 510 -28.58 -6.03 -13.80
N GLN D 511 -27.41 -6.70 -13.81
CA GLN D 511 -27.23 -7.84 -14.70
C GLN D 511 -28.18 -8.98 -14.34
N CYS D 512 -28.42 -9.19 -13.05
CA CYS D 512 -29.32 -10.27 -12.63
C CYS D 512 -30.73 -10.05 -13.15
N LEU D 513 -31.24 -8.82 -13.06
CA LEU D 513 -32.60 -8.55 -13.51
C LEU D 513 -32.75 -8.72 -15.01
N LYS D 514 -31.70 -8.41 -15.76
CA LYS D 514 -31.78 -8.50 -17.22
C LYS D 514 -31.95 -9.94 -17.69
N LYS D 515 -31.10 -10.85 -17.20
CA LYS D 515 -31.15 -12.23 -17.68
C LYS D 515 -32.34 -12.98 -17.08
N THR D 516 -32.63 -12.76 -15.79
CA THR D 516 -33.74 -13.47 -15.18
C THR D 516 -35.09 -13.00 -15.70
N LYS D 517 -35.14 -11.76 -16.20
CA LYS D 517 -36.36 -11.19 -16.79
C LYS D 517 -37.52 -11.17 -15.79
N THR D 518 -37.20 -11.02 -14.51
CA THR D 518 -38.22 -10.95 -13.47
C THR D 518 -37.69 -10.10 -12.32
N GLU D 519 -38.63 -9.58 -11.52
CA GLU D 519 -38.29 -8.73 -10.39
C GLU D 519 -38.20 -9.49 -9.07
N ASN D 520 -38.38 -10.81 -9.09
CA ASN D 520 -38.31 -11.63 -7.88
C ASN D 520 -37.38 -12.82 -8.12
N PRO D 521 -36.08 -12.58 -8.23
CA PRO D 521 -35.13 -13.70 -8.35
C PRO D 521 -34.62 -14.17 -7.01
N LEU D 522 -33.78 -15.20 -7.00
CA LEU D 522 -33.14 -15.70 -5.79
C LEU D 522 -31.63 -15.46 -5.96
N ILE D 523 -31.18 -14.28 -5.54
CA ILE D 523 -29.78 -13.90 -5.66
C ILE D 523 -29.04 -14.38 -4.42
N LEU D 524 -27.99 -15.17 -4.62
CA LEU D 524 -27.17 -15.69 -3.54
C LEU D 524 -25.84 -14.95 -3.51
N ILE D 525 -25.48 -14.43 -2.34
CA ILE D 525 -24.20 -13.76 -2.14
C ILE D 525 -23.29 -14.72 -1.39
N ASP D 526 -22.21 -15.14 -2.04
CA ASP D 526 -21.31 -16.14 -1.49
C ASP D 526 -20.08 -15.48 -0.88
N GLU D 527 -19.56 -16.10 0.18
CA GLU D 527 -18.34 -15.65 0.86
C GLU D 527 -18.49 -14.21 1.36
N VAL D 528 -19.60 -13.96 2.05
CA VAL D 528 -19.81 -12.64 2.65
C VAL D 528 -18.94 -12.46 3.89
N ASP D 529 -18.50 -13.56 4.50
CA ASP D 529 -17.66 -13.47 5.69
C ASP D 529 -16.27 -12.96 5.35
N LYS D 530 -15.73 -13.35 4.20
CA LYS D 530 -14.38 -12.98 3.77
C LYS D 530 -14.40 -11.87 2.73
N ILE D 531 -15.33 -10.93 2.88
CA ILE D 531 -15.38 -9.78 1.98
C ILE D 531 -14.12 -8.96 2.15
N GLY D 532 -13.49 -8.60 1.03
CA GLY D 532 -12.23 -7.87 1.06
C GLY D 532 -12.33 -6.52 1.74
N ARG D 533 -11.45 -6.27 2.71
CA ARG D 533 -11.40 -4.99 3.40
C ARG D 533 -10.52 -4.05 2.57
N GLY D 534 -11.16 -3.22 1.76
CA GLY D 534 -10.45 -2.33 0.88
C GLY D 534 -9.56 -1.34 1.61
N TYR D 535 -8.28 -1.30 1.23
CA TYR D 535 -7.36 -0.35 1.87
C TYR D 535 -7.77 1.08 1.58
N GLN D 536 -8.11 1.39 0.33
CA GLN D 536 -8.59 2.72 -0.01
C GLN D 536 -10.04 2.93 0.40
N GLY D 537 -10.84 1.86 0.44
CA GLY D 537 -12.23 1.95 0.81
C GLY D 537 -12.92 0.60 0.83
N ASP D 538 -13.71 0.34 1.86
CA ASP D 538 -14.37 -0.95 2.01
C ASP D 538 -15.58 -1.02 1.08
N PRO D 539 -15.65 -2.01 0.19
CA PRO D 539 -16.84 -2.14 -0.68
C PRO D 539 -18.09 -2.58 0.06
N SER D 540 -17.97 -3.07 1.30
CA SER D 540 -19.13 -3.51 2.05
C SER D 540 -20.07 -2.36 2.38
N SER D 541 -19.60 -1.11 2.31
CA SER D 541 -20.47 0.03 2.55
C SER D 541 -21.59 0.10 1.52
N ALA D 542 -21.26 -0.16 0.26
CA ALA D 542 -22.29 -0.20 -0.77
C ALA D 542 -23.21 -1.39 -0.60
N LEU D 543 -22.71 -2.48 -0.03
CA LEU D 543 -23.53 -3.66 0.22
C LEU D 543 -24.62 -3.39 1.25
N LEU D 544 -24.43 -2.41 2.13
CA LEU D 544 -25.46 -2.08 3.12
C LEU D 544 -26.73 -1.60 2.44
N GLU D 545 -26.61 -0.75 1.41
CA GLU D 545 -27.78 -0.30 0.68
C GLU D 545 -28.47 -1.45 -0.05
N LEU D 546 -27.70 -2.43 -0.52
CA LEU D 546 -28.29 -3.59 -1.18
C LEU D 546 -29.13 -4.41 -0.21
N LEU D 547 -28.67 -4.58 1.02
CA LEU D 547 -29.30 -5.46 1.99
C LEU D 547 -30.15 -4.71 3.02
N ASP D 548 -30.39 -3.42 2.81
CA ASP D 548 -31.23 -2.66 3.73
C ASP D 548 -32.67 -2.72 3.25
N PRO D 549 -33.57 -3.39 3.98
CA PRO D 549 -34.95 -3.54 3.48
C PRO D 549 -35.66 -2.22 3.24
N GLU D 550 -35.36 -1.20 4.04
CA GLU D 550 -35.93 0.12 3.79
C GLU D 550 -35.39 0.72 2.49
N GLN D 551 -34.10 0.50 2.21
CA GLN D 551 -33.47 1.09 1.04
C GLN D 551 -33.61 0.23 -0.21
N ASN D 552 -34.05 -1.03 -0.07
CA ASN D 552 -34.29 -1.85 -1.27
C ASN D 552 -35.47 -1.34 -2.08
N ALA D 553 -36.36 -0.56 -1.46
CA ALA D 553 -37.51 -0.04 -2.18
C ALA D 553 -37.11 0.87 -3.32
N ASN D 554 -36.07 1.68 -3.12
CA ASN D 554 -35.56 2.59 -4.16
C ASN D 554 -34.04 2.45 -4.16
N PHE D 555 -33.53 1.54 -4.99
CA PHE D 555 -32.10 1.31 -5.12
C PHE D 555 -31.59 2.08 -6.33
N LEU D 556 -30.61 2.95 -6.10
CA LEU D 556 -30.06 3.82 -7.13
C LEU D 556 -28.70 3.29 -7.57
N ASP D 557 -28.52 3.10 -8.87
CA ASP D 557 -27.25 2.70 -9.44
C ASP D 557 -26.73 3.81 -10.34
N HIS D 558 -25.40 3.87 -10.47
CA HIS D 558 -24.77 4.98 -11.16
C HIS D 558 -25.11 5.01 -12.65
N TYR D 559 -25.18 3.85 -13.30
CA TYR D 559 -25.40 3.82 -14.74
C TYR D 559 -26.85 4.16 -15.09
N LEU D 560 -27.80 3.39 -14.57
CA LEU D 560 -29.20 3.60 -14.93
C LEU D 560 -29.71 4.95 -14.47
N ASP D 561 -29.19 5.46 -13.36
CA ASP D 561 -29.57 6.76 -12.79
C ASP D 561 -31.06 6.82 -12.46
N VAL D 562 -31.70 5.68 -12.27
CA VAL D 562 -33.10 5.62 -11.88
C VAL D 562 -33.27 4.60 -10.77
N PRO D 563 -34.10 4.85 -9.77
CA PRO D 563 -34.31 3.85 -8.72
C PRO D 563 -34.97 2.59 -9.27
N VAL D 564 -34.59 1.45 -8.70
CA VAL D 564 -35.15 0.16 -9.09
C VAL D 564 -35.69 -0.52 -7.83
N ASP D 565 -36.90 -1.06 -7.93
CA ASP D 565 -37.53 -1.72 -6.80
C ASP D 565 -36.85 -3.06 -6.51
N LEU D 566 -35.88 -3.05 -5.59
CA LEU D 566 -35.13 -4.25 -5.24
C LEU D 566 -35.82 -5.08 -4.18
N SER D 567 -37.00 -4.66 -3.71
CA SER D 567 -37.78 -5.48 -2.80
C SER D 567 -38.32 -6.70 -3.52
N LYS D 568 -39.01 -7.56 -2.77
CA LYS D 568 -39.56 -8.81 -3.30
C LYS D 568 -38.46 -9.71 -3.87
N VAL D 569 -37.26 -9.60 -3.34
CA VAL D 569 -36.11 -10.39 -3.78
C VAL D 569 -35.58 -11.16 -2.57
N LEU D 570 -35.43 -12.47 -2.73
CA LEU D 570 -34.95 -13.32 -1.66
C LEU D 570 -33.42 -13.34 -1.70
N PHE D 571 -32.80 -12.59 -0.79
CA PHE D 571 -31.35 -12.51 -0.71
C PHE D 571 -30.84 -13.60 0.24
N ILE D 572 -29.93 -14.43 -0.25
CA ILE D 572 -29.34 -15.52 0.53
C ILE D 572 -27.84 -15.29 0.61
N CYS D 573 -27.31 -15.29 1.83
CA CYS D 573 -25.88 -15.08 2.06
C CYS D 573 -25.25 -16.35 2.61
N THR D 574 -24.04 -16.65 2.14
CA THR D 574 -23.30 -17.83 2.55
C THR D 574 -22.01 -17.41 3.22
N ALA D 575 -21.69 -18.04 4.34
CA ALA D 575 -20.51 -17.69 5.11
C ALA D 575 -20.06 -18.92 5.91
N ASN D 576 -18.82 -18.85 6.39
CA ASN D 576 -18.25 -19.90 7.23
C ASN D 576 -18.17 -19.51 8.69
N VAL D 577 -17.71 -18.30 9.00
CA VAL D 577 -17.65 -17.79 10.36
C VAL D 577 -18.34 -16.44 10.39
N THR D 578 -19.22 -16.25 11.36
CA THR D 578 -19.98 -15.00 11.46
C THR D 578 -19.17 -13.86 12.05
N ASP D 579 -18.03 -14.17 12.68
CA ASP D 579 -17.24 -13.12 13.33
C ASP D 579 -16.65 -12.15 12.31
N THR D 580 -16.17 -12.67 11.18
CA THR D 580 -15.51 -11.84 10.18
C THR D 580 -16.49 -11.04 9.33
N ILE D 581 -17.79 -11.32 9.43
CA ILE D 581 -18.79 -10.52 8.71
C ILE D 581 -18.81 -9.12 9.29
N PRO D 582 -18.88 -8.07 8.46
CA PRO D 582 -18.92 -6.71 9.00
C PRO D 582 -20.12 -6.50 9.93
N GLU D 583 -19.90 -5.73 10.98
CA GLU D 583 -20.96 -5.49 11.97
C GLU D 583 -22.20 -4.84 11.37
N PRO D 584 -22.11 -3.76 10.57
CA PRO D 584 -23.34 -3.21 9.97
C PRO D 584 -24.04 -4.20 9.05
N LEU D 585 -23.30 -5.08 8.38
CA LEU D 585 -23.93 -6.07 7.52
C LEU D 585 -24.65 -7.14 8.33
N ARG D 586 -24.13 -7.49 9.51
CA ARG D 586 -24.76 -8.51 10.34
C ARG D 586 -26.12 -8.03 10.85
N ASP D 587 -26.25 -6.73 11.10
CA ASP D 587 -27.51 -6.21 11.63
C ASP D 587 -28.66 -6.40 10.65
N ARG D 588 -28.40 -6.18 9.36
CA ARG D 588 -29.45 -6.29 8.35
C ARG D 588 -29.62 -7.70 7.82
N MET D 589 -28.80 -8.65 8.26
CA MET D 589 -28.85 -10.03 7.78
C MET D 589 -29.32 -10.94 8.90
N GLU D 590 -30.09 -11.97 8.53
CA GLU D 590 -30.61 -12.94 9.49
C GLU D 590 -29.68 -14.14 9.54
N MET D 591 -29.26 -14.51 10.74
CA MET D 591 -28.29 -15.59 10.93
C MET D 591 -29.03 -16.92 11.08
N ILE D 592 -28.75 -17.85 10.18
CA ILE D 592 -29.25 -19.21 10.26
C ILE D 592 -28.06 -20.15 10.25
N ASN D 593 -27.99 -21.02 11.24
CA ASN D 593 -26.84 -21.90 11.44
C ASN D 593 -27.10 -23.25 10.81
N VAL D 594 -26.14 -23.72 10.01
CA VAL D 594 -26.19 -25.04 9.41
C VAL D 594 -25.07 -25.85 10.06
N SER D 595 -25.43 -26.69 11.03
CA SER D 595 -24.44 -27.44 11.78
C SER D 595 -23.91 -28.61 10.97
N GLY D 596 -22.81 -29.18 11.44
CA GLY D 596 -22.20 -30.33 10.79
C GLY D 596 -22.98 -31.60 11.05
N TYR D 597 -22.47 -32.68 10.46
CA TYR D 597 -23.13 -33.98 10.51
C TYR D 597 -22.31 -34.96 11.34
N VAL D 598 -22.99 -35.72 12.20
CA VAL D 598 -22.38 -36.80 12.94
C VAL D 598 -22.21 -37.99 12.00
N ALA D 599 -21.46 -39.01 12.43
CA ALA D 599 -21.21 -40.17 11.57
C ALA D 599 -22.52 -40.83 11.13
N GLN D 600 -23.53 -40.84 12.01
CA GLN D 600 -24.83 -41.38 11.63
C GLN D 600 -25.46 -40.53 10.52
N GLU D 601 -25.36 -39.21 10.63
CA GLU D 601 -25.95 -38.34 9.61
C GLU D 601 -25.20 -38.43 8.30
N LYS D 602 -23.88 -38.61 8.35
CA LYS D 602 -23.10 -38.72 7.12
C LYS D 602 -23.47 -39.97 6.33
N LEU D 603 -23.71 -41.08 7.02
CA LEU D 603 -24.07 -42.32 6.34
C LEU D 603 -25.40 -42.17 5.61
N ALA D 604 -26.37 -41.49 6.22
CA ALA D 604 -27.66 -41.30 5.57
C ALA D 604 -27.53 -40.43 4.32
N ILE D 605 -26.71 -39.37 4.39
CA ILE D 605 -26.52 -38.51 3.23
C ILE D 605 -25.81 -39.25 2.11
N ALA D 606 -24.75 -39.99 2.45
CA ALA D 606 -23.99 -40.72 1.43
C ALA D 606 -24.83 -41.80 0.77
N GLU D 607 -25.61 -42.54 1.57
CA GLU D 607 -26.38 -43.64 1.03
C GLU D 607 -27.48 -43.16 0.09
N ARG D 608 -28.12 -42.04 0.42
CA ARG D 608 -29.29 -41.58 -0.33
C ARG D 608 -28.98 -40.53 -1.38
N TYR D 609 -27.95 -39.71 -1.20
CA TYR D 609 -27.68 -38.61 -2.11
C TYR D 609 -26.32 -38.70 -2.78
N LEU D 610 -25.25 -38.93 -2.01
CA LEU D 610 -23.91 -38.89 -2.59
C LEU D 610 -23.68 -40.07 -3.54
N VAL D 611 -24.00 -41.29 -3.09
CA VAL D 611 -23.78 -42.46 -3.94
C VAL D 611 -24.64 -42.44 -5.20
N PRO D 612 -25.96 -42.22 -5.13
CA PRO D 612 -26.75 -42.19 -6.37
C PRO D 612 -26.33 -41.11 -7.35
N GLN D 613 -25.90 -39.95 -6.87
CA GLN D 613 -25.45 -38.90 -7.77
C GLN D 613 -24.10 -39.24 -8.39
N ALA D 614 -23.20 -39.83 -7.61
CA ALA D 614 -21.91 -40.22 -8.14
C ALA D 614 -22.05 -41.32 -9.19
N ARG D 615 -22.97 -42.26 -8.98
CA ARG D 615 -23.20 -43.31 -9.96
C ARG D 615 -23.68 -42.74 -11.29
N ALA D 616 -24.62 -41.78 -11.24
CA ALA D 616 -25.08 -41.14 -12.46
C ALA D 616 -23.96 -40.34 -13.12
N LEU D 617 -23.13 -39.65 -12.32
CA LEU D 617 -22.01 -38.90 -12.86
C LEU D 617 -21.00 -39.82 -13.53
N CYS D 618 -20.73 -40.98 -12.93
CA CYS D 618 -19.80 -41.93 -13.50
C CYS D 618 -20.46 -42.83 -14.55
N GLY D 619 -21.78 -42.74 -14.71
CA GLY D 619 -22.46 -43.58 -15.66
C GLY D 619 -22.49 -45.05 -15.32
N LEU D 620 -22.64 -45.39 -14.04
CA LEU D 620 -22.67 -46.76 -13.57
C LEU D 620 -24.05 -47.09 -13.02
N ASP D 621 -24.51 -48.32 -13.27
CA ASP D 621 -25.78 -48.77 -12.76
C ASP D 621 -25.66 -49.21 -11.30
N GLU D 622 -26.81 -49.38 -10.65
CA GLU D 622 -26.82 -49.87 -9.28
C GLU D 622 -26.28 -51.30 -9.21
N SER D 623 -26.65 -52.15 -10.17
CA SER D 623 -26.21 -53.53 -10.16
C SER D 623 -24.74 -53.64 -10.54
N LYS D 624 -24.25 -52.75 -11.41
CA LYS D 624 -22.86 -52.82 -11.85
C LYS D 624 -21.89 -52.59 -10.70
N ALA D 625 -22.12 -51.54 -9.91
CA ALA D 625 -21.28 -51.22 -8.77
C ALA D 625 -22.15 -51.03 -7.55
N LYS D 626 -21.84 -51.76 -6.48
CA LYS D 626 -22.59 -51.71 -5.23
C LYS D 626 -21.65 -51.37 -4.10
N LEU D 627 -22.05 -50.40 -3.26
CA LEU D 627 -21.28 -50.00 -2.08
C LEU D 627 -22.10 -50.34 -0.85
N SER D 628 -21.57 -51.26 -0.03
CA SER D 628 -22.29 -51.69 1.16
C SER D 628 -22.27 -50.60 2.23
N SER D 629 -23.17 -50.75 3.20
CA SER D 629 -23.30 -49.75 4.26
C SER D 629 -22.03 -49.69 5.12
N ASP D 630 -21.46 -50.84 5.45
CA ASP D 630 -20.25 -50.85 6.27
C ASP D 630 -19.07 -50.25 5.52
N VAL D 631 -19.01 -50.44 4.20
CA VAL D 631 -17.97 -49.82 3.41
C VAL D 631 -18.07 -48.30 3.48
N LEU D 632 -19.29 -47.77 3.35
CA LEU D 632 -19.48 -46.32 3.50
C LEU D 632 -19.16 -45.87 4.91
N THR D 633 -19.54 -46.67 5.91
CA THR D 633 -19.20 -46.34 7.29
C THR D 633 -17.69 -46.35 7.49
N LEU D 634 -17.00 -47.31 6.90
CA LEU D 634 -15.54 -47.37 7.01
C LEU D 634 -14.90 -46.15 6.34
N LEU D 635 -15.43 -45.73 5.20
CA LEU D 635 -14.90 -44.55 4.52
C LEU D 635 -15.06 -43.30 5.37
N ILE D 636 -16.21 -43.14 6.02
CA ILE D 636 -16.44 -41.98 6.86
C ILE D 636 -15.52 -42.00 8.08
N LYS D 637 -15.35 -43.18 8.70
CA LYS D 637 -14.62 -43.26 9.96
C LYS D 637 -13.12 -43.07 9.75
N GLN D 638 -12.55 -43.72 8.73
CA GLN D 638 -11.10 -43.81 8.60
C GLN D 638 -10.52 -43.03 7.43
N TYR D 639 -11.35 -42.46 6.55
CA TYR D 639 -10.84 -41.77 5.38
C TYR D 639 -11.24 -40.29 5.31
N CYS D 640 -12.30 -39.87 5.98
CA CYS D 640 -12.79 -38.50 5.92
C CYS D 640 -13.03 -38.00 7.34
N ARG D 641 -12.05 -37.31 7.90
CA ARG D 641 -12.17 -36.71 9.23
C ARG D 641 -12.50 -35.23 9.03
N GLU D 642 -13.78 -34.95 8.89
CA GLU D 642 -14.24 -33.58 8.66
C GLU D 642 -15.70 -33.48 9.07
N SER D 643 -16.15 -32.24 9.26
CA SER D 643 -17.56 -32.00 9.59
C SER D 643 -18.46 -32.13 8.36
N GLY D 644 -17.98 -31.70 7.20
CA GLY D 644 -18.77 -31.76 5.98
C GLY D 644 -18.71 -33.12 5.31
N VAL D 645 -19.21 -33.16 4.08
CA VAL D 645 -19.22 -34.39 3.30
C VAL D 645 -18.55 -34.14 1.95
N ARG D 646 -17.88 -32.99 1.81
CA ARG D 646 -17.18 -32.70 0.57
C ARG D 646 -16.04 -33.69 0.33
N ASN D 647 -15.28 -34.01 1.38
CA ASN D 647 -14.22 -35.01 1.25
C ASN D 647 -14.80 -36.40 1.01
N LEU D 648 -15.94 -36.71 1.64
CA LEU D 648 -16.56 -38.01 1.43
C LEU D 648 -17.04 -38.17 -0.01
N GLN D 649 -17.51 -37.09 -0.62
CA GLN D 649 -17.95 -37.16 -2.01
C GLN D 649 -16.80 -37.53 -2.94
N LYS D 650 -15.61 -36.97 -2.71
CA LYS D 650 -14.45 -37.31 -3.52
C LYS D 650 -14.07 -38.78 -3.36
N GLN D 651 -14.08 -39.27 -2.11
CA GLN D 651 -13.74 -40.68 -1.88
C GLN D 651 -14.76 -41.61 -2.51
N VAL D 652 -16.05 -41.27 -2.43
CA VAL D 652 -17.07 -42.09 -3.06
C VAL D 652 -16.89 -42.11 -4.56
N GLU D 653 -16.61 -40.95 -5.16
CA GLU D 653 -16.38 -40.89 -6.60
C GLU D 653 -15.14 -41.68 -7.00
N LYS D 654 -14.10 -41.64 -6.17
CA LYS D 654 -12.88 -42.38 -6.48
C LYS D 654 -13.12 -43.88 -6.54
N VAL D 655 -13.92 -44.40 -5.60
CA VAL D 655 -14.25 -45.83 -5.61
C VAL D 655 -15.02 -46.20 -6.87
N LEU D 656 -16.01 -45.38 -7.22
CA LEU D 656 -16.78 -45.65 -8.44
C LEU D 656 -15.95 -45.45 -9.70
N ARG D 657 -15.05 -44.47 -9.68
CA ARG D 657 -14.18 -44.24 -10.84
C ARG D 657 -13.28 -45.43 -11.08
N LYS D 658 -12.70 -46.00 -10.02
CA LYS D 658 -11.86 -47.19 -10.19
C LYS D 658 -12.71 -48.39 -10.58
N SER D 659 -13.92 -48.50 -10.03
CA SER D 659 -14.81 -49.59 -10.42
C SER D 659 -15.21 -49.49 -11.88
N ALA D 660 -15.44 -48.27 -12.37
CA ALA D 660 -15.82 -48.09 -13.77
C ALA D 660 -14.70 -48.53 -14.70
N TYR D 661 -13.44 -48.32 -14.30
CA TYR D 661 -12.33 -48.76 -15.13
C TYR D 661 -12.31 -50.28 -15.28
N LYS D 662 -12.61 -51.01 -14.20
CA LYS D 662 -12.64 -52.46 -14.27
C LYS D 662 -13.74 -52.95 -15.22
N ILE D 663 -14.90 -52.30 -15.18
CA ILE D 663 -15.99 -52.70 -16.06
C ILE D 663 -15.62 -52.48 -17.52
N VAL D 664 -15.04 -51.32 -17.84
CA VAL D 664 -14.67 -51.02 -19.21
C VAL D 664 -13.52 -51.91 -19.66
N SER D 665 -12.52 -52.10 -18.79
CA SER D 665 -11.38 -52.95 -19.14
C SER D 665 -11.77 -54.41 -19.29
N GLY D 666 -12.93 -54.80 -18.78
CA GLY D 666 -13.36 -56.18 -18.87
C GLY D 666 -12.81 -57.10 -17.83
N GLU D 667 -12.12 -56.57 -16.81
CA GLU D 667 -11.59 -57.42 -15.75
C GLU D 667 -12.71 -58.09 -14.96
N ALA D 668 -13.78 -57.36 -14.68
CA ALA D 668 -14.93 -57.90 -13.97
C ALA D 668 -16.20 -57.31 -14.54
N GLU D 669 -17.19 -58.17 -14.79
CA GLU D 669 -18.47 -57.71 -15.32
C GLU D 669 -19.23 -56.89 -14.28
N SER D 670 -19.06 -57.21 -12.99
CA SER D 670 -19.67 -56.45 -11.91
C SER D 670 -18.65 -56.25 -10.80
N VAL D 671 -18.74 -55.12 -10.12
CA VAL D 671 -17.82 -54.76 -9.05
C VAL D 671 -18.61 -54.59 -7.76
N GLU D 672 -18.17 -55.28 -6.71
CA GLU D 672 -18.76 -55.17 -5.39
C GLU D 672 -17.67 -54.80 -4.40
N VAL D 673 -17.93 -53.78 -3.58
CA VAL D 673 -16.94 -53.24 -2.66
C VAL D 673 -17.16 -53.85 -1.28
N THR D 674 -16.09 -54.36 -0.68
CA THR D 674 -16.10 -54.96 0.64
C THR D 674 -15.00 -54.35 1.49
N PRO D 675 -15.14 -54.37 2.81
CA PRO D 675 -14.08 -53.81 3.66
C PRO D 675 -12.73 -54.47 3.47
N GLU D 676 -12.69 -55.77 3.14
CA GLU D 676 -11.43 -56.46 2.96
C GLU D 676 -10.67 -55.94 1.74
N ASN D 677 -11.37 -55.69 0.64
CA ASN D 677 -10.74 -55.26 -0.60
C ASN D 677 -10.91 -53.77 -0.85
N LEU D 678 -11.28 -53.00 0.18
CA LEU D 678 -11.43 -51.56 0.02
C LEU D 678 -10.10 -50.89 -0.31
N GLN D 679 -8.99 -51.47 0.15
CA GLN D 679 -7.68 -50.87 -0.12
C GLN D 679 -7.35 -50.90 -1.60
N ASP D 680 -7.98 -51.80 -2.37
CA ASP D 680 -7.73 -51.88 -3.80
C ASP D 680 -8.28 -50.66 -4.54
N PHE D 681 -9.17 -49.89 -3.92
CA PHE D 681 -9.79 -48.74 -4.54
C PHE D 681 -9.31 -47.40 -3.98
N VAL D 682 -9.17 -47.30 -2.66
CA VAL D 682 -8.74 -46.05 -2.04
C VAL D 682 -7.39 -46.15 -1.35
N GLY D 683 -6.87 -47.34 -1.11
CA GLY D 683 -5.57 -47.48 -0.48
C GLY D 683 -5.66 -47.67 1.03
N LYS D 684 -4.52 -47.48 1.67
CA LYS D 684 -4.45 -47.64 3.12
C LYS D 684 -5.24 -46.52 3.81
N PRO D 685 -5.81 -46.79 4.99
CA PRO D 685 -6.59 -45.76 5.68
C PRO D 685 -5.74 -44.55 6.04
N VAL D 686 -6.36 -43.37 6.03
CA VAL D 686 -5.64 -42.14 6.33
C VAL D 686 -5.56 -41.92 7.83
N PHE D 687 -6.69 -41.98 8.52
CA PHE D 687 -6.77 -41.76 9.96
C PHE D 687 -7.00 -43.11 10.64
N THR D 688 -5.92 -43.76 11.06
CA THR D 688 -6.00 -45.06 11.70
C THR D 688 -6.19 -44.99 13.21
N VAL D 689 -6.10 -43.80 13.81
CA VAL D 689 -6.23 -43.64 15.24
C VAL D 689 -7.25 -42.53 15.52
N GLU D 690 -7.83 -42.58 16.72
CA GLU D 690 -8.79 -41.57 17.16
C GLU D 690 -8.21 -40.62 18.20
N ARG D 691 -7.41 -41.13 19.13
CA ARG D 691 -6.76 -40.30 20.14
C ARG D 691 -5.32 -40.74 20.30
N MET D 692 -4.45 -39.79 20.65
CA MET D 692 -3.04 -40.10 20.82
C MET D 692 -2.81 -41.00 22.03
N TYR D 693 -3.56 -40.78 23.11
CA TYR D 693 -3.41 -41.52 24.35
C TYR D 693 -4.62 -42.43 24.54
N ASP D 694 -4.37 -43.74 24.67
CA ASP D 694 -5.42 -44.65 25.06
C ASP D 694 -5.61 -44.65 26.57
N VAL D 695 -4.52 -44.66 27.33
CA VAL D 695 -4.53 -44.51 28.77
C VAL D 695 -3.65 -43.32 29.12
N THR D 696 -4.23 -42.32 29.75
CA THR D 696 -3.51 -41.08 30.03
C THR D 696 -2.59 -41.27 31.23
N PRO D 697 -1.30 -41.00 31.10
CA PRO D 697 -0.41 -41.01 32.26
C PRO D 697 -0.67 -39.81 33.14
N PRO D 698 -0.12 -39.78 34.36
CA PRO D 698 -0.31 -38.61 35.23
C PRO D 698 0.18 -37.33 34.55
N GLY D 699 -0.59 -36.27 34.72
CA GLY D 699 -0.28 -35.00 34.10
C GLY D 699 -0.84 -34.79 32.71
N VAL D 700 -1.58 -35.76 32.17
CA VAL D 700 -2.16 -35.66 30.83
C VAL D 700 -3.67 -35.70 30.97
N VAL D 701 -4.34 -34.70 30.40
CA VAL D 701 -5.79 -34.58 30.46
C VAL D 701 -6.32 -34.33 29.06
N MET D 702 -7.41 -35.02 28.71
CA MET D 702 -8.05 -34.82 27.41
C MET D 702 -9.01 -33.64 27.46
N GLY D 703 -8.98 -32.82 26.43
CA GLY D 703 -9.86 -31.68 26.29
C GLY D 703 -10.59 -31.68 24.96
N LEU D 704 -11.41 -30.64 24.78
CA LEU D 704 -12.19 -30.46 23.57
C LEU D 704 -11.89 -29.11 22.94
N ALA D 705 -11.82 -29.07 21.62
CA ALA D 705 -11.51 -27.85 20.89
C ALA D 705 -12.51 -27.65 19.77
N TRP D 706 -12.85 -26.39 19.51
CA TRP D 706 -13.78 -26.02 18.46
C TRP D 706 -13.13 -24.97 17.57
N THR D 707 -13.25 -25.14 16.26
CA THR D 707 -12.62 -24.25 15.30
C THR D 707 -13.58 -24.03 14.13
N ALA D 708 -13.05 -23.46 13.05
CA ALA D 708 -13.86 -23.25 11.85
C ALA D 708 -14.30 -24.58 11.24
N MET D 709 -13.41 -25.58 11.25
CA MET D 709 -13.80 -26.90 10.78
C MET D 709 -14.88 -27.50 11.66
N GLY D 710 -14.75 -27.33 12.98
CA GLY D 710 -15.80 -27.74 13.90
C GLY D 710 -15.53 -29.04 14.61
N GLY D 711 -15.09 -28.96 15.86
CA GLY D 711 -14.89 -30.15 16.67
C GLY D 711 -13.52 -30.78 16.52
N SER D 712 -12.80 -30.90 17.62
CA SER D 712 -11.48 -31.52 17.62
C SER D 712 -11.10 -31.89 19.04
N THR D 713 -10.55 -33.09 19.21
CA THR D 713 -10.05 -33.50 20.51
C THR D 713 -8.74 -32.80 20.82
N LEU D 714 -8.46 -32.64 22.11
CA LEU D 714 -7.29 -31.90 22.56
C LEU D 714 -6.70 -32.57 23.79
N PHE D 715 -5.38 -32.56 23.89
CA PHE D 715 -4.66 -33.12 25.02
C PHE D 715 -3.74 -32.06 25.61
N VAL D 716 -3.51 -32.14 26.93
CA VAL D 716 -2.62 -31.23 27.63
C VAL D 716 -1.62 -32.09 28.39
N GLU D 717 -0.33 -31.88 28.13
CA GLU D 717 0.74 -32.66 28.73
C GLU D 717 1.61 -31.77 29.61
N THR D 718 1.93 -32.26 30.81
CA THR D 718 2.80 -31.55 31.74
C THR D 718 3.97 -32.44 32.11
N SER D 719 5.12 -31.82 32.35
CA SER D 719 6.33 -32.54 32.71
C SER D 719 7.21 -31.66 33.57
N LEU D 720 8.13 -32.30 34.29
CA LEU D 720 9.09 -31.59 35.12
C LEU D 720 10.24 -31.08 34.25
N ARG D 721 10.38 -29.75 34.16
CA ARG D 721 11.45 -29.19 33.36
C ARG D 721 12.81 -29.42 34.00
N ARG D 722 12.88 -29.40 35.33
CA ARG D 722 14.14 -29.60 36.03
C ARG D 722 14.06 -30.77 37.00
N LYS D 732 14.05 -20.65 44.12
CA LYS D 732 13.20 -20.31 45.25
C LYS D 732 11.74 -20.36 44.84
N ASP D 733 11.45 -19.97 43.61
CA ASP D 733 10.09 -19.93 43.08
C ASP D 733 10.00 -20.81 41.84
N GLY D 734 8.92 -21.57 41.75
CA GLY D 734 8.68 -22.39 40.59
C GLY D 734 8.27 -21.57 39.39
N SER D 735 8.29 -22.22 38.23
CA SER D 735 7.95 -21.56 36.97
C SER D 735 7.20 -22.53 36.08
N LEU D 736 6.44 -21.97 35.15
CA LEU D 736 5.67 -22.73 34.17
C LEU D 736 6.01 -22.24 32.77
N GLU D 737 6.32 -23.18 31.88
CA GLU D 737 6.60 -22.86 30.48
C GLU D 737 5.54 -23.50 29.60
N VAL D 738 4.99 -22.70 28.69
CA VAL D 738 3.93 -23.14 27.78
C VAL D 738 4.51 -23.21 26.38
N THR D 739 4.28 -24.33 25.69
CA THR D 739 4.80 -24.55 24.36
C THR D 739 3.66 -24.89 23.41
N GLY D 740 3.90 -24.67 22.13
CA GLY D 740 2.88 -24.82 21.10
C GLY D 740 2.41 -23.47 20.58
N GLN D 741 1.79 -23.51 19.40
CA GLN D 741 1.32 -22.29 18.75
C GLN D 741 0.06 -21.78 19.46
N LEU D 742 0.25 -21.36 20.71
CA LEU D 742 -0.83 -20.88 21.54
C LEU D 742 -1.04 -19.38 21.32
N GLY D 743 -2.31 -18.98 21.26
CA GLY D 743 -2.65 -17.58 21.10
C GLY D 743 -2.47 -16.81 22.40
N GLU D 744 -2.65 -15.49 22.29
CA GLU D 744 -2.51 -14.64 23.47
C GLU D 744 -3.56 -14.96 24.52
N VAL D 745 -4.80 -15.20 24.10
CA VAL D 745 -5.85 -15.55 25.04
C VAL D 745 -5.56 -16.90 25.68
N MET D 746 -5.14 -17.88 24.88
CA MET D 746 -4.80 -19.20 25.41
C MET D 746 -3.60 -19.12 26.35
N LYS D 747 -2.59 -18.34 25.99
CA LYS D 747 -1.41 -18.19 26.85
C LYS D 747 -1.80 -17.55 28.17
N GLU D 748 -2.68 -16.54 28.13
CA GLU D 748 -3.14 -15.92 29.37
C GLU D 748 -3.95 -16.90 30.21
N SER D 749 -4.74 -17.75 29.56
CA SER D 749 -5.53 -18.74 30.29
C SER D 749 -4.64 -19.70 31.05
N ALA D 750 -3.46 -20.03 30.51
CA ALA D 750 -2.53 -20.89 31.23
C ALA D 750 -2.05 -20.22 32.51
N ARG D 751 -1.80 -18.91 32.46
CA ARG D 751 -1.36 -18.19 33.65
C ARG D 751 -2.45 -18.18 34.72
N ILE D 752 -3.71 -17.98 34.32
CA ILE D 752 -4.81 -18.02 35.27
C ILE D 752 -4.96 -19.42 35.86
N ALA D 753 -4.87 -20.45 35.02
CA ALA D 753 -4.96 -21.82 35.51
C ALA D 753 -3.80 -22.15 36.44
N TYR D 754 -2.60 -21.69 36.10
CA TYR D 754 -1.44 -21.94 36.96
C TYR D 754 -1.61 -21.28 38.32
N THR D 755 -2.10 -20.03 38.33
CA THR D 755 -2.29 -19.33 39.59
C THR D 755 -3.34 -20.02 40.45
N PHE D 756 -4.45 -20.44 39.85
CA PHE D 756 -5.49 -21.11 40.62
C PHE D 756 -5.05 -22.48 41.09
N ALA D 757 -4.26 -23.19 40.29
CA ALA D 757 -3.79 -24.51 40.68
C ALA D 757 -2.91 -24.43 41.93
N ARG D 758 -2.03 -23.43 42.00
CA ARG D 758 -1.22 -23.24 43.20
C ARG D 758 -2.09 -22.95 44.42
N ALA D 759 -3.07 -22.06 44.26
CA ALA D 759 -3.95 -21.71 45.38
C ALA D 759 -4.81 -22.89 45.80
N PHE D 760 -5.31 -23.67 44.83
CA PHE D 760 -6.15 -24.81 45.15
C PHE D 760 -5.38 -25.86 45.95
N LEU D 761 -4.10 -26.05 45.63
CA LEU D 761 -3.30 -27.06 46.32
C LEU D 761 -3.09 -26.72 47.79
N MET D 762 -2.94 -25.44 48.11
CA MET D 762 -2.74 -25.06 49.51
C MET D 762 -3.96 -25.41 50.35
N GLN D 763 -5.16 -25.14 49.84
CA GLN D 763 -6.38 -25.42 50.60
C GLN D 763 -6.73 -26.90 50.64
N HIS D 764 -6.17 -27.71 49.73
CA HIS D 764 -6.45 -29.13 49.67
C HIS D 764 -5.32 -29.97 50.24
N ALA D 765 -4.08 -29.72 49.83
CA ALA D 765 -2.91 -30.45 50.30
C ALA D 765 -1.86 -29.43 50.74
N PRO D 766 -1.98 -28.91 51.97
CA PRO D 766 -1.02 -27.90 52.43
C PRO D 766 0.43 -28.39 52.45
N ALA D 767 0.64 -29.68 52.73
CA ALA D 767 2.00 -30.21 52.78
C ALA D 767 2.63 -30.35 51.40
N ASN D 768 1.82 -30.32 50.34
CA ASN D 768 2.31 -30.49 48.98
C ASN D 768 2.90 -29.18 48.48
N ASP D 769 4.21 -29.17 48.23
CA ASP D 769 4.90 -28.00 47.72
C ASP D 769 5.34 -28.20 46.26
N TYR D 770 4.68 -29.11 45.55
CA TYR D 770 5.08 -29.39 44.17
C TYR D 770 4.86 -28.19 43.26
N LEU D 771 3.67 -27.59 43.32
CA LEU D 771 3.34 -26.51 42.40
C LEU D 771 4.05 -25.20 42.76
N VAL D 772 4.61 -25.09 43.96
CA VAL D 772 5.22 -23.84 44.41
C VAL D 772 6.68 -23.76 43.97
N THR D 773 7.45 -24.83 44.16
CA THR D 773 8.89 -24.81 43.92
C THR D 773 9.32 -25.44 42.62
N SER D 774 8.64 -26.49 42.15
CA SER D 774 9.08 -27.21 40.98
C SER D 774 8.85 -26.40 39.70
N HIS D 775 9.68 -26.66 38.70
CA HIS D 775 9.56 -26.05 37.39
C HIS D 775 8.87 -27.04 36.46
N ILE D 776 7.73 -26.62 35.90
CA ILE D 776 6.85 -27.51 35.16
C ILE D 776 6.74 -27.00 33.72
N HIS D 777 6.90 -27.90 32.76
CA HIS D 777 6.74 -27.59 31.35
C HIS D 777 5.39 -28.11 30.87
N LEU D 778 4.59 -27.22 30.28
CA LEU D 778 3.27 -27.56 29.78
C LEU D 778 3.28 -27.44 28.25
N HIS D 779 2.84 -28.50 27.58
CA HIS D 779 2.83 -28.53 26.12
C HIS D 779 1.52 -29.12 25.63
N VAL D 780 0.95 -28.50 24.61
CA VAL D 780 -0.24 -29.00 23.92
C VAL D 780 0.21 -29.62 22.60
N PRO D 781 0.04 -30.93 22.40
CA PRO D 781 0.57 -31.57 21.20
C PRO D 781 -0.04 -31.01 19.92
N GLU D 782 0.50 -31.47 18.79
CA GLU D 782 0.21 -30.90 17.48
C GLU D 782 0.61 -29.42 17.45
N GLY D 783 1.91 -29.18 17.61
CA GLY D 783 2.42 -27.84 17.71
C GLY D 783 2.31 -27.03 16.43
N ALA D 784 2.20 -27.69 15.28
CA ALA D 784 2.09 -26.98 14.02
C ALA D 784 0.79 -26.18 13.95
N THR D 785 -0.31 -26.76 14.40
CA THR D 785 -1.61 -26.10 14.32
C THR D 785 -1.71 -25.00 15.36
N PRO D 786 -2.07 -23.78 14.97
CA PRO D 786 -2.25 -22.71 15.96
C PRO D 786 -3.43 -23.00 16.89
N LYS D 787 -3.30 -22.52 18.12
CA LYS D 787 -4.33 -22.69 19.14
C LYS D 787 -4.61 -21.36 19.82
N ASP D 788 -5.87 -21.14 20.19
CA ASP D 788 -6.28 -19.92 20.87
C ASP D 788 -7.59 -20.17 21.58
N GLY D 789 -7.92 -19.26 22.50
CA GLY D 789 -9.17 -19.32 23.21
C GLY D 789 -9.02 -19.76 24.65
N PRO D 790 -9.96 -19.36 25.50
CA PRO D 790 -9.93 -19.79 26.91
C PRO D 790 -10.64 -21.12 27.13
N SER D 791 -10.85 -21.86 26.04
CA SER D 791 -11.65 -23.09 26.12
C SER D 791 -11.00 -24.11 27.06
N ALA D 792 -9.68 -24.26 27.00
CA ALA D 792 -8.97 -25.27 27.76
C ALA D 792 -8.51 -24.78 29.13
N GLY D 793 -9.22 -23.80 29.71
CA GLY D 793 -8.81 -23.29 31.00
C GLY D 793 -8.88 -24.33 32.10
N CYS D 794 -9.99 -25.07 32.16
CA CYS D 794 -10.15 -26.07 33.20
C CYS D 794 -9.30 -27.30 32.94
N THR D 795 -8.96 -27.56 31.67
CA THR D 795 -8.10 -28.70 31.35
C THR D 795 -6.70 -28.52 31.91
N ILE D 796 -6.17 -27.29 31.86
CA ILE D 796 -4.83 -27.03 32.36
C ILE D 796 -4.77 -27.22 33.88
N VAL D 797 -5.83 -26.83 34.58
CA VAL D 797 -5.86 -27.00 36.03
C VAL D 797 -5.79 -28.48 36.40
N THR D 798 -6.53 -29.31 35.67
CA THR D 798 -6.51 -30.75 35.94
C THR D 798 -5.13 -31.34 35.67
N ALA D 799 -4.49 -30.91 34.58
CA ALA D 799 -3.16 -31.43 34.26
C ALA D 799 -2.14 -31.08 35.32
N LEU D 800 -2.14 -29.82 35.78
CA LEU D 800 -1.21 -29.41 36.82
C LEU D 800 -1.49 -30.13 38.13
N LEU D 801 -2.76 -30.28 38.49
CA LEU D 801 -3.11 -30.96 39.73
C LEU D 801 -2.78 -32.44 39.66
N SER D 802 -3.03 -33.07 38.51
CA SER D 802 -2.72 -34.49 38.36
C SER D 802 -1.22 -34.75 38.47
N LEU D 803 -0.41 -33.90 37.82
CA LEU D 803 1.04 -34.04 37.92
C LEU D 803 1.53 -33.79 39.33
N ALA D 804 0.98 -32.79 40.01
CA ALA D 804 1.43 -32.45 41.36
C ALA D 804 1.12 -33.59 42.33
N MET D 805 -0.08 -34.17 42.25
CA MET D 805 -0.45 -35.26 43.13
C MET D 805 0.05 -36.62 42.64
N GLY D 806 0.58 -36.70 41.43
CA GLY D 806 1.04 -37.96 40.90
C GLY D 806 -0.04 -39.00 40.72
N ARG D 807 -1.24 -38.57 40.33
CA ARG D 807 -2.37 -39.46 40.15
C ARG D 807 -2.95 -39.29 38.75
N PRO D 808 -3.12 -40.36 37.99
CA PRO D 808 -3.75 -40.24 36.68
C PRO D 808 -5.20 -39.82 36.80
N VAL D 809 -5.66 -39.09 35.78
CA VAL D 809 -7.06 -38.66 35.73
C VAL D 809 -7.94 -39.83 35.32
N ARG D 810 -9.24 -39.70 35.59
CA ARG D 810 -10.20 -40.72 35.21
C ARG D 810 -10.15 -40.96 33.71
N GLN D 811 -10.11 -42.23 33.31
CA GLN D 811 -9.98 -42.57 31.91
C GLN D 811 -11.28 -42.24 31.16
N ASN D 812 -11.12 -41.94 29.88
CA ASN D 812 -12.24 -41.59 29.00
C ASN D 812 -13.04 -40.42 29.55
N LEU D 813 -12.33 -39.40 30.04
CA LEU D 813 -12.94 -38.20 30.59
C LEU D 813 -12.41 -36.99 29.85
N ALA D 814 -13.32 -36.14 29.37
CA ALA D 814 -12.97 -34.91 28.68
C ALA D 814 -13.69 -33.74 29.32
N MET D 815 -12.99 -32.62 29.47
CA MET D 815 -13.55 -31.43 30.10
C MET D 815 -13.20 -30.21 29.27
N THR D 816 -14.06 -29.19 29.38
CA THR D 816 -13.83 -27.92 28.72
C THR D 816 -14.55 -26.83 29.49
N GLY D 817 -14.12 -25.58 29.28
CA GLY D 817 -14.73 -24.47 29.95
C GLY D 817 -13.73 -23.48 30.53
N GLU D 818 -13.98 -22.20 30.33
CA GLU D 818 -13.10 -21.16 30.85
C GLU D 818 -13.18 -21.14 32.38
N VAL D 819 -12.03 -20.97 33.03
CA VAL D 819 -11.93 -20.96 34.48
C VAL D 819 -11.30 -19.63 34.91
N SER D 820 -11.78 -19.11 36.03
CA SER D 820 -11.18 -17.94 36.66
C SER D 820 -10.24 -18.38 37.78
N LEU D 821 -9.38 -17.46 38.21
CA LEU D 821 -8.40 -17.78 39.22
C LEU D 821 -9.01 -17.98 40.60
N THR D 822 -10.29 -17.65 40.77
CA THR D 822 -11.00 -17.99 42.00
C THR D 822 -11.66 -19.37 41.93
N GLY D 823 -11.59 -20.05 40.78
CA GLY D 823 -12.18 -21.35 40.61
C GLY D 823 -13.49 -21.38 39.88
N LYS D 824 -14.06 -20.23 39.54
CA LYS D 824 -15.34 -20.19 38.84
C LYS D 824 -15.18 -20.71 37.42
N ILE D 825 -16.15 -21.50 36.97
CA ILE D 825 -16.17 -22.06 35.62
C ILE D 825 -17.08 -21.22 34.76
N LEU D 826 -16.56 -20.76 33.61
CA LEU D 826 -17.32 -19.91 32.73
C LEU D 826 -17.75 -20.65 31.48
N PRO D 827 -18.87 -20.27 30.87
CA PRO D 827 -19.34 -20.98 29.67
C PRO D 827 -18.40 -20.75 28.49
N VAL D 828 -18.39 -21.71 27.57
CA VAL D 828 -17.60 -21.65 26.36
C VAL D 828 -18.49 -21.94 25.17
N GLY D 829 -18.08 -21.43 24.01
CA GLY D 829 -18.82 -21.66 22.78
C GLY D 829 -18.47 -22.96 22.11
N GLY D 830 -19.17 -23.23 21.01
CA GLY D 830 -18.94 -24.44 20.24
C GLY D 830 -19.23 -25.73 20.98
N ILE D 831 -20.30 -25.76 21.77
CA ILE D 831 -20.66 -26.98 22.48
C ILE D 831 -21.13 -28.05 21.50
N LYS D 832 -21.86 -27.64 20.46
CA LYS D 832 -22.40 -28.61 19.49
C LYS D 832 -21.27 -29.33 18.76
N GLU D 833 -20.22 -28.59 18.38
CA GLU D 833 -19.11 -29.21 17.65
C GLU D 833 -18.22 -30.01 18.59
N ALA D 834 -18.02 -29.53 19.82
CA ALA D 834 -17.18 -30.24 20.77
C ALA D 834 -17.80 -31.59 21.15
N THR D 835 -19.11 -31.63 21.31
CA THR D 835 -19.78 -32.88 21.66
C THR D 835 -19.60 -33.94 20.58
N ILE D 836 -19.70 -33.53 19.31
CA ILE D 836 -19.50 -34.46 18.21
C ILE D 836 -18.08 -35.02 18.22
N ALA D 837 -17.10 -34.15 18.45
CA ALA D 837 -15.71 -34.59 18.52
C ALA D 837 -15.49 -35.54 19.69
N ALA D 838 -16.10 -35.23 20.84
CA ALA D 838 -15.98 -36.12 21.99
C ALA D 838 -16.61 -37.48 21.72
N LYS D 839 -17.75 -37.48 21.04
CA LYS D 839 -18.39 -38.75 20.68
C LYS D 839 -17.53 -39.56 19.73
N ARG D 840 -16.92 -38.89 18.75
CA ARG D 840 -16.06 -39.61 17.79
C ARG D 840 -14.84 -40.20 18.48
N ALA D 841 -14.25 -39.48 19.42
CA ALA D 841 -13.06 -39.95 20.12
C ALA D 841 -13.36 -41.09 21.09
N GLY D 842 -14.62 -41.41 21.34
CA GLY D 842 -14.96 -42.48 22.25
C GLY D 842 -14.99 -42.10 23.71
N VAL D 843 -15.15 -40.82 24.01
CA VAL D 843 -15.21 -40.35 25.39
C VAL D 843 -16.59 -40.64 25.96
N THR D 844 -16.63 -41.21 27.16
CA THR D 844 -17.89 -41.54 27.82
C THR D 844 -18.36 -40.46 28.78
N CYS D 845 -17.46 -39.93 29.60
CA CYS D 845 -17.80 -38.90 30.57
C CYS D 845 -17.28 -37.56 30.09
N ILE D 846 -18.16 -36.56 30.05
CA ILE D 846 -17.82 -35.22 29.59
C ILE D 846 -18.27 -34.22 30.64
N VAL D 847 -17.39 -33.28 30.99
CA VAL D 847 -17.67 -32.23 31.97
C VAL D 847 -17.85 -30.92 31.22
N LEU D 848 -18.96 -30.24 31.47
CA LEU D 848 -19.29 -29.00 30.79
C LEU D 848 -19.64 -27.92 31.81
N PRO D 849 -19.46 -26.65 31.46
CA PRO D 849 -19.91 -25.58 32.35
C PRO D 849 -21.42 -25.60 32.52
N ALA D 850 -21.86 -25.16 33.71
CA ALA D 850 -23.29 -25.17 34.00
C ALA D 850 -24.06 -24.24 33.09
N GLU D 851 -23.47 -23.10 32.72
CA GLU D 851 -24.13 -22.15 31.84
C GLU D 851 -24.27 -22.65 30.41
N ASN D 852 -23.60 -23.75 30.06
CA ASN D 852 -23.71 -24.36 28.74
C ASN D 852 -24.72 -25.50 28.72
N LYS D 853 -25.52 -25.65 29.77
CA LYS D 853 -26.52 -26.72 29.82
C LYS D 853 -27.55 -26.57 28.71
N LYS D 854 -27.97 -25.33 28.44
CA LYS D 854 -28.96 -25.09 27.39
C LYS D 854 -28.44 -25.52 26.02
N ASP D 855 -27.19 -25.20 25.72
CA ASP D 855 -26.62 -25.57 24.42
C ASP D 855 -26.51 -27.08 24.28
N PHE D 856 -26.10 -27.78 25.33
CA PHE D 856 -25.93 -29.22 25.25
C PHE D 856 -27.25 -29.93 25.00
N TYR D 857 -28.32 -29.51 25.68
CA TYR D 857 -29.61 -30.17 25.54
C TYR D 857 -30.36 -29.75 24.28
N ASP D 858 -29.85 -28.76 23.55
CA ASP D 858 -30.44 -28.39 22.26
C ASP D 858 -29.95 -29.30 21.14
N LEU D 859 -29.01 -30.19 21.41
CA LEU D 859 -28.49 -31.11 20.40
C LEU D 859 -29.49 -32.21 20.12
N ALA D 860 -29.21 -32.98 19.06
CA ALA D 860 -30.07 -34.10 18.70
C ALA D 860 -30.01 -35.19 19.77
N ALA D 861 -31.08 -35.98 19.84
CA ALA D 861 -31.16 -37.02 20.87
C ALA D 861 -30.07 -38.06 20.69
N PHE D 862 -29.79 -38.47 19.45
CA PHE D 862 -28.79 -39.51 19.23
C PHE D 862 -27.38 -39.01 19.48
N ILE D 863 -27.15 -37.69 19.34
CA ILE D 863 -25.82 -37.15 19.59
C ILE D 863 -25.47 -37.24 21.08
N THR D 864 -26.41 -36.85 21.95
CA THR D 864 -26.17 -36.86 23.38
C THR D 864 -26.43 -38.23 24.01
N GLU D 865 -27.02 -39.17 23.28
CA GLU D 865 -27.29 -40.49 23.82
C GLU D 865 -25.98 -41.25 24.04
N GLY D 866 -25.89 -41.93 25.19
CA GLY D 866 -24.70 -42.67 25.53
C GLY D 866 -23.58 -41.85 26.12
N LEU D 867 -23.80 -40.56 26.38
CA LEU D 867 -22.80 -39.67 26.95
C LEU D 867 -23.20 -39.29 28.36
N GLU D 868 -22.32 -39.53 29.31
CA GLU D 868 -22.55 -39.15 30.71
C GLU D 868 -21.99 -37.74 30.90
N VAL D 869 -22.88 -36.75 30.89
CA VAL D 869 -22.48 -35.34 30.96
C VAL D 869 -22.55 -34.88 32.40
N HIS D 870 -21.61 -34.02 32.78
CA HIS D 870 -21.57 -33.41 34.10
C HIS D 870 -21.52 -31.90 33.94
N PHE D 871 -22.41 -31.20 34.64
CA PHE D 871 -22.45 -29.74 34.61
C PHE D 871 -21.99 -29.21 35.97
N VAL D 872 -21.03 -28.29 35.94
CA VAL D 872 -20.38 -27.80 37.15
C VAL D 872 -20.39 -26.27 37.15
N GLU D 873 -20.34 -25.71 38.35
CA GLU D 873 -20.24 -24.27 38.55
C GLU D 873 -18.88 -23.82 39.06
N HIS D 874 -18.24 -24.64 39.90
CA HIS D 874 -16.93 -24.34 40.44
C HIS D 874 -16.01 -25.52 40.17
N TYR D 875 -14.70 -25.24 40.16
CA TYR D 875 -13.73 -26.29 39.88
C TYR D 875 -13.68 -27.35 40.97
N ARG D 876 -14.10 -27.02 42.20
CA ARG D 876 -14.07 -28.01 43.27
C ARG D 876 -14.94 -29.22 42.95
N GLU D 877 -15.96 -29.04 42.10
CA GLU D 877 -16.74 -30.17 41.64
C GLU D 877 -16.00 -30.96 40.57
N ILE D 878 -15.19 -30.28 39.74
CA ILE D 878 -14.40 -30.97 38.74
C ILE D 878 -13.34 -31.85 39.39
N PHE D 879 -12.78 -31.40 40.51
CA PHE D 879 -11.76 -32.17 41.21
C PHE D 879 -12.29 -33.52 41.66
N ASP D 880 -13.50 -33.54 42.20
CA ASP D 880 -14.09 -34.82 42.63
C ASP D 880 -14.34 -35.74 41.44
N ILE D 881 -14.82 -35.20 40.32
CA ILE D 881 -15.09 -36.02 39.15
C ILE D 881 -13.79 -36.55 38.56
N ALA D 882 -12.79 -35.67 38.40
CA ALA D 882 -11.52 -36.10 37.83
C ALA D 882 -10.80 -37.09 38.74
N PHE D 883 -10.82 -36.83 40.06
CA PHE D 883 -10.16 -37.69 41.04
C PHE D 883 -11.22 -38.22 41.99
N PRO D 884 -11.75 -39.42 41.75
CA PRO D 884 -12.88 -39.92 42.54
C PRO D 884 -12.46 -40.59 43.84
N ASP D 885 -11.23 -40.37 44.27
CA ASP D 885 -10.71 -40.98 45.49
C ASP D 885 -11.60 -40.73 46.70
N GLU E 346 -18.63 1.05 -51.63
CA GLU E 346 -18.49 0.88 -50.20
C GLU E 346 -19.47 -0.18 -49.68
N LYS E 347 -20.73 -0.04 -50.07
CA LYS E 347 -21.75 -1.00 -49.65
C LYS E 347 -21.47 -2.38 -50.23
N ASP E 348 -21.04 -2.44 -51.49
CA ASP E 348 -20.74 -3.73 -52.11
C ASP E 348 -19.61 -4.43 -51.40
N ASP E 349 -18.56 -3.69 -51.03
CA ASP E 349 -17.48 -4.29 -50.25
C ASP E 349 -17.97 -4.75 -48.89
N LYS E 350 -18.80 -3.94 -48.23
CA LYS E 350 -19.38 -4.34 -46.96
C LYS E 350 -20.30 -5.55 -47.12
N ASP E 351 -21.00 -5.62 -48.25
CA ASP E 351 -21.87 -6.78 -48.51
C ASP E 351 -21.06 -8.07 -48.57
N ALA E 352 -19.90 -8.04 -49.22
CA ALA E 352 -19.05 -9.23 -49.26
C ALA E 352 -18.56 -9.61 -47.87
N ILE E 353 -18.27 -8.61 -47.03
CA ILE E 353 -17.85 -8.88 -45.65
C ILE E 353 -18.97 -9.58 -44.90
N GLU E 354 -20.21 -9.11 -45.08
CA GLU E 354 -21.35 -9.75 -44.42
C GLU E 354 -21.54 -11.18 -44.90
N GLU E 355 -21.39 -11.41 -46.20
CA GLU E 355 -21.63 -12.74 -46.75
C GLU E 355 -20.59 -13.75 -46.25
N LYS E 356 -19.32 -13.36 -46.22
CA LYS E 356 -18.27 -14.30 -45.80
C LYS E 356 -18.37 -14.61 -44.32
N PHE E 357 -18.77 -13.62 -43.51
CA PHE E 357 -18.96 -13.86 -42.09
C PHE E 357 -20.13 -14.80 -41.83
N ARG E 358 -21.21 -14.66 -42.60
CA ARG E 358 -22.37 -15.54 -42.43
C ARG E 358 -22.03 -16.98 -42.78
N GLU E 359 -21.16 -17.18 -43.77
CA GLU E 359 -20.79 -18.54 -44.16
C GLU E 359 -20.02 -19.25 -43.05
N ARG E 360 -19.18 -18.51 -42.32
CA ARG E 360 -18.37 -19.13 -41.28
C ARG E 360 -19.23 -19.70 -40.15
N LEU E 361 -20.31 -18.99 -39.80
CA LEU E 361 -21.16 -19.41 -38.70
C LEU E 361 -22.15 -20.51 -39.08
N LYS E 362 -22.21 -20.91 -40.35
CA LYS E 362 -23.14 -21.95 -40.77
C LYS E 362 -22.81 -23.27 -40.09
N GLU E 363 -21.53 -23.63 -40.01
CA GLU E 363 -21.15 -24.90 -39.42
C GLU E 363 -21.28 -24.91 -37.90
N LEU E 364 -20.98 -23.79 -37.26
CA LEU E 364 -21.05 -23.73 -35.79
C LEU E 364 -22.49 -23.82 -35.32
N VAL E 365 -22.68 -24.54 -34.21
CA VAL E 365 -24.00 -24.63 -33.56
C VAL E 365 -24.06 -23.47 -32.58
N VAL E 366 -24.44 -22.30 -33.09
CA VAL E 366 -24.44 -21.08 -32.27
C VAL E 366 -25.60 -21.14 -31.29
N PRO E 367 -25.39 -20.80 -30.01
CA PRO E 367 -26.49 -20.85 -29.04
C PRO E 367 -27.57 -19.84 -29.36
N LYS E 368 -28.71 -20.00 -28.68
CA LYS E 368 -29.86 -19.13 -28.93
C LYS E 368 -29.56 -17.68 -28.59
N HIS E 369 -28.87 -17.44 -27.48
CA HIS E 369 -28.59 -16.08 -27.05
C HIS E 369 -27.39 -15.47 -27.76
N VAL E 370 -26.70 -16.23 -28.61
CA VAL E 370 -25.52 -15.73 -29.30
C VAL E 370 -25.86 -15.25 -30.72
N MET E 371 -26.77 -15.95 -31.40
CA MET E 371 -27.09 -15.58 -32.78
C MET E 371 -27.72 -14.20 -32.86
N ASP E 372 -28.51 -13.82 -31.85
CA ASP E 372 -29.09 -12.49 -31.84
C ASP E 372 -28.00 -11.42 -31.68
N VAL E 373 -26.95 -11.73 -30.92
CA VAL E 373 -25.81 -10.82 -30.81
C VAL E 373 -25.13 -10.65 -32.15
N VAL E 374 -25.02 -11.73 -32.93
CA VAL E 374 -24.44 -11.64 -34.26
C VAL E 374 -25.33 -10.79 -35.16
N ASP E 375 -26.65 -10.98 -35.08
CA ASP E 375 -27.55 -10.26 -35.97
C ASP E 375 -27.50 -8.76 -35.73
N GLU E 376 -27.49 -8.33 -34.47
CA GLU E 376 -27.45 -6.90 -34.16
C GLU E 376 -26.10 -6.31 -34.56
N GLU E 377 -25.02 -7.05 -34.37
CA GLU E 377 -23.71 -6.57 -34.81
C GLU E 377 -23.64 -6.49 -36.33
N LEU E 378 -24.23 -7.46 -37.02
CA LEU E 378 -24.27 -7.41 -38.48
C LEU E 378 -25.12 -6.25 -38.96
N SER E 379 -26.23 -5.97 -38.28
CA SER E 379 -27.05 -4.82 -38.63
C SER E 379 -26.29 -3.51 -38.45
N LYS E 380 -25.53 -3.40 -37.35
CA LYS E 380 -24.70 -2.22 -37.13
C LYS E 380 -23.61 -2.12 -38.19
N LEU E 381 -23.04 -3.26 -38.60
CA LEU E 381 -22.06 -3.24 -39.68
C LEU E 381 -22.67 -2.79 -40.99
N GLY E 382 -23.96 -3.03 -41.20
CA GLY E 382 -24.61 -2.64 -42.44
C GLY E 382 -24.70 -1.13 -42.59
N LEU E 383 -24.99 -0.42 -41.51
CA LEU E 383 -25.20 1.01 -41.57
C LEU E 383 -23.95 1.83 -41.25
N LEU E 384 -22.81 1.17 -41.05
CA LEU E 384 -21.56 1.86 -40.75
C LEU E 384 -20.68 1.93 -42.00
N ASP E 385 -19.95 3.03 -42.12
CA ASP E 385 -19.06 3.24 -43.25
C ASP E 385 -17.71 2.60 -42.99
N ASN E 386 -17.02 2.25 -44.08
CA ASN E 386 -15.73 1.57 -43.96
C ASN E 386 -14.68 2.43 -43.26
N HIS E 387 -14.76 3.75 -43.43
CA HIS E 387 -13.77 4.65 -42.84
C HIS E 387 -14.08 5.03 -41.40
N SER E 388 -15.22 4.59 -40.86
CA SER E 388 -15.56 4.92 -39.50
C SER E 388 -14.64 4.18 -38.53
N SER E 389 -14.29 4.86 -37.43
CA SER E 389 -13.45 4.22 -36.40
C SER E 389 -14.18 3.05 -35.75
N GLU E 390 -15.48 3.21 -35.46
CA GLU E 390 -16.25 2.15 -34.85
C GLU E 390 -16.44 0.96 -35.79
N PHE E 391 -16.26 1.16 -37.09
CA PHE E 391 -16.38 0.05 -38.03
C PHE E 391 -15.34 -1.02 -37.76
N ASN E 392 -14.10 -0.60 -37.44
CA ASN E 392 -13.06 -1.57 -37.12
C ASN E 392 -13.40 -2.35 -35.86
N VAL E 393 -13.95 -1.68 -34.85
CA VAL E 393 -14.34 -2.37 -33.63
C VAL E 393 -15.46 -3.37 -33.91
N THR E 394 -16.47 -2.95 -34.69
CA THR E 394 -17.54 -3.87 -35.05
C THR E 394 -17.02 -5.02 -35.90
N ARG E 395 -16.13 -4.72 -36.85
CA ARG E 395 -15.57 -5.77 -37.70
C ARG E 395 -14.73 -6.75 -36.89
N ASN E 396 -13.91 -6.24 -35.97
CA ASN E 396 -13.03 -7.12 -35.20
C ASN E 396 -13.82 -7.95 -34.20
N TYR E 397 -14.75 -7.33 -33.48
CA TYR E 397 -15.50 -8.06 -32.46
C TYR E 397 -16.37 -9.15 -33.08
N LEU E 398 -17.04 -8.85 -34.20
CA LEU E 398 -17.86 -9.86 -34.85
C LEU E 398 -17.00 -11.01 -35.37
N ASP E 399 -15.78 -10.69 -35.82
CA ASP E 399 -14.85 -11.74 -36.23
C ASP E 399 -14.51 -12.66 -35.06
N TRP E 400 -14.29 -12.09 -33.88
CA TRP E 400 -13.98 -12.89 -32.71
C TRP E 400 -15.15 -13.80 -32.34
N LEU E 401 -16.38 -13.28 -32.42
CA LEU E 401 -17.55 -14.11 -32.13
C LEU E 401 -17.69 -15.24 -33.13
N THR E 402 -17.45 -14.97 -34.42
CA THR E 402 -17.51 -16.03 -35.42
C THR E 402 -16.33 -16.99 -35.28
N SER E 403 -15.17 -16.49 -34.87
CA SER E 403 -13.99 -17.35 -34.76
C SER E 403 -14.13 -18.35 -33.62
N ILE E 404 -14.77 -17.96 -32.53
CA ILE E 404 -14.92 -18.87 -31.39
C ILE E 404 -15.87 -20.00 -31.77
N PRO E 405 -15.46 -21.27 -31.67
CA PRO E 405 -16.35 -22.36 -32.04
C PRO E 405 -17.55 -22.46 -31.11
N TRP E 406 -18.68 -22.88 -31.67
CA TRP E 406 -19.91 -23.10 -30.92
C TRP E 406 -20.46 -24.46 -31.29
N GLY E 407 -20.39 -25.40 -30.35
CA GLY E 407 -20.86 -26.75 -30.61
C GLY E 407 -19.92 -27.63 -31.38
N LYS E 408 -18.68 -27.18 -31.61
CA LYS E 408 -17.68 -27.99 -32.31
C LYS E 408 -16.78 -28.64 -31.27
N TYR E 409 -16.70 -29.97 -31.31
CA TYR E 409 -15.93 -30.73 -30.34
C TYR E 409 -14.86 -31.55 -31.07
N SER E 410 -13.67 -31.60 -30.48
CA SER E 410 -12.60 -32.40 -31.05
C SER E 410 -12.94 -33.89 -30.96
N ASN E 411 -12.52 -34.64 -31.98
CA ASN E 411 -12.81 -36.07 -32.03
C ASN E 411 -11.97 -36.78 -30.97
N GLU E 412 -12.62 -37.14 -29.86
CA GLU E 412 -11.91 -37.78 -28.77
C GLU E 412 -11.58 -39.24 -29.09
N ASN E 413 -10.53 -39.74 -28.46
CA ASN E 413 -10.14 -41.14 -28.57
C ASN E 413 -10.63 -41.90 -27.35
N LEU E 414 -11.30 -43.01 -27.58
CA LEU E 414 -11.88 -43.81 -26.51
C LEU E 414 -11.40 -45.26 -26.59
N ASP E 415 -10.11 -45.45 -26.82
CA ASP E 415 -9.50 -46.77 -26.84
C ASP E 415 -8.54 -46.87 -25.66
N LEU E 416 -8.83 -47.78 -24.73
CA LEU E 416 -8.00 -47.92 -23.54
C LEU E 416 -6.61 -48.44 -23.89
N ALA E 417 -6.53 -49.41 -24.81
CA ALA E 417 -5.24 -49.99 -25.16
C ALA E 417 -4.35 -48.98 -25.87
N ARG E 418 -4.90 -48.27 -26.86
CA ARG E 418 -4.11 -47.31 -27.61
C ARG E 418 -3.66 -46.14 -26.73
N ALA E 419 -4.57 -45.64 -25.89
CA ALA E 419 -4.21 -44.52 -25.01
C ALA E 419 -3.14 -44.92 -24.00
N GLN E 420 -3.22 -46.14 -23.47
CA GLN E 420 -2.20 -46.60 -22.54
C GLN E 420 -0.84 -46.70 -23.21
N ALA E 421 -0.80 -47.20 -24.44
CA ALA E 421 0.46 -47.33 -25.16
C ALA E 421 1.09 -45.97 -25.40
N VAL E 422 0.28 -44.96 -25.73
CA VAL E 422 0.81 -43.62 -25.94
C VAL E 422 1.40 -43.07 -24.65
N LEU E 423 0.71 -43.28 -23.52
CA LEU E 423 1.21 -42.76 -22.25
C LEU E 423 2.51 -43.44 -21.84
N GLU E 424 2.62 -44.75 -22.04
CA GLU E 424 3.83 -45.47 -21.66
C GLU E 424 5.03 -45.04 -22.49
N GLU E 425 4.83 -44.84 -23.80
CA GLU E 425 5.93 -44.48 -24.68
C GLU E 425 6.33 -43.01 -24.55
N ASP E 426 5.49 -42.17 -23.96
CA ASP E 426 5.79 -40.75 -23.86
C ASP E 426 6.44 -40.36 -22.54
N HIS E 427 6.28 -41.17 -21.50
CA HIS E 427 6.82 -40.83 -20.19
C HIS E 427 7.21 -42.11 -19.45
N TYR E 428 8.07 -41.94 -18.45
CA TYR E 428 8.51 -43.03 -17.59
C TYR E 428 7.88 -42.88 -16.21
N GLY E 429 7.45 -43.99 -15.64
CA GLY E 429 6.83 -43.94 -14.33
C GLY E 429 5.48 -43.24 -14.36
N MET E 430 5.21 -42.45 -13.34
CA MET E 430 3.96 -41.71 -13.20
C MET E 430 2.76 -42.66 -13.27
N GLU E 431 2.83 -43.73 -12.49
CA GLU E 431 1.75 -44.71 -12.47
C GLU E 431 0.46 -44.11 -11.96
N ASP E 432 0.54 -43.28 -10.92
CA ASP E 432 -0.67 -42.65 -10.38
C ASP E 432 -1.32 -41.74 -11.40
N VAL E 433 -0.52 -40.95 -12.12
CA VAL E 433 -1.07 -40.07 -13.15
C VAL E 433 -1.67 -40.89 -14.29
N LYS E 434 -0.96 -41.94 -14.72
CA LYS E 434 -1.47 -42.77 -15.82
C LYS E 434 -2.74 -43.50 -15.42
N LYS E 435 -2.83 -43.95 -14.17
CA LYS E 435 -4.04 -44.63 -13.71
C LYS E 435 -5.25 -43.71 -13.75
N ARG E 436 -5.08 -42.46 -13.33
CA ARG E 436 -6.19 -41.51 -13.36
C ARG E 436 -6.64 -41.23 -14.79
N ILE E 437 -5.69 -41.08 -15.72
CA ILE E 437 -6.03 -40.82 -17.11
C ILE E 437 -6.78 -42.01 -17.70
N LEU E 438 -6.32 -43.23 -17.42
CA LEU E 438 -7.00 -44.41 -17.92
C LEU E 438 -8.41 -44.51 -17.35
N GLU E 439 -8.57 -44.21 -16.06
CA GLU E 439 -9.90 -44.17 -15.46
C GLU E 439 -10.76 -43.07 -16.07
N PHE E 440 -10.14 -41.96 -16.46
CA PHE E 440 -10.88 -40.87 -17.11
C PHE E 440 -11.48 -41.34 -18.43
N ILE E 441 -10.72 -42.11 -19.21
CA ILE E 441 -11.23 -42.61 -20.48
C ILE E 441 -12.36 -43.62 -20.25
N ALA E 442 -12.20 -44.48 -19.25
CA ALA E 442 -13.21 -45.50 -18.99
C ALA E 442 -14.54 -44.87 -18.58
N VAL E 443 -14.50 -43.82 -17.76
CA VAL E 443 -15.73 -43.14 -17.35
C VAL E 443 -16.41 -42.52 -18.55
N SER E 444 -15.63 -41.87 -19.43
CA SER E 444 -16.20 -41.27 -20.63
C SER E 444 -16.82 -42.31 -21.54
N GLN E 445 -16.21 -43.51 -21.60
CA GLN E 445 -16.79 -44.58 -22.39
C GLN E 445 -18.15 -45.01 -21.86
N LEU E 446 -18.28 -45.13 -20.54
CA LEU E 446 -19.56 -45.50 -19.95
C LEU E 446 -20.59 -44.39 -20.13
N ARG E 447 -20.17 -43.13 -19.96
CA ARG E 447 -21.10 -42.01 -20.13
C ARG E 447 -21.60 -41.90 -21.56
N GLY E 448 -20.79 -42.30 -22.54
CA GLY E 448 -21.17 -42.21 -23.93
C GLY E 448 -20.94 -40.84 -24.55
N SER E 449 -20.38 -39.89 -23.81
CA SER E 449 -20.12 -38.56 -24.35
C SER E 449 -18.91 -37.97 -23.64
N THR E 450 -18.33 -36.96 -24.27
CA THR E 450 -17.17 -36.28 -23.69
C THR E 450 -17.57 -35.58 -22.40
N GLN E 451 -16.62 -35.52 -21.46
CA GLN E 451 -16.85 -34.88 -20.19
C GLN E 451 -15.53 -34.28 -19.70
N GLY E 452 -15.65 -33.33 -18.77
CA GLY E 452 -14.49 -32.65 -18.25
C GLY E 452 -14.24 -32.89 -16.77
N LYS E 453 -13.00 -32.66 -16.33
CA LYS E 453 -12.65 -32.85 -14.93
C LYS E 453 -11.54 -31.88 -14.58
N ILE E 454 -11.39 -31.62 -13.29
CA ILE E 454 -10.35 -30.74 -12.76
C ILE E 454 -9.33 -31.59 -12.03
N LEU E 455 -8.09 -31.56 -12.51
CA LEU E 455 -7.02 -32.36 -11.96
C LEU E 455 -5.86 -31.47 -11.53
N CYS E 456 -5.18 -31.88 -10.47
CA CYS E 456 -4.03 -31.15 -9.94
C CYS E 456 -2.85 -32.09 -9.81
N PHE E 457 -1.70 -31.68 -10.34
CA PHE E 457 -0.44 -32.39 -10.17
C PHE E 457 0.49 -31.52 -9.33
N TYR E 458 0.95 -32.07 -8.20
CA TYR E 458 1.84 -31.33 -7.32
C TYR E 458 3.07 -32.19 -7.00
N GLY E 459 4.23 -31.54 -7.00
CA GLY E 459 5.48 -32.21 -6.73
C GLY E 459 6.67 -31.31 -7.00
N PRO E 460 7.87 -31.85 -6.84
CA PRO E 460 9.07 -31.06 -7.10
C PRO E 460 9.15 -30.68 -8.57
N PRO E 461 9.73 -29.53 -8.88
CA PRO E 461 9.86 -29.14 -10.28
C PRO E 461 10.83 -30.06 -11.02
N GLY E 462 10.60 -30.18 -12.33
CA GLY E 462 11.40 -31.06 -13.15
C GLY E 462 10.98 -32.52 -13.14
N VAL E 463 9.94 -32.85 -12.38
CA VAL E 463 9.45 -34.23 -12.36
C VAL E 463 8.80 -34.60 -13.69
N GLY E 464 8.11 -33.66 -14.33
CA GLY E 464 7.45 -33.92 -15.59
C GLY E 464 5.98 -33.59 -15.57
N LYS E 465 5.58 -32.67 -14.68
CA LYS E 465 4.18 -32.27 -14.57
C LYS E 465 3.70 -31.59 -15.84
N THR E 466 4.52 -30.69 -16.40
CA THR E 466 4.11 -29.98 -17.61
C THR E 466 4.19 -30.88 -18.84
N SER E 467 5.20 -31.75 -18.91
CA SER E 467 5.38 -32.58 -20.09
C SER E 467 4.30 -33.65 -20.21
N ILE E 468 3.87 -34.22 -19.08
CA ILE E 468 2.83 -35.25 -19.11
C ILE E 468 1.51 -34.67 -19.60
N ALA E 469 1.29 -33.36 -19.41
CA ALA E 469 0.07 -32.73 -19.89
C ALA E 469 -0.01 -32.79 -21.41
N ARG E 470 1.12 -32.56 -22.10
CA ARG E 470 1.13 -32.68 -23.55
C ARG E 470 0.87 -34.10 -24.00
N SER E 471 1.46 -35.08 -23.30
CA SER E 471 1.24 -36.47 -23.65
C SER E 471 -0.23 -36.87 -23.43
N ILE E 472 -0.85 -36.38 -22.37
CA ILE E 472 -2.25 -36.69 -22.10
C ILE E 472 -3.13 -36.15 -23.21
N ALA E 473 -2.89 -34.91 -23.64
CA ALA E 473 -3.69 -34.34 -24.72
C ALA E 473 -3.51 -35.11 -26.02
N ARG E 474 -2.28 -35.53 -26.31
CA ARG E 474 -2.04 -36.36 -27.50
C ARG E 474 -2.75 -37.69 -27.38
N ALA E 475 -2.68 -38.32 -26.20
CA ALA E 475 -3.38 -39.59 -26.00
C ALA E 475 -4.89 -39.43 -26.10
N LEU E 476 -5.42 -38.33 -25.56
CA LEU E 476 -6.85 -38.08 -25.57
C LEU E 476 -7.33 -37.43 -26.85
N ASN E 477 -6.45 -37.18 -27.82
CA ASN E 477 -6.81 -36.54 -29.08
C ASN E 477 -7.44 -35.17 -28.85
N ARG E 478 -6.90 -34.42 -27.90
CA ARG E 478 -7.39 -33.10 -27.54
C ARG E 478 -6.41 -32.04 -28.04
N GLU E 479 -6.71 -30.79 -27.71
CA GLU E 479 -5.85 -29.66 -28.02
C GLU E 479 -5.20 -29.14 -26.74
N TYR E 480 -3.89 -28.96 -26.78
CA TYR E 480 -3.12 -28.59 -25.60
C TYR E 480 -2.94 -27.08 -25.54
N PHE E 481 -3.24 -26.51 -24.37
CA PHE E 481 -3.06 -25.08 -24.13
C PHE E 481 -2.47 -24.90 -22.74
N ARG E 482 -1.50 -24.00 -22.63
CA ARG E 482 -0.80 -23.77 -21.38
C ARG E 482 -0.75 -22.28 -21.05
N PHE E 483 -1.05 -21.96 -19.79
CA PHE E 483 -0.87 -20.60 -19.30
C PHE E 483 -0.60 -20.67 -17.81
N SER E 484 0.08 -19.65 -17.30
CA SER E 484 0.53 -19.60 -15.91
C SER E 484 -0.18 -18.49 -15.15
N VAL E 485 -0.42 -18.73 -13.87
CA VAL E 485 -1.03 -17.75 -12.98
C VAL E 485 -0.19 -17.47 -11.75
N GLY E 486 1.01 -18.05 -11.65
CA GLY E 486 1.85 -17.78 -10.50
C GLY E 486 2.36 -16.35 -10.52
N GLY E 487 2.25 -15.68 -9.37
CA GLY E 487 2.64 -14.28 -9.30
C GLY E 487 1.83 -13.38 -10.20
N MET E 488 0.58 -13.74 -10.47
CA MET E 488 -0.31 -12.96 -11.32
C MET E 488 -1.38 -12.29 -10.46
N THR E 489 -1.60 -11.01 -10.70
CA THR E 489 -2.47 -10.20 -9.87
C THR E 489 -3.67 -9.62 -10.61
N ASP E 490 -3.62 -9.55 -11.94
CA ASP E 490 -4.70 -8.93 -12.72
C ASP E 490 -5.71 -9.98 -13.11
N VAL E 491 -7.00 -9.69 -12.87
CA VAL E 491 -8.08 -10.59 -13.26
C VAL E 491 -8.54 -10.34 -14.69
N ALA E 492 -8.16 -9.19 -15.27
CA ALA E 492 -8.58 -8.89 -16.64
C ALA E 492 -7.95 -9.86 -17.64
N GLU E 493 -6.79 -10.41 -17.32
CA GLU E 493 -6.14 -11.36 -18.21
C GLU E 493 -7.01 -12.59 -18.45
N ILE E 494 -7.73 -13.03 -17.42
CA ILE E 494 -8.55 -14.24 -17.54
C ILE E 494 -9.70 -14.01 -18.52
N LYS E 495 -10.38 -12.86 -18.42
CA LYS E 495 -11.59 -12.61 -19.19
C LYS E 495 -11.46 -11.45 -20.16
N GLY E 496 -10.25 -10.98 -20.44
CA GLY E 496 -10.08 -9.90 -21.40
C GLY E 496 -10.50 -8.55 -20.83
N HIS E 497 -10.77 -7.62 -21.73
CA HIS E 497 -11.18 -6.27 -21.38
C HIS E 497 -12.47 -5.91 -22.08
N ARG E 498 -12.99 -4.73 -21.75
CA ARG E 498 -14.24 -4.26 -22.33
C ARG E 498 -14.06 -3.98 -23.82
N ARG E 499 -15.13 -4.20 -24.58
CA ARG E 499 -15.09 -3.97 -26.02
C ARG E 499 -14.84 -2.51 -26.37
N THR E 500 -15.48 -1.59 -25.64
CA THR E 500 -15.38 -0.17 -25.97
C THR E 500 -13.97 0.36 -25.75
N TYR E 501 -13.17 -0.30 -24.92
CA TYR E 501 -11.80 0.14 -24.67
C TYR E 501 -10.97 -0.02 -25.94
N VAL E 502 -10.16 1.00 -26.22
CA VAL E 502 -9.30 0.99 -27.39
C VAL E 502 -8.11 0.07 -27.12
N GLY E 503 -7.79 -0.77 -28.10
CA GLY E 503 -6.71 -1.73 -27.93
C GLY E 503 -6.98 -2.79 -26.89
N ALA E 504 -8.20 -3.34 -26.89
CA ALA E 504 -8.60 -4.37 -25.96
C ALA E 504 -8.80 -5.69 -26.69
N MET E 505 -8.40 -6.78 -26.06
CA MET E 505 -8.45 -8.12 -26.62
C MET E 505 -9.14 -9.06 -25.65
N PRO E 506 -9.73 -10.14 -26.15
CA PRO E 506 -10.38 -11.12 -25.28
C PRO E 506 -9.36 -11.82 -24.38
N GLY E 507 -9.90 -12.58 -23.42
CA GLY E 507 -9.06 -13.27 -22.47
C GLY E 507 -8.35 -14.47 -23.08
N LYS E 508 -7.45 -15.06 -22.29
CA LYS E 508 -6.69 -16.22 -22.74
C LYS E 508 -7.58 -17.41 -23.02
N ILE E 509 -8.59 -17.64 -22.17
CA ILE E 509 -9.54 -18.73 -22.42
C ILE E 509 -10.29 -18.49 -23.72
N ILE E 510 -10.74 -17.25 -23.94
CA ILE E 510 -11.37 -16.92 -25.21
C ILE E 510 -10.39 -17.05 -26.35
N GLN E 511 -9.15 -16.58 -26.15
CA GLN E 511 -8.11 -16.78 -27.16
C GLN E 511 -7.81 -18.25 -27.36
N CYS E 512 -7.97 -19.07 -26.31
CA CYS E 512 -7.76 -20.50 -26.44
C CYS E 512 -8.76 -21.13 -27.41
N LEU E 513 -10.02 -20.67 -27.37
CA LEU E 513 -11.06 -21.30 -28.18
C LEU E 513 -10.76 -21.17 -29.66
N LYS E 514 -10.28 -20.01 -30.10
CA LYS E 514 -10.01 -19.81 -31.52
C LYS E 514 -8.83 -20.65 -31.99
N LYS E 515 -7.72 -20.61 -31.24
CA LYS E 515 -6.52 -21.33 -31.68
C LYS E 515 -6.74 -22.85 -31.62
N THR E 516 -7.43 -23.34 -30.59
CA THR E 516 -7.74 -24.75 -30.53
C THR E 516 -8.83 -25.13 -31.52
N LYS E 517 -9.70 -24.18 -31.88
CA LYS E 517 -10.77 -24.39 -32.85
C LYS E 517 -11.70 -25.52 -32.42
N THR E 518 -11.91 -25.67 -31.12
CA THR E 518 -12.81 -26.70 -30.60
C THR E 518 -13.31 -26.26 -29.23
N GLU E 519 -14.46 -26.82 -28.84
CA GLU E 519 -15.03 -26.56 -27.52
C GLU E 519 -14.64 -27.62 -26.50
N ASN E 520 -13.74 -28.53 -26.85
CA ASN E 520 -13.26 -29.57 -25.95
C ASN E 520 -11.74 -29.60 -25.96
N PRO E 521 -11.10 -28.53 -25.44
CA PRO E 521 -9.64 -28.51 -25.37
C PRO E 521 -9.10 -29.02 -24.04
N LEU E 522 -7.78 -29.07 -23.92
CA LEU E 522 -7.12 -29.38 -22.65
C LEU E 522 -6.38 -28.13 -22.19
N ILE E 523 -6.71 -27.65 -21.00
CA ILE E 523 -6.16 -26.41 -20.47
C ILE E 523 -5.23 -26.77 -19.31
N LEU E 524 -4.02 -26.21 -19.34
CA LEU E 524 -3.02 -26.42 -18.30
C LEU E 524 -2.78 -25.12 -17.56
N ILE E 525 -2.89 -25.16 -16.24
CA ILE E 525 -2.64 -24.01 -15.37
C ILE E 525 -1.38 -24.28 -14.58
N ASP E 526 -0.48 -23.31 -14.56
CA ASP E 526 0.84 -23.49 -13.98
C ASP E 526 1.03 -22.57 -12.78
N GLU E 527 1.78 -23.05 -11.79
CA GLU E 527 2.12 -22.31 -10.58
C GLU E 527 0.85 -21.82 -9.87
N VAL E 528 -0.10 -22.75 -9.65
CA VAL E 528 -1.30 -22.40 -8.91
C VAL E 528 -0.97 -22.09 -7.46
N ASP E 529 -0.03 -22.82 -6.87
CA ASP E 529 0.33 -22.58 -5.48
C ASP E 529 1.07 -21.25 -5.29
N LYS E 530 1.54 -20.65 -6.38
CA LYS E 530 2.32 -19.42 -6.31
C LYS E 530 1.46 -18.17 -6.47
N ILE E 531 0.14 -18.31 -6.60
CA ILE E 531 -0.71 -17.13 -6.65
C ILE E 531 -0.76 -16.47 -5.28
N GLY E 532 -0.91 -15.14 -5.27
CA GLY E 532 -0.93 -14.39 -4.04
C GLY E 532 -2.00 -13.31 -4.08
N ARG E 533 -2.30 -12.78 -2.89
CA ARG E 533 -3.28 -11.71 -2.77
C ARG E 533 -2.70 -10.40 -3.28
N GLY E 534 -3.52 -9.64 -3.97
CA GLY E 534 -3.08 -8.37 -4.55
C GLY E 534 -4.03 -7.25 -4.23
N TYR E 535 -3.49 -6.03 -4.28
CA TYR E 535 -4.29 -4.85 -3.98
C TYR E 535 -5.24 -4.51 -5.12
N GLN E 536 -4.76 -4.61 -6.37
CA GLN E 536 -5.59 -4.23 -7.50
C GLN E 536 -6.76 -5.20 -7.68
N GLY E 537 -6.55 -6.48 -7.47
CA GLY E 537 -7.61 -7.46 -7.61
C GLY E 537 -7.16 -8.83 -7.16
N ASP E 538 -8.13 -9.67 -6.84
CA ASP E 538 -7.88 -11.03 -6.39
C ASP E 538 -8.35 -12.01 -7.44
N PRO E 539 -7.46 -12.62 -8.22
CA PRO E 539 -7.90 -13.59 -9.23
C PRO E 539 -8.35 -14.92 -8.65
N SER E 540 -8.21 -15.13 -7.34
CA SER E 540 -8.62 -16.39 -6.73
C SER E 540 -10.11 -16.62 -6.91
N SER E 541 -10.92 -15.56 -6.81
CA SER E 541 -12.35 -15.68 -7.04
C SER E 541 -12.64 -16.14 -8.47
N ALA E 542 -11.92 -15.58 -9.44
CA ALA E 542 -12.08 -16.02 -10.83
C ALA E 542 -11.66 -17.47 -11.01
N LEU E 543 -10.58 -17.89 -10.35
CA LEU E 543 -10.15 -19.28 -10.44
C LEU E 543 -11.15 -20.22 -9.79
N LEU E 544 -11.82 -19.78 -8.72
CA LEU E 544 -12.82 -20.62 -8.07
C LEU E 544 -13.98 -20.92 -9.00
N GLU E 545 -14.43 -19.92 -9.77
CA GLU E 545 -15.51 -20.15 -10.73
C GLU E 545 -15.07 -21.09 -11.84
N LEU E 546 -13.81 -20.99 -12.28
CA LEU E 546 -13.32 -21.84 -13.35
C LEU E 546 -13.33 -23.31 -12.94
N LEU E 547 -12.92 -23.61 -11.71
CA LEU E 547 -12.78 -24.97 -11.25
C LEU E 547 -14.03 -25.51 -10.57
N ASP E 548 -15.09 -24.71 -10.49
CA ASP E 548 -16.34 -25.17 -9.89
C ASP E 548 -17.22 -25.80 -10.97
N PRO E 549 -17.55 -27.09 -10.88
CA PRO E 549 -18.37 -27.72 -11.93
C PRO E 549 -19.71 -27.06 -12.13
N GLU E 550 -20.32 -26.51 -11.08
CA GLU E 550 -21.58 -25.81 -11.24
C GLU E 550 -21.39 -24.45 -11.91
N GLN E 551 -20.34 -23.72 -11.50
CA GLN E 551 -20.13 -22.37 -12.02
C GLN E 551 -19.55 -22.36 -13.42
N ASN E 552 -18.66 -23.30 -13.74
CA ASN E 552 -17.98 -23.25 -15.04
C ASN E 552 -18.91 -23.62 -16.19
N ALA E 553 -20.11 -24.11 -15.91
CA ALA E 553 -21.07 -24.42 -16.97
C ALA E 553 -21.41 -23.18 -17.77
N ASN E 554 -21.42 -22.01 -17.11
CA ASN E 554 -21.66 -20.73 -17.76
C ASN E 554 -20.57 -19.76 -17.31
N PHE E 555 -19.64 -19.46 -18.19
CA PHE E 555 -18.52 -18.58 -17.89
C PHE E 555 -18.72 -17.25 -18.61
N LEU E 556 -18.61 -16.16 -17.86
CA LEU E 556 -18.81 -14.81 -18.39
C LEU E 556 -17.47 -14.11 -18.57
N ASP E 557 -17.19 -13.68 -19.79
CA ASP E 557 -15.97 -12.94 -20.09
C ASP E 557 -16.26 -11.44 -20.08
N HIS E 558 -15.27 -10.64 -20.45
CA HIS E 558 -15.43 -9.18 -20.48
C HIS E 558 -15.42 -8.58 -21.87
N TYR E 559 -15.05 -9.35 -22.90
CA TYR E 559 -15.07 -8.87 -24.28
C TYR E 559 -16.29 -9.39 -25.04
N LEU E 560 -16.47 -10.70 -25.09
CA LEU E 560 -17.61 -11.27 -25.80
C LEU E 560 -18.92 -11.00 -25.08
N ASP E 561 -18.88 -10.90 -23.75
CA ASP E 561 -20.05 -10.58 -22.93
C ASP E 561 -21.17 -11.60 -23.11
N VAL E 562 -20.82 -12.85 -23.40
CA VAL E 562 -21.81 -13.92 -23.53
C VAL E 562 -21.32 -15.13 -22.76
N PRO E 563 -22.20 -15.91 -22.14
CA PRO E 563 -21.76 -17.11 -21.44
C PRO E 563 -21.20 -18.15 -22.40
N VAL E 564 -20.16 -18.85 -21.96
CA VAL E 564 -19.53 -19.90 -22.73
C VAL E 564 -19.51 -21.17 -21.89
N ASP E 565 -19.89 -22.29 -22.50
CA ASP E 565 -19.91 -23.55 -21.79
C ASP E 565 -18.49 -24.06 -21.58
N LEU E 566 -17.90 -23.73 -20.43
CA LEU E 566 -16.54 -24.14 -20.11
C LEU E 566 -16.48 -25.55 -19.53
N SER E 567 -17.63 -26.18 -19.33
CA SER E 567 -17.64 -27.58 -18.91
C SER E 567 -17.15 -28.47 -20.05
N LYS E 568 -17.02 -29.76 -19.75
CA LYS E 568 -16.49 -30.74 -20.71
C LYS E 568 -15.08 -30.36 -21.16
N VAL E 569 -14.33 -29.67 -20.30
CA VAL E 569 -12.95 -29.28 -20.57
C VAL E 569 -12.08 -29.83 -19.46
N LEU E 570 -11.03 -30.56 -19.84
CA LEU E 570 -10.13 -31.17 -18.87
C LEU E 570 -9.18 -30.12 -18.33
N PHE E 571 -9.37 -29.73 -17.07
CA PHE E 571 -8.53 -28.73 -16.43
C PHE E 571 -7.44 -29.43 -15.64
N ILE E 572 -6.18 -29.16 -16.01
CA ILE E 572 -5.02 -29.70 -15.33
C ILE E 572 -4.22 -28.54 -14.75
N CYS E 573 -3.94 -28.59 -13.46
CA CYS E 573 -3.19 -27.55 -12.80
C CYS E 573 -1.95 -28.15 -12.15
N THR E 574 -0.86 -27.39 -12.15
CA THR E 574 0.43 -27.84 -11.63
C THR E 574 0.88 -26.91 -10.51
N ALA E 575 1.44 -27.51 -9.45
CA ALA E 575 1.92 -26.76 -8.30
C ALA E 575 3.09 -27.51 -7.68
N ASN E 576 3.78 -26.84 -6.76
CA ASN E 576 4.90 -27.46 -6.06
C ASN E 576 4.48 -28.02 -4.70
N VAL E 577 3.67 -27.28 -3.95
CA VAL E 577 3.18 -27.72 -2.65
C VAL E 577 1.70 -27.44 -2.56
N THR E 578 1.01 -28.19 -1.70
CA THR E 578 -0.42 -28.05 -1.54
C THR E 578 -0.82 -27.13 -0.39
N ASP E 579 0.09 -26.87 0.55
CA ASP E 579 -0.26 -26.04 1.70
C ASP E 579 -0.55 -24.61 1.29
N THR E 580 0.25 -24.05 0.37
CA THR E 580 0.06 -22.68 -0.06
C THR E 580 -1.09 -22.49 -1.03
N ILE E 581 -1.65 -23.59 -1.56
CA ILE E 581 -2.84 -23.47 -2.42
C ILE E 581 -4.01 -22.99 -1.58
N PRO E 582 -4.83 -22.06 -2.06
CA PRO E 582 -5.96 -21.58 -1.27
C PRO E 582 -6.91 -22.71 -0.90
N GLU E 583 -7.48 -22.62 0.30
CA GLU E 583 -8.38 -23.66 0.79
C GLU E 583 -9.59 -23.88 -0.12
N PRO E 584 -10.34 -22.84 -0.55
CA PRO E 584 -11.45 -23.11 -1.47
C PRO E 584 -11.01 -23.71 -2.79
N LEU E 585 -9.83 -23.34 -3.28
CA LEU E 585 -9.35 -23.91 -4.54
C LEU E 585 -8.91 -25.36 -4.37
N ARG E 586 -8.43 -25.72 -3.18
CA ARG E 586 -7.99 -27.10 -2.94
C ARG E 586 -9.16 -28.08 -3.02
N ASP E 587 -10.32 -27.67 -2.51
CA ASP E 587 -11.48 -28.56 -2.51
C ASP E 587 -11.95 -28.88 -3.92
N ARG E 588 -11.95 -27.88 -4.81
CA ARG E 588 -12.41 -28.08 -6.17
C ARG E 588 -11.41 -28.85 -7.03
N MET E 589 -10.17 -29.03 -6.57
CA MET E 589 -9.13 -29.68 -7.33
C MET E 589 -8.87 -31.08 -6.78
N GLU E 590 -8.67 -32.03 -7.68
CA GLU E 590 -8.30 -33.39 -7.31
C GLU E 590 -6.78 -33.48 -7.20
N MET E 591 -6.29 -33.88 -6.03
CA MET E 591 -4.86 -33.86 -5.75
C MET E 591 -4.22 -35.15 -6.22
N ILE E 592 -3.25 -35.03 -7.12
CA ILE E 592 -2.44 -36.16 -7.57
C ILE E 592 -0.98 -35.80 -7.37
N ASN E 593 -0.24 -36.67 -6.68
CA ASN E 593 1.13 -36.40 -6.29
C ASN E 593 2.10 -37.04 -7.27
N VAL E 594 3.07 -36.26 -7.72
CA VAL E 594 4.18 -36.74 -8.53
C VAL E 594 5.46 -36.54 -7.73
N SER E 595 6.18 -37.63 -7.47
CA SER E 595 7.36 -37.58 -6.63
C SER E 595 8.63 -37.48 -7.48
N GLY E 596 9.76 -37.32 -6.79
CA GLY E 596 11.04 -37.23 -7.45
C GLY E 596 11.52 -38.58 -7.94
N TYR E 597 12.72 -38.57 -8.53
CA TYR E 597 13.32 -39.76 -9.10
C TYR E 597 14.62 -40.07 -8.39
N VAL E 598 14.86 -41.35 -8.13
CA VAL E 598 16.11 -41.81 -7.56
C VAL E 598 17.17 -41.83 -8.65
N ALA E 599 18.43 -42.05 -8.26
CA ALA E 599 19.52 -42.04 -9.22
C ALA E 599 19.33 -43.09 -10.30
N GLN E 600 18.85 -44.27 -9.92
CA GLN E 600 18.59 -45.31 -10.92
C GLN E 600 17.41 -44.93 -11.81
N GLU E 601 16.48 -44.13 -11.28
CA GLU E 601 15.36 -43.68 -12.10
C GLU E 601 15.79 -42.57 -13.04
N LYS E 602 16.68 -41.68 -12.60
CA LYS E 602 17.12 -40.57 -13.43
C LYS E 602 17.88 -41.05 -14.65
N LEU E 603 18.71 -42.10 -14.48
CA LEU E 603 19.46 -42.62 -15.61
C LEU E 603 18.55 -43.18 -16.68
N ALA E 604 17.48 -43.87 -16.28
CA ALA E 604 16.53 -44.41 -17.26
C ALA E 604 15.85 -43.29 -18.04
N ILE E 605 15.47 -42.21 -17.35
CA ILE E 605 14.85 -41.08 -18.03
C ILE E 605 15.84 -40.42 -18.98
N ALA E 606 17.08 -40.19 -18.52
CA ALA E 606 18.07 -39.52 -19.35
C ALA E 606 18.44 -40.37 -20.56
N GLU E 607 18.59 -41.69 -20.37
CA GLU E 607 19.01 -42.55 -21.47
C GLU E 607 17.96 -42.62 -22.56
N ARG E 608 16.69 -42.65 -22.19
CA ARG E 608 15.61 -42.88 -23.14
C ARG E 608 14.95 -41.60 -23.64
N TYR E 609 14.90 -40.55 -22.83
CA TYR E 609 14.15 -39.34 -23.18
C TYR E 609 15.03 -38.11 -23.27
N LEU E 610 15.84 -37.83 -22.26
CA LEU E 610 16.57 -36.56 -22.22
C LEU E 610 17.65 -36.51 -23.30
N VAL E 611 18.47 -37.56 -23.39
CA VAL E 611 19.55 -37.57 -24.38
C VAL E 611 19.01 -37.57 -25.81
N PRO E 612 18.07 -38.44 -26.20
CA PRO E 612 17.56 -38.37 -27.59
C PRO E 612 16.91 -37.04 -27.94
N GLN E 613 16.22 -36.40 -26.99
CA GLN E 613 15.57 -35.13 -27.29
C GLN E 613 16.60 -34.02 -27.47
N ALA E 614 17.58 -33.93 -26.58
CA ALA E 614 18.62 -32.92 -26.72
C ALA E 614 19.45 -33.14 -27.98
N ARG E 615 19.75 -34.41 -28.28
CA ARG E 615 20.50 -34.72 -29.49
C ARG E 615 19.74 -34.33 -30.74
N ALA E 616 18.43 -34.59 -30.78
CA ALA E 616 17.64 -34.27 -31.95
C ALA E 616 17.57 -32.77 -32.19
N LEU E 617 17.35 -31.99 -31.13
CA LEU E 617 17.25 -30.54 -31.29
C LEU E 617 18.60 -29.89 -31.54
N CYS E 618 19.70 -30.61 -31.34
CA CYS E 618 21.02 -30.08 -31.64
C CYS E 618 21.49 -30.43 -33.05
N GLY E 619 20.67 -31.12 -33.84
CA GLY E 619 21.03 -31.47 -35.20
C GLY E 619 22.00 -32.62 -35.32
N LEU E 620 22.25 -33.35 -34.25
CA LEU E 620 23.18 -34.47 -34.26
C LEU E 620 22.42 -35.79 -34.38
N ASP E 621 23.19 -36.87 -34.54
CA ASP E 621 22.65 -38.22 -34.61
C ASP E 621 23.32 -39.10 -33.57
N GLU E 622 22.78 -40.30 -33.40
CA GLU E 622 23.33 -41.23 -32.41
C GLU E 622 24.76 -41.62 -32.75
N SER E 623 25.04 -41.85 -34.03
CA SER E 623 26.38 -42.25 -34.43
C SER E 623 27.41 -41.16 -34.15
N LYS E 624 27.07 -39.91 -34.45
CA LYS E 624 28.05 -38.83 -34.33
C LYS E 624 28.30 -38.46 -32.87
N ALA E 625 27.24 -38.41 -32.06
CA ALA E 625 27.34 -38.02 -30.66
C ALA E 625 26.93 -39.19 -29.79
N LYS E 626 27.81 -39.57 -28.87
CA LYS E 626 27.59 -40.71 -27.99
C LYS E 626 27.70 -40.26 -26.54
N LEU E 627 26.71 -40.66 -25.73
CA LEU E 627 26.71 -40.40 -24.29
C LEU E 627 26.53 -41.73 -23.58
N SER E 628 27.57 -42.17 -22.89
CA SER E 628 27.52 -43.47 -22.21
C SER E 628 26.72 -43.37 -20.92
N SER E 629 26.54 -44.51 -20.27
CA SER E 629 25.80 -44.54 -19.01
C SER E 629 26.62 -43.98 -17.87
N ASP E 630 27.92 -44.25 -17.87
CA ASP E 630 28.77 -43.79 -16.76
C ASP E 630 28.85 -42.28 -16.69
N VAL E 631 28.96 -41.61 -17.84
CA VAL E 631 28.96 -40.15 -17.85
C VAL E 631 27.62 -39.62 -17.39
N LEU E 632 26.52 -40.24 -17.82
CA LEU E 632 25.20 -39.85 -17.33
C LEU E 632 25.09 -40.10 -15.83
N THR E 633 25.63 -41.23 -15.35
CA THR E 633 25.67 -41.48 -13.92
C THR E 633 26.53 -40.45 -13.20
N LEU E 634 27.68 -40.10 -13.79
CA LEU E 634 28.56 -39.11 -13.16
C LEU E 634 27.89 -37.74 -13.10
N LEU E 635 27.14 -37.38 -14.15
CA LEU E 635 26.44 -36.11 -14.15
C LEU E 635 25.40 -36.04 -13.04
N ILE E 636 24.67 -37.15 -12.81
CA ILE E 636 23.64 -37.16 -11.78
C ILE E 636 24.26 -37.06 -10.40
N LYS E 637 25.32 -37.83 -10.14
CA LYS E 637 25.89 -37.90 -8.79
C LYS E 637 26.58 -36.60 -8.41
N GLN E 638 27.40 -36.05 -9.31
CA GLN E 638 28.27 -34.94 -8.98
C GLN E 638 27.78 -33.59 -9.49
N TYR E 639 27.21 -33.53 -10.69
CA TYR E 639 26.83 -32.27 -11.29
C TYR E 639 25.38 -31.88 -11.01
N CYS E 640 24.63 -32.71 -10.30
CA CYS E 640 23.23 -32.43 -10.01
C CYS E 640 22.91 -32.81 -8.57
N ARG E 641 22.01 -32.06 -7.94
CA ARG E 641 21.54 -32.35 -6.60
C ARG E 641 20.03 -32.32 -6.46
N GLU E 642 19.30 -31.85 -7.47
CA GLU E 642 17.86 -31.73 -7.39
C GLU E 642 17.20 -33.11 -7.40
N SER E 643 15.93 -33.14 -6.99
CA SER E 643 15.15 -34.37 -7.07
C SER E 643 14.60 -34.63 -8.47
N GLY E 644 14.48 -33.60 -9.29
CA GLY E 644 14.00 -33.73 -10.65
C GLY E 644 15.12 -33.95 -11.64
N VAL E 645 14.82 -33.68 -12.91
CA VAL E 645 15.79 -33.86 -13.99
C VAL E 645 15.88 -32.58 -14.81
N ARG E 646 15.36 -31.47 -14.26
CA ARG E 646 15.42 -30.20 -14.98
C ARG E 646 16.86 -29.72 -15.15
N ASN E 647 17.64 -29.78 -14.07
CA ASN E 647 19.04 -29.37 -14.16
C ASN E 647 19.85 -30.37 -14.99
N LEU E 648 19.51 -31.65 -14.90
CA LEU E 648 20.20 -32.66 -15.70
C LEU E 648 20.00 -32.42 -17.19
N GLN E 649 18.81 -31.94 -17.57
CA GLN E 649 18.56 -31.65 -18.97
C GLN E 649 19.47 -30.55 -19.49
N LYS E 650 19.69 -29.51 -18.68
CA LYS E 650 20.59 -28.43 -19.08
C LYS E 650 22.02 -28.93 -19.24
N GLN E 651 22.48 -29.79 -18.33
CA GLN E 651 23.83 -30.34 -18.44
C GLN E 651 23.96 -31.20 -19.69
N VAL E 652 22.94 -32.00 -20.00
CA VAL E 652 22.98 -32.83 -21.21
C VAL E 652 23.00 -31.95 -22.45
N GLU E 653 22.15 -30.92 -22.49
CA GLU E 653 22.10 -30.03 -23.64
C GLU E 653 23.43 -29.32 -23.84
N LYS E 654 24.09 -28.95 -22.74
CA LYS E 654 25.40 -28.31 -22.84
C LYS E 654 26.42 -29.25 -23.49
N VAL E 655 26.38 -30.54 -23.12
CA VAL E 655 27.32 -31.50 -23.69
C VAL E 655 27.11 -31.63 -25.20
N LEU E 656 25.84 -31.74 -25.62
CA LEU E 656 25.56 -31.84 -27.05
C LEU E 656 25.89 -30.56 -27.80
N ARG E 657 25.69 -29.41 -27.16
CA ARG E 657 26.04 -28.15 -27.80
C ARG E 657 27.54 -28.06 -28.07
N LYS E 658 28.36 -28.47 -27.10
CA LYS E 658 29.80 -28.47 -27.31
C LYS E 658 30.21 -29.53 -28.31
N SER E 659 29.55 -30.69 -28.30
CA SER E 659 29.86 -31.74 -29.27
C SER E 659 29.52 -31.29 -30.69
N ALA E 660 28.39 -30.61 -30.86
CA ALA E 660 28.02 -30.10 -32.18
C ALA E 660 29.02 -29.07 -32.67
N TYR E 661 29.47 -28.19 -31.78
CA TYR E 661 30.49 -27.21 -32.15
C TYR E 661 31.80 -27.89 -32.51
N LYS E 662 32.17 -28.94 -31.78
CA LYS E 662 33.44 -29.62 -32.03
C LYS E 662 33.48 -30.25 -33.43
N ILE E 663 32.41 -30.93 -33.82
CA ILE E 663 32.40 -31.59 -35.13
C ILE E 663 32.34 -30.55 -36.25
N VAL E 664 31.60 -29.46 -36.05
CA VAL E 664 31.54 -28.42 -37.06
C VAL E 664 32.89 -27.74 -37.22
N SER E 665 33.57 -27.46 -36.11
CA SER E 665 34.89 -26.83 -36.17
C SER E 665 35.94 -27.74 -36.78
N GLY E 666 35.68 -29.04 -36.86
CA GLY E 666 36.61 -29.97 -37.46
C GLY E 666 37.57 -30.64 -36.50
N GLU E 667 37.34 -30.55 -35.20
CA GLU E 667 38.20 -31.23 -34.24
C GLU E 667 38.12 -32.75 -34.41
N ALA E 668 36.91 -33.27 -34.63
CA ALA E 668 36.72 -34.69 -34.84
C ALA E 668 35.40 -34.91 -35.56
N GLU E 669 35.36 -35.92 -36.43
CA GLU E 669 34.12 -36.23 -37.14
C GLU E 669 33.06 -36.76 -36.20
N SER E 670 33.46 -37.49 -35.15
CA SER E 670 32.53 -38.01 -34.17
C SER E 670 33.08 -37.72 -32.78
N VAL E 671 32.18 -37.44 -31.84
CA VAL E 671 32.54 -37.10 -30.47
C VAL E 671 31.95 -38.15 -29.54
N GLU E 672 32.81 -38.76 -28.72
CA GLU E 672 32.39 -39.70 -27.69
C GLU E 672 32.64 -39.08 -26.33
N VAL E 673 31.58 -38.97 -25.53
CA VAL E 673 31.69 -38.30 -24.22
C VAL E 673 32.02 -39.40 -23.22
N THR E 674 33.31 -39.67 -23.10
CA THR E 674 33.82 -40.60 -22.11
C THR E 674 34.02 -39.88 -20.77
N PRO E 675 34.03 -40.60 -19.65
CA PRO E 675 34.26 -39.92 -18.36
C PRO E 675 35.61 -39.21 -18.27
N GLU E 676 36.60 -39.65 -19.05
CA GLU E 676 37.92 -39.02 -18.99
C GLU E 676 37.88 -37.58 -19.47
N ASN E 677 37.15 -37.31 -20.56
CA ASN E 677 37.10 -35.98 -21.14
C ASN E 677 35.80 -35.24 -20.82
N LEU E 678 35.10 -35.65 -19.75
CA LEU E 678 33.88 -34.96 -19.37
C LEU E 678 34.14 -33.53 -18.94
N GLN E 679 35.30 -33.27 -18.32
CA GLN E 679 35.62 -31.92 -17.86
C GLN E 679 35.72 -30.95 -19.03
N ASP E 680 36.05 -31.43 -20.23
CA ASP E 680 36.14 -30.57 -21.39
C ASP E 680 34.78 -30.05 -21.83
N PHE E 681 33.69 -30.66 -21.34
CA PHE E 681 32.33 -30.28 -21.73
C PHE E 681 31.58 -29.54 -20.64
N VAL E 682 31.68 -29.99 -19.39
CA VAL E 682 30.96 -29.36 -18.30
C VAL E 682 31.89 -28.72 -17.27
N GLY E 683 33.10 -29.22 -17.11
CA GLY E 683 34.06 -28.66 -16.18
C GLY E 683 34.18 -29.46 -14.90
N LYS E 684 34.63 -28.77 -13.85
CA LYS E 684 34.81 -29.42 -12.56
C LYS E 684 33.46 -29.78 -11.97
N PRO E 685 33.37 -30.88 -11.21
CA PRO E 685 32.08 -31.25 -10.61
C PRO E 685 31.58 -30.18 -9.65
N VAL E 686 30.26 -29.95 -9.68
CA VAL E 686 29.67 -28.95 -8.81
C VAL E 686 29.61 -29.44 -7.38
N PHE E 687 29.17 -30.69 -7.18
CA PHE E 687 29.03 -31.28 -5.85
C PHE E 687 30.04 -32.41 -5.70
N THR E 688 30.85 -32.34 -4.65
CA THR E 688 31.85 -33.37 -4.38
C THR E 688 31.56 -34.22 -3.17
N VAL E 689 30.72 -33.75 -2.25
CA VAL E 689 30.35 -34.48 -1.05
C VAL E 689 28.84 -34.69 -1.06
N GLU E 690 28.42 -35.94 -0.88
CA GLU E 690 26.99 -36.23 -0.82
C GLU E 690 26.38 -35.82 0.51
N ARG E 691 27.15 -35.96 1.59
CA ARG E 691 26.70 -35.59 2.92
C ARG E 691 27.79 -34.80 3.62
N MET E 692 27.37 -33.85 4.47
CA MET E 692 28.34 -32.98 5.13
C MET E 692 29.19 -33.76 6.12
N TYR E 693 28.59 -34.68 6.88
CA TYR E 693 29.31 -35.52 7.83
C TYR E 693 29.36 -36.95 7.31
N ASP E 694 30.54 -37.39 6.92
CA ASP E 694 30.70 -38.80 6.54
C ASP E 694 30.59 -39.70 7.77
N VAL E 695 31.22 -39.32 8.87
CA VAL E 695 31.12 -40.04 10.14
C VAL E 695 30.68 -39.04 11.20
N THR E 696 29.55 -39.32 11.84
CA THR E 696 28.99 -38.37 12.79
C THR E 696 29.72 -38.46 14.13
N PRO E 697 30.29 -37.36 14.63
CA PRO E 697 30.86 -37.37 15.98
C PRO E 697 29.77 -37.36 17.02
N PRO E 698 30.09 -37.54 18.30
CA PRO E 698 29.05 -37.48 19.33
C PRO E 698 28.32 -36.14 19.30
N GLY E 699 27.00 -36.22 19.48
CA GLY E 699 26.16 -35.04 19.43
C GLY E 699 25.68 -34.65 18.05
N VAL E 700 25.99 -35.43 17.02
CA VAL E 700 25.58 -35.15 15.65
C VAL E 700 24.67 -36.26 15.18
N VAL E 701 23.46 -35.89 14.73
CA VAL E 701 22.47 -36.83 14.22
C VAL E 701 21.95 -36.30 12.88
N MET E 702 21.85 -37.20 11.90
CA MET E 702 21.34 -36.83 10.58
C MET E 702 19.81 -36.89 10.58
N GLY E 703 19.20 -35.88 9.95
CA GLY E 703 17.76 -35.80 9.84
C GLY E 703 17.32 -35.65 8.39
N LEU E 704 16.00 -35.63 8.22
CA LEU E 704 15.38 -35.51 6.91
C LEU E 704 14.46 -34.30 6.87
N ALA E 705 14.49 -33.58 5.76
CA ALA E 705 13.68 -32.38 5.57
C ALA E 705 13.00 -32.43 4.21
N TRP E 706 11.81 -31.85 4.14
CA TRP E 706 11.01 -31.82 2.92
C TRP E 706 10.63 -30.38 2.60
N THR E 707 10.77 -30.00 1.34
CA THR E 707 10.44 -28.65 0.88
C THR E 707 9.73 -28.73 -0.45
N ALA E 708 9.28 -27.55 -0.93
CA ALA E 708 8.74 -27.47 -2.28
C ALA E 708 9.81 -27.73 -3.32
N MET E 709 11.06 -27.39 -3.01
CA MET E 709 12.17 -27.71 -3.89
C MET E 709 12.34 -29.22 -4.03
N GLY E 710 12.18 -29.96 -2.96
CA GLY E 710 12.31 -31.40 -2.98
C GLY E 710 12.82 -31.89 -1.64
N GLY E 711 13.12 -33.18 -1.59
CA GLY E 711 13.67 -33.75 -0.38
C GLY E 711 15.09 -33.27 -0.11
N SER E 712 15.45 -33.28 1.17
CA SER E 712 16.77 -32.84 1.58
C SER E 712 17.17 -33.56 2.85
N THR E 713 18.48 -33.57 3.11
CA THR E 713 19.04 -34.14 4.32
C THR E 713 19.35 -33.02 5.30
N LEU E 714 19.31 -33.33 6.59
CA LEU E 714 19.52 -32.35 7.65
C LEU E 714 20.44 -32.92 8.71
N PHE E 715 21.25 -32.06 9.31
CA PHE E 715 22.14 -32.44 10.40
C PHE E 715 21.89 -31.54 11.59
N VAL E 716 22.02 -32.11 12.79
CA VAL E 716 21.87 -31.37 14.04
C VAL E 716 23.14 -31.55 14.85
N GLU E 717 23.80 -30.44 15.16
CA GLU E 717 25.06 -30.45 15.89
C GLU E 717 24.85 -29.83 17.26
N THR E 718 25.39 -30.48 18.29
CA THR E 718 25.32 -29.99 19.66
C THR E 718 26.73 -29.87 20.21
N SER E 719 26.95 -28.85 21.03
CA SER E 719 28.26 -28.63 21.63
C SER E 719 28.07 -27.98 23.00
N LEU E 720 29.09 -28.12 23.83
CA LEU E 720 29.07 -27.53 25.17
C LEU E 720 29.42 -26.05 25.08
N ARG E 721 28.44 -25.19 25.32
CA ARG E 721 28.67 -23.75 25.26
C ARG E 721 29.64 -23.30 26.32
N ARG E 722 29.53 -23.84 27.53
CA ARG E 722 30.40 -23.50 28.64
C ARG E 722 30.94 -24.76 29.29
N PRO E 723 32.16 -24.71 29.85
CA PRO E 723 32.76 -25.88 30.49
C PRO E 723 32.05 -26.30 31.77
N LYS E 732 23.33 -22.56 38.32
CA LYS E 732 22.66 -23.67 38.98
C LYS E 732 21.86 -24.51 37.98
N ASP E 733 21.33 -23.84 36.96
CA ASP E 733 20.51 -24.48 35.94
C ASP E 733 21.15 -24.32 34.57
N GLY E 734 21.18 -25.41 33.81
CA GLY E 734 21.69 -25.37 32.46
C GLY E 734 20.73 -24.68 31.51
N SER E 735 21.24 -24.37 30.32
CA SER E 735 20.46 -23.67 29.31
C SER E 735 20.82 -24.23 27.93
N LEU E 736 19.89 -24.05 26.99
CA LEU E 736 20.07 -24.50 25.62
C LEU E 736 19.89 -23.31 24.68
N GLU E 737 20.83 -23.12 23.76
CA GLU E 737 20.74 -22.09 22.74
C GLU E 737 20.62 -22.76 21.37
N VAL E 738 19.65 -22.30 20.58
CA VAL E 738 19.39 -22.84 19.26
C VAL E 738 19.78 -21.79 18.22
N THR E 739 20.59 -22.19 17.24
CA THR E 739 21.04 -21.29 16.19
C THR E 739 20.47 -21.76 14.85
N GLY E 740 20.75 -20.96 13.82
CA GLY E 740 20.18 -21.18 12.51
C GLY E 740 18.87 -20.44 12.33
N GLN E 741 18.48 -20.30 11.07
CA GLN E 741 17.24 -19.59 10.72
C GLN E 741 16.04 -20.49 11.00
N LEU E 742 15.84 -20.76 12.29
CA LEU E 742 14.76 -21.63 12.73
C LEU E 742 13.47 -20.83 12.88
N GLY E 743 12.36 -21.43 12.45
CA GLY E 743 11.07 -20.80 12.57
C GLY E 743 10.52 -20.88 13.98
N GLU E 744 9.35 -20.28 14.16
CA GLU E 744 8.71 -20.29 15.47
C GLU E 744 8.32 -21.71 15.89
N VAL E 745 7.79 -22.49 14.94
CA VAL E 745 7.44 -23.87 15.24
C VAL E 745 8.68 -24.71 15.50
N MET E 746 9.73 -24.51 14.70
CA MET E 746 10.95 -25.29 14.88
C MET E 746 11.61 -24.98 16.21
N LYS E 747 11.64 -23.70 16.61
CA LYS E 747 12.24 -23.33 17.88
C LYS E 747 11.47 -23.93 19.05
N GLU E 748 10.14 -23.95 18.96
CA GLU E 748 9.33 -24.55 20.02
C GLU E 748 9.58 -26.05 20.14
N SER E 749 9.74 -26.74 19.00
CA SER E 749 10.03 -28.17 19.04
C SER E 749 11.35 -28.47 19.73
N ALA E 750 12.32 -27.57 19.61
CA ALA E 750 13.58 -27.74 20.34
C ALA E 750 13.36 -27.66 21.85
N ARG E 751 12.48 -26.75 22.29
CA ARG E 751 12.16 -26.66 23.71
C ARG E 751 11.49 -27.92 24.21
N ILE E 752 10.56 -28.48 23.42
CA ILE E 752 9.92 -29.74 23.81
C ILE E 752 10.94 -30.86 23.86
N ALA E 753 11.82 -30.92 22.86
CA ALA E 753 12.84 -31.96 22.83
C ALA E 753 13.80 -31.83 24.02
N TYR E 754 14.19 -30.61 24.36
CA TYR E 754 15.09 -30.40 25.49
C TYR E 754 14.44 -30.85 26.79
N THR E 755 13.16 -30.53 26.99
CA THR E 755 12.47 -30.95 28.21
C THR E 755 12.36 -32.46 28.29
N PHE E 756 12.00 -33.13 27.19
CA PHE E 756 11.88 -34.57 27.19
C PHE E 756 13.24 -35.24 27.37
N ALA E 757 14.29 -34.66 26.77
CA ALA E 757 15.61 -35.24 26.89
C ALA E 757 16.08 -35.22 28.35
N ARG E 758 15.81 -34.13 29.07
CA ARG E 758 16.14 -34.09 30.49
C ARG E 758 15.39 -35.16 31.26
N ALA E 759 14.09 -35.30 30.99
CA ALA E 759 13.29 -36.29 31.71
C ALA E 759 13.71 -37.71 31.37
N PHE E 760 14.08 -37.95 30.11
CA PHE E 760 14.49 -39.29 29.70
C PHE E 760 15.77 -39.72 30.40
N LEU E 761 16.68 -38.77 30.63
CA LEU E 761 17.96 -39.12 31.25
C LEU E 761 17.79 -39.50 32.72
N MET E 762 16.82 -38.91 33.42
CA MET E 762 16.61 -39.26 34.81
C MET E 762 16.20 -40.73 34.96
N GLN E 763 15.32 -41.21 34.09
CA GLN E 763 14.86 -42.59 34.18
C GLN E 763 15.84 -43.58 33.57
N HIS E 764 16.83 -43.11 32.81
CA HIS E 764 17.81 -43.97 32.16
C HIS E 764 19.17 -43.95 32.84
N ALA E 765 19.71 -42.75 33.08
CA ALA E 765 21.00 -42.57 33.75
C ALA E 765 20.81 -41.56 34.88
N PRO E 766 20.31 -42.01 36.03
CA PRO E 766 20.06 -41.06 37.12
C PRO E 766 21.30 -40.33 37.60
N ALA E 767 22.47 -40.97 37.55
CA ALA E 767 23.70 -40.32 37.98
C ALA E 767 24.19 -39.29 36.99
N ASN E 768 23.67 -39.28 35.76
CA ASN E 768 24.11 -38.34 34.74
C ASN E 768 23.30 -37.05 34.85
N ASP E 769 23.98 -35.95 35.17
CA ASP E 769 23.37 -34.63 35.26
C ASP E 769 23.88 -33.69 34.18
N TYR E 770 24.32 -34.24 33.05
CA TYR E 770 24.87 -33.43 31.97
C TYR E 770 23.82 -32.48 31.40
N LEU E 771 22.59 -32.97 31.22
CA LEU E 771 21.57 -32.18 30.53
C LEU E 771 20.96 -31.10 31.42
N VAL E 772 21.20 -31.13 32.74
CA VAL E 772 20.58 -30.18 33.64
C VAL E 772 21.60 -29.20 34.18
N THR E 773 22.87 -29.61 34.23
CA THR E 773 23.92 -28.80 34.84
C THR E 773 24.95 -28.31 33.83
N SER E 774 24.58 -28.21 32.56
CA SER E 774 25.50 -27.74 31.53
C SER E 774 24.75 -26.86 30.54
N HIS E 775 25.50 -25.94 29.92
CA HIS E 775 24.98 -25.07 28.89
C HIS E 775 25.35 -25.64 27.53
N ILE E 776 24.35 -25.93 26.71
CA ILE E 776 24.53 -26.66 25.46
C ILE E 776 24.08 -25.78 24.32
N HIS E 777 24.90 -25.70 23.27
CA HIS E 777 24.57 -24.97 22.06
C HIS E 777 24.14 -25.96 20.98
N LEU E 778 22.96 -25.75 20.43
CA LEU E 778 22.42 -26.59 19.36
C LEU E 778 22.38 -25.78 18.08
N HIS E 779 23.02 -26.28 17.03
CA HIS E 779 23.09 -25.58 15.75
C HIS E 779 22.75 -26.53 14.62
N VAL E 780 21.95 -26.05 13.68
CA VAL E 780 21.66 -26.74 12.44
C VAL E 780 22.47 -26.07 11.34
N PRO E 781 23.44 -26.75 10.72
CA PRO E 781 24.30 -26.10 9.73
C PRO E 781 23.50 -25.59 8.54
N GLU E 782 24.21 -24.86 7.66
CA GLU E 782 23.60 -24.12 6.56
C GLU E 782 22.61 -23.09 7.10
N GLY E 783 23.14 -22.17 7.91
CA GLY E 783 22.31 -21.20 8.60
C GLY E 783 21.65 -20.19 7.68
N ALA E 784 22.13 -20.06 6.45
CA ALA E 784 21.52 -19.11 5.52
C ALA E 784 20.09 -19.52 5.16
N THR E 785 19.87 -20.81 4.95
CA THR E 785 18.56 -21.29 4.52
C THR E 785 17.59 -21.30 5.70
N PRO E 786 16.42 -20.68 5.57
CA PRO E 786 15.43 -20.73 6.66
C PRO E 786 14.93 -22.14 6.88
N LYS E 787 14.60 -22.44 8.13
CA LYS E 787 14.11 -23.75 8.54
C LYS E 787 12.89 -23.58 9.42
N ASP E 788 11.93 -24.49 9.26
CA ASP E 788 10.71 -24.46 10.06
C ASP E 788 10.08 -25.84 10.05
N GLY E 789 9.20 -26.06 11.02
CA GLY E 789 8.49 -27.32 11.12
C GLY E 789 8.94 -28.17 12.29
N PRO E 790 8.03 -28.99 12.83
CA PRO E 790 8.40 -29.87 13.94
C PRO E 790 8.95 -31.21 13.47
N SER E 791 9.36 -31.27 12.20
CA SER E 791 9.80 -32.54 11.62
C SER E 791 11.00 -33.11 12.35
N ALA E 792 11.94 -32.24 12.76
CA ALA E 792 13.18 -32.67 13.38
C ALA E 792 13.07 -32.78 14.89
N GLY E 793 11.87 -33.04 15.42
CA GLY E 793 11.71 -33.14 16.87
C GLY E 793 12.48 -34.30 17.46
N CYS E 794 12.39 -35.48 16.83
CA CYS E 794 13.08 -36.65 17.34
C CYS E 794 14.57 -36.58 17.09
N THR E 795 14.99 -35.88 16.04
CA THR E 795 16.42 -35.72 15.78
C THR E 795 17.11 -34.93 16.88
N ILE E 796 16.44 -33.90 17.40
CA ILE E 796 17.04 -33.07 18.44
C ILE E 796 17.22 -33.87 19.73
N VAL E 797 16.27 -34.74 20.04
CA VAL E 797 16.39 -35.56 21.24
C VAL E 797 17.61 -36.47 21.15
N THR E 798 17.83 -37.09 19.99
CA THR E 798 18.98 -37.96 19.82
C THR E 798 20.29 -37.19 19.94
N ALA E 799 20.34 -35.99 19.36
CA ALA E 799 21.56 -35.18 19.44
C ALA E 799 21.86 -34.80 20.89
N LEU E 800 20.85 -34.40 21.65
CA LEU E 800 21.07 -34.07 23.05
C LEU E 800 21.48 -35.29 23.87
N LEU E 801 20.86 -36.45 23.60
CA LEU E 801 21.20 -37.65 24.34
C LEU E 801 22.59 -38.15 23.97
N SER E 802 22.95 -38.07 22.69
CA SER E 802 24.28 -38.50 22.27
C SER E 802 25.37 -37.66 22.90
N LEU E 803 25.18 -36.34 22.95
CA LEU E 803 26.16 -35.45 23.56
C LEU E 803 26.26 -35.71 25.06
N ALA E 804 25.13 -35.92 25.73
CA ALA E 804 25.16 -36.15 27.17
C ALA E 804 25.86 -37.46 27.51
N MET E 805 25.57 -38.52 26.76
CA MET E 805 26.19 -39.82 27.02
C MET E 805 27.57 -39.95 26.39
N GLY E 806 27.96 -39.03 25.50
CA GLY E 806 29.25 -39.12 24.86
C GLY E 806 29.39 -40.28 23.90
N ARG E 807 28.26 -40.79 23.38
CA ARG E 807 28.26 -41.92 22.48
C ARG E 807 27.81 -41.48 21.09
N PRO E 808 28.61 -41.69 20.06
CA PRO E 808 28.15 -41.36 18.71
C PRO E 808 26.99 -42.24 18.28
N VAL E 809 26.09 -41.66 17.48
CA VAL E 809 24.94 -42.40 16.99
C VAL E 809 25.37 -43.36 15.89
N ARG E 810 24.57 -44.40 15.69
CA ARG E 810 24.85 -45.40 14.66
C ARG E 810 25.00 -44.74 13.29
N GLN E 811 26.02 -45.15 12.56
CA GLN E 811 26.34 -44.52 11.29
C GLN E 811 25.28 -44.83 10.24
N ASN E 812 25.16 -43.92 9.27
CA ASN E 812 24.21 -44.06 8.16
C ASN E 812 22.78 -44.23 8.66
N LEU E 813 22.43 -43.48 9.70
CA LEU E 813 21.10 -43.51 10.29
C LEU E 813 20.48 -42.12 10.22
N ALA E 814 19.29 -42.04 9.63
CA ALA E 814 18.55 -40.79 9.51
C ALA E 814 17.16 -40.97 10.10
N MET E 815 16.70 -39.96 10.84
CA MET E 815 15.44 -40.05 11.55
C MET E 815 14.65 -38.77 11.36
N THR E 816 13.32 -38.89 11.48
CA THR E 816 12.44 -37.75 11.38
C THR E 816 11.16 -38.06 12.13
N GLY E 817 10.41 -37.01 12.47
CA GLY E 817 9.16 -37.18 13.17
C GLY E 817 8.99 -36.26 14.37
N GLU E 818 7.80 -35.68 14.50
CA GLU E 818 7.52 -34.81 15.64
C GLU E 818 7.44 -35.63 16.93
N VAL E 819 7.99 -35.07 18.00
CA VAL E 819 8.01 -35.72 19.30
C VAL E 819 7.18 -34.90 20.27
N SER E 820 6.40 -35.59 21.10
CA SER E 820 5.57 -34.93 22.11
C SER E 820 6.36 -34.74 23.40
N LEU E 821 5.71 -34.14 24.40
CA LEU E 821 6.38 -33.90 25.67
C LEU E 821 6.67 -35.18 26.43
N THR E 822 5.81 -36.18 26.32
CA THR E 822 6.00 -37.44 27.02
C THR E 822 6.84 -38.44 26.24
N GLY E 823 7.18 -38.14 24.98
CA GLY E 823 7.99 -39.02 24.16
C GLY E 823 7.27 -39.66 23.00
N LYS E 824 5.98 -39.40 22.83
CA LYS E 824 5.25 -39.97 21.70
C LYS E 824 5.73 -39.34 20.39
N ILE E 825 5.84 -40.18 19.36
CA ILE E 825 6.29 -39.74 18.04
C ILE E 825 5.07 -39.50 17.17
N LEU E 826 4.99 -38.29 16.61
CA LEU E 826 3.85 -37.94 15.78
C LEU E 826 4.22 -37.98 14.31
N PRO E 827 3.25 -38.30 13.44
CA PRO E 827 3.56 -38.39 12.01
C PRO E 827 3.94 -37.04 11.43
N VAL E 828 4.74 -37.09 10.36
CA VAL E 828 5.20 -35.89 9.66
C VAL E 828 4.93 -36.07 8.18
N GLY E 829 4.81 -34.94 7.48
CA GLY E 829 4.55 -34.95 6.06
C GLY E 829 5.82 -35.09 5.23
N GLY E 830 5.62 -35.25 3.93
CA GLY E 830 6.74 -35.37 3.02
C GLY E 830 7.59 -36.60 3.22
N ILE E 831 6.96 -37.74 3.50
CA ILE E 831 7.71 -38.98 3.69
C ILE E 831 8.36 -39.42 2.38
N LYS E 832 7.64 -39.29 1.27
CA LYS E 832 8.18 -39.71 -0.02
C LYS E 832 9.40 -38.88 -0.39
N GLU E 833 9.33 -37.56 -0.21
CA GLU E 833 10.47 -36.71 -0.52
C GLU E 833 11.64 -36.99 0.43
N ALA E 834 11.36 -37.22 1.71
CA ALA E 834 12.43 -37.50 2.66
C ALA E 834 13.12 -38.82 2.33
N THR E 835 12.35 -39.85 1.96
CA THR E 835 12.94 -41.14 1.64
C THR E 835 13.84 -41.07 0.42
N ILE E 836 13.44 -40.33 -0.60
CA ILE E 836 14.26 -40.17 -1.80
C ILE E 836 15.57 -39.47 -1.45
N ALA E 837 15.49 -38.41 -0.64
CA ALA E 837 16.70 -37.71 -0.21
C ALA E 837 17.58 -38.61 0.63
N ALA E 838 16.98 -39.42 1.50
CA ALA E 838 17.76 -40.35 2.31
C ALA E 838 18.48 -41.36 1.43
N LYS E 839 17.82 -41.87 0.39
CA LYS E 839 18.46 -42.80 -0.53
C LYS E 839 19.60 -42.14 -1.28
N ARG E 840 19.42 -40.89 -1.70
CA ARG E 840 20.50 -40.18 -2.39
C ARG E 840 21.69 -39.95 -1.46
N ALA E 841 21.42 -39.65 -0.19
CA ALA E 841 22.49 -39.45 0.79
C ALA E 841 23.18 -40.74 1.16
N GLY E 842 22.70 -41.89 0.70
CA GLY E 842 23.32 -43.17 1.01
C GLY E 842 23.20 -43.61 2.44
N VAL E 843 22.04 -43.41 3.05
CA VAL E 843 21.77 -43.90 4.39
C VAL E 843 21.26 -45.32 4.30
N THR E 844 21.48 -46.10 5.35
CA THR E 844 21.05 -47.50 5.40
C THR E 844 19.87 -47.73 6.32
N CYS E 845 19.81 -47.02 7.45
CA CYS E 845 18.73 -47.16 8.41
C CYS E 845 17.96 -45.85 8.49
N ILE E 846 16.63 -45.95 8.37
CA ILE E 846 15.76 -44.78 8.43
C ILE E 846 14.67 -45.07 9.47
N VAL E 847 14.46 -44.12 10.39
CA VAL E 847 13.46 -44.24 11.44
C VAL E 847 12.31 -43.32 11.10
N LEU E 848 11.10 -43.86 11.07
CA LEU E 848 9.90 -43.12 10.70
C LEU E 848 8.81 -43.34 11.74
N PRO E 849 7.91 -42.37 11.88
CA PRO E 849 6.76 -42.58 12.78
C PRO E 849 5.88 -43.71 12.30
N ALA E 850 5.25 -44.41 13.25
CA ALA E 850 4.39 -45.53 12.91
C ALA E 850 3.18 -45.08 12.11
N GLU E 851 2.68 -43.88 12.35
CA GLU E 851 1.52 -43.38 11.62
C GLU E 851 1.85 -42.99 10.19
N ASN E 852 3.13 -42.95 9.81
CA ASN E 852 3.55 -42.65 8.46
C ASN E 852 3.83 -43.89 7.64
N LYS E 853 3.41 -45.07 8.12
CA LYS E 853 3.68 -46.32 7.41
C LYS E 853 2.99 -46.34 6.05
N LYS E 854 1.80 -45.73 5.96
CA LYS E 854 1.08 -45.71 4.68
C LYS E 854 1.86 -44.96 3.61
N ASP E 855 2.39 -43.79 3.97
CA ASP E 855 3.13 -42.98 2.99
C ASP E 855 4.39 -43.69 2.52
N PHE E 856 5.12 -44.32 3.44
CA PHE E 856 6.38 -44.97 3.07
C PHE E 856 6.15 -46.13 2.12
N TYR E 857 5.12 -46.95 2.39
CA TYR E 857 4.86 -48.12 1.56
C TYR E 857 4.16 -47.79 0.25
N ASP E 858 3.73 -46.54 0.07
CA ASP E 858 3.20 -46.12 -1.22
C ASP E 858 4.29 -45.87 -2.26
N LEU E 859 5.55 -45.92 -1.85
CA LEU E 859 6.66 -45.73 -2.77
C LEU E 859 6.89 -46.98 -3.62
N ALA E 860 7.73 -46.84 -4.63
CA ALA E 860 8.03 -47.95 -5.52
C ALA E 860 8.80 -49.04 -4.80
N ALA E 861 8.77 -50.25 -5.37
CA ALA E 861 9.41 -51.39 -4.74
C ALA E 861 10.92 -51.20 -4.64
N PHE E 862 11.54 -50.71 -5.72
CA PHE E 862 12.99 -50.56 -5.72
C PHE E 862 13.46 -49.45 -4.78
N ILE E 863 12.66 -48.40 -4.61
CA ILE E 863 13.02 -47.35 -3.66
C ILE E 863 13.05 -47.89 -2.24
N THR E 864 12.03 -48.67 -1.86
CA THR E 864 11.99 -49.25 -0.52
C THR E 864 13.09 -50.30 -0.32
N GLU E 865 13.39 -51.07 -1.36
CA GLU E 865 14.41 -52.11 -1.24
C GLU E 865 15.76 -51.51 -0.96
N GLY E 866 16.53 -52.18 -0.09
CA GLY E 866 17.83 -51.71 0.31
C GLY E 866 17.83 -50.76 1.48
N LEU E 867 16.66 -50.39 2.00
CA LEU E 867 16.53 -49.48 3.12
C LEU E 867 15.97 -50.22 4.32
N GLU E 868 16.66 -50.13 5.46
CA GLU E 868 16.19 -50.75 6.69
C GLU E 868 15.34 -49.72 7.42
N VAL E 869 14.03 -49.80 7.22
CA VAL E 869 13.08 -48.85 7.78
C VAL E 869 12.59 -49.35 9.13
N HIS E 870 12.51 -48.44 10.10
CA HIS E 870 12.00 -48.74 11.43
C HIS E 870 10.82 -47.83 11.72
N PHE E 871 9.70 -48.42 12.14
CA PHE E 871 8.51 -47.66 12.50
C PHE E 871 8.35 -47.69 14.01
N VAL E 872 8.21 -46.50 14.60
CA VAL E 872 8.17 -46.34 16.05
C VAL E 872 6.98 -45.47 16.43
N GLU E 873 6.52 -45.65 17.66
CA GLU E 873 5.49 -44.81 18.24
C GLU E 873 5.95 -44.04 19.46
N HIS E 874 6.96 -44.53 20.18
CA HIS E 874 7.55 -43.83 21.31
C HIS E 874 9.06 -43.74 21.11
N TYR E 875 9.66 -42.73 21.72
CA TYR E 875 11.10 -42.53 21.58
C TYR E 875 11.91 -43.64 22.23
N ARG E 876 11.31 -44.40 23.14
CA ARG E 876 12.03 -45.51 23.78
C ARG E 876 12.51 -46.52 22.75
N GLU E 877 11.74 -46.73 21.68
CA GLU E 877 12.21 -47.61 20.61
C GLU E 877 13.33 -46.96 19.80
N ILE E 878 13.29 -45.63 19.66
CA ILE E 878 14.35 -44.94 18.93
C ILE E 878 15.67 -45.04 19.67
N PHE E 879 15.63 -45.02 21.00
CA PHE E 879 16.86 -45.06 21.79
C PHE E 879 17.62 -46.37 21.53
N ASP E 880 16.90 -47.49 21.47
CA ASP E 880 17.57 -48.76 21.22
C ASP E 880 18.19 -48.82 19.84
N ILE E 881 17.49 -48.29 18.83
CA ILE E 881 18.02 -48.32 17.46
C ILE E 881 19.23 -47.41 17.34
N ALA E 882 19.13 -46.18 17.86
CA ALA E 882 20.23 -45.23 17.75
C ALA E 882 21.44 -45.67 18.56
N PHE E 883 21.20 -46.24 19.75
CA PHE E 883 22.27 -46.69 20.64
C PHE E 883 22.05 -48.17 20.94
N PRO E 884 22.54 -49.06 20.07
CA PRO E 884 22.30 -50.50 20.30
C PRO E 884 22.89 -51.01 21.61
N ASP E 885 24.02 -50.49 22.04
CA ASP E 885 24.66 -50.95 23.26
C ASP E 885 24.22 -50.12 24.46
N GLU F 346 -5.71 12.20 -68.66
CA GLU F 346 -5.10 11.10 -69.40
C GLU F 346 -4.41 10.13 -68.46
N LYS F 347 -4.51 8.83 -68.78
CA LYS F 347 -3.87 7.78 -68.00
C LYS F 347 -2.50 7.38 -68.54
N ASP F 348 -2.00 8.07 -69.57
CA ASP F 348 -0.70 7.73 -70.11
C ASP F 348 0.41 7.94 -69.09
N ASP F 349 0.35 9.05 -68.34
CA ASP F 349 1.33 9.27 -67.28
C ASP F 349 1.23 8.20 -66.20
N LYS F 350 0.00 7.84 -65.81
CA LYS F 350 -0.18 6.77 -64.85
C LYS F 350 0.32 5.43 -65.41
N ASP F 351 0.09 5.19 -66.70
CA ASP F 351 0.56 3.97 -67.33
C ASP F 351 2.08 3.86 -67.25
N ALA F 352 2.78 4.97 -67.45
CA ALA F 352 4.22 4.97 -67.27
C ALA F 352 4.59 4.74 -65.80
N ILE F 353 3.85 5.34 -64.89
CA ILE F 353 4.15 5.20 -63.46
C ILE F 353 3.94 3.76 -63.01
N GLU F 354 2.81 3.16 -63.40
CA GLU F 354 2.53 1.79 -63.00
C GLU F 354 3.50 0.81 -63.66
N GLU F 355 3.97 1.14 -64.87
CA GLU F 355 4.97 0.30 -65.52
C GLU F 355 6.28 0.31 -64.75
N LYS F 356 6.64 1.46 -64.17
CA LYS F 356 7.83 1.54 -63.33
C LYS F 356 7.68 0.66 -62.10
N PHE F 357 6.46 0.54 -61.58
CA PHE F 357 6.22 -0.39 -60.47
C PHE F 357 6.36 -1.84 -60.92
N ARG F 358 5.94 -2.14 -62.15
CA ARG F 358 6.02 -3.51 -62.63
C ARG F 358 7.46 -3.96 -62.84
N GLU F 359 8.31 -3.09 -63.40
CA GLU F 359 9.66 -3.52 -63.74
C GLU F 359 10.48 -3.85 -62.50
N ARG F 360 10.31 -3.07 -61.43
CA ARG F 360 11.00 -3.40 -60.18
C ARG F 360 10.44 -4.69 -59.59
N LEU F 361 9.16 -4.99 -59.82
CA LEU F 361 8.57 -6.23 -59.33
C LEU F 361 9.13 -7.45 -60.03
N LYS F 362 9.76 -7.28 -61.20
CA LYS F 362 10.33 -8.41 -61.92
C LYS F 362 11.62 -8.92 -61.27
N GLU F 363 12.25 -8.12 -60.41
CA GLU F 363 13.51 -8.53 -59.79
C GLU F 363 13.32 -9.38 -58.55
N LEU F 364 12.09 -9.57 -58.09
CA LEU F 364 11.81 -10.39 -56.92
C LEU F 364 10.75 -11.43 -57.26
N VAL F 365 10.86 -12.59 -56.62
CA VAL F 365 9.93 -13.71 -56.85
C VAL F 365 8.73 -13.47 -55.95
N VAL F 366 7.77 -12.72 -56.46
CA VAL F 366 6.56 -12.40 -55.70
C VAL F 366 5.68 -13.65 -55.63
N PRO F 367 5.15 -14.02 -54.47
CA PRO F 367 4.28 -15.19 -54.39
C PRO F 367 2.99 -14.99 -55.18
N LYS F 368 2.41 -16.10 -55.61
CA LYS F 368 1.20 -16.05 -56.43
C LYS F 368 0.04 -15.41 -55.67
N HIS F 369 -0.06 -15.69 -54.36
CA HIS F 369 -1.15 -15.13 -53.57
C HIS F 369 -1.08 -13.60 -53.53
N VAL F 370 0.13 -13.04 -53.58
CA VAL F 370 0.27 -11.58 -53.59
C VAL F 370 -0.20 -10.99 -54.91
N MET F 371 -0.08 -11.74 -56.01
CA MET F 371 -0.49 -11.22 -57.32
C MET F 371 -1.96 -10.85 -57.35
N ASP F 372 -2.81 -11.59 -56.64
CA ASP F 372 -4.23 -11.28 -56.62
C ASP F 372 -4.49 -9.90 -56.05
N VAL F 373 -3.81 -9.56 -54.95
CA VAL F 373 -3.92 -8.21 -54.39
C VAL F 373 -3.22 -7.21 -55.30
N VAL F 374 -2.07 -7.57 -55.87
CA VAL F 374 -1.33 -6.66 -56.73
C VAL F 374 -2.13 -6.36 -57.99
N ASP F 375 -2.70 -7.39 -58.62
CA ASP F 375 -3.47 -7.19 -59.84
C ASP F 375 -4.72 -6.36 -59.58
N GLU F 376 -5.43 -6.65 -58.48
CA GLU F 376 -6.64 -5.89 -58.18
C GLU F 376 -6.31 -4.44 -57.83
N GLU F 377 -5.16 -4.20 -57.19
CA GLU F 377 -4.75 -2.83 -56.91
C GLU F 377 -4.34 -2.10 -58.19
N LEU F 378 -3.71 -2.82 -59.13
CA LEU F 378 -3.39 -2.21 -60.41
C LEU F 378 -4.64 -1.82 -61.16
N SER F 379 -5.65 -2.69 -61.15
CA SER F 379 -6.93 -2.33 -61.77
C SER F 379 -7.58 -1.16 -61.06
N LYS F 380 -7.56 -1.16 -59.72
CA LYS F 380 -8.13 -0.05 -58.97
C LYS F 380 -7.35 1.24 -59.24
N LEU F 381 -6.04 1.14 -59.44
CA LEU F 381 -5.25 2.32 -59.76
C LEU F 381 -5.68 2.93 -61.09
N GLY F 382 -5.99 2.08 -62.08
CA GLY F 382 -6.38 2.59 -63.38
C GLY F 382 -7.77 3.20 -63.40
N LEU F 383 -8.64 2.80 -62.47
CA LEU F 383 -9.98 3.36 -62.40
C LEU F 383 -10.09 4.57 -61.47
N LEU F 384 -8.99 4.97 -60.83
CA LEU F 384 -8.98 6.14 -59.96
C LEU F 384 -7.95 7.14 -60.45
N ASP F 385 -8.18 8.41 -60.12
CA ASP F 385 -7.31 9.50 -60.56
C ASP F 385 -6.09 9.71 -59.66
N ASN F 386 -5.96 8.92 -58.60
CA ASN F 386 -4.83 8.99 -57.67
C ASN F 386 -4.73 10.33 -56.95
N HIS F 387 -5.83 11.12 -56.93
CA HIS F 387 -5.86 12.39 -56.21
C HIS F 387 -7.16 12.45 -55.42
N SER F 388 -7.12 11.90 -54.20
CA SER F 388 -8.24 11.91 -53.26
C SER F 388 -7.77 11.23 -51.99
N SER F 389 -8.63 11.26 -50.97
CA SER F 389 -8.30 10.59 -49.71
C SER F 389 -8.19 9.08 -49.90
N GLU F 390 -9.13 8.49 -50.65
CA GLU F 390 -9.07 7.06 -50.94
C GLU F 390 -8.28 6.75 -52.21
N PHE F 391 -7.97 7.76 -53.03
CA PHE F 391 -7.19 7.51 -54.23
C PHE F 391 -5.72 7.29 -53.89
N ASN F 392 -5.20 8.07 -52.94
CA ASN F 392 -3.78 7.98 -52.61
C ASN F 392 -3.44 6.68 -51.90
N VAL F 393 -4.37 6.16 -51.09
CA VAL F 393 -4.09 4.93 -50.35
C VAL F 393 -3.97 3.74 -51.28
N THR F 394 -4.55 3.84 -52.48
CA THR F 394 -4.44 2.73 -53.44
C THR F 394 -3.00 2.56 -53.91
N ARG F 395 -2.36 3.65 -54.32
CA ARG F 395 -0.96 3.57 -54.71
C ARG F 395 -0.06 3.40 -53.50
N ASN F 396 -0.47 3.95 -52.35
CA ASN F 396 0.29 3.76 -51.12
C ASN F 396 0.33 2.28 -50.72
N TYR F 397 -0.82 1.60 -50.83
CA TYR F 397 -0.84 0.17 -50.60
C TYR F 397 -0.02 -0.57 -51.64
N LEU F 398 -0.12 -0.15 -52.91
CA LEU F 398 0.63 -0.80 -53.98
C LEU F 398 2.13 -0.56 -53.84
N ASP F 399 2.53 0.68 -53.54
CA ASP F 399 3.96 0.99 -53.41
C ASP F 399 4.58 0.22 -52.26
N TRP F 400 3.89 0.16 -51.12
CA TRP F 400 4.41 -0.60 -49.98
C TRP F 400 4.43 -2.09 -50.28
N LEU F 401 3.46 -2.58 -51.06
CA LEU F 401 3.45 -3.99 -51.42
C LEU F 401 4.66 -4.35 -52.26
N THR F 402 5.01 -3.51 -53.24
CA THR F 402 6.15 -3.79 -54.10
C THR F 402 7.47 -3.54 -53.37
N SER F 403 7.48 -2.68 -52.36
CA SER F 403 8.71 -2.39 -51.64
C SER F 403 9.15 -3.57 -50.77
N ILE F 404 8.21 -4.43 -50.38
CA ILE F 404 8.57 -5.57 -49.55
C ILE F 404 9.34 -6.59 -50.38
N PRO F 405 10.57 -6.94 -49.99
CA PRO F 405 11.32 -7.95 -50.76
C PRO F 405 10.69 -9.33 -50.62
N TRP F 406 10.78 -10.11 -51.69
CA TRP F 406 10.28 -11.48 -51.71
C TRP F 406 11.21 -12.32 -52.55
N GLY F 407 11.85 -13.31 -51.92
CA GLY F 407 12.84 -14.13 -52.59
C GLY F 407 14.21 -13.52 -52.68
N LYS F 408 14.40 -12.30 -52.16
CA LYS F 408 15.70 -11.64 -52.16
C LYS F 408 16.28 -11.70 -50.75
N TYR F 409 17.34 -12.47 -50.59
CA TYR F 409 17.96 -12.65 -49.28
C TYR F 409 19.46 -12.81 -49.46
N SER F 410 20.22 -12.10 -48.62
CA SER F 410 21.67 -12.21 -48.66
C SER F 410 22.12 -13.54 -48.08
N ASN F 411 23.30 -13.98 -48.50
CA ASN F 411 23.87 -15.23 -47.99
C ASN F 411 24.16 -15.10 -46.50
N GLU F 412 23.86 -16.16 -45.76
CA GLU F 412 24.03 -16.19 -44.32
C GLU F 412 24.93 -17.35 -43.92
N ASN F 413 25.62 -17.17 -42.77
CA ASN F 413 26.51 -18.18 -42.22
C ASN F 413 27.59 -18.58 -43.23
N LEU F 414 28.40 -17.57 -43.58
CA LEU F 414 29.46 -17.78 -44.55
C LEU F 414 30.48 -18.80 -44.07
N ASP F 415 30.87 -18.72 -42.80
CA ASP F 415 31.83 -19.66 -42.23
C ASP F 415 31.75 -19.56 -40.71
N LEU F 416 32.58 -20.35 -40.04
CA LEU F 416 32.69 -20.33 -38.59
C LEU F 416 33.96 -19.67 -38.09
N ALA F 417 35.09 -19.92 -38.73
CA ALA F 417 36.34 -19.27 -38.34
C ALA F 417 36.25 -17.76 -38.51
N ARG F 418 35.69 -17.32 -39.63
CA ARG F 418 35.53 -15.88 -39.85
C ARG F 418 34.50 -15.28 -38.90
N ALA F 419 33.48 -16.06 -38.54
CA ALA F 419 32.51 -15.58 -37.55
C ALA F 419 33.16 -15.39 -36.19
N GLN F 420 34.04 -16.31 -35.80
CA GLN F 420 34.77 -16.15 -34.54
C GLN F 420 35.70 -14.94 -34.60
N ALA F 421 36.40 -14.75 -35.73
CA ALA F 421 37.31 -13.62 -35.86
C ALA F 421 36.56 -12.30 -35.82
N VAL F 422 35.36 -12.26 -36.41
CA VAL F 422 34.56 -11.04 -36.38
C VAL F 422 34.18 -10.69 -34.95
N LEU F 423 33.77 -11.69 -34.16
CA LEU F 423 33.37 -11.43 -32.79
C LEU F 423 34.56 -10.96 -31.94
N GLU F 424 35.73 -11.57 -32.14
CA GLU F 424 36.90 -11.17 -31.36
C GLU F 424 37.32 -9.74 -31.67
N GLU F 425 37.21 -9.31 -32.94
CA GLU F 425 37.58 -7.96 -33.28
C GLU F 425 36.54 -6.95 -32.79
N ASP F 426 35.26 -7.31 -32.83
CA ASP F 426 34.21 -6.37 -32.45
C ASP F 426 34.25 -6.05 -30.97
N HIS F 427 34.49 -7.06 -30.12
CA HIS F 427 34.46 -6.86 -28.67
C HIS F 427 35.62 -7.57 -28.04
N TYR F 428 36.02 -7.08 -26.86
CA TYR F 428 37.11 -7.66 -26.09
C TYR F 428 36.54 -8.46 -24.94
N GLY F 429 37.22 -9.56 -24.60
CA GLY F 429 36.74 -10.42 -23.53
C GLY F 429 35.53 -11.23 -23.97
N MET F 430 34.63 -11.49 -23.02
CA MET F 430 33.42 -12.29 -23.26
C MET F 430 33.76 -13.65 -23.85
N GLU F 431 34.78 -14.29 -23.28
CA GLU F 431 35.17 -15.62 -23.76
C GLU F 431 34.05 -16.62 -23.58
N ASP F 432 33.37 -16.60 -22.43
CA ASP F 432 32.22 -17.47 -22.23
C ASP F 432 31.08 -17.10 -23.16
N VAL F 433 30.82 -15.80 -23.34
CA VAL F 433 29.74 -15.36 -24.22
C VAL F 433 30.05 -15.71 -25.66
N LYS F 434 31.30 -15.46 -26.10
CA LYS F 434 31.67 -15.78 -27.48
C LYS F 434 31.61 -17.27 -27.74
N LYS F 435 32.01 -18.09 -26.77
CA LYS F 435 31.92 -19.54 -26.92
C LYS F 435 30.49 -19.99 -27.13
N ARG F 436 29.55 -19.37 -26.39
CA ARG F 436 28.14 -19.72 -26.56
C ARG F 436 27.63 -19.35 -27.95
N ILE F 437 28.07 -18.19 -28.46
CA ILE F 437 27.62 -17.76 -29.78
C ILE F 437 28.12 -18.71 -30.86
N LEU F 438 29.37 -19.14 -30.76
CA LEU F 438 29.91 -20.10 -31.73
C LEU F 438 29.12 -21.41 -31.70
N GLU F 439 28.77 -21.88 -30.50
CA GLU F 439 27.94 -23.08 -30.39
C GLU F 439 26.56 -22.85 -30.99
N PHE F 440 25.98 -21.67 -30.78
CA PHE F 440 24.69 -21.36 -31.37
C PHE F 440 24.75 -21.37 -32.89
N ILE F 441 25.82 -20.81 -33.46
CA ILE F 441 25.98 -20.83 -34.91
C ILE F 441 26.20 -22.25 -35.41
N ALA F 442 27.00 -23.03 -34.67
CA ALA F 442 27.33 -24.38 -35.11
C ALA F 442 26.09 -25.28 -35.17
N VAL F 443 25.25 -25.22 -34.14
CA VAL F 443 24.04 -26.04 -34.13
C VAL F 443 23.07 -25.59 -35.22
N SER F 444 23.02 -24.28 -35.49
CA SER F 444 22.17 -23.77 -36.56
C SER F 444 22.62 -24.31 -37.91
N GLN F 445 23.94 -24.36 -38.13
CA GLN F 445 24.46 -24.91 -39.37
C GLN F 445 24.11 -26.39 -39.50
N LEU F 446 24.23 -27.15 -38.41
CA LEU F 446 23.87 -28.57 -38.44
C LEU F 446 22.38 -28.75 -38.70
N ARG F 447 21.55 -27.96 -38.01
CA ARG F 447 20.10 -28.09 -38.19
C ARG F 447 19.66 -27.53 -39.54
N GLY F 448 20.35 -26.52 -40.05
CA GLY F 448 19.98 -25.89 -41.30
C GLY F 448 18.85 -24.90 -41.20
N SER F 449 18.34 -24.63 -40.00
CA SER F 449 17.24 -23.71 -39.79
C SER F 449 17.73 -22.48 -39.03
N THR F 450 17.36 -21.31 -39.53
CA THR F 450 17.75 -20.06 -38.88
C THR F 450 17.15 -19.95 -37.49
N GLN F 451 15.88 -20.33 -37.34
CA GLN F 451 15.15 -20.16 -36.09
C GLN F 451 15.15 -21.49 -35.34
N GLY F 452 16.21 -21.74 -34.58
CA GLY F 452 16.26 -22.87 -33.69
C GLY F 452 15.64 -22.52 -32.34
N LYS F 453 16.16 -21.46 -31.73
CA LYS F 453 15.61 -20.93 -30.49
C LYS F 453 16.05 -19.48 -30.33
N ILE F 454 15.38 -18.78 -29.44
CA ILE F 454 15.65 -17.36 -29.21
C ILE F 454 16.71 -17.22 -28.13
N LEU F 455 17.71 -16.40 -28.39
CA LEU F 455 18.78 -16.15 -27.43
C LEU F 455 18.46 -14.90 -26.62
N CYS F 456 18.52 -15.03 -25.29
CA CYS F 456 18.26 -13.92 -24.38
C CYS F 456 19.51 -13.65 -23.56
N PHE F 457 19.96 -12.40 -23.56
CA PHE F 457 21.12 -11.97 -22.80
C PHE F 457 20.66 -11.14 -21.62
N TYR F 458 21.02 -11.57 -20.41
CA TYR F 458 20.68 -10.86 -19.19
C TYR F 458 21.93 -10.62 -18.37
N GLY F 459 22.03 -9.42 -17.79
CA GLY F 459 23.17 -9.06 -17.00
C GLY F 459 23.13 -7.60 -16.57
N PRO F 460 24.20 -7.12 -15.96
CA PRO F 460 24.23 -5.73 -15.50
C PRO F 460 24.18 -4.78 -16.69
N PRO F 461 23.59 -3.60 -16.52
CA PRO F 461 23.56 -2.64 -17.63
C PRO F 461 24.95 -2.15 -17.98
N GLY F 462 25.13 -1.83 -19.27
CA GLY F 462 26.40 -1.32 -19.74
C GLY F 462 27.44 -2.35 -20.08
N VAL F 463 27.06 -3.62 -20.15
CA VAL F 463 28.01 -4.68 -20.52
C VAL F 463 28.00 -4.93 -22.03
N GLY F 464 27.37 -4.05 -22.80
CA GLY F 464 27.36 -4.17 -24.24
C GLY F 464 26.58 -5.36 -24.78
N LYS F 465 25.44 -5.68 -24.18
CA LYS F 465 24.61 -6.77 -24.69
C LYS F 465 24.04 -6.42 -26.07
N THR F 466 23.62 -5.17 -26.25
CA THR F 466 23.03 -4.76 -27.52
C THR F 466 24.03 -4.85 -28.66
N SER F 467 25.28 -4.45 -28.42
CA SER F 467 26.28 -4.43 -29.49
C SER F 467 26.66 -5.82 -29.96
N ILE F 468 26.36 -6.86 -29.17
CA ILE F 468 26.66 -8.23 -29.59
C ILE F 468 25.84 -8.60 -30.82
N ALA F 469 24.57 -8.23 -30.83
CA ALA F 469 23.70 -8.56 -31.96
C ALA F 469 24.21 -7.93 -33.25
N ARG F 470 24.69 -6.69 -33.18
CA ARG F 470 25.30 -6.07 -34.35
C ARG F 470 26.56 -6.82 -34.77
N SER F 471 27.37 -7.24 -33.80
CA SER F 471 28.56 -8.04 -34.11
C SER F 471 28.16 -9.41 -34.65
N ILE F 472 27.10 -10.00 -34.10
CA ILE F 472 26.65 -11.30 -34.57
C ILE F 472 26.21 -11.23 -36.03
N ALA F 473 25.46 -10.17 -36.38
CA ALA F 473 24.96 -10.03 -37.75
C ALA F 473 26.11 -9.97 -38.75
N ARG F 474 27.18 -9.26 -38.41
CA ARG F 474 28.34 -9.21 -39.29
C ARG F 474 29.05 -10.56 -39.35
N ALA F 475 28.95 -11.36 -38.29
CA ALA F 475 29.65 -12.64 -38.26
C ALA F 475 29.13 -13.60 -39.32
N LEU F 476 27.81 -13.75 -39.40
CA LEU F 476 27.20 -14.64 -40.37
C LEU F 476 26.55 -13.89 -41.53
N ASN F 477 26.92 -12.61 -41.72
CA ASN F 477 26.46 -11.80 -42.85
C ASN F 477 24.95 -11.65 -42.86
N ARG F 478 24.39 -11.05 -41.82
CA ARG F 478 22.97 -10.73 -41.73
C ARG F 478 22.79 -9.21 -41.70
N GLU F 479 21.54 -8.78 -41.58
CA GLU F 479 21.20 -7.38 -41.43
C GLU F 479 20.65 -7.15 -40.03
N TYR F 480 21.20 -6.14 -39.36
CA TYR F 480 20.91 -5.88 -37.95
C TYR F 480 19.79 -4.84 -37.83
N PHE F 481 18.85 -5.11 -36.93
CA PHE F 481 17.75 -4.20 -36.63
C PHE F 481 17.39 -4.34 -35.16
N ARG F 482 17.04 -3.22 -34.53
CA ARG F 482 16.79 -3.19 -33.09
C ARG F 482 15.30 -3.00 -32.83
N PHE F 483 14.70 -3.95 -32.14
CA PHE F 483 13.30 -3.89 -31.73
C PHE F 483 13.21 -3.40 -30.29
N SER F 484 13.66 -2.17 -30.09
CA SER F 484 13.68 -1.57 -28.76
C SER F 484 12.29 -1.11 -28.37
N VAL F 485 11.84 -1.52 -27.18
CA VAL F 485 10.53 -1.15 -26.66
C VAL F 485 10.70 -0.56 -25.27
N GLY F 486 10.05 0.57 -25.03
CA GLY F 486 10.09 1.21 -23.74
C GLY F 486 8.72 1.24 -23.09
N GLY F 487 7.68 1.27 -23.92
CA GLY F 487 6.31 1.24 -23.44
C GLY F 487 5.55 0.12 -24.10
N MET F 488 4.75 -0.58 -23.31
CA MET F 488 4.00 -1.75 -23.78
C MET F 488 2.61 -1.28 -24.22
N THR F 489 2.43 -1.13 -25.54
CA THR F 489 1.17 -0.71 -26.11
C THR F 489 0.80 -1.67 -27.24
N ASP F 490 -0.47 -2.08 -27.28
CA ASP F 490 -0.89 -3.13 -28.20
C ASP F 490 -0.87 -2.65 -29.65
N VAL F 491 -1.47 -1.49 -29.92
CA VAL F 491 -1.70 -1.04 -31.28
C VAL F 491 -0.80 0.15 -31.65
N ALA F 492 0.37 0.26 -31.01
CA ALA F 492 1.25 1.38 -31.30
C ALA F 492 2.45 0.98 -32.16
N GLU F 493 3.02 -0.20 -31.93
CA GLU F 493 4.25 -0.62 -32.58
C GLU F 493 4.05 -1.77 -33.55
N ILE F 494 3.49 -2.89 -33.07
CA ILE F 494 3.45 -4.12 -33.86
C ILE F 494 2.13 -4.26 -34.61
N LYS F 495 1.01 -3.95 -33.97
CA LYS F 495 -0.29 -4.19 -34.57
C LYS F 495 -0.48 -3.36 -35.83
N GLY F 496 -0.07 -2.10 -35.80
CA GLY F 496 -0.23 -1.23 -36.94
C GLY F 496 -1.63 -0.62 -37.00
N HIS F 497 -1.91 0.00 -38.15
CA HIS F 497 -3.17 0.69 -38.38
C HIS F 497 -3.75 0.27 -39.72
N ARG F 498 -5.06 0.46 -39.86
CA ARG F 498 -5.80 0.08 -41.06
C ARG F 498 -5.64 -1.40 -41.38
N ALA F 504 -2.67 4.77 -41.11
CA ALA F 504 -2.42 3.63 -42.02
C ALA F 504 -0.93 3.44 -42.21
N MET F 505 -0.26 2.81 -41.25
CA MET F 505 1.21 2.60 -41.34
C MET F 505 1.52 1.10 -41.17
N PRO F 506 2.48 0.53 -41.92
CA PRO F 506 2.85 -0.87 -41.74
C PRO F 506 3.71 -1.07 -40.47
N GLY F 507 3.68 -2.27 -39.90
CA GLY F 507 4.41 -2.56 -38.68
C GLY F 507 5.92 -2.50 -38.87
N LYS F 508 6.61 -2.32 -37.75
CA LYS F 508 8.06 -2.15 -37.77
C LYS F 508 8.76 -3.38 -38.35
N ILE F 509 8.11 -4.54 -38.29
CA ILE F 509 8.65 -5.72 -38.98
C ILE F 509 8.61 -5.51 -40.49
N ILE F 510 7.52 -4.91 -40.99
CA ILE F 510 7.45 -4.59 -42.41
C ILE F 510 8.45 -3.50 -42.76
N GLN F 511 8.62 -2.50 -41.88
CA GLN F 511 9.66 -1.50 -42.11
C GLN F 511 11.05 -2.14 -42.09
N CYS F 512 11.22 -3.20 -41.31
CA CYS F 512 12.50 -3.91 -41.29
C CYS F 512 12.83 -4.49 -42.66
N LEU F 513 11.85 -5.09 -43.32
CA LEU F 513 12.11 -5.73 -44.61
C LEU F 513 12.48 -4.72 -45.67
N LYS F 514 11.81 -3.56 -45.67
CA LYS F 514 12.05 -2.56 -46.72
C LYS F 514 13.44 -1.96 -46.60
N LYS F 515 13.84 -1.54 -45.39
CA LYS F 515 15.14 -0.89 -45.24
C LYS F 515 16.28 -1.88 -45.41
N THR F 516 16.12 -3.10 -44.89
CA THR F 516 17.17 -4.11 -45.04
C THR F 516 17.21 -4.67 -46.45
N LYS F 517 16.07 -4.67 -47.15
CA LYS F 517 15.96 -5.20 -48.51
C LYS F 517 16.44 -6.65 -48.58
N THR F 518 16.07 -7.43 -47.58
CA THR F 518 16.44 -8.84 -47.52
C THR F 518 15.30 -9.65 -46.93
N GLU F 519 15.29 -10.94 -47.26
CA GLU F 519 14.29 -11.86 -46.73
C GLU F 519 14.75 -12.55 -45.45
N ASN F 520 15.99 -12.33 -45.02
CA ASN F 520 16.53 -12.95 -43.81
C ASN F 520 17.18 -11.88 -42.93
N PRO F 521 16.37 -11.07 -42.26
CA PRO F 521 16.91 -10.05 -41.37
C PRO F 521 17.08 -10.57 -39.94
N LEU F 522 17.91 -9.86 -39.18
CA LEU F 522 18.12 -10.13 -37.77
C LEU F 522 17.46 -9.02 -36.96
N ILE F 523 16.47 -9.38 -36.16
CA ILE F 523 15.75 -8.43 -35.33
C ILE F 523 16.13 -8.67 -33.87
N LEU F 524 16.68 -7.65 -33.23
CA LEU F 524 17.07 -7.72 -31.82
C LEU F 524 16.07 -6.93 -30.99
N ILE F 525 15.39 -7.59 -30.08
CA ILE F 525 14.45 -6.93 -29.18
C ILE F 525 15.23 -6.46 -27.96
N ASP F 526 14.96 -5.24 -27.51
CA ASP F 526 15.71 -4.63 -26.43
C ASP F 526 14.80 -4.30 -25.25
N GLU F 527 15.31 -4.54 -24.04
CA GLU F 527 14.60 -4.21 -22.80
C GLU F 527 13.26 -4.94 -22.72
N VAL F 528 13.32 -6.27 -22.69
CA VAL F 528 12.11 -7.06 -22.53
C VAL F 528 11.59 -6.94 -21.11
N ASP F 529 12.44 -6.54 -20.16
CA ASP F 529 11.98 -6.36 -18.79
C ASP F 529 11.09 -5.14 -18.66
N LYS F 530 11.39 -4.07 -19.38
CA LYS F 530 10.61 -2.84 -19.31
C LYS F 530 10.10 -2.43 -20.68
N ASP F 538 -0.17 -4.42 -21.68
CA ASP F 538 0.97 -5.23 -22.08
C ASP F 538 0.61 -6.19 -23.20
N PRO F 539 1.01 -5.87 -24.42
CA PRO F 539 0.78 -6.77 -25.56
C PRO F 539 1.75 -7.94 -25.60
N SER F 540 1.69 -8.79 -24.57
CA SER F 540 2.56 -9.96 -24.55
C SER F 540 2.24 -10.91 -25.70
N SER F 541 0.95 -11.13 -25.97
CA SER F 541 0.56 -12.02 -27.06
C SER F 541 1.03 -11.49 -28.41
N ALA F 542 1.19 -10.17 -28.52
CA ALA F 542 1.70 -9.58 -29.75
C ALA F 542 3.13 -10.05 -30.01
N LEU F 543 3.96 -10.15 -28.97
CA LEU F 543 5.32 -10.64 -29.14
C LEU F 543 5.37 -12.15 -29.27
N LEU F 544 4.37 -12.87 -28.76
CA LEU F 544 4.37 -14.33 -28.86
C LEU F 544 4.31 -14.79 -30.31
N GLU F 545 3.47 -14.16 -31.12
CA GLU F 545 3.39 -14.55 -32.52
C GLU F 545 4.63 -14.16 -33.31
N LEU F 546 5.42 -13.22 -32.79
CA LEU F 546 6.64 -12.82 -33.50
C LEU F 546 7.70 -13.91 -33.46
N LEU F 547 7.92 -14.52 -32.29
CA LEU F 547 8.96 -15.52 -32.13
C LEU F 547 8.44 -16.95 -32.21
N ASP F 548 7.15 -17.14 -32.48
CA ASP F 548 6.59 -18.48 -32.62
C ASP F 548 6.74 -18.96 -34.05
N PRO F 549 7.42 -20.08 -34.30
CA PRO F 549 7.56 -20.56 -35.69
C PRO F 549 6.24 -20.84 -36.37
N GLU F 550 5.23 -21.30 -35.64
CA GLU F 550 3.93 -21.59 -36.25
C GLU F 550 3.30 -20.33 -36.82
N GLN F 551 3.38 -19.22 -36.09
CA GLN F 551 2.80 -17.97 -36.57
C GLN F 551 3.72 -17.24 -37.55
N ASN F 552 4.98 -17.64 -37.65
CA ASN F 552 5.90 -16.98 -38.57
C ASN F 552 5.58 -17.31 -40.02
N ALA F 553 4.93 -18.44 -40.27
CA ALA F 553 4.57 -18.81 -41.63
C ALA F 553 3.59 -17.81 -42.24
N ASN F 554 2.61 -17.38 -41.46
CA ASN F 554 1.60 -16.42 -41.91
C ASN F 554 1.41 -15.37 -40.81
N PHE F 555 1.99 -14.20 -41.01
CA PHE F 555 1.85 -13.09 -40.07
C PHE F 555 0.65 -12.24 -40.48
N LEU F 556 -0.44 -12.34 -39.72
CA LEU F 556 -1.68 -11.65 -40.05
C LEU F 556 -1.56 -10.20 -39.61
N ASP F 557 -0.99 -9.38 -40.49
CA ASP F 557 -0.82 -7.96 -40.21
C ASP F 557 -2.14 -7.22 -40.39
N HIS F 558 -2.36 -6.21 -39.54
CA HIS F 558 -3.56 -5.39 -39.65
C HIS F 558 -3.51 -4.50 -40.89
N TYR F 559 -2.37 -3.86 -41.13
CA TYR F 559 -2.23 -2.97 -42.28
C TYR F 559 -2.16 -3.77 -43.58
N LEU F 560 -1.37 -4.84 -43.59
CA LEU F 560 -1.11 -5.62 -44.79
C LEU F 560 -2.00 -6.85 -44.80
N ASP F 561 -2.86 -6.96 -45.82
CA ASP F 561 -3.76 -8.10 -45.92
C ASP F 561 -2.99 -9.39 -46.18
N VAL F 562 -2.01 -9.35 -47.08
CA VAL F 562 -1.25 -10.54 -47.42
C VAL F 562 -0.31 -10.89 -46.27
N PRO F 563 -0.36 -12.13 -45.76
CA PRO F 563 0.57 -12.51 -44.69
C PRO F 563 2.01 -12.49 -45.18
N VAL F 564 2.93 -12.20 -44.26
CA VAL F 564 4.36 -12.12 -44.55
C VAL F 564 5.07 -13.23 -43.81
N ASP F 565 5.91 -13.98 -44.53
CA ASP F 565 6.65 -15.07 -43.91
C ASP F 565 7.75 -14.51 -43.02
N LEU F 566 7.84 -15.03 -41.80
CA LEU F 566 8.84 -14.61 -40.83
C LEU F 566 9.66 -15.77 -40.30
N SER F 567 9.64 -16.92 -41.01
CA SER F 567 10.38 -18.09 -40.53
C SER F 567 11.88 -17.85 -40.53
N LYS F 568 12.40 -17.22 -41.57
CA LYS F 568 13.84 -16.97 -41.68
C LYS F 568 14.22 -15.61 -41.11
N VAL F 569 13.79 -15.33 -39.88
CA VAL F 569 14.11 -14.09 -39.19
C VAL F 569 14.68 -14.45 -37.83
N LEU F 570 15.94 -14.07 -37.60
CA LEU F 570 16.61 -14.37 -36.35
C LEU F 570 16.19 -13.37 -35.28
N PHE F 571 15.84 -13.87 -34.11
CA PHE F 571 15.41 -13.04 -32.98
C PHE F 571 16.40 -13.21 -31.83
N ILE F 572 16.89 -12.09 -31.32
CA ILE F 572 17.81 -12.06 -30.18
C ILE F 572 17.21 -11.16 -29.11
N CYS F 573 17.24 -11.63 -27.87
CA CYS F 573 16.62 -10.93 -26.75
C CYS F 573 17.69 -10.40 -25.79
N THR F 574 17.41 -9.27 -25.16
CA THR F 574 18.28 -8.69 -24.14
C THR F 574 17.45 -8.42 -22.90
N ALA F 575 18.06 -8.62 -21.73
CA ALA F 575 17.37 -8.44 -20.46
C ALA F 575 18.31 -7.81 -19.46
N ASN F 576 17.72 -7.21 -18.42
CA ASN F 576 18.47 -6.56 -17.36
C ASN F 576 18.53 -7.39 -16.08
N VAL F 577 17.38 -7.85 -15.60
CA VAL F 577 17.31 -8.63 -14.36
C VAL F 577 16.48 -9.88 -14.64
N THR F 578 16.89 -10.99 -14.01
CA THR F 578 16.33 -12.30 -14.34
C THR F 578 15.03 -12.60 -13.62
N ASP F 579 14.57 -11.73 -12.71
CA ASP F 579 13.33 -12.02 -12.00
C ASP F 579 12.14 -11.35 -12.67
N THR F 580 12.32 -10.13 -13.18
CA THR F 580 11.23 -9.37 -13.77
C THR F 580 10.87 -9.86 -15.16
N ILE F 581 11.71 -10.69 -15.76
CA ILE F 581 11.41 -11.20 -17.11
C ILE F 581 10.18 -12.09 -17.06
N PRO F 582 9.43 -12.22 -18.16
CA PRO F 582 8.23 -13.08 -18.13
C PRO F 582 8.60 -14.54 -17.96
N GLU F 583 8.18 -15.12 -16.84
CA GLU F 583 8.43 -16.54 -16.60
C GLU F 583 7.79 -17.44 -17.64
N PRO F 584 6.53 -17.24 -18.06
CA PRO F 584 6.01 -18.05 -19.17
C PRO F 584 6.82 -17.90 -20.45
N LEU F 585 7.33 -16.70 -20.72
CA LEU F 585 8.18 -16.49 -21.89
C LEU F 585 9.63 -16.84 -21.62
N ARG F 586 10.00 -17.06 -20.36
CA ARG F 586 11.39 -17.37 -20.03
C ARG F 586 11.83 -18.68 -20.67
N ASP F 587 10.96 -19.69 -20.68
CA ASP F 587 11.31 -20.97 -21.28
C ASP F 587 11.50 -20.83 -22.80
N ARG F 588 10.80 -19.87 -23.41
CA ARG F 588 10.88 -19.71 -24.86
C ARG F 588 12.28 -19.28 -25.31
N MET F 589 12.90 -18.36 -24.58
CA MET F 589 14.20 -17.82 -24.95
C MET F 589 15.30 -18.45 -24.09
N GLU F 590 16.42 -18.78 -24.73
CA GLU F 590 17.53 -19.39 -24.03
C GLU F 590 18.15 -18.41 -23.04
N MET F 591 18.50 -18.92 -21.86
CA MET F 591 19.09 -18.12 -20.80
C MET F 591 20.59 -18.03 -21.02
N ILE F 592 21.06 -16.86 -21.45
CA ILE F 592 22.49 -16.59 -21.63
C ILE F 592 22.85 -15.43 -20.73
N ASN F 593 23.86 -15.64 -19.88
CA ASN F 593 24.29 -14.64 -18.92
C ASN F 593 25.54 -13.94 -19.40
N VAL F 594 25.53 -12.60 -19.35
CA VAL F 594 26.68 -11.79 -19.70
C VAL F 594 27.27 -11.25 -18.41
N SER F 595 28.49 -11.69 -18.09
CA SER F 595 29.11 -11.31 -16.84
C SER F 595 29.62 -9.87 -16.91
N GLY F 596 29.93 -9.32 -15.74
CA GLY F 596 30.45 -7.97 -15.66
C GLY F 596 31.91 -7.89 -16.06
N TYR F 597 32.46 -6.70 -15.93
CA TYR F 597 33.83 -6.41 -16.35
C TYR F 597 34.70 -6.11 -15.15
N VAL F 598 35.91 -6.67 -15.15
CA VAL F 598 36.90 -6.39 -14.13
C VAL F 598 37.83 -5.29 -14.63
N ALA F 599 38.52 -4.64 -13.69
CA ALA F 599 39.38 -3.52 -14.05
C ALA F 599 40.59 -3.95 -14.87
N GLN F 600 40.96 -5.23 -14.79
CA GLN F 600 42.12 -5.72 -15.54
C GLN F 600 41.89 -5.61 -17.04
N GLU F 601 40.74 -6.10 -17.52
CA GLU F 601 40.41 -6.01 -18.93
C GLU F 601 39.56 -4.80 -19.29
N LYS F 602 39.13 -4.02 -18.29
CA LYS F 602 38.46 -2.76 -18.58
C LYS F 602 39.41 -1.80 -19.28
N LEU F 603 40.69 -1.81 -18.90
CA LEU F 603 41.67 -0.96 -19.56
C LEU F 603 41.80 -1.31 -21.04
N ALA F 604 41.81 -2.60 -21.37
CA ALA F 604 41.92 -3.01 -22.76
C ALA F 604 40.71 -2.55 -23.57
N ILE F 605 39.51 -2.68 -22.99
CA ILE F 605 38.31 -2.22 -23.68
C ILE F 605 38.34 -0.71 -23.86
N ALA F 606 38.71 0.01 -22.80
CA ALA F 606 38.77 1.46 -22.89
C ALA F 606 39.83 1.93 -23.87
N GLU F 607 41.01 1.31 -23.83
CA GLU F 607 42.10 1.72 -24.71
C GLU F 607 41.78 1.44 -26.18
N ARG F 608 41.14 0.30 -26.45
CA ARG F 608 40.88 -0.11 -27.83
C ARG F 608 39.58 0.43 -28.40
N TYR F 609 38.53 0.56 -27.59
CA TYR F 609 37.22 0.93 -28.10
C TYR F 609 36.70 2.24 -27.52
N LEU F 610 36.72 2.40 -26.19
CA LEU F 610 36.09 3.56 -25.59
C LEU F 610 36.86 4.85 -25.90
N VAL F 611 38.18 4.84 -25.71
CA VAL F 611 38.97 6.04 -25.97
C VAL F 611 38.92 6.47 -27.43
N PRO F 612 39.15 5.60 -28.42
CA PRO F 612 39.03 6.05 -29.81
C PRO F 612 37.64 6.57 -30.17
N GLN F 613 36.59 5.96 -29.63
CA GLN F 613 35.24 6.41 -29.93
C GLN F 613 34.95 7.75 -29.26
N ALA F 614 35.37 7.92 -28.01
CA ALA F 614 35.17 9.19 -27.32
C ALA F 614 35.95 10.32 -27.99
N ARG F 615 37.16 10.02 -28.47
CA ARG F 615 37.97 11.04 -29.13
C ARG F 615 37.29 11.53 -30.40
N ALA F 616 36.73 10.62 -31.19
CA ALA F 616 36.04 11.02 -32.42
C ALA F 616 34.80 11.84 -32.11
N LEU F 617 34.03 11.45 -31.10
CA LEU F 617 32.84 12.20 -30.73
C LEU F 617 33.18 13.60 -30.24
N CYS F 618 34.23 13.71 -29.43
CA CYS F 618 34.65 15.01 -28.91
C CYS F 618 35.43 15.83 -29.93
N GLY F 619 35.85 15.24 -31.03
CA GLY F 619 36.59 15.96 -32.05
C GLY F 619 38.07 16.14 -31.75
N LEU F 620 38.56 15.59 -30.65
CA LEU F 620 39.97 15.72 -30.30
C LEU F 620 40.82 14.77 -31.14
N ASP F 621 42.13 14.96 -31.06
CA ASP F 621 43.10 14.12 -31.76
C ASP F 621 44.11 13.57 -30.78
N GLU F 622 44.74 12.45 -31.17
CA GLU F 622 45.73 11.81 -30.31
C GLU F 622 46.92 12.72 -30.06
N SER F 623 47.36 13.44 -31.10
CA SER F 623 48.49 14.36 -30.93
C SER F 623 48.16 15.50 -29.99
N LYS F 624 46.91 15.95 -29.96
CA LYS F 624 46.53 17.06 -29.10
C LYS F 624 46.36 16.62 -27.66
N ALA F 625 45.51 15.62 -27.42
CA ALA F 625 45.24 15.10 -26.08
C ALA F 625 45.74 13.67 -26.00
N LYS F 626 46.56 13.39 -24.99
CA LYS F 626 47.13 12.07 -24.77
C LYS F 626 46.61 11.50 -23.45
N LEU F 627 46.03 10.31 -23.52
CA LEU F 627 45.56 9.58 -22.34
C LEU F 627 46.49 8.39 -22.13
N SER F 628 47.36 8.49 -21.13
CA SER F 628 48.34 7.45 -20.88
C SER F 628 47.67 6.19 -20.34
N SER F 629 48.39 5.06 -20.47
CA SER F 629 47.85 3.79 -20.02
C SER F 629 47.69 3.75 -18.50
N ASP F 630 48.71 4.21 -17.76
CA ASP F 630 48.66 4.15 -16.31
C ASP F 630 47.56 5.05 -15.76
N VAL F 631 47.37 6.24 -16.33
CA VAL F 631 46.31 7.13 -15.86
C VAL F 631 44.94 6.54 -16.17
N LEU F 632 44.85 5.65 -17.16
CA LEU F 632 43.57 5.02 -17.46
C LEU F 632 43.22 3.98 -16.40
N THR F 633 44.21 3.21 -15.95
CA THR F 633 43.98 2.24 -14.88
C THR F 633 43.58 2.95 -13.59
N LEU F 634 44.23 4.08 -13.29
CA LEU F 634 43.90 4.83 -12.08
C LEU F 634 42.47 5.36 -12.14
N LEU F 635 42.05 5.84 -13.32
CA LEU F 635 40.68 6.32 -13.45
C LEU F 635 39.67 5.22 -13.23
N ILE F 636 39.92 4.03 -13.78
CA ILE F 636 39.02 2.90 -13.56
C ILE F 636 39.07 2.45 -12.10
N LYS F 637 40.27 2.45 -11.50
CA LYS F 637 40.43 1.95 -10.15
C LYS F 637 39.65 2.79 -9.14
N GLN F 638 39.71 4.12 -9.27
CA GLN F 638 39.20 5.02 -8.24
C GLN F 638 37.90 5.71 -8.60
N TYR F 639 37.42 5.60 -9.84
CA TYR F 639 36.22 6.31 -10.25
C TYR F 639 35.14 5.42 -10.85
N CYS F 640 35.51 4.34 -11.55
CA CYS F 640 34.54 3.47 -12.22
C CYS F 640 34.76 2.04 -11.74
N ARG F 641 34.10 1.69 -10.63
CA ARG F 641 34.16 0.34 -10.10
C ARG F 641 32.88 -0.45 -10.37
N GLU F 642 31.97 0.08 -11.18
CA GLU F 642 30.73 -0.61 -11.47
C GLU F 642 30.98 -1.75 -12.45
N SER F 643 29.97 -2.61 -12.59
CA SER F 643 30.09 -3.75 -13.50
C SER F 643 30.18 -3.30 -14.95
N GLY F 644 29.37 -2.33 -15.36
CA GLY F 644 29.36 -1.90 -16.74
C GLY F 644 30.46 -0.91 -17.06
N VAL F 645 30.55 -0.55 -18.34
CA VAL F 645 31.52 0.42 -18.81
C VAL F 645 30.85 1.74 -19.19
N ARG F 646 29.56 1.90 -18.91
CA ARG F 646 28.87 3.14 -19.25
C ARG F 646 29.42 4.31 -18.44
N ASN F 647 29.70 4.08 -17.15
CA ASN F 647 30.29 5.14 -16.33
C ASN F 647 31.70 5.48 -16.81
N LEU F 648 32.46 4.46 -17.25
CA LEU F 648 33.79 4.71 -17.77
C LEU F 648 33.75 5.58 -19.02
N GLN F 649 32.72 5.38 -19.86
CA GLN F 649 32.57 6.22 -21.04
C GLN F 649 32.37 7.68 -20.67
N LYS F 650 31.54 7.94 -19.65
CA LYS F 650 31.28 9.32 -19.25
C LYS F 650 32.53 9.98 -18.69
N GLN F 651 33.29 9.27 -17.86
CA GLN F 651 34.50 9.85 -17.28
C GLN F 651 35.55 10.12 -18.35
N VAL F 652 35.71 9.21 -19.30
CA VAL F 652 36.66 9.43 -20.39
C VAL F 652 36.23 10.64 -21.23
N GLU F 653 34.93 10.74 -21.53
CA GLU F 653 34.44 11.89 -22.28
C GLU F 653 34.62 13.18 -21.48
N LYS F 654 34.50 13.10 -20.15
CA LYS F 654 34.69 14.29 -19.33
C LYS F 654 36.11 14.82 -19.41
N VAL F 655 37.10 13.91 -19.40
CA VAL F 655 38.49 14.34 -19.51
C VAL F 655 38.74 14.98 -20.87
N LEU F 656 38.22 14.37 -21.94
CA LEU F 656 38.39 14.94 -23.27
C LEU F 656 37.69 16.28 -23.40
N ARG F 657 36.51 16.41 -22.78
CA ARG F 657 35.82 17.71 -22.79
C ARG F 657 36.63 18.78 -22.07
N LYS F 658 37.22 18.43 -20.92
CA LYS F 658 38.09 19.36 -20.23
C LYS F 658 39.34 19.66 -21.05
N SER F 659 39.90 18.64 -21.69
CA SER F 659 41.06 18.86 -22.56
C SER F 659 40.69 19.73 -23.76
N ALA F 660 39.50 19.51 -24.33
CA ALA F 660 39.07 20.29 -25.49
C ALA F 660 38.94 21.77 -25.12
N TYR F 661 38.40 22.05 -23.93
CA TYR F 661 38.27 23.44 -23.50
C TYR F 661 39.62 24.12 -23.38
N LYS F 662 40.62 23.41 -22.85
CA LYS F 662 41.96 23.98 -22.72
C LYS F 662 42.55 24.30 -24.08
N ILE F 663 42.36 23.41 -25.06
CA ILE F 663 42.89 23.65 -26.39
C ILE F 663 42.23 24.86 -27.03
N VAL F 664 40.89 24.95 -26.93
CA VAL F 664 40.17 26.06 -27.52
C VAL F 664 40.50 27.36 -26.81
N SER F 665 40.54 27.34 -25.47
CA SER F 665 40.83 28.55 -24.72
C SER F 665 42.27 29.01 -24.87
N GLY F 666 43.13 28.16 -25.43
CA GLY F 666 44.53 28.54 -25.63
C GLY F 666 45.41 28.43 -24.41
N GLU F 667 44.97 27.73 -23.37
CA GLU F 667 45.81 27.56 -22.19
C GLU F 667 47.08 26.78 -22.53
N ALA F 668 46.96 25.76 -23.37
CA ALA F 668 48.11 24.97 -23.80
C ALA F 668 47.90 24.51 -25.23
N GLU F 669 48.98 24.45 -25.99
CA GLU F 669 48.90 23.94 -27.37
C GLU F 669 48.49 22.48 -27.39
N SER F 670 49.00 21.67 -26.47
CA SER F 670 48.62 20.27 -26.35
C SER F 670 48.42 19.95 -24.86
N VAL F 671 47.56 18.98 -24.60
CA VAL F 671 47.19 18.60 -23.24
C VAL F 671 47.61 17.16 -23.01
N GLU F 672 48.36 16.94 -21.93
CA GLU F 672 48.77 15.60 -21.51
C GLU F 672 48.25 15.35 -20.09
N VAL F 673 47.69 14.17 -19.88
CA VAL F 673 47.07 13.82 -18.61
C VAL F 673 48.03 12.99 -17.78
N THR F 674 48.18 13.36 -16.52
CA THR F 674 49.04 12.66 -15.56
C THR F 674 48.23 12.38 -14.30
N PRO F 675 48.65 11.40 -13.51
CA PRO F 675 47.90 11.09 -12.27
C PRO F 675 47.76 12.28 -11.33
N GLU F 676 48.76 13.15 -11.26
CA GLU F 676 48.64 14.33 -10.42
C GLU F 676 47.56 15.28 -10.93
N ASN F 677 47.49 15.46 -12.25
CA ASN F 677 46.51 16.35 -12.86
C ASN F 677 45.16 15.69 -13.10
N LEU F 678 45.06 14.37 -12.92
CA LEU F 678 43.82 13.68 -13.21
C LEU F 678 42.70 14.10 -12.25
N GLN F 679 43.04 14.55 -11.05
CA GLN F 679 42.03 14.89 -10.06
C GLN F 679 41.15 16.04 -10.52
N ASP F 680 41.76 17.08 -11.11
CA ASP F 680 40.99 18.23 -11.55
C ASP F 680 40.22 17.99 -12.84
N PHE F 681 40.58 16.96 -13.61
CA PHE F 681 39.88 16.70 -14.87
C PHE F 681 38.52 16.07 -14.62
N VAL F 682 38.43 15.11 -13.69
CA VAL F 682 37.18 14.43 -13.40
C VAL F 682 36.54 14.91 -12.11
N GLY F 683 37.32 15.13 -11.04
CA GLY F 683 36.80 15.59 -9.78
C GLY F 683 37.34 14.80 -8.62
N LYS F 684 36.59 14.77 -7.52
CA LYS F 684 37.00 14.12 -6.30
C LYS F 684 36.99 12.61 -6.47
N PRO F 685 38.08 11.92 -6.09
CA PRO F 685 38.11 10.46 -6.21
C PRO F 685 37.06 9.81 -5.32
N VAL F 686 36.52 8.70 -5.80
CA VAL F 686 35.51 7.96 -5.04
C VAL F 686 36.14 6.97 -4.07
N PHE F 687 37.09 6.17 -4.55
CA PHE F 687 37.80 5.20 -3.73
C PHE F 687 39.27 5.60 -3.67
N THR F 688 39.79 5.76 -2.45
CA THR F 688 41.18 6.16 -2.26
C THR F 688 41.98 5.12 -1.48
N VAL F 689 41.46 4.64 -0.35
CA VAL F 689 42.14 3.67 0.50
C VAL F 689 41.39 2.35 0.41
N GLU F 690 42.12 1.27 0.09
CA GLU F 690 41.51 -0.04 -0.05
C GLU F 690 41.74 -0.94 1.16
N ARG F 691 42.74 -0.65 1.98
CA ARG F 691 43.02 -1.42 3.19
C ARG F 691 43.08 -0.48 4.38
N MET F 692 42.22 -0.69 5.36
CA MET F 692 42.18 0.21 6.51
C MET F 692 43.34 -0.07 7.46
N TYR F 693 43.76 -1.32 7.59
CA TYR F 693 44.89 -1.70 8.41
C TYR F 693 46.05 -2.09 7.52
N ASP F 694 47.18 -1.40 7.65
CA ASP F 694 48.39 -1.83 6.98
C ASP F 694 49.00 -3.04 7.69
N VAL F 695 49.02 -3.01 9.02
CA VAL F 695 49.47 -4.13 9.84
C VAL F 695 48.38 -4.41 10.86
N THR F 696 47.88 -5.65 10.88
CA THR F 696 46.77 -5.99 11.74
C THR F 696 47.27 -6.26 13.16
N PRO F 697 46.76 -5.55 14.16
CA PRO F 697 47.11 -5.87 15.55
C PRO F 697 46.43 -7.15 16.00
N PRO F 698 46.81 -7.69 17.15
CA PRO F 698 46.11 -8.88 17.66
C PRO F 698 44.61 -8.61 17.83
N GLY F 699 43.80 -9.61 17.45
CA GLY F 699 42.37 -9.47 17.50
C GLY F 699 41.73 -8.89 16.26
N VAL F 700 42.52 -8.55 15.24
CA VAL F 700 42.00 -8.00 13.99
C VAL F 700 42.36 -8.95 12.86
N VAL F 701 41.34 -9.39 12.12
CA VAL F 701 41.52 -10.31 11.00
C VAL F 701 40.78 -9.74 9.79
N MET F 702 41.44 -9.77 8.64
CA MET F 702 40.85 -9.29 7.40
C MET F 702 40.02 -10.38 6.74
N GLY F 703 38.83 -10.00 6.26
CA GLY F 703 37.94 -10.92 5.58
C GLY F 703 37.56 -10.40 4.21
N LEU F 704 36.69 -11.16 3.55
CA LEU F 704 36.24 -10.85 2.20
C LEU F 704 34.71 -10.79 2.18
N ALA F 705 34.17 -9.84 1.42
CA ALA F 705 32.73 -9.62 1.37
C ALA F 705 32.29 -9.37 -0.07
N TRP F 706 30.98 -9.43 -0.28
CA TRP F 706 30.37 -9.19 -1.58
C TRP F 706 29.55 -7.91 -1.51
N THR F 707 29.70 -7.04 -2.50
CA THR F 707 28.98 -5.78 -2.57
C THR F 707 28.39 -5.61 -3.97
N ALA F 708 27.54 -4.58 -4.10
CA ALA F 708 26.94 -4.30 -5.40
C ALA F 708 27.98 -3.82 -6.40
N MET F 709 29.01 -3.11 -5.92
CA MET F 709 30.07 -2.59 -6.76
C MET F 709 31.26 -3.54 -6.84
N GLY F 710 31.00 -4.85 -6.74
CA GLY F 710 32.06 -5.84 -6.77
C GLY F 710 32.39 -6.36 -5.38
N GLY F 711 33.60 -6.91 -5.27
CA GLY F 711 34.07 -7.41 -4.00
C GLY F 711 34.58 -6.31 -3.09
N SER F 712 34.68 -6.66 -1.80
CA SER F 712 35.22 -5.75 -0.81
C SER F 712 35.89 -6.55 0.29
N THR F 713 36.82 -5.92 0.98
CA THR F 713 37.54 -6.53 2.09
C THR F 713 37.12 -5.85 3.39
N LEU F 714 36.71 -6.64 4.36
CA LEU F 714 36.31 -6.14 5.67
C LEU F 714 37.18 -6.76 6.75
N PHE F 715 37.37 -6.02 7.84
CA PHE F 715 38.15 -6.47 8.98
C PHE F 715 37.21 -6.85 10.12
N VAL F 716 37.67 -7.76 10.96
CA VAL F 716 36.94 -8.16 12.16
C VAL F 716 37.83 -7.87 13.36
N GLU F 717 37.43 -6.86 14.14
CA GLU F 717 38.22 -6.42 15.31
C GLU F 717 37.50 -6.75 16.61
N THR F 718 38.22 -7.34 17.57
CA THR F 718 37.68 -7.67 18.88
C THR F 718 38.49 -6.96 19.95
N SER F 719 37.83 -6.66 21.06
CA SER F 719 38.47 -5.95 22.16
C SER F 719 37.83 -6.36 23.47
N LEU F 720 38.54 -6.09 24.56
CA LEU F 720 38.06 -6.41 25.90
C LEU F 720 37.05 -5.35 26.33
N ARG F 721 35.82 -5.78 26.61
CA ARG F 721 34.80 -4.86 27.09
C ARG F 721 35.04 -4.46 28.54
N ARG F 722 35.48 -5.41 29.37
CA ARG F 722 35.73 -5.19 30.78
C ARG F 722 37.09 -5.77 31.16
N PRO F 723 37.74 -5.21 32.20
CA PRO F 723 39.03 -5.74 32.64
C PRO F 723 38.91 -7.14 33.22
N LYS F 732 30.92 -16.33 36.96
CA LYS F 732 31.99 -15.84 36.10
C LYS F 732 31.86 -16.38 34.68
N ASP F 733 30.84 -15.90 33.97
CA ASP F 733 30.59 -16.31 32.60
C ASP F 733 30.85 -15.14 31.67
N GLY F 734 31.70 -15.37 30.67
CA GLY F 734 32.01 -14.32 29.72
C GLY F 734 30.85 -14.04 28.78
N SER F 735 30.91 -12.88 28.13
CA SER F 735 29.87 -12.44 27.23
C SER F 735 30.51 -11.82 25.98
N LEU F 736 29.76 -11.86 24.88
CA LEU F 736 30.21 -11.28 23.62
C LEU F 736 29.14 -10.32 23.10
N GLU F 737 29.57 -9.11 22.79
CA GLU F 737 28.70 -8.08 22.21
C GLU F 737 29.11 -7.84 20.76
N VAL F 738 28.13 -7.84 19.87
CA VAL F 738 28.36 -7.68 18.43
C VAL F 738 27.79 -6.33 18.02
N THR F 739 28.64 -5.50 17.41
CA THR F 739 28.25 -4.16 16.97
C THR F 739 28.31 -4.08 15.45
N GLY F 740 27.77 -3.00 14.92
CA GLY F 740 27.65 -2.82 13.49
C GLY F 740 26.27 -3.25 12.99
N GLN F 741 25.90 -2.73 11.82
CA GLN F 741 24.60 -3.03 11.23
C GLN F 741 24.64 -4.43 10.62
N LEU F 742 24.71 -5.42 11.51
CA LEU F 742 24.80 -6.82 11.12
C LEU F 742 23.41 -7.43 11.03
N GLY F 743 23.20 -8.27 10.02
CA GLY F 743 21.94 -8.93 9.83
C GLY F 743 21.73 -10.08 10.79
N GLU F 744 20.54 -10.67 10.72
CA GLU F 744 20.22 -11.80 11.60
C GLU F 744 21.12 -12.99 11.33
N VAL F 745 21.39 -13.29 10.05
CA VAL F 745 22.25 -14.42 9.72
C VAL F 745 23.68 -14.15 10.20
N MET F 746 24.19 -12.93 9.99
CA MET F 746 25.53 -12.60 10.45
C MET F 746 25.61 -12.59 11.97
N LYS F 747 24.57 -12.10 12.63
CA LYS F 747 24.56 -12.11 14.10
C LYS F 747 24.58 -13.53 14.64
N GLU F 748 23.81 -14.43 14.02
CA GLU F 748 23.81 -15.82 14.47
C GLU F 748 25.16 -16.49 14.22
N SER F 749 25.79 -16.20 13.08
CA SER F 749 27.09 -16.78 12.78
C SER F 749 28.13 -16.36 13.83
N ALA F 750 28.00 -15.18 14.40
CA ALA F 750 28.89 -14.76 15.48
C ALA F 750 28.71 -15.66 16.71
N ARG F 751 27.46 -16.02 17.02
CA ARG F 751 27.21 -16.93 18.14
C ARG F 751 27.81 -18.30 17.89
N ILE F 752 27.66 -18.82 16.67
CA ILE F 752 28.25 -20.11 16.33
C ILE F 752 29.78 -20.03 16.38
N ALA F 753 30.33 -18.95 15.84
CA ALA F 753 31.78 -18.78 15.88
C ALA F 753 32.29 -18.64 17.31
N TYR F 754 31.55 -17.91 18.15
CA TYR F 754 31.94 -17.75 19.54
C TYR F 754 31.93 -19.09 20.28
N THR F 755 30.91 -19.91 20.02
CA THR F 755 30.83 -21.21 20.67
C THR F 755 31.98 -22.12 20.26
N PHE F 756 32.28 -22.15 18.96
CA PHE F 756 33.36 -23.02 18.49
C PHE F 756 34.72 -22.54 18.97
N ALA F 757 34.97 -21.24 18.91
CA ALA F 757 36.25 -20.71 19.37
C ALA F 757 36.45 -20.96 20.86
N ARG F 758 35.37 -20.87 21.64
CA ARG F 758 35.44 -21.22 23.05
C ARG F 758 35.78 -22.69 23.23
N ALA F 759 35.19 -23.56 22.42
CA ALA F 759 35.46 -24.99 22.52
C ALA F 759 36.82 -25.35 21.95
N PHE F 760 37.24 -24.65 20.89
CA PHE F 760 38.53 -24.94 20.27
C PHE F 760 39.68 -24.68 21.23
N LEU F 761 39.56 -23.65 22.07
CA LEU F 761 40.63 -23.32 23.00
C LEU F 761 40.80 -24.41 24.06
N MET F 762 39.73 -25.10 24.44
CA MET F 762 39.84 -26.15 25.43
C MET F 762 40.73 -27.29 24.95
N GLN F 763 40.58 -27.69 23.69
CA GLN F 763 41.37 -28.79 23.14
C GLN F 763 42.76 -28.37 22.71
N HIS F 764 43.01 -27.06 22.58
CA HIS F 764 44.30 -26.56 22.14
C HIS F 764 45.13 -25.99 23.29
N ALA F 765 44.57 -25.07 24.06
CA ALA F 765 45.23 -24.47 25.22
C ALA F 765 44.30 -24.59 26.41
N PRO F 766 44.28 -25.75 27.09
CA PRO F 766 43.36 -25.93 28.21
C PRO F 766 43.55 -24.93 29.34
N ALA F 767 44.79 -24.49 29.59
CA ALA F 767 45.05 -23.55 30.67
C ALA F 767 44.53 -22.15 30.35
N ASN F 768 44.27 -21.85 29.08
CA ASN F 768 43.81 -20.52 28.69
C ASN F 768 42.31 -20.43 28.93
N ASP F 769 41.91 -19.56 29.86
CA ASP F 769 40.50 -19.33 30.17
C ASP F 769 40.04 -17.94 29.73
N TYR F 770 40.67 -17.41 28.68
CA TYR F 770 40.36 -16.06 28.23
C TYR F 770 38.92 -15.96 27.72
N LEU F 771 38.50 -16.93 26.91
CA LEU F 771 37.20 -16.82 26.25
C LEU F 771 36.04 -17.12 27.18
N VAL F 772 36.24 -17.96 28.21
CA VAL F 772 35.11 -18.37 29.04
C VAL F 772 34.76 -17.31 30.08
N THR F 773 35.74 -16.53 30.53
CA THR F 773 35.53 -15.58 31.62
C THR F 773 35.47 -14.12 31.16
N SER F 774 36.34 -13.72 30.25
CA SER F 774 36.43 -12.32 29.86
C SER F 774 35.24 -11.91 28.99
N HIS F 775 34.97 -10.61 28.99
CA HIS F 775 33.91 -10.03 28.16
C HIS F 775 34.55 -9.40 26.93
N ILE F 776 34.11 -9.83 25.75
CA ILE F 776 34.72 -9.45 24.49
C ILE F 776 33.69 -8.67 23.67
N HIS F 777 34.12 -7.54 23.12
CA HIS F 777 33.29 -6.75 22.22
C HIS F 777 33.76 -6.98 20.79
N LEU F 778 32.83 -7.35 19.91
CA LEU F 778 33.13 -7.61 18.50
C LEU F 778 32.47 -6.55 17.64
N HIS F 779 33.25 -5.93 16.77
CA HIS F 779 32.76 -4.88 15.90
C HIS F 779 33.31 -5.06 14.50
N VAL F 780 32.45 -4.83 13.51
CA VAL F 780 32.84 -4.81 12.10
C VAL F 780 32.81 -3.36 11.64
N PRO F 781 33.92 -2.80 11.17
CA PRO F 781 33.97 -1.36 10.85
C PRO F 781 33.01 -0.99 9.74
N GLU F 782 32.90 0.32 9.52
CA GLU F 782 31.89 0.89 8.63
C GLU F 782 30.49 0.51 9.11
N GLY F 783 30.16 0.98 10.31
CA GLY F 783 28.90 0.62 10.94
C GLY F 783 27.68 1.14 10.20
N ALA F 784 27.83 2.19 9.40
CA ALA F 784 26.70 2.70 8.64
C ALA F 784 26.22 1.69 7.61
N THR F 785 27.13 1.01 6.94
CA THR F 785 26.76 0.07 5.89
C THR F 785 26.23 -1.23 6.50
N PRO F 786 25.03 -1.66 6.14
CA PRO F 786 24.53 -2.94 6.66
C PRO F 786 25.33 -4.12 6.11
N LYS F 787 25.41 -5.18 6.91
CA LYS F 787 26.11 -6.40 6.54
C LYS F 787 25.27 -7.60 6.91
N ASP F 788 25.36 -8.65 6.10
CA ASP F 788 24.60 -9.87 6.36
C ASP F 788 25.28 -11.04 5.66
N GLY F 789 24.92 -12.24 6.09
CA GLY F 789 25.43 -13.45 5.49
C GLY F 789 26.37 -14.21 6.42
N PRO F 790 26.42 -15.54 6.24
CA PRO F 790 27.33 -16.35 7.06
C PRO F 790 28.72 -16.44 6.46
N SER F 791 29.00 -15.53 5.51
CA SER F 791 30.25 -15.57 4.76
C SER F 791 31.45 -15.34 5.68
N ALA F 792 31.33 -14.45 6.66
CA ALA F 792 32.43 -14.10 7.55
C ALA F 792 32.48 -14.95 8.80
N GLY F 793 31.96 -16.18 8.74
CA GLY F 793 31.96 -17.03 9.93
C GLY F 793 33.36 -17.40 10.39
N CYS F 794 34.22 -17.82 9.46
CA CYS F 794 35.56 -18.26 9.84
C CYS F 794 36.45 -17.10 10.24
N THR F 795 36.16 -15.90 9.74
CA THR F 795 36.95 -14.72 10.11
C THR F 795 36.75 -14.38 11.58
N ILE F 796 35.53 -14.54 12.08
CA ILE F 796 35.24 -14.23 13.49
C ILE F 796 35.98 -15.18 14.42
N VAL F 797 36.10 -16.45 14.03
CA VAL F 797 36.81 -17.42 14.86
C VAL F 797 38.27 -17.03 15.01
N THR F 798 38.90 -16.61 13.91
CA THR F 798 40.30 -16.21 13.96
C THR F 798 40.49 -14.97 14.83
N ALA F 799 39.58 -14.00 14.72
CA ALA F 799 39.69 -12.80 15.54
C ALA F 799 39.57 -13.12 17.02
N LEU F 800 38.62 -14.00 17.38
CA LEU F 800 38.47 -14.38 18.78
C LEU F 800 39.70 -15.15 19.27
N LEU F 801 40.24 -16.04 18.44
CA LEU F 801 41.42 -16.80 18.83
C LEU F 801 42.65 -15.92 18.92
N SER F 802 42.81 -14.98 17.98
CA SER F 802 43.96 -14.08 18.01
C SER F 802 43.94 -13.21 19.26
N LEU F 803 42.77 -12.68 19.61
CA LEU F 803 42.66 -11.88 20.83
C LEU F 803 42.91 -12.73 22.07
N ALA F 804 42.34 -13.94 22.11
CA ALA F 804 42.51 -14.79 23.27
C ALA F 804 43.97 -15.22 23.45
N MET F 805 44.64 -15.58 22.37
CA MET F 805 46.03 -16.00 22.45
C MET F 805 47.00 -14.83 22.44
N GLY F 806 46.53 -13.62 22.14
CA GLY F 806 47.42 -12.48 22.06
C GLY F 806 48.47 -12.58 20.98
N ARG F 807 48.13 -13.19 19.85
CA ARG F 807 49.06 -13.37 18.74
C ARG F 807 48.48 -12.76 17.48
N PRO F 808 49.20 -11.86 16.81
CA PRO F 808 48.71 -11.31 15.55
C PRO F 808 48.65 -12.37 14.46
N VAL F 809 47.66 -12.22 13.58
CA VAL F 809 47.52 -13.11 12.44
C VAL F 809 48.50 -12.68 11.35
N ARG F 810 48.66 -13.55 10.34
CA ARG F 810 49.52 -13.24 9.21
C ARG F 810 49.09 -11.93 8.57
N GLN F 811 50.09 -11.11 8.21
CA GLN F 811 49.82 -9.72 7.85
C GLN F 811 49.02 -9.61 6.56
N ASN F 812 49.30 -10.49 5.58
CA ASN F 812 48.62 -10.38 4.30
C ASN F 812 47.80 -11.63 4.02
N LEU F 813 47.03 -12.07 5.00
CA LEU F 813 46.20 -13.26 4.90
C LEU F 813 44.74 -12.87 5.05
N ALA F 814 43.91 -13.33 4.10
CA ALA F 814 42.47 -13.11 4.14
C ALA F 814 41.75 -14.44 4.00
N MET F 815 40.66 -14.60 4.74
CA MET F 815 39.92 -15.85 4.75
C MET F 815 38.43 -15.57 4.65
N THR F 816 37.69 -16.55 4.13
CA THR F 816 36.24 -16.48 4.06
C THR F 816 35.68 -17.89 4.03
N GLY F 817 34.41 -18.01 4.39
CA GLY F 817 33.75 -19.29 4.42
C GLY F 817 32.97 -19.53 5.70
N GLU F 818 31.75 -20.06 5.56
CA GLU F 818 30.91 -20.33 6.72
C GLU F 818 31.50 -21.48 7.53
N VAL F 819 31.44 -21.34 8.85
CA VAL F 819 31.94 -22.35 9.78
C VAL F 819 30.77 -22.93 10.56
N SER F 820 30.78 -24.24 10.76
CA SER F 820 29.74 -24.92 11.51
C SER F 820 30.13 -24.98 13.00
N LEU F 821 29.26 -25.57 13.80
CA LEU F 821 29.50 -25.63 15.24
C LEU F 821 30.66 -26.56 15.57
N THR F 822 30.88 -27.60 14.78
CA THR F 822 31.97 -28.54 15.02
C THR F 822 33.28 -28.13 14.39
N GLY F 823 33.28 -27.06 13.58
CA GLY F 823 34.49 -26.58 12.94
C GLY F 823 34.57 -26.82 11.45
N LYS F 824 33.57 -27.46 10.86
CA LYS F 824 33.58 -27.69 9.42
C LYS F 824 33.40 -26.39 8.66
N ILE F 825 34.09 -26.27 7.53
CA ILE F 825 34.04 -25.09 6.68
C ILE F 825 33.06 -25.34 5.55
N LEU F 826 32.10 -24.43 5.39
CA LEU F 826 31.08 -24.56 4.37
C LEU F 826 31.33 -23.61 3.21
N PRO F 827 30.94 -23.98 1.99
CA PRO F 827 31.18 -23.11 0.85
C PRO F 827 30.37 -21.83 0.92
N VAL F 828 30.92 -20.77 0.31
CA VAL F 828 30.27 -19.47 0.25
C VAL F 828 30.26 -18.99 -1.18
N GLY F 829 29.29 -18.12 -1.49
CA GLY F 829 29.18 -17.57 -2.82
C GLY F 829 30.06 -16.36 -3.03
N GLY F 830 30.03 -15.85 -4.26
CA GLY F 830 30.80 -14.67 -4.59
C GLY F 830 32.31 -14.85 -4.51
N ILE F 831 32.80 -15.99 -4.99
CA ILE F 831 34.25 -16.23 -4.96
C ILE F 831 34.97 -15.27 -5.89
N LYS F 832 34.39 -14.99 -7.07
CA LYS F 832 35.02 -14.08 -8.02
C LYS F 832 35.17 -12.69 -7.43
N GLU F 833 34.12 -12.19 -6.77
CA GLU F 833 34.19 -10.88 -6.14
C GLU F 833 35.20 -10.87 -5.00
N ALA F 834 35.23 -11.93 -4.19
CA ALA F 834 36.17 -12.00 -3.09
C ALA F 834 37.62 -12.05 -3.60
N THR F 835 37.86 -12.81 -4.67
CA THR F 835 39.20 -12.89 -5.24
C THR F 835 39.64 -11.55 -5.80
N ILE F 836 38.74 -10.82 -6.45
CA ILE F 836 39.07 -9.50 -6.99
C ILE F 836 39.42 -8.54 -5.86
N ALA F 837 38.64 -8.55 -4.78
CA ALA F 837 38.89 -7.66 -3.66
C ALA F 837 40.22 -7.95 -3.00
N ALA F 838 40.58 -9.24 -2.89
CA ALA F 838 41.86 -9.60 -2.29
C ALA F 838 43.03 -9.07 -3.11
N LYS F 839 42.94 -9.16 -4.43
CA LYS F 839 44.00 -8.64 -5.29
C LYS F 839 44.11 -7.13 -5.17
N ARG F 840 42.97 -6.43 -5.09
CA ARG F 840 43.00 -4.97 -4.95
C ARG F 840 43.63 -4.55 -3.63
N ALA F 841 43.39 -5.31 -2.57
CA ALA F 841 43.91 -4.98 -1.25
C ALA F 841 45.35 -5.44 -1.04
N GLY F 842 45.95 -6.09 -2.03
CA GLY F 842 47.31 -6.58 -1.87
C GLY F 842 47.43 -7.81 -1.01
N VAL F 843 46.42 -8.67 -1.02
CA VAL F 843 46.44 -9.91 -0.24
C VAL F 843 47.28 -10.95 -0.96
N THR F 844 48.21 -11.57 -0.24
CA THR F 844 49.08 -12.58 -0.80
C THR F 844 48.57 -14.00 -0.56
N CYS F 845 48.08 -14.29 0.64
CA CYS F 845 47.56 -15.61 1.00
C CYS F 845 46.07 -15.51 1.23
N ILE F 846 45.30 -16.37 0.55
CA ILE F 846 43.85 -16.39 0.67
C ILE F 846 43.41 -17.82 0.99
N VAL F 847 42.55 -17.95 2.01
CA VAL F 847 42.02 -19.24 2.43
C VAL F 847 40.57 -19.33 1.99
N LEU F 848 40.24 -20.41 1.29
CA LEU F 848 38.91 -20.60 0.73
C LEU F 848 38.39 -21.99 1.12
N PRO F 849 37.07 -22.15 1.21
CA PRO F 849 36.51 -23.48 1.47
C PRO F 849 36.86 -24.46 0.38
N ALA F 850 37.04 -25.73 0.77
CA ALA F 850 37.39 -26.76 -0.20
C ALA F 850 36.29 -26.97 -1.22
N GLU F 851 35.03 -26.76 -0.83
CA GLU F 851 33.92 -26.91 -1.77
C GLU F 851 33.85 -25.78 -2.78
N ASN F 852 34.62 -24.70 -2.58
CA ASN F 852 34.67 -23.59 -3.51
C ASN F 852 35.86 -23.69 -4.46
N LYS F 853 36.47 -24.86 -4.57
CA LYS F 853 37.64 -25.03 -5.44
C LYS F 853 37.27 -24.81 -6.90
N LYS F 854 36.10 -25.29 -7.32
CA LYS F 854 35.68 -25.12 -8.71
C LYS F 854 35.50 -23.64 -9.06
N ASP F 855 34.88 -22.87 -8.15
CA ASP F 855 34.65 -21.46 -8.43
C ASP F 855 35.95 -20.70 -8.58
N PHE F 856 36.93 -20.98 -7.71
CA PHE F 856 38.21 -20.28 -7.78
C PHE F 856 38.95 -20.59 -9.07
N TYR F 857 38.97 -21.87 -9.48
CA TYR F 857 39.70 -22.27 -10.67
C TYR F 857 38.96 -21.95 -11.96
N ASP F 858 37.70 -21.54 -11.88
CA ASP F 858 36.98 -21.08 -13.06
C ASP F 858 37.30 -19.63 -13.42
N LEU F 859 38.07 -18.94 -12.60
CA LEU F 859 38.43 -17.55 -12.87
C LEU F 859 39.55 -17.49 -13.90
N ALA F 860 39.77 -16.28 -14.40
CA ALA F 860 40.79 -16.06 -15.42
C ALA F 860 42.18 -16.23 -14.83
N ALA F 861 43.15 -16.52 -15.73
CA ALA F 861 44.51 -16.76 -15.29
C ALA F 861 45.13 -15.53 -14.65
N PHE F 862 44.90 -14.35 -15.23
CA PHE F 862 45.50 -13.13 -14.71
C PHE F 862 44.89 -12.71 -13.38
N ILE F 863 43.68 -13.18 -13.08
CA ILE F 863 43.05 -12.83 -11.79
C ILE F 863 43.82 -13.45 -10.64
N THR F 864 44.20 -14.72 -10.77
CA THR F 864 44.84 -15.47 -9.70
C THR F 864 46.27 -15.88 -10.06
N GLU F 865 47.03 -14.96 -10.65
CA GLU F 865 48.39 -15.28 -11.05
C GLU F 865 49.32 -15.37 -9.84
N GLY F 866 49.37 -14.32 -9.03
CA GLY F 866 50.24 -14.25 -7.89
C GLY F 866 49.60 -14.53 -6.54
N LEU F 867 48.44 -15.17 -6.51
CA LEU F 867 47.71 -15.40 -5.28
C LEU F 867 48.02 -16.80 -4.75
N GLU F 868 48.47 -16.87 -3.51
CA GLU F 868 48.70 -18.15 -2.83
C GLU F 868 47.41 -18.55 -2.15
N VAL F 869 46.75 -19.57 -2.69
CA VAL F 869 45.41 -19.97 -2.26
C VAL F 869 45.51 -21.26 -1.47
N HIS F 870 44.78 -21.32 -0.34
CA HIS F 870 44.69 -22.50 0.49
C HIS F 870 43.24 -22.95 0.55
N PHE F 871 43.01 -24.25 0.37
CA PHE F 871 41.69 -24.84 0.45
C PHE F 871 41.61 -25.74 1.67
N VAL F 872 40.60 -25.53 2.51
CA VAL F 872 40.49 -26.20 3.79
C VAL F 872 39.11 -26.82 3.93
N GLU F 873 39.03 -27.85 4.77
CA GLU F 873 37.78 -28.50 5.11
C GLU F 873 37.36 -28.30 6.56
N HIS F 874 38.31 -28.24 7.48
CA HIS F 874 38.04 -28.00 8.89
C HIS F 874 38.88 -26.81 9.34
N TYR F 875 38.42 -26.17 10.43
CA TYR F 875 39.12 -25.01 10.94
C TYR F 875 40.52 -25.33 11.46
N ARG F 876 40.79 -26.61 11.76
CA ARG F 876 42.13 -26.99 12.21
C ARG F 876 43.20 -26.60 11.21
N GLU F 877 42.91 -26.72 9.91
CA GLU F 877 43.86 -26.30 8.90
C GLU F 877 44.00 -24.78 8.85
N ILE F 878 42.93 -24.05 9.14
CA ILE F 878 43.00 -22.59 9.15
C ILE F 878 43.88 -22.11 10.30
N PHE F 879 43.82 -22.80 11.44
CA PHE F 879 44.61 -22.39 12.59
C PHE F 879 46.11 -22.48 12.29
N ASP F 880 46.54 -23.53 11.60
CA ASP F 880 47.94 -23.66 11.25
C ASP F 880 48.39 -22.54 10.31
N ILE F 881 47.55 -22.20 9.33
CA ILE F 881 47.90 -21.15 8.39
C ILE F 881 47.90 -19.79 9.07
N ALA F 882 46.88 -19.52 9.88
CA ALA F 882 46.77 -18.21 10.53
C ALA F 882 47.87 -18.00 11.55
N PHE F 883 48.24 -19.04 12.30
CA PHE F 883 49.23 -18.96 13.36
C PHE F 883 50.31 -20.01 13.08
N PRO F 884 51.26 -19.72 12.18
CA PRO F 884 52.28 -20.72 11.84
C PRO F 884 53.12 -21.17 13.02
N ASP F 885 53.41 -20.27 13.95
CA ASP F 885 54.23 -20.62 15.11
C ASP F 885 53.49 -21.55 16.05
N UNK G 1 -14.39 14.83 -40.80
CA UNK G 1 -14.30 14.06 -39.57
C UNK G 1 -14.09 14.97 -38.37
N UNK G 2 -14.59 14.55 -37.21
CA UNK G 2 -14.48 15.32 -35.98
C UNK G 2 -13.98 14.43 -34.86
N UNK G 3 -13.26 15.03 -33.92
CA UNK G 3 -12.70 14.33 -32.78
C UNK G 3 -13.32 14.87 -31.50
N UNK G 4 -13.73 13.98 -30.62
CA UNK G 4 -14.36 14.35 -29.35
C UNK G 4 -13.60 13.70 -28.21
N UNK G 5 -13.25 14.50 -27.21
CA UNK G 5 -12.54 13.97 -26.04
C UNK G 5 -13.48 13.09 -25.22
N UNK G 6 -12.95 11.97 -24.74
CA UNK G 6 -13.72 11.01 -23.95
C UNK G 6 -12.97 10.73 -22.65
N UNK G 7 -13.68 10.82 -21.53
CA UNK G 7 -13.09 10.53 -20.23
C UNK G 7 -13.06 9.04 -19.97
N UNK G 8 -12.12 8.62 -19.13
CA UNK G 8 -11.98 7.21 -18.79
C UNK G 8 -11.46 7.09 -17.36
N UNK G 9 -11.76 5.96 -16.74
CA UNK G 9 -11.34 5.66 -15.38
C UNK G 9 -10.62 4.32 -15.36
N UNK G 10 -9.45 4.29 -14.72
CA UNK G 10 -8.67 3.07 -14.60
C UNK G 10 -7.95 3.06 -13.26
N UNK G 11 -7.84 1.87 -12.67
CA UNK G 11 -7.17 1.67 -11.38
C UNK G 11 -7.74 2.58 -10.30
N UNK H 1 15.26 16.59 11.98
CA UNK H 1 16.32 15.59 12.01
C UNK H 1 17.70 16.26 11.92
N UNK H 2 18.73 15.54 12.38
CA UNK H 2 20.09 16.05 12.35
C UNK H 2 21.02 14.85 12.17
N UNK H 3 21.40 14.59 10.92
CA UNK H 3 22.31 13.50 10.62
C UNK H 3 23.70 13.81 11.14
N UNK H 4 24.35 12.81 11.74
CA UNK H 4 25.67 12.98 12.31
C UNK H 4 26.72 12.15 11.57
N UNK I 1 24.82 -1.93 1.15
CA UNK I 1 25.00 -3.16 1.91
C UNK I 1 26.29 -3.88 1.48
N UNK I 2 26.88 -4.62 2.42
CA UNK I 2 28.10 -5.38 2.16
C UNK I 2 27.88 -6.80 2.67
N UNK I 3 27.32 -7.66 1.81
CA UNK I 3 27.11 -9.05 2.17
C UNK I 3 28.44 -9.78 2.31
N UNK I 4 28.56 -10.56 3.38
CA UNK I 4 29.81 -11.27 3.65
C UNK I 4 29.74 -12.71 3.12
N UNK J 1 -16.00 -6.42 23.38
CA UNK J 1 -15.02 -5.49 23.92
C UNK J 1 -15.60 -4.70 25.08
N UNK J 2 -15.36 -5.17 26.30
CA UNK J 2 -15.90 -4.54 27.50
C UNK J 2 -14.96 -3.44 27.98
N UNK J 3 -14.96 -2.34 27.23
CA UNK J 3 -14.15 -1.18 27.60
C UNK J 3 -14.66 -0.58 28.89
N UNK J 4 -13.73 -0.25 29.79
CA UNK J 4 -14.09 0.28 31.09
C UNK J 4 -13.50 1.67 31.33
N UNK K 1 -5.61 14.73 22.97
CA UNK K 1 -4.16 14.68 22.80
C UNK K 1 -3.52 15.99 23.26
N UNK K 2 -2.62 15.89 24.24
CA UNK K 2 -1.92 17.04 24.79
C UNK K 2 -0.43 16.89 24.54
N UNK K 3 0.19 17.94 24.01
CA UNK K 3 1.62 17.97 23.74
C UNK K 3 2.32 18.88 24.74
N UNK K 4 3.38 18.38 25.35
CA UNK K 4 4.08 19.13 26.39
C UNK K 4 5.39 19.73 25.86
N UNK L 1 -5.89 -25.99 12.16
CA UNK L 1 -5.98 -25.04 13.25
C UNK L 1 -7.06 -25.44 14.24
N UNK L 2 -6.65 -25.75 15.47
CA UNK L 2 -7.54 -26.15 16.54
C UNK L 2 -7.59 -25.04 17.60
N UNK L 3 -8.77 -24.53 17.88
CA UNK L 3 -8.96 -23.47 18.86
C UNK L 3 -9.66 -24.03 20.09
N UNK L 4 -9.12 -23.73 21.27
CA UNK L 4 -9.65 -24.25 22.52
C UNK L 4 -10.76 -23.35 23.06
N UNK M 1 15.12 -22.99 1.06
CA UNK M 1 14.65 -23.29 2.40
C UNK M 1 14.78 -24.77 2.72
N UNK M 2 14.76 -25.11 4.01
CA UNK M 2 14.84 -26.50 4.47
C UNK M 2 13.85 -26.68 5.61
N UNK M 3 12.63 -27.06 5.27
CA UNK M 3 11.56 -27.26 6.24
C UNK M 3 11.63 -28.70 6.76
N UNK M 4 11.72 -28.85 8.07
CA UNK M 4 11.83 -30.17 8.68
C UNK M 4 10.49 -30.62 9.28
#